data_6BSP
#
_entry.id   6BSP
#
loop_
_entity.id
_entity.type
_entity.pdbx_description
1 polymer 'U4 Heavy chain'
2 polymer 'U4 Light chain'
3 polymer 'Major capsid protein L1'
#
loop_
_entity_poly.entity_id
_entity_poly.type
_entity_poly.pdbx_seq_one_letter_code
_entity_poly.pdbx_strand_id
1 'polypeptide(L)'
;SGGGLVKPGGSLKLSCEASGFTFSSYAMSWVRQTPEKRLEWVASISSGGNTHYPDSVKGRFTISRDNARNILYLQMSSLR
SEDTAMYYCARGLYYGYDEGSDFDYWGQG
;
A
2 'polypeptide(L)'
;DIVMSQSPSSLAVSVGEKVTMSCKSSQSLLYSNTQKNYLAWYQQKPGQSPKLLIYWASTRESGVPDRFTGSGSGTDFTLT
ISSVKAEDLAVYYCQQYYSYPLTFGAGTKL
;
B
3 'polypeptide(L)'
;YLPPVPVSKVVSTDEYVARTNIYYHAGTSRLLAVGHPYFPIKKPNNNKILVPKVSGLQYRVFRIHLPDPNKFGFPDTSFY
NPDTQRLVWACVGVEVGRGQPLGVGISGHPLLNKLDDTENASAYAANAGVDNRECISMDYKQTQLCLIGCKPPIGEHWGK
GSPCTNVAVNPGDCPPLELINTVIQDGDMVDTGFGAMDFTTLQANKSEVPLDICTSICKYPDYIKMVSEPYGDSLFFYLR
REQMFVRHLFNRAGAVGENVPDDLYIKGSGSTANLASSNYFPTPSGSMVTSDAQIFNKPYWLQRAQGHNNGICWGNQLFV
TVVDTTRSTNMSLCAAISTSETTYKNTNFKEYLRHGEEYDLQFIFQLCKITLTADVMTYIHSMNSTILEDWNFGLQPPPG
GTLEDTYRFVTSQAIACQKHTPPAPKEDPLKKYTFWEVNLKEKFSADLDQFPLGRKFLLQAGLKAKPKF
;
C,D,E,F,G,H
#
# COMPACT_ATOMS: atom_id res chain seq x y z
N SER A 1 43.84 -62.56 -9.13
CA SER A 1 44.61 -63.66 -8.58
C SER A 1 46.08 -63.55 -9.01
N GLY A 2 46.88 -62.88 -8.18
CA GLY A 2 48.31 -62.77 -8.38
C GLY A 2 48.79 -61.40 -8.83
N GLY A 3 47.89 -60.54 -9.31
CA GLY A 3 48.24 -59.23 -9.80
C GLY A 3 49.09 -58.42 -8.84
N GLY A 4 49.95 -57.58 -9.39
CA GLY A 4 50.96 -56.90 -8.63
C GLY A 4 51.76 -55.96 -9.51
N LEU A 5 52.98 -55.66 -9.06
CA LEU A 5 53.81 -54.67 -9.71
C LEU A 5 53.98 -54.94 -11.20
N VAL A 6 53.61 -53.97 -12.02
CA VAL A 6 53.85 -54.03 -13.45
C VAL A 6 54.23 -52.63 -13.94
N LYS A 7 55.38 -52.54 -14.60
CA LYS A 7 55.68 -51.23 -15.17
C LYS A 7 55.11 -51.14 -16.58
N PRO A 8 54.43 -50.04 -16.89
CA PRO A 8 53.70 -49.95 -18.17
C PRO A 8 54.62 -50.07 -19.39
N GLY A 9 54.01 -50.36 -20.53
CA GLY A 9 54.70 -50.47 -21.80
C GLY A 9 55.07 -51.86 -22.23
N GLY A 10 55.14 -52.80 -21.30
CA GLY A 10 55.44 -54.19 -21.58
C GLY A 10 54.19 -54.96 -21.92
N SER A 11 54.15 -56.22 -21.49
CA SER A 11 52.96 -57.05 -21.56
C SER A 11 52.51 -57.40 -20.14
N LEU A 12 51.22 -57.70 -19.97
CA LEU A 12 50.67 -57.94 -18.63
C LEU A 12 49.94 -59.27 -18.60
N LYS A 13 50.41 -60.19 -17.76
CA LYS A 13 49.98 -61.59 -17.71
C LYS A 13 49.38 -61.93 -16.36
N LEU A 14 48.07 -62.18 -16.31
CA LEU A 14 47.39 -62.37 -15.05
C LEU A 14 46.40 -63.53 -15.11
N SER A 15 45.92 -63.91 -13.92
CA SER A 15 45.16 -65.13 -13.71
C SER A 15 44.01 -64.88 -12.74
N CYS A 16 42.93 -65.62 -12.92
CA CYS A 16 41.84 -65.68 -11.96
C CYS A 16 41.42 -67.12 -11.75
N GLU A 17 41.65 -67.66 -10.56
CA GLU A 17 41.45 -69.08 -10.30
C GLU A 17 40.10 -69.35 -9.64
N ALA A 18 39.48 -70.45 -10.02
CA ALA A 18 38.30 -70.94 -9.34
C ALA A 18 38.64 -71.42 -7.95
N SER A 19 37.65 -71.44 -7.06
CA SER A 19 37.85 -72.03 -5.74
C SER A 19 36.75 -73.05 -5.44
N GLY A 20 37.10 -74.32 -5.52
CA GLY A 20 36.21 -75.42 -5.18
C GLY A 20 34.88 -75.48 -5.91
N PHE A 21 34.90 -75.38 -7.25
CA PHE A 21 33.65 -75.48 -8.02
C PHE A 21 33.96 -75.83 -9.47
N THR A 22 32.89 -76.19 -10.18
CA THR A 22 32.90 -76.31 -11.64
C THR A 22 33.18 -74.97 -12.29
N PHE A 23 34.20 -74.93 -13.15
CA PHE A 23 34.61 -73.67 -13.78
C PHE A 23 33.79 -73.32 -15.02
N SER A 24 33.36 -74.31 -15.81
CA SER A 24 32.72 -74.05 -17.09
C SER A 24 31.24 -73.73 -16.96
N SER A 25 30.71 -73.65 -15.74
CA SER A 25 29.29 -73.51 -15.51
C SER A 25 28.71 -72.13 -15.88
N TYR A 26 29.48 -71.05 -15.73
CA TYR A 26 28.89 -69.71 -15.83
C TYR A 26 29.92 -68.67 -16.26
N ALA A 27 29.43 -67.48 -16.60
CA ALA A 27 30.17 -66.42 -17.27
C ALA A 27 31.30 -65.86 -16.39
N MET A 28 32.26 -65.21 -17.04
CA MET A 28 33.50 -64.76 -16.42
C MET A 28 33.96 -63.43 -17.02
N SER A 29 34.74 -62.67 -16.25
CA SER A 29 35.15 -61.34 -16.66
C SER A 29 36.40 -60.90 -15.91
N TRP A 30 37.01 -59.82 -16.40
CA TRP A 30 38.03 -59.10 -15.65
C TRP A 30 37.56 -57.68 -15.35
N VAL A 31 38.12 -57.10 -14.29
CA VAL A 31 37.74 -55.78 -13.79
C VAL A 31 39.02 -55.07 -13.34
N ARG A 32 38.94 -53.75 -13.19
CA ARG A 32 40.02 -52.88 -12.72
C ARG A 32 39.49 -51.91 -11.68
N GLN A 33 40.40 -51.17 -11.04
CA GLN A 33 40.02 -50.20 -10.01
C GLN A 33 40.62 -48.82 -10.31
N THR A 34 39.67 -47.76 -10.65
CA THR A 34 39.93 -46.34 -10.90
C THR A 34 39.47 -45.49 -9.71
N PRO A 35 40.46 -44.93 -9.00
CA PRO A 35 40.26 -44.49 -7.61
C PRO A 35 39.19 -43.42 -7.35
N GLU A 36 38.64 -42.74 -8.36
CA GLU A 36 37.68 -41.68 -8.04
C GLU A 36 36.49 -42.19 -7.26
N LYS A 37 36.40 -43.49 -7.01
CA LYS A 37 35.17 -44.23 -6.79
C LYS A 37 34.36 -44.29 -8.07
N ARG A 38 34.86 -43.67 -9.15
CA ARG A 38 34.29 -43.84 -10.47
C ARG A 38 35.01 -45.02 -11.10
N LEU A 39 34.30 -46.14 -11.23
CA LEU A 39 34.93 -47.40 -11.57
C LEU A 39 35.05 -47.58 -13.07
N GLU A 40 36.10 -48.27 -13.49
CA GLU A 40 36.33 -48.62 -14.88
C GLU A 40 36.29 -50.13 -15.02
N TRP A 41 35.94 -50.59 -16.22
CA TRP A 41 35.67 -51.99 -16.50
C TRP A 41 36.74 -52.55 -17.41
N VAL A 42 37.03 -53.86 -17.29
CA VAL A 42 38.17 -54.43 -18.02
C VAL A 42 37.73 -55.36 -19.14
N ALA A 43 37.29 -56.58 -18.83
CA ALA A 43 37.22 -57.56 -19.89
C ALA A 43 36.18 -58.62 -19.59
N SER A 44 35.71 -59.25 -20.66
CA SER A 44 34.78 -60.36 -20.55
C SER A 44 34.86 -61.19 -21.81
N ILE A 45 34.36 -62.41 -21.69
CA ILE A 45 34.36 -63.38 -22.77
C ILE A 45 33.23 -64.34 -22.46
N SER A 46 32.66 -64.97 -23.49
CA SER A 46 31.45 -65.73 -23.28
C SER A 46 31.76 -67.11 -22.71
N SER A 47 30.69 -67.85 -22.41
CA SER A 47 30.85 -69.27 -22.16
C SER A 47 31.37 -69.95 -23.41
N GLY A 48 30.77 -69.64 -24.56
CA GLY A 48 31.28 -70.08 -25.83
C GLY A 48 32.56 -69.36 -26.20
N GLY A 49 33.03 -68.48 -25.32
CA GLY A 49 34.32 -67.85 -25.56
C GLY A 49 34.31 -66.73 -26.57
N ASN A 50 33.14 -66.18 -26.90
CA ASN A 50 33.08 -64.99 -27.73
C ASN A 50 33.61 -63.81 -26.94
N THR A 51 34.38 -62.95 -27.61
CA THR A 51 35.05 -61.86 -26.91
C THR A 51 34.06 -60.75 -26.57
N HIS A 52 33.91 -60.49 -25.28
CA HIS A 52 33.13 -59.33 -24.86
C HIS A 52 34.12 -58.20 -24.70
N TYR A 53 34.03 -57.24 -25.60
CA TYR A 53 34.88 -56.10 -25.70
C TYR A 53 34.05 -54.83 -25.89
N PRO A 54 34.39 -53.76 -25.18
CA PRO A 54 33.71 -52.46 -25.38
C PRO A 54 34.30 -51.65 -26.52
N ASP A 55 33.95 -50.36 -26.59
CA ASP A 55 34.59 -49.44 -27.52
C ASP A 55 36.09 -49.39 -27.33
N SER A 56 36.60 -49.97 -26.25
CA SER A 56 37.99 -49.80 -25.88
C SER A 56 38.86 -50.99 -26.28
N VAL A 57 38.68 -52.10 -25.59
CA VAL A 57 39.69 -53.15 -25.57
C VAL A 57 39.45 -54.19 -26.65
N LYS A 58 38.54 -53.94 -27.60
CA LYS A 58 38.25 -54.91 -28.64
C LYS A 58 39.53 -55.30 -29.35
N GLY A 59 39.83 -56.59 -29.33
CA GLY A 59 41.12 -57.08 -29.73
C GLY A 59 42.24 -56.69 -28.81
N ARG A 60 42.01 -55.79 -27.85
CA ARG A 60 43.14 -55.29 -27.04
C ARG A 60 43.49 -56.24 -25.90
N PHE A 61 42.69 -56.24 -24.84
CA PHE A 61 43.00 -57.17 -23.78
C PHE A 61 42.88 -58.57 -24.35
N THR A 62 43.96 -59.33 -24.26
CA THR A 62 44.04 -60.60 -24.99
C THR A 62 43.78 -61.71 -24.00
N ILE A 63 42.64 -62.36 -24.11
CA ILE A 63 42.17 -63.23 -23.05
C ILE A 63 42.40 -64.67 -23.45
N SER A 64 42.66 -65.51 -22.45
CA SER A 64 42.67 -66.93 -22.64
C SER A 64 41.82 -67.55 -21.54
N ARG A 65 40.71 -68.18 -21.93
CA ARG A 65 39.86 -68.90 -21.00
C ARG A 65 40.43 -70.29 -20.75
N ASP A 66 40.54 -70.67 -19.48
CA ASP A 66 40.95 -72.03 -19.14
C ASP A 66 39.95 -72.61 -18.16
N ASN A 67 39.17 -73.57 -18.64
CA ASN A 67 38.27 -74.30 -17.76
C ASN A 67 39.04 -75.33 -16.96
N ALA A 68 40.01 -75.99 -17.60
CA ALA A 68 40.75 -77.08 -16.96
C ALA A 68 41.47 -76.59 -15.71
N ARG A 69 42.33 -75.59 -15.86
CA ARG A 69 42.98 -75.05 -14.67
C ARG A 69 42.02 -74.32 -13.77
N ASN A 70 40.76 -74.15 -14.18
CA ASN A 70 39.78 -73.47 -13.36
C ASN A 70 40.22 -72.03 -13.09
N ILE A 71 40.96 -71.47 -14.03
CA ILE A 71 41.56 -70.17 -13.87
C ILE A 71 41.24 -69.33 -15.10
N LEU A 72 40.92 -68.06 -14.87
CA LEU A 72 40.74 -67.10 -15.95
C LEU A 72 42.05 -66.35 -16.16
N TYR A 73 42.34 -66.02 -17.40
CA TYR A 73 43.61 -65.40 -17.75
C TYR A 73 43.36 -64.20 -18.64
N LEU A 74 44.38 -63.36 -18.76
CA LEU A 74 44.34 -62.24 -19.68
C LEU A 74 45.74 -61.89 -20.14
N GLN A 75 45.88 -61.54 -21.42
CA GLN A 75 47.12 -61.02 -21.95
C GLN A 75 46.92 -59.58 -22.37
N MET A 76 47.95 -58.79 -22.10
CA MET A 76 48.05 -57.42 -22.54
C MET A 76 49.46 -57.23 -23.09
N SER A 77 49.69 -56.15 -23.82
CA SER A 77 51.05 -55.82 -24.23
C SER A 77 51.11 -54.35 -24.63
N SER A 78 52.32 -53.80 -24.63
CA SER A 78 52.53 -52.36 -24.86
C SER A 78 51.57 -51.55 -23.98
N LEU A 79 51.67 -51.81 -22.69
CA LEU A 79 50.61 -51.54 -21.74
C LEU A 79 50.19 -50.08 -21.75
N ARG A 80 48.92 -49.86 -21.45
CA ARG A 80 48.42 -48.51 -21.22
C ARG A 80 48.48 -48.23 -19.73
N SER A 81 49.37 -47.31 -19.33
CA SER A 81 49.43 -46.92 -17.94
C SER A 81 48.12 -46.30 -17.48
N GLU A 82 47.32 -45.79 -18.42
CA GLU A 82 45.93 -45.46 -18.10
C GLU A 82 45.15 -46.68 -17.68
N ASP A 83 45.69 -47.88 -17.86
CA ASP A 83 45.06 -49.07 -17.33
C ASP A 83 45.53 -49.39 -15.92
N THR A 84 46.41 -48.56 -15.35
CA THR A 84 46.80 -48.70 -13.95
C THR A 84 45.57 -48.71 -13.07
N ALA A 85 45.47 -49.73 -12.24
CA ALA A 85 44.27 -50.01 -11.48
C ALA A 85 44.52 -51.26 -10.65
N MET A 86 43.69 -51.45 -9.63
CA MET A 86 43.69 -52.71 -8.91
C MET A 86 42.69 -53.60 -9.63
N TYR A 87 43.20 -54.61 -10.32
CA TYR A 87 42.37 -55.37 -11.23
C TYR A 87 41.54 -56.36 -10.44
N TYR A 88 40.33 -56.62 -10.91
CA TYR A 88 39.43 -57.57 -10.25
C TYR A 88 38.90 -58.57 -11.25
N CYS A 89 38.81 -59.82 -10.83
CA CYS A 89 38.07 -60.83 -11.55
C CYS A 89 36.59 -60.78 -11.17
N ALA A 90 35.74 -61.31 -12.06
CA ALA A 90 34.32 -61.45 -11.77
C ALA A 90 33.75 -62.63 -12.55
N ARG A 91 32.59 -63.12 -12.10
CA ARG A 91 31.98 -64.26 -12.74
C ARG A 91 30.51 -64.00 -13.05
N GLY A 92 29.94 -64.83 -13.91
CA GLY A 92 28.52 -64.80 -14.20
C GLY A 92 27.77 -65.97 -13.58
N LEU A 93 26.49 -66.08 -13.93
CA LEU A 93 25.58 -67.11 -13.44
C LEU A 93 24.32 -67.12 -14.30
N TYR A 94 23.29 -67.86 -13.88
CA TYR A 94 21.97 -67.74 -14.49
C TYR A 94 20.90 -67.91 -13.41
N TYR A 95 19.95 -66.98 -13.38
CA TYR A 95 18.79 -67.01 -12.48
C TYR A 95 17.60 -66.55 -13.32
N GLY A 96 16.58 -67.40 -13.47
CA GLY A 96 15.87 -67.39 -14.75
C GLY A 96 14.46 -66.89 -15.01
N TYR A 97 13.82 -66.10 -14.14
CA TYR A 97 12.39 -65.75 -14.32
C TYR A 97 12.18 -64.26 -14.37
N ASP A 98 12.49 -63.58 -13.28
CA ASP A 98 12.11 -62.19 -13.06
C ASP A 98 12.87 -61.26 -13.96
N GLU A 99 14.02 -61.71 -14.46
CA GLU A 99 14.81 -61.00 -15.46
C GLU A 99 15.37 -59.70 -14.86
N GLY A 100 16.32 -59.89 -13.94
CA GLY A 100 17.21 -58.89 -13.39
C GLY A 100 18.27 -59.62 -12.58
N SER A 101 19.44 -59.02 -12.43
CA SER A 101 20.65 -59.84 -12.28
C SER A 101 21.34 -59.75 -10.92
N ASP A 102 21.24 -60.83 -10.15
CA ASP A 102 22.08 -60.97 -8.96
C ASP A 102 23.44 -61.51 -9.37
N PHE A 103 24.37 -61.65 -8.41
CA PHE A 103 25.70 -62.16 -8.70
C PHE A 103 26.24 -62.95 -7.52
N ASP A 104 26.77 -64.14 -7.80
CA ASP A 104 27.22 -64.98 -6.70
C ASP A 104 28.66 -64.72 -6.25
N TYR A 105 29.63 -64.48 -7.15
CA TYR A 105 31.03 -64.40 -6.70
C TYR A 105 31.89 -63.71 -7.78
N TRP A 106 33.19 -63.63 -7.52
CA TRP A 106 34.23 -63.06 -8.36
C TRP A 106 35.56 -63.29 -7.65
N GLY A 107 36.67 -62.98 -8.33
CA GLY A 107 37.98 -63.50 -7.97
C GLY A 107 38.70 -62.74 -6.85
N GLN A 108 40.02 -62.96 -6.79
CA GLN A 108 40.83 -62.46 -5.68
C GLN A 108 41.18 -60.98 -5.84
N GLY A 109 41.33 -60.50 -7.06
CA GLY A 109 41.57 -59.09 -7.30
C GLY A 109 42.88 -58.55 -6.77
N ASP B 1 27.47 -43.56 -23.78
CA ASP B 1 26.94 -44.73 -23.11
C ASP B 1 25.85 -44.37 -22.11
N ILE B 2 25.63 -45.25 -21.15
CA ILE B 2 25.05 -44.87 -19.87
C ILE B 2 26.11 -45.13 -18.82
N VAL B 3 26.73 -44.07 -18.31
CA VAL B 3 27.40 -44.15 -17.03
C VAL B 3 26.30 -43.80 -16.04
N MET B 4 25.95 -44.74 -15.16
CA MET B 4 24.76 -44.55 -14.35
C MET B 4 24.94 -43.33 -13.44
N SER B 5 23.83 -42.75 -13.01
CA SER B 5 23.82 -41.37 -12.54
C SER B 5 23.35 -41.25 -11.10
N GLN B 6 24.27 -40.94 -10.19
CA GLN B 6 23.91 -40.48 -8.85
C GLN B 6 24.78 -39.25 -8.52
N SER B 7 24.17 -38.07 -8.55
CA SER B 7 24.84 -36.80 -8.16
C SER B 7 23.77 -35.79 -7.73
N PRO B 8 24.10 -34.71 -6.97
CA PRO B 8 25.29 -34.18 -6.30
C PRO B 8 25.61 -34.96 -5.04
N SER B 9 26.83 -34.78 -4.52
CA SER B 9 27.44 -35.85 -3.75
C SER B 9 26.96 -35.91 -2.29
N SER B 10 26.68 -34.77 -1.66
CA SER B 10 26.51 -34.75 -0.20
C SER B 10 25.05 -34.84 0.20
N LEU B 11 24.66 -35.97 0.80
CA LEU B 11 23.44 -36.07 1.61
C LEU B 11 23.59 -37.24 2.58
N ALA B 12 22.71 -37.29 3.57
CA ALA B 12 22.93 -38.20 4.69
C ALA B 12 21.65 -38.41 5.50
N VAL B 13 21.59 -39.53 6.22
CA VAL B 13 20.36 -39.94 6.91
C VAL B 13 20.63 -40.30 8.38
N SER B 14 20.20 -39.44 9.31
CA SER B 14 20.61 -39.55 10.71
C SER B 14 19.78 -40.62 11.41
N VAL B 15 19.84 -40.67 12.73
CA VAL B 15 19.14 -41.71 13.47
C VAL B 15 17.68 -41.67 13.07
N GLY B 16 17.20 -42.78 12.53
CA GLY B 16 15.85 -42.86 11.99
C GLY B 16 15.57 -42.01 10.77
N GLU B 17 16.32 -42.17 9.69
CA GLU B 17 16.05 -41.45 8.46
C GLU B 17 16.15 -42.36 7.25
N LYS B 18 15.04 -42.49 6.53
CA LYS B 18 15.03 -43.16 5.24
C LYS B 18 15.96 -42.43 4.29
N VAL B 19 16.55 -43.18 3.35
CA VAL B 19 17.64 -42.71 2.51
C VAL B 19 17.14 -42.13 1.20
N THR B 20 17.82 -41.10 0.71
CA THR B 20 17.52 -40.48 -0.58
C THR B 20 18.69 -40.67 -1.54
N MET B 21 18.48 -41.50 -2.55
CA MET B 21 19.44 -41.66 -3.63
C MET B 21 18.68 -41.90 -4.92
N SER B 22 19.23 -41.39 -6.02
CA SER B 22 18.59 -41.61 -7.32
C SER B 22 19.64 -41.94 -8.37
N CYS B 23 19.54 -43.15 -8.91
CA CYS B 23 20.37 -43.56 -10.04
C CYS B 23 19.51 -43.70 -11.27
N LYS B 24 19.96 -43.14 -12.38
CA LYS B 24 19.13 -43.03 -13.57
C LYS B 24 19.97 -43.34 -14.79
N SER B 25 19.52 -44.32 -15.57
CA SER B 25 20.17 -44.62 -16.83
C SER B 25 19.92 -43.49 -17.79
N SER B 26 20.76 -43.40 -18.82
CA SER B 26 20.48 -42.41 -19.83
C SER B 26 19.77 -42.98 -21.05
N GLN B 27 19.39 -44.26 -21.05
CA GLN B 27 18.50 -44.79 -22.07
C GLN B 27 17.19 -45.23 -21.47
N SER B 28 16.15 -45.21 -22.31
CA SER B 28 14.80 -45.59 -21.90
C SER B 28 14.79 -47.00 -21.34
N LEU B 29 14.24 -47.15 -20.13
CA LEU B 29 14.17 -48.45 -19.47
C LEU B 29 12.82 -49.15 -19.61
N LEU B 30 11.90 -48.65 -20.44
CA LEU B 30 10.77 -49.47 -20.90
C LEU B 30 11.17 -50.06 -22.26
N TYR B 31 11.38 -51.37 -22.29
CA TYR B 31 11.97 -52.06 -23.43
C TYR B 31 10.96 -53.01 -24.05
N SER B 32 11.19 -53.33 -25.32
CA SER B 32 10.10 -53.85 -26.13
C SER B 32 9.76 -55.30 -25.79
N ASN B 33 10.56 -56.25 -26.26
CA ASN B 33 10.07 -57.62 -26.27
C ASN B 33 10.20 -58.28 -24.91
N THR B 34 11.26 -57.98 -24.16
CA THR B 34 11.45 -58.65 -22.89
C THR B 34 10.55 -58.12 -21.77
N GLN B 35 10.54 -56.80 -21.54
CA GLN B 35 9.62 -56.14 -20.60
C GLN B 35 9.85 -56.53 -19.13
N LYS B 36 11.11 -56.69 -18.72
CA LYS B 36 11.48 -56.73 -17.30
C LYS B 36 12.72 -55.87 -17.11
N ASN B 37 12.64 -54.87 -16.23
CA ASN B 37 13.73 -53.93 -16.04
C ASN B 37 15.03 -54.65 -15.67
N TYR B 38 16.15 -54.19 -16.23
CA TYR B 38 17.47 -54.72 -15.88
C TYR B 38 18.25 -53.62 -15.18
N LEU B 39 18.55 -53.85 -13.90
CA LEU B 39 19.25 -52.85 -13.11
C LEU B 39 20.17 -53.53 -12.11
N ALA B 40 21.39 -53.03 -12.03
CA ALA B 40 22.41 -53.56 -11.15
C ALA B 40 22.93 -52.48 -10.22
N TRP B 41 23.59 -52.92 -9.14
CA TRP B 41 23.89 -52.08 -7.99
C TRP B 41 25.05 -52.67 -7.22
N TYR B 42 25.61 -51.88 -6.30
CA TYR B 42 26.70 -52.35 -5.45
C TYR B 42 26.78 -51.56 -4.16
N GLN B 43 27.56 -52.12 -3.23
CA GLN B 43 27.77 -51.52 -1.91
C GLN B 43 29.25 -51.67 -1.54
N GLN B 44 29.98 -50.55 -1.38
CA GLN B 44 31.40 -50.58 -0.98
C GLN B 44 31.58 -49.96 0.40
N LYS B 45 31.79 -50.81 1.40
CA LYS B 45 32.06 -50.55 2.80
C LYS B 45 33.55 -50.65 3.13
N PRO B 46 33.95 -50.09 4.27
CA PRO B 46 35.24 -50.47 4.88
C PRO B 46 35.14 -51.84 5.54
N GLY B 47 36.19 -52.65 5.39
CA GLY B 47 36.35 -53.91 6.10
C GLY B 47 36.14 -55.19 5.29
N GLN B 48 35.40 -55.12 4.17
CA GLN B 48 35.21 -56.25 3.26
C GLN B 48 35.06 -55.68 1.84
N SER B 49 34.65 -56.53 0.90
CA SER B 49 34.72 -56.17 -0.50
C SER B 49 33.52 -55.34 -0.93
N PRO B 50 33.68 -54.49 -1.96
CA PRO B 50 32.51 -53.84 -2.57
C PRO B 50 31.62 -54.86 -3.28
N LYS B 51 30.31 -54.76 -3.07
CA LYS B 51 29.41 -55.88 -3.33
C LYS B 51 28.08 -55.38 -3.88
N LEU B 52 27.46 -56.20 -4.72
CA LEU B 52 26.21 -55.86 -5.38
C LEU B 52 25.14 -55.47 -4.37
N LEU B 53 24.27 -54.54 -4.76
CA LEU B 53 23.09 -54.31 -3.95
C LEU B 53 21.91 -55.13 -4.40
N ILE B 54 21.28 -54.70 -5.49
CA ILE B 54 19.91 -55.07 -5.79
C ILE B 54 19.82 -55.52 -7.24
N TYR B 55 18.95 -56.51 -7.48
CA TYR B 55 18.74 -57.05 -8.82
C TYR B 55 17.25 -57.18 -9.11
N TRP B 56 16.78 -56.43 -10.11
CA TRP B 56 15.40 -56.39 -10.57
C TRP B 56 14.43 -55.85 -9.52
N ALA B 57 14.96 -55.24 -8.46
CA ALA B 57 14.26 -54.29 -7.58
C ALA B 57 13.05 -54.89 -6.89
N SER B 58 12.47 -55.94 -7.48
CA SER B 58 11.44 -56.72 -6.84
C SER B 58 11.90 -58.13 -6.43
N THR B 59 13.14 -58.51 -6.73
CA THR B 59 13.71 -59.80 -6.33
C THR B 59 15.06 -59.57 -5.64
N ARG B 60 15.12 -59.90 -4.35
CA ARG B 60 16.27 -59.55 -3.53
C ARG B 60 17.17 -60.75 -3.25
N GLU B 61 18.46 -60.49 -3.11
CA GLU B 61 19.40 -61.53 -2.74
C GLU B 61 19.10 -62.01 -1.33
N SER B 62 19.27 -63.31 -1.12
CA SER B 62 19.37 -63.83 0.24
C SER B 62 20.70 -63.38 0.83
N GLY B 63 20.78 -63.35 2.15
CA GLY B 63 21.89 -62.61 2.71
C GLY B 63 21.81 -61.13 2.42
N VAL B 64 20.72 -60.69 1.81
CA VAL B 64 20.37 -59.27 1.73
C VAL B 64 19.05 -59.06 2.46
N PRO B 65 19.04 -58.40 3.62
CA PRO B 65 17.77 -58.11 4.29
C PRO B 65 16.86 -57.29 3.39
N ASP B 66 15.56 -57.44 3.62
CA ASP B 66 14.61 -56.76 2.75
C ASP B 66 14.64 -55.25 2.88
N ARG B 67 15.43 -54.69 3.81
CA ARG B 67 15.33 -53.27 4.12
C ARG B 67 15.42 -52.40 2.87
N PHE B 68 16.17 -52.82 1.86
CA PHE B 68 16.23 -52.07 0.60
C PHE B 68 15.15 -52.60 -0.32
N THR B 69 14.12 -51.79 -0.57
CA THR B 69 13.11 -52.13 -1.55
C THR B 69 12.77 -50.86 -2.33
N GLY B 70 13.02 -50.88 -3.64
CA GLY B 70 12.87 -49.71 -4.47
C GLY B 70 11.59 -49.73 -5.28
N SER B 71 11.35 -48.62 -5.98
CA SER B 71 10.14 -48.47 -6.78
C SER B 71 10.46 -47.74 -8.06
N GLY B 72 9.46 -47.64 -8.92
CA GLY B 72 9.63 -47.12 -10.25
C GLY B 72 10.05 -48.19 -11.25
N SER B 73 9.69 -47.94 -12.50
CA SER B 73 10.31 -48.59 -13.64
C SER B 73 10.84 -47.49 -14.53
N GLY B 74 11.71 -47.85 -15.47
CA GLY B 74 12.19 -46.84 -16.37
C GLY B 74 13.41 -46.11 -15.83
N THR B 75 13.82 -45.07 -16.55
CA THR B 75 15.14 -44.46 -16.37
C THR B 75 15.48 -44.22 -14.90
N ASP B 76 14.57 -43.64 -14.14
CA ASP B 76 14.85 -43.26 -12.77
C ASP B 76 14.00 -44.15 -11.86
N PHE B 77 14.46 -44.31 -10.62
CA PHE B 77 13.78 -45.19 -9.67
C PHE B 77 13.66 -44.49 -8.32
N THR B 78 12.76 -45.02 -7.49
CA THR B 78 12.51 -44.47 -6.17
C THR B 78 12.59 -45.58 -5.15
N LEU B 79 13.48 -45.41 -4.17
CA LEU B 79 13.66 -46.38 -3.11
C LEU B 79 12.79 -46.00 -1.92
N THR B 80 12.30 -47.02 -1.21
CA THR B 80 11.61 -46.79 0.06
C THR B 80 12.08 -47.80 1.07
N ILE B 81 12.34 -47.34 2.29
CA ILE B 81 12.80 -48.21 3.37
C ILE B 81 12.02 -47.86 4.62
N SER B 82 11.32 -48.85 5.18
CA SER B 82 10.61 -48.64 6.44
C SER B 82 11.55 -48.04 7.47
N SER B 83 12.67 -48.71 7.73
CA SER B 83 13.70 -48.18 8.62
C SER B 83 15.05 -48.39 7.97
N VAL B 84 15.71 -47.29 7.62
CA VAL B 84 17.11 -47.33 7.19
C VAL B 84 17.99 -47.58 8.40
N LYS B 85 19.06 -48.33 8.20
CA LYS B 85 19.98 -48.69 9.28
C LYS B 85 21.42 -48.34 8.92
N ALA B 86 22.33 -48.77 9.80
CA ALA B 86 23.74 -48.43 9.64
C ALA B 86 24.27 -48.94 8.30
N GLU B 87 24.50 -50.25 8.17
CA GLU B 87 25.18 -50.78 7.00
C GLU B 87 24.53 -50.33 5.70
N ASP B 88 23.30 -49.84 5.76
CA ASP B 88 22.80 -48.99 4.72
C ASP B 88 23.74 -47.84 4.46
N LEU B 89 24.44 -47.34 5.49
CA LEU B 89 25.56 -46.47 5.23
C LEU B 89 26.49 -47.23 4.31
N ALA B 90 26.73 -46.67 3.12
CA ALA B 90 27.50 -47.35 2.11
C ALA B 90 27.49 -46.55 0.81
N VAL B 91 28.46 -46.87 -0.05
CA VAL B 91 28.56 -46.36 -1.39
C VAL B 91 27.72 -47.26 -2.28
N TYR B 92 26.71 -46.71 -2.95
CA TYR B 92 25.82 -47.53 -3.76
C TYR B 92 26.07 -47.28 -5.24
N TYR B 93 26.74 -48.24 -5.88
CA TYR B 93 27.02 -48.25 -7.30
C TYR B 93 25.75 -48.66 -8.03
N CYS B 94 25.67 -48.36 -9.32
CA CYS B 94 24.49 -48.77 -10.09
C CYS B 94 24.85 -49.01 -11.54
N GLN B 95 24.12 -49.93 -12.16
CA GLN B 95 24.53 -50.56 -13.41
C GLN B 95 23.33 -51.20 -14.11
N GLN B 96 23.50 -51.47 -15.42
CA GLN B 96 22.57 -52.26 -16.23
C GLN B 96 23.38 -53.16 -17.16
N TYR B 97 22.92 -54.41 -17.34
CA TYR B 97 23.66 -55.42 -18.10
C TYR B 97 23.14 -55.74 -19.51
N TYR B 98 21.98 -55.23 -19.94
CA TYR B 98 21.38 -55.77 -21.16
C TYR B 98 22.26 -55.50 -22.37
N SER B 99 22.59 -54.23 -22.61
CA SER B 99 23.54 -53.85 -23.64
C SER B 99 24.87 -53.62 -22.94
N TYR B 100 25.79 -54.53 -23.16
CA TYR B 100 27.10 -54.41 -22.57
C TYR B 100 27.78 -53.37 -23.47
N PRO B 101 28.84 -52.69 -22.99
CA PRO B 101 29.65 -52.81 -21.78
C PRO B 101 28.93 -52.50 -20.48
N LEU B 102 29.58 -52.86 -19.39
CA LEU B 102 29.09 -52.61 -18.05
C LEU B 102 29.65 -51.29 -17.54
N THR B 103 28.77 -50.32 -17.30
CA THR B 103 29.15 -49.01 -16.80
C THR B 103 28.42 -48.73 -15.49
N PHE B 104 28.91 -47.71 -14.78
CA PHE B 104 28.74 -47.63 -13.35
C PHE B 104 28.06 -46.34 -12.96
N GLY B 105 27.52 -46.33 -11.75
CA GLY B 105 26.81 -45.18 -11.27
C GLY B 105 27.70 -43.99 -11.02
N ALA B 106 27.11 -42.81 -11.15
CA ALA B 106 27.77 -41.70 -10.46
C ALA B 106 27.72 -41.90 -8.96
N GLY B 107 26.95 -42.89 -8.50
CA GLY B 107 27.18 -43.56 -7.24
C GLY B 107 26.44 -42.97 -6.05
N THR B 108 25.97 -43.82 -5.14
CA THR B 108 25.34 -43.35 -3.91
C THR B 108 26.24 -43.66 -2.73
N LYS B 109 26.90 -42.64 -2.20
CA LYS B 109 27.66 -42.77 -0.97
C LYS B 109 26.80 -42.48 0.27
N LEU B 110 25.49 -42.29 0.09
CA LEU B 110 24.61 -41.98 1.21
C LEU B 110 24.76 -42.96 2.36
N TYR C 1 -7.64 -39.27 -36.38
CA TYR C 1 -7.65 -40.31 -35.36
C TYR C 1 -6.48 -41.27 -35.55
N LEU C 2 -5.74 -41.51 -34.46
CA LEU C 2 -4.53 -42.33 -34.42
C LEU C 2 -3.40 -41.62 -35.16
N PRO C 3 -2.15 -42.02 -34.96
CA PRO C 3 -1.12 -41.53 -35.82
C PRO C 3 -1.42 -42.03 -37.22
N PRO C 4 -0.72 -41.56 -38.22
CA PRO C 4 -1.18 -41.80 -39.58
C PRO C 4 -0.67 -43.12 -40.12
N VAL C 5 -1.13 -43.42 -41.32
CA VAL C 5 -0.58 -44.59 -42.02
C VAL C 5 0.92 -44.57 -42.38
N PRO C 6 1.75 -43.39 -42.75
CA PRO C 6 3.15 -42.80 -43.26
C PRO C 6 4.85 -43.08 -42.69
N VAL C 7 5.75 -43.67 -43.62
CA VAL C 7 6.99 -44.57 -44.03
C VAL C 7 8.30 -43.59 -43.52
N SER C 8 9.68 -43.58 -43.94
CA SER C 8 10.56 -42.42 -44.44
C SER C 8 11.14 -42.62 -45.92
N LYS C 9 10.92 -41.76 -46.88
CA LYS C 9 11.70 -42.29 -48.03
C LYS C 9 12.90 -41.40 -48.17
N VAL C 10 12.54 -40.34 -48.84
CA VAL C 10 12.92 -38.94 -48.81
C VAL C 10 11.86 -38.52 -49.81
N VAL C 11 11.63 -37.23 -49.96
CA VAL C 11 10.82 -36.71 -51.05
C VAL C 11 11.54 -35.49 -51.57
N SER C 12 11.25 -35.15 -52.80
CA SER C 12 11.67 -33.85 -53.27
C SER C 12 10.89 -32.81 -52.48
N THR C 13 11.60 -31.95 -51.78
CA THR C 13 10.95 -31.03 -50.86
C THR C 13 9.84 -30.27 -51.54
N ASP C 14 9.97 -30.07 -52.85
CA ASP C 14 8.93 -29.41 -53.59
C ASP C 14 7.62 -30.17 -53.55
N GLU C 15 7.62 -31.38 -53.01
CA GLU C 15 6.35 -32.05 -52.81
C GLU C 15 5.45 -31.14 -52.00
N TYR C 16 5.77 -31.02 -50.74
CA TYR C 16 4.88 -30.31 -49.85
C TYR C 16 5.11 -28.82 -49.90
N VAL C 17 6.36 -28.40 -50.03
CA VAL C 17 6.66 -26.98 -49.95
C VAL C 17 5.87 -26.22 -51.00
N ALA C 18 5.41 -25.02 -50.62
CA ALA C 18 4.80 -24.08 -51.55
C ALA C 18 5.70 -22.88 -51.74
N ARG C 19 5.78 -22.43 -52.98
CA ARG C 19 6.63 -21.32 -53.34
C ARG C 19 5.80 -20.05 -53.31
N THR C 20 6.36 -19.00 -52.73
CA THR C 20 5.60 -17.76 -52.59
C THR C 20 5.92 -16.77 -53.70
N ASN C 21 5.21 -15.66 -53.68
CA ASN C 21 5.35 -14.66 -54.71
C ASN C 21 6.44 -13.65 -54.42
N ILE C 22 7.01 -13.70 -53.24
CA ILE C 22 7.81 -12.60 -52.75
C ILE C 22 9.25 -13.04 -52.58
N TYR C 23 10.15 -12.10 -52.77
CA TYR C 23 11.57 -12.28 -52.55
C TYR C 23 12.13 -11.11 -51.77
N TYR C 24 13.23 -11.37 -51.06
CA TYR C 24 13.92 -10.35 -50.28
C TYR C 24 15.41 -10.44 -50.49
N HIS C 25 16.10 -9.44 -50.00
CA HIS C 25 17.54 -9.50 -49.94
C HIS C 25 18.02 -8.82 -48.69
N ALA C 26 19.16 -9.30 -48.22
CA ALA C 26 20.00 -8.58 -47.31
C ALA C 26 21.42 -8.99 -47.61
N GLY C 27 22.37 -8.19 -47.12
CA GLY C 27 23.76 -8.54 -47.21
C GLY C 27 24.58 -7.75 -46.20
N THR C 28 25.71 -8.32 -45.82
CA THR C 28 26.65 -7.57 -45.00
C THR C 28 27.25 -6.46 -45.84
N SER C 29 27.71 -5.43 -45.15
CA SER C 29 28.56 -4.47 -45.81
C SER C 29 29.75 -5.21 -46.39
N ARG C 30 30.67 -5.56 -45.51
CA ARG C 30 31.88 -6.24 -45.91
C ARG C 30 32.44 -6.85 -44.66
N LEU C 31 33.35 -7.78 -44.85
CA LEU C 31 34.06 -8.35 -43.73
C LEU C 31 35.55 -8.30 -44.00
N LEU C 32 36.28 -7.88 -42.98
CA LEU C 32 37.73 -7.83 -43.02
C LEU C 32 38.29 -8.83 -42.03
N ALA C 33 39.52 -9.27 -42.28
CA ALA C 33 40.26 -9.96 -41.24
C ALA C 33 41.75 -9.79 -41.53
N VAL C 34 42.53 -9.84 -40.48
CA VAL C 34 43.97 -9.67 -40.55
C VAL C 34 44.60 -10.60 -39.51
N GLY C 35 45.76 -11.17 -39.83
CA GLY C 35 46.49 -11.93 -38.85
C GLY C 35 47.79 -12.44 -39.39
N HIS C 36 48.45 -13.28 -38.59
CA HIS C 36 49.72 -13.76 -39.08
C HIS C 36 49.56 -15.07 -39.82
N PRO C 37 50.28 -15.25 -40.91
CA PRO C 37 50.16 -16.53 -41.64
C PRO C 37 50.62 -17.74 -40.88
N TYR C 38 51.81 -17.67 -40.32
CA TYR C 38 52.53 -18.89 -39.94
C TYR C 38 52.11 -19.44 -38.59
N PHE C 39 51.94 -18.58 -37.60
CA PHE C 39 51.39 -18.98 -36.32
C PHE C 39 50.72 -17.79 -35.68
N PRO C 40 49.79 -18.01 -34.74
CA PRO C 40 49.23 -16.88 -34.00
C PRO C 40 50.23 -16.34 -33.00
N ILE C 41 50.13 -15.04 -32.77
CA ILE C 41 50.99 -14.37 -31.81
C ILE C 41 50.22 -14.21 -30.51
N LYS C 42 50.82 -14.65 -29.42
CA LYS C 42 50.27 -14.44 -28.10
C LYS C 42 51.34 -13.81 -27.22
N LYS C 43 50.91 -13.27 -26.09
CA LYS C 43 51.85 -12.84 -25.08
C LYS C 43 52.66 -14.06 -24.63
N PRO C 44 53.99 -13.97 -24.56
CA PRO C 44 54.78 -15.21 -24.47
C PRO C 44 54.48 -16.03 -23.22
N ASN C 45 54.40 -15.38 -22.06
CA ASN C 45 54.01 -16.11 -20.86
C ASN C 45 52.53 -16.47 -20.91
N ASN C 46 51.72 -15.56 -21.45
CA ASN C 46 50.28 -15.73 -21.47
C ASN C 46 49.89 -16.79 -22.50
N ASN C 47 48.71 -17.35 -22.31
CA ASN C 47 48.10 -18.15 -23.34
C ASN C 47 47.15 -17.34 -24.21
N LYS C 48 46.91 -16.08 -23.87
CA LYS C 48 45.98 -15.25 -24.64
C LYS C 48 46.67 -14.65 -25.84
N ILE C 49 46.02 -14.74 -27.00
CA ILE C 49 46.62 -14.28 -28.24
C ILE C 49 46.71 -12.76 -28.23
N LEU C 50 47.88 -12.25 -28.55
CA LEU C 50 47.98 -10.86 -28.96
C LEU C 50 47.56 -10.71 -30.40
N VAL C 51 47.92 -11.69 -31.21
CA VAL C 51 47.67 -11.66 -32.64
C VAL C 51 47.17 -13.05 -33.05
N PRO C 52 46.10 -13.14 -33.84
CA PRO C 52 45.69 -14.43 -34.38
C PRO C 52 46.48 -14.82 -35.62
N LYS C 53 46.48 -16.12 -35.88
CA LYS C 53 47.05 -16.65 -37.10
C LYS C 53 45.99 -16.57 -38.18
N VAL C 54 46.32 -15.91 -39.28
CA VAL C 54 45.36 -15.75 -40.37
C VAL C 54 46.08 -15.99 -41.69
N SER C 55 45.49 -16.84 -42.53
CA SER C 55 45.93 -17.04 -43.91
C SER C 55 44.79 -17.57 -44.75
N GLY C 56 44.90 -17.36 -46.06
CA GLY C 56 43.98 -18.02 -46.96
C GLY C 56 44.02 -19.52 -46.84
N LEU C 57 45.13 -20.07 -46.35
CA LEU C 57 45.30 -21.50 -46.23
C LEU C 57 44.39 -22.12 -45.18
N GLN C 58 43.75 -21.31 -44.36
CA GLN C 58 42.82 -21.82 -43.38
C GLN C 58 41.43 -21.80 -43.94
N TYR C 59 40.66 -22.84 -43.62
CA TYR C 59 39.27 -22.87 -44.01
C TYR C 59 38.51 -21.72 -43.37
N ARG C 60 37.38 -21.38 -43.98
CA ARG C 60 36.50 -20.35 -43.45
C ARG C 60 35.07 -20.86 -43.41
N VAL C 61 34.50 -20.80 -42.23
CA VAL C 61 33.11 -21.16 -42.02
C VAL C 61 32.32 -19.88 -41.86
N PHE C 62 31.09 -19.90 -42.33
CA PHE C 62 30.22 -18.76 -42.11
C PHE C 62 28.84 -19.25 -41.73
N ARG C 63 28.44 -18.89 -40.53
CA ARG C 63 27.08 -19.11 -40.08
C ARG C 63 26.27 -17.84 -40.27
N ILE C 64 25.09 -17.99 -40.84
CA ILE C 64 24.23 -16.86 -41.13
C ILE C 64 22.87 -17.12 -40.53
N HIS C 65 22.48 -16.27 -39.60
CA HIS C 65 21.19 -16.38 -38.98
C HIS C 65 20.16 -15.55 -39.73
N LEU C 66 18.95 -16.09 -39.79
CA LEU C 66 17.76 -15.39 -40.25
C LEU C 66 16.80 -15.25 -39.10
N PRO C 67 15.98 -14.23 -39.12
CA PRO C 67 14.91 -14.13 -38.12
C PRO C 67 13.78 -15.08 -38.46
N ASP C 68 13.05 -15.43 -37.41
CA ASP C 68 11.86 -16.24 -37.56
C ASP C 68 10.93 -15.53 -38.52
N PRO C 69 10.61 -16.14 -39.65
CA PRO C 69 9.70 -15.49 -40.59
C PRO C 69 8.34 -15.27 -39.99
N ASN C 70 7.93 -16.10 -39.05
CA ASN C 70 6.58 -15.96 -38.56
C ASN C 70 6.45 -14.81 -37.60
N LYS C 71 7.55 -14.11 -37.33
CA LYS C 71 7.55 -12.81 -36.70
C LYS C 71 7.71 -11.64 -37.67
N PHE C 72 7.67 -11.86 -38.98
CA PHE C 72 8.33 -10.91 -39.86
C PHE C 72 7.40 -10.16 -40.81
N GLY C 73 7.83 -8.96 -41.21
CA GLY C 73 6.96 -8.08 -41.98
C GLY C 73 6.98 -8.26 -43.49
N PHE C 74 5.79 -8.14 -44.06
CA PHE C 74 5.56 -8.21 -45.49
C PHE C 74 4.65 -7.08 -45.92
N PRO C 75 4.67 -6.72 -47.20
CA PRO C 75 3.63 -5.82 -47.70
C PRO C 75 2.27 -6.48 -47.79
N ASP C 76 2.21 -7.76 -48.16
CA ASP C 76 0.96 -8.51 -48.16
C ASP C 76 1.19 -9.89 -47.55
N THR C 77 0.61 -10.12 -46.37
CA THR C 77 0.62 -11.43 -45.70
C THR C 77 -0.68 -12.22 -45.81
N SER C 78 -1.69 -11.67 -46.50
CA SER C 78 -3.03 -12.25 -46.50
C SER C 78 -3.00 -13.73 -46.79
N PHE C 79 -2.03 -14.15 -47.58
CA PHE C 79 -2.03 -15.47 -48.17
C PHE C 79 -1.94 -16.57 -47.14
N TYR C 80 -1.75 -16.26 -45.87
CA TYR C 80 -1.66 -17.34 -44.91
C TYR C 80 -2.30 -16.98 -43.60
N ASN C 81 -2.58 -18.05 -42.86
CA ASN C 81 -3.00 -18.16 -41.48
C ASN C 81 -1.89 -18.81 -40.67
N PRO C 82 -1.39 -18.18 -39.62
CA PRO C 82 -0.45 -18.86 -38.72
C PRO C 82 -1.05 -20.04 -38.01
N ASP C 83 -2.39 -20.13 -37.97
CA ASP C 83 -3.01 -21.29 -37.34
C ASP C 83 -2.52 -22.55 -37.99
N THR C 84 -2.65 -22.64 -39.29
CA THR C 84 -2.45 -23.89 -39.97
C THR C 84 -1.06 -24.04 -40.55
N GLN C 85 -0.23 -23.01 -40.43
CA GLN C 85 0.93 -22.98 -41.29
C GLN C 85 2.13 -22.35 -40.60
N ARG C 86 3.29 -22.65 -41.19
CA ARG C 86 4.59 -22.03 -40.94
C ARG C 86 4.91 -21.04 -42.04
N LEU C 87 6.07 -20.44 -41.92
CA LEU C 87 6.78 -19.87 -43.05
C LEU C 87 8.23 -20.27 -42.87
N VAL C 88 8.92 -20.51 -43.97
CA VAL C 88 10.34 -20.84 -43.93
C VAL C 88 11.04 -20.19 -45.12
N TRP C 89 12.23 -19.69 -44.86
CA TRP C 89 13.09 -19.11 -45.88
C TRP C 89 13.47 -20.15 -46.93
N ALA C 90 13.68 -19.67 -48.16
CA ALA C 90 14.26 -20.49 -49.21
C ALA C 90 15.29 -19.63 -49.92
N CYS C 91 16.47 -20.18 -50.15
CA CYS C 91 17.56 -19.39 -50.70
C CYS C 91 17.67 -19.67 -52.18
N VAL C 92 17.31 -18.68 -52.99
CA VAL C 92 17.32 -18.90 -54.43
C VAL C 92 18.71 -18.70 -55.00
N GLY C 93 19.41 -17.67 -54.54
CA GLY C 93 20.66 -17.29 -55.18
C GLY C 93 21.61 -16.70 -54.17
N VAL C 94 22.90 -16.78 -54.51
CA VAL C 94 23.97 -16.55 -53.56
C VAL C 94 25.13 -15.90 -54.26
N GLU C 95 25.80 -15.02 -53.54
CA GLU C 95 26.99 -14.38 -54.06
C GLU C 95 28.11 -14.46 -53.04
N VAL C 96 29.32 -14.40 -53.57
CA VAL C 96 30.51 -14.17 -52.77
C VAL C 96 31.25 -13.02 -53.38
N GLY C 97 31.30 -11.90 -52.66
CA GLY C 97 32.18 -10.84 -53.07
C GLY C 97 33.58 -11.08 -52.55
N ARG C 98 34.56 -10.79 -53.41
CA ARG C 98 35.97 -10.88 -53.06
C ARG C 98 36.71 -9.75 -53.73
N GLY C 99 37.34 -8.86 -52.96
CA GLY C 99 37.91 -7.67 -53.55
C GLY C 99 39.43 -7.56 -53.63
N GLN C 100 40.15 -8.48 -53.00
CA GLN C 100 41.59 -8.30 -52.86
C GLN C 100 42.28 -8.45 -54.21
N PRO C 101 43.42 -7.79 -54.38
CA PRO C 101 44.22 -8.04 -55.57
C PRO C 101 44.71 -9.48 -55.53
N LEU C 102 44.58 -10.18 -56.64
CA LEU C 102 44.87 -11.60 -56.63
C LEU C 102 46.35 -11.82 -56.75
N GLY C 103 46.86 -12.74 -55.95
CA GLY C 103 48.28 -12.98 -55.93
C GLY C 103 48.61 -14.08 -54.95
N VAL C 104 49.80 -14.58 -55.08
CA VAL C 104 50.22 -15.76 -54.37
C VAL C 104 50.99 -15.38 -53.12
N GLY C 105 50.70 -16.08 -52.04
CA GLY C 105 51.54 -16.05 -50.86
C GLY C 105 52.64 -17.08 -50.95
N ILE C 106 53.03 -17.62 -49.80
CA ILE C 106 54.04 -18.68 -49.73
C ILE C 106 54.22 -19.10 -48.27
N SER C 107 54.77 -20.29 -48.03
CA SER C 107 55.08 -20.76 -46.70
C SER C 107 56.27 -21.71 -46.75
N GLY C 108 56.91 -21.89 -45.61
CA GLY C 108 58.02 -22.79 -45.52
C GLY C 108 58.34 -23.13 -44.08
N HIS C 109 59.47 -23.82 -43.90
CA HIS C 109 59.94 -24.11 -42.57
C HIS C 109 61.46 -23.95 -42.47
N PRO C 110 61.94 -23.35 -41.38
CA PRO C 110 63.39 -23.10 -41.27
C PRO C 110 64.23 -24.35 -41.08
N LEU C 111 63.69 -25.41 -40.49
CA LEU C 111 64.35 -26.70 -40.47
C LEU C 111 63.44 -27.72 -41.14
N LEU C 112 63.81 -28.13 -42.33
CA LEU C 112 62.97 -29.02 -43.08
C LEU C 112 63.64 -30.37 -43.15
N ASN C 113 62.90 -31.41 -42.83
CA ASN C 113 63.51 -32.73 -42.88
C ASN C 113 63.81 -33.02 -44.33
N LYS C 114 65.08 -33.19 -44.63
CA LYS C 114 65.51 -33.26 -46.02
C LYS C 114 66.81 -34.01 -46.10
N LEU C 115 66.99 -34.75 -47.19
CA LEU C 115 68.27 -35.41 -47.42
C LEU C 115 69.06 -34.67 -48.47
N ASP C 116 68.60 -34.72 -49.72
CA ASP C 116 69.32 -34.14 -50.83
C ASP C 116 68.35 -33.95 -51.99
N ASP C 117 68.89 -33.58 -53.14
CA ASP C 117 68.10 -33.37 -54.35
C ASP C 117 68.32 -34.57 -55.26
N THR C 118 67.28 -35.38 -55.43
CA THR C 118 67.35 -36.56 -56.28
C THR C 118 66.92 -36.27 -57.70
N GLU C 119 66.40 -35.08 -57.97
CA GLU C 119 66.03 -34.71 -59.34
C GLU C 119 67.21 -34.90 -60.29
N ASN C 120 68.37 -34.42 -59.89
CA ASN C 120 69.60 -34.73 -60.59
C ASN C 120 70.67 -34.95 -59.53
N ALA C 121 71.43 -36.03 -59.68
CA ALA C 121 72.53 -36.33 -58.78
C ALA C 121 73.73 -36.79 -59.61
N SER C 122 74.84 -36.07 -59.51
CA SER C 122 76.06 -36.42 -60.24
C SER C 122 76.94 -37.43 -59.50
N ALA C 123 76.74 -37.60 -58.20
CA ALA C 123 77.61 -38.46 -57.41
C ALA C 123 76.86 -38.93 -56.16
N TYR C 124 77.40 -39.96 -55.54
CA TYR C 124 76.81 -40.48 -54.30
C TYR C 124 76.92 -39.43 -53.20
N ALA C 125 75.80 -39.18 -52.53
CA ALA C 125 75.74 -38.14 -51.50
C ALA C 125 76.50 -38.59 -50.26
N ALA C 126 76.50 -37.74 -49.24
CA ALA C 126 77.22 -38.04 -48.01
C ALA C 126 76.41 -39.02 -47.16
N ASN C 127 76.90 -39.27 -45.96
CA ASN C 127 76.20 -40.14 -45.02
C ASN C 127 75.46 -39.29 -44.00
N ALA C 128 74.36 -39.85 -43.53
CA ALA C 128 73.48 -39.19 -42.59
C ALA C 128 74.26 -38.64 -41.41
N GLY C 129 74.07 -37.35 -41.15
CA GLY C 129 74.81 -36.60 -40.15
C GLY C 129 74.05 -36.61 -38.84
N VAL C 130 74.06 -35.49 -38.14
CA VAL C 130 73.02 -35.19 -37.17
C VAL C 130 72.45 -33.83 -37.51
N ASP C 131 71.14 -33.74 -37.66
CA ASP C 131 70.46 -32.48 -37.94
C ASP C 131 70.96 -31.83 -39.23
N ASN C 132 70.55 -32.36 -40.37
CA ASN C 132 70.76 -31.70 -41.65
C ASN C 132 69.57 -30.85 -42.10
N ARG C 133 68.56 -30.68 -41.25
CA ARG C 133 67.33 -29.99 -41.67
C ARG C 133 67.61 -28.55 -42.06
N GLU C 134 66.82 -28.05 -43.00
CA GLU C 134 67.14 -26.83 -43.71
C GLU C 134 65.94 -25.91 -43.78
N CYS C 135 66.22 -24.68 -44.20
CA CYS C 135 65.23 -23.62 -44.31
C CYS C 135 64.81 -23.48 -45.75
N ILE C 136 63.59 -23.89 -46.06
CA ILE C 136 63.09 -23.93 -47.43
C ILE C 136 61.59 -23.64 -47.41
N SER C 137 61.08 -23.07 -48.50
CA SER C 137 59.67 -22.72 -48.63
C SER C 137 59.11 -23.26 -49.93
N MET C 138 57.79 -23.22 -50.05
CA MET C 138 57.11 -23.82 -51.19
C MET C 138 55.75 -23.17 -51.37
N ASP C 139 55.16 -23.42 -52.53
CA ASP C 139 53.80 -22.98 -52.82
C ASP C 139 52.83 -24.15 -52.76
N TYR C 140 51.67 -23.92 -52.19
CA TYR C 140 50.65 -24.94 -52.13
C TYR C 140 49.82 -24.96 -53.41
N LYS C 141 49.22 -26.12 -53.67
CA LYS C 141 48.29 -26.26 -54.79
C LYS C 141 47.23 -25.16 -54.76
N GLN C 142 46.93 -24.60 -55.92
CA GLN C 142 45.91 -23.56 -55.98
C GLN C 142 44.52 -24.16 -55.97
N THR C 143 43.58 -23.47 -55.33
CA THR C 143 42.29 -24.08 -55.08
C THR C 143 41.20 -23.05 -54.97
N GLN C 144 40.02 -23.43 -55.43
CA GLN C 144 38.80 -22.68 -55.19
C GLN C 144 37.66 -23.65 -54.98
N LEU C 145 36.76 -23.31 -54.05
CA LEU C 145 35.57 -24.11 -53.86
C LEU C 145 34.52 -23.27 -53.16
N CYS C 146 33.29 -23.77 -53.21
CA CYS C 146 32.22 -23.15 -52.46
C CYS C 146 31.19 -24.18 -52.06
N LEU C 147 30.58 -23.94 -50.92
CA LEU C 147 29.77 -24.94 -50.28
C LEU C 147 28.56 -24.30 -49.63
N ILE C 148 27.40 -24.89 -49.86
CA ILE C 148 26.16 -24.34 -49.35
C ILE C 148 25.22 -25.45 -48.92
N GLY C 149 24.69 -25.32 -47.71
CA GLY C 149 23.73 -26.27 -47.18
C GLY C 149 23.34 -25.86 -45.78
N CYS C 150 22.21 -26.42 -45.32
CA CYS C 150 21.71 -26.12 -43.98
C CYS C 150 22.31 -27.01 -42.90
N LYS C 151 23.21 -27.92 -43.26
CA LYS C 151 23.94 -28.74 -42.30
C LYS C 151 25.43 -28.51 -42.48
N PRO C 152 26.19 -28.68 -41.41
CA PRO C 152 27.58 -28.25 -41.45
C PRO C 152 28.36 -29.08 -42.44
N PRO C 153 29.42 -28.52 -43.00
CA PRO C 153 30.26 -29.28 -43.91
C PRO C 153 30.97 -30.38 -43.17
N ILE C 154 30.91 -31.55 -43.74
CA ILE C 154 31.57 -32.69 -43.16
C ILE C 154 32.85 -32.92 -43.92
N GLY C 155 33.97 -32.83 -43.21
CA GLY C 155 35.26 -33.15 -43.77
C GLY C 155 35.70 -34.55 -43.37
N GLU C 156 36.89 -34.89 -43.80
CA GLU C 156 37.46 -36.19 -43.48
C GLU C 156 38.97 -36.06 -43.53
N HIS C 157 39.63 -37.01 -42.90
CA HIS C 157 41.07 -36.96 -42.82
C HIS C 157 41.58 -38.35 -42.47
N TRP C 158 42.85 -38.57 -42.73
CA TRP C 158 43.51 -39.71 -42.15
C TRP C 158 43.77 -39.45 -40.68
N GLY C 159 44.02 -40.54 -39.94
CA GLY C 159 44.41 -40.43 -38.55
C GLY C 159 44.98 -41.74 -38.05
N LYS C 160 45.64 -41.66 -36.90
CA LYS C 160 46.15 -42.87 -36.25
C LYS C 160 45.00 -43.58 -35.54
N GLY C 161 44.81 -44.85 -35.86
CA GLY C 161 43.79 -45.64 -35.24
C GLY C 161 44.34 -46.49 -34.10
N SER C 162 43.43 -46.93 -33.25
CA SER C 162 43.80 -47.87 -32.21
C SER C 162 44.26 -49.16 -32.87
N PRO C 163 45.50 -49.59 -32.67
CA PRO C 163 45.94 -50.84 -33.27
C PRO C 163 45.22 -52.03 -32.66
N CYS C 164 44.79 -52.93 -33.52
CA CYS C 164 44.28 -54.20 -33.05
C CYS C 164 45.39 -54.96 -32.37
N THR C 165 45.12 -55.43 -31.19
CA THR C 165 46.19 -55.75 -30.26
C THR C 165 46.46 -57.23 -30.33
N ASN C 166 47.58 -57.56 -30.95
CA ASN C 166 48.21 -58.86 -30.84
C ASN C 166 49.66 -58.59 -30.50
N VAL C 167 50.34 -57.96 -31.42
CA VAL C 167 51.75 -57.60 -31.21
C VAL C 167 51.82 -56.31 -30.41
N ALA C 168 52.75 -56.27 -29.46
CA ALA C 168 53.02 -55.08 -28.67
C ALA C 168 53.77 -54.06 -29.52
N VAL C 169 53.32 -52.82 -29.48
CA VAL C 169 53.97 -51.79 -30.27
C VAL C 169 55.33 -51.50 -29.66
N ASN C 170 56.33 -51.72 -30.39
CA ASN C 170 57.58 -51.18 -29.92
C ASN C 170 57.68 -49.73 -30.36
N PRO C 171 58.25 -48.84 -29.58
CA PRO C 171 58.57 -47.53 -30.14
C PRO C 171 59.35 -47.75 -31.43
N GLY C 172 58.97 -47.02 -32.48
CA GLY C 172 59.52 -47.19 -33.80
C GLY C 172 58.60 -47.81 -34.82
N ASP C 173 57.43 -48.29 -34.40
CA ASP C 173 56.60 -49.11 -35.28
C ASP C 173 55.48 -48.30 -35.89
N CYS C 174 55.20 -48.59 -37.15
CA CYS C 174 54.14 -47.93 -37.91
C CYS C 174 52.83 -48.04 -37.16
N PRO C 175 52.25 -46.93 -36.71
CA PRO C 175 50.89 -47.00 -36.20
C PRO C 175 49.93 -47.27 -37.35
N PRO C 176 48.93 -48.10 -37.13
CA PRO C 176 47.91 -48.28 -38.17
C PRO C 176 47.18 -46.97 -38.39
N LEU C 177 46.52 -46.88 -39.52
CA LEU C 177 45.85 -45.65 -39.91
C LEU C 177 44.35 -45.84 -39.96
N GLU C 178 43.63 -44.74 -39.80
CA GLU C 178 42.18 -44.75 -39.81
C GLU C 178 41.67 -43.53 -40.56
N LEU C 179 40.77 -43.76 -41.49
CA LEU C 179 40.06 -42.68 -42.12
C LEU C 179 38.95 -42.19 -41.22
N ILE C 180 38.87 -40.89 -41.02
CA ILE C 180 37.99 -40.33 -40.00
C ILE C 180 37.22 -39.17 -40.58
N ASN C 181 35.90 -39.24 -40.48
CA ASN C 181 35.06 -38.09 -40.73
C ASN C 181 35.03 -37.16 -39.52
N THR C 182 34.84 -35.88 -39.78
CA THR C 182 34.60 -34.94 -38.70
C THR C 182 33.92 -33.69 -39.22
N VAL C 183 33.37 -32.93 -38.29
CA VAL C 183 32.83 -31.62 -38.61
C VAL C 183 33.96 -30.70 -39.02
N ILE C 184 33.77 -29.97 -40.10
CA ILE C 184 34.74 -28.98 -40.54
C ILE C 184 34.64 -27.76 -39.63
N GLN C 185 35.78 -27.31 -39.10
CA GLN C 185 35.81 -26.15 -38.21
C GLN C 185 36.56 -25.02 -38.87
N ASP C 186 36.21 -23.80 -38.46
CA ASP C 186 36.90 -22.65 -38.99
C ASP C 186 38.35 -22.69 -38.57
N GLY C 187 39.20 -22.01 -39.34
CA GLY C 187 40.62 -22.02 -39.11
C GLY C 187 41.30 -23.31 -39.48
N ASP C 188 40.55 -24.33 -39.84
CA ASP C 188 41.16 -25.59 -40.25
C ASP C 188 41.88 -25.39 -41.57
N MET C 189 42.80 -26.31 -41.86
CA MET C 189 43.79 -26.12 -42.90
C MET C 189 43.42 -26.85 -44.17
N VAL C 190 43.59 -26.15 -45.29
CA VAL C 190 43.54 -26.81 -46.57
C VAL C 190 44.67 -27.82 -46.66
N ASP C 191 44.42 -28.90 -47.39
CA ASP C 191 45.50 -29.81 -47.74
C ASP C 191 46.54 -29.08 -48.58
N THR C 192 47.78 -29.55 -48.48
CA THR C 192 48.85 -29.03 -49.30
C THR C 192 49.17 -29.92 -50.49
N GLY C 193 48.42 -30.99 -50.67
CA GLY C 193 48.87 -32.07 -51.49
C GLY C 193 49.66 -33.12 -50.75
N PHE C 194 49.81 -32.98 -49.44
CA PHE C 194 50.46 -34.00 -48.61
C PHE C 194 49.48 -34.92 -47.90
N GLY C 195 48.18 -34.74 -48.13
CA GLY C 195 47.17 -35.65 -47.62
C GLY C 195 46.45 -35.18 -46.37
N ALA C 196 45.16 -35.49 -46.27
CA ALA C 196 44.37 -35.00 -45.15
C ALA C 196 44.56 -35.97 -44.01
N MET C 197 45.19 -35.49 -42.95
CA MET C 197 45.66 -36.34 -41.88
C MET C 197 46.17 -35.44 -40.78
N ASP C 198 46.66 -36.07 -39.72
CA ASP C 198 47.31 -35.39 -38.60
C ASP C 198 48.80 -35.66 -38.69
N PHE C 199 49.55 -34.61 -38.95
CA PHE C 199 51.00 -34.74 -38.87
C PHE C 199 51.45 -34.87 -37.43
N THR C 200 50.83 -34.08 -36.55
CA THR C 200 51.24 -34.03 -35.16
C THR C 200 51.36 -35.42 -34.56
N THR C 201 50.29 -36.22 -34.67
CA THR C 201 50.33 -37.55 -34.09
C THR C 201 51.20 -38.48 -34.93
N LEU C 202 51.00 -38.50 -36.24
CA LEU C 202 51.69 -39.49 -37.05
C LEU C 202 53.12 -39.12 -37.37
N GLN C 203 53.48 -37.84 -37.32
CA GLN C 203 54.84 -37.41 -37.55
C GLN C 203 55.39 -36.81 -36.28
N ALA C 204 56.40 -37.45 -35.73
CA ALA C 204 57.06 -36.92 -34.54
C ALA C 204 58.16 -35.92 -34.86
N ASN C 205 58.66 -35.92 -36.09
CA ASN C 205 59.76 -35.03 -36.42
C ASN C 205 59.35 -33.58 -36.22
N LYS C 206 58.15 -33.23 -36.68
CA LYS C 206 57.62 -31.88 -36.61
C LYS C 206 58.32 -30.97 -37.63
N SER C 207 59.40 -31.45 -38.25
CA SER C 207 60.09 -30.70 -39.30
C SER C 207 59.72 -31.15 -40.71
N GLU C 208 58.78 -32.08 -40.84
CA GLU C 208 58.45 -32.62 -42.16
C GLU C 208 57.78 -31.57 -43.06
N VAL C 209 57.05 -30.62 -42.49
CA VAL C 209 56.23 -29.71 -43.29
C VAL C 209 56.47 -28.29 -42.81
N PRO C 210 56.06 -27.31 -43.60
CA PRO C 210 56.07 -25.94 -43.11
C PRO C 210 55.13 -25.79 -41.95
N LEU C 211 55.31 -24.66 -41.27
CA LEU C 211 54.66 -24.37 -40.01
C LEU C 211 53.15 -24.58 -40.09
N ASP C 212 52.53 -23.85 -41.00
CA ASP C 212 51.09 -23.60 -40.93
C ASP C 212 50.32 -24.89 -40.67
N ILE C 213 50.68 -25.95 -41.39
CA ILE C 213 50.00 -27.23 -41.28
C ILE C 213 50.65 -28.16 -40.28
N CYS C 214 51.82 -27.80 -39.77
CA CYS C 214 52.57 -28.74 -38.97
C CYS C 214 51.75 -29.25 -37.81
N THR C 215 51.27 -28.35 -36.97
CA THR C 215 50.52 -28.75 -35.80
C THR C 215 49.08 -29.15 -36.12
N SER C 216 48.54 -28.69 -37.23
CA SER C 216 47.12 -28.85 -37.46
C SER C 216 46.85 -30.13 -38.24
N ILE C 217 45.57 -30.37 -38.47
CA ILE C 217 45.10 -31.50 -39.26
C ILE C 217 44.48 -30.94 -40.53
N CYS C 218 45.14 -31.16 -41.65
CA CYS C 218 44.51 -30.82 -42.92
C CYS C 218 43.38 -31.79 -43.17
N LYS C 219 42.26 -31.25 -43.64
CA LYS C 219 41.10 -32.06 -43.94
C LYS C 219 40.68 -31.84 -45.38
N TYR C 220 39.87 -32.76 -45.89
CA TYR C 220 39.34 -32.63 -47.22
C TYR C 220 37.91 -33.14 -47.23
N PRO C 221 37.03 -32.49 -47.97
CA PRO C 221 35.63 -32.91 -48.00
C PRO C 221 35.39 -34.14 -48.87
N ASP C 222 34.51 -35.02 -48.39
CA ASP C 222 34.14 -36.23 -49.12
C ASP C 222 32.80 -36.04 -49.77
N TYR C 223 32.80 -35.82 -51.07
CA TYR C 223 31.55 -35.61 -51.77
C TYR C 223 30.62 -36.79 -51.57
N ILE C 224 31.17 -37.98 -51.51
CA ILE C 224 30.38 -39.17 -51.35
C ILE C 224 29.47 -39.04 -50.16
N LYS C 225 30.10 -39.11 -48.99
CA LYS C 225 29.33 -39.14 -47.76
C LYS C 225 28.40 -37.96 -47.72
N MET C 226 28.93 -36.78 -48.05
CA MET C 226 28.12 -35.59 -48.06
C MET C 226 26.90 -35.80 -48.93
N VAL C 227 27.14 -36.21 -50.17
CA VAL C 227 26.02 -36.49 -51.04
C VAL C 227 25.27 -37.70 -50.57
N SER C 228 25.90 -38.55 -49.81
CA SER C 228 25.18 -39.73 -49.36
C SER C 228 24.13 -39.42 -48.32
N GLU C 229 24.02 -38.18 -47.84
CA GLU C 229 22.99 -37.87 -46.89
C GLU C 229 21.62 -38.06 -47.51
N PRO C 230 20.68 -38.66 -46.80
CA PRO C 230 19.35 -38.86 -47.39
C PRO C 230 18.65 -37.56 -47.67
N TYR C 231 18.77 -36.63 -46.77
CA TYR C 231 18.12 -35.35 -46.97
C TYR C 231 18.99 -34.38 -47.73
N GLY C 232 20.25 -34.73 -47.97
CA GLY C 232 21.14 -33.86 -48.69
C GLY C 232 21.35 -32.52 -48.03
N ASP C 233 20.95 -32.43 -46.77
CA ASP C 233 20.96 -31.15 -46.10
C ASP C 233 22.36 -30.70 -45.69
N SER C 234 23.36 -31.58 -45.75
CA SER C 234 24.72 -31.12 -45.54
C SER C 234 25.05 -30.01 -46.51
N LEU C 235 24.91 -30.30 -47.79
CA LEU C 235 24.97 -29.32 -48.85
C LEU C 235 23.98 -29.73 -49.93
N PHE C 236 23.30 -28.77 -50.52
CA PHE C 236 22.57 -29.04 -51.75
C PHE C 236 23.33 -28.56 -52.99
N PHE C 237 24.57 -28.09 -52.84
CA PHE C 237 25.28 -27.50 -53.97
C PHE C 237 26.71 -27.18 -53.61
N TYR C 238 27.52 -26.98 -54.65
CA TYR C 238 28.92 -26.64 -54.49
C TYR C 238 29.51 -26.41 -55.87
N LEU C 239 30.77 -26.00 -55.87
CA LEU C 239 31.61 -25.96 -57.06
C LEU C 239 33.06 -26.14 -56.62
N ARG C 240 33.91 -26.58 -57.53
CA ARG C 240 35.31 -26.84 -57.17
C ARG C 240 36.24 -26.65 -58.36
N ARG C 241 37.43 -26.11 -58.08
CA ARG C 241 38.53 -26.04 -59.03
C ARG C 241 39.86 -26.05 -58.29
N GLU C 242 40.83 -26.76 -58.85
CA GLU C 242 42.16 -26.77 -58.28
C GLU C 242 43.16 -27.25 -59.32
N GLN C 243 44.43 -27.00 -59.06
CA GLN C 243 45.50 -27.53 -59.89
C GLN C 243 46.82 -27.52 -59.14
N MET C 244 47.75 -28.36 -59.59
CA MET C 244 49.09 -28.43 -59.02
C MET C 244 50.01 -29.14 -60.00
N PHE C 245 51.31 -28.91 -59.88
CA PHE C 245 52.28 -29.68 -60.66
C PHE C 245 53.53 -29.93 -59.81
N VAL C 246 54.35 -30.85 -60.31
CA VAL C 246 55.57 -31.29 -59.62
C VAL C 246 56.65 -30.22 -59.76
N ARG C 247 57.53 -30.15 -58.78
CA ARG C 247 58.60 -29.19 -58.85
C ARG C 247 59.96 -29.81 -58.60
N HIS C 248 60.18 -30.36 -57.40
CA HIS C 248 61.49 -30.91 -57.05
C HIS C 248 61.35 -32.31 -56.45
N LEU C 249 62.49 -32.99 -56.36
CA LEU C 249 62.60 -34.38 -55.94
C LEU C 249 63.58 -34.50 -54.79
N PHE C 250 63.08 -34.85 -53.61
CA PHE C 250 63.89 -34.90 -52.40
C PHE C 250 63.73 -36.25 -51.70
N ASN C 251 64.37 -36.35 -50.55
CA ASN C 251 64.26 -37.51 -49.67
C ASN C 251 63.94 -37.07 -48.26
N ARG C 252 63.42 -38.00 -47.49
CA ARG C 252 63.43 -37.88 -46.04
C ARG C 252 64.79 -38.35 -45.52
N ALA C 253 65.30 -37.65 -44.51
CA ALA C 253 66.53 -38.03 -43.84
C ALA C 253 66.20 -38.60 -42.46
N GLY C 254 66.63 -39.81 -42.20
CA GLY C 254 66.29 -40.52 -40.99
C GLY C 254 66.70 -41.97 -41.12
N ALA C 255 66.56 -42.70 -40.03
CA ALA C 255 66.78 -44.14 -40.16
C ALA C 255 65.71 -44.71 -41.07
N VAL C 256 66.14 -45.71 -41.82
CA VAL C 256 65.22 -46.58 -42.54
C VAL C 256 64.62 -47.55 -41.54
N GLY C 257 63.31 -47.62 -41.50
CA GLY C 257 62.75 -48.71 -40.73
C GLY C 257 62.06 -49.83 -41.44
N GLU C 258 61.65 -49.60 -42.66
CA GLU C 258 61.37 -50.69 -43.59
C GLU C 258 62.56 -50.72 -44.53
N ASN C 259 63.42 -51.70 -44.35
CA ASN C 259 64.51 -51.83 -45.28
C ASN C 259 64.05 -52.52 -46.55
N VAL C 260 64.81 -52.30 -47.62
CA VAL C 260 64.48 -52.83 -48.93
C VAL C 260 65.12 -54.21 -49.06
N PRO C 261 64.37 -55.25 -49.38
CA PRO C 261 64.98 -56.53 -49.71
C PRO C 261 65.89 -56.38 -50.92
N ASP C 262 66.99 -57.17 -50.90
CA ASP C 262 67.97 -57.11 -51.96
C ASP C 262 67.40 -57.54 -53.29
N ASP C 263 66.51 -58.53 -53.28
CA ASP C 263 66.07 -59.18 -54.51
C ASP C 263 65.61 -58.16 -55.53
N LEU C 264 65.12 -57.02 -55.05
CA LEU C 264 64.78 -55.93 -55.92
C LEU C 264 65.99 -55.35 -56.61
N TYR C 265 67.18 -55.71 -56.18
CA TYR C 265 68.36 -55.03 -56.66
C TYR C 265 69.53 -55.97 -56.52
N ILE C 266 70.72 -55.43 -56.63
CA ILE C 266 71.95 -56.17 -56.43
C ILE C 266 72.76 -55.45 -55.37
N LYS C 267 73.60 -56.17 -54.63
CA LYS C 267 74.35 -55.48 -53.59
C LYS C 267 75.47 -54.67 -54.21
N GLY C 268 75.60 -53.43 -53.77
CA GLY C 268 76.63 -52.54 -54.24
C GLY C 268 77.90 -52.73 -53.45
N SER C 269 78.67 -51.65 -53.32
CA SER C 269 79.96 -51.71 -52.66
C SER C 269 80.53 -50.32 -52.60
N GLY C 270 81.51 -50.13 -51.72
CA GLY C 270 82.06 -48.80 -51.53
C GLY C 270 80.95 -47.83 -51.16
N SER C 271 80.87 -46.73 -51.90
CA SER C 271 79.78 -45.79 -51.69
C SER C 271 78.44 -46.43 -51.98
N THR C 272 78.42 -47.45 -52.83
CA THR C 272 77.20 -48.17 -53.18
C THR C 272 76.88 -49.31 -52.22
N ALA C 273 77.74 -49.55 -51.23
CA ALA C 273 77.42 -50.56 -50.24
C ALA C 273 76.22 -50.15 -49.40
N ASN C 274 76.02 -48.85 -49.19
CA ASN C 274 74.96 -48.34 -48.33
C ASN C 274 73.84 -47.77 -49.18
N LEU C 275 72.62 -48.22 -48.91
CA LEU C 275 71.44 -47.74 -49.62
C LEU C 275 71.07 -46.36 -49.11
N ALA C 276 70.98 -45.39 -50.01
CA ALA C 276 70.47 -44.08 -49.67
C ALA C 276 68.98 -44.16 -49.37
N SER C 277 68.46 -43.13 -48.70
CA SER C 277 67.06 -43.14 -48.28
C SER C 277 66.13 -43.30 -49.47
N SER C 278 65.31 -44.35 -49.41
CA SER C 278 64.32 -44.58 -50.45
C SER C 278 63.09 -43.72 -50.24
N ASN C 279 62.99 -43.04 -49.11
CA ASN C 279 61.98 -42.01 -48.99
C ASN C 279 62.20 -40.96 -50.05
N TYR C 280 61.16 -40.67 -50.81
CA TYR C 280 61.15 -39.54 -51.72
C TYR C 280 59.90 -38.73 -51.43
N PHE C 281 60.02 -37.43 -51.60
CA PHE C 281 58.81 -36.66 -51.65
C PHE C 281 58.92 -35.59 -52.73
N PRO C 282 57.85 -35.36 -53.47
CA PRO C 282 57.83 -34.29 -54.46
C PRO C 282 57.67 -32.93 -53.78
N THR C 283 57.92 -31.89 -54.57
CA THR C 283 57.66 -30.55 -54.10
C THR C 283 56.39 -30.02 -54.76
N PRO C 284 55.31 -29.80 -54.01
CA PRO C 284 54.05 -29.37 -54.63
C PRO C 284 54.16 -27.95 -55.16
N SER C 285 53.51 -27.71 -56.29
CA SER C 285 53.57 -26.39 -56.89
C SER C 285 52.25 -26.00 -57.53
N GLY C 286 51.80 -24.81 -57.23
CA GLY C 286 50.73 -24.22 -58.00
C GLY C 286 51.25 -23.51 -59.24
N SER C 287 50.34 -23.26 -60.19
CA SER C 287 50.67 -22.63 -61.46
C SER C 287 50.18 -21.19 -61.54
N MET C 288 50.35 -20.60 -62.71
CA MET C 288 49.97 -19.21 -62.90
C MET C 288 48.47 -19.02 -62.75
N VAL C 289 48.09 -17.95 -62.06
CA VAL C 289 46.69 -17.62 -61.84
C VAL C 289 46.12 -16.92 -63.06
N THR C 290 44.80 -17.03 -63.24
CA THR C 290 44.08 -16.28 -64.24
C THR C 290 42.79 -15.73 -63.66
N SER C 291 42.38 -14.58 -64.19
CA SER C 291 41.08 -14.04 -63.84
C SER C 291 39.95 -14.99 -64.25
N ASP C 292 40.20 -15.83 -65.23
CA ASP C 292 39.13 -16.63 -65.78
C ASP C 292 38.69 -17.70 -64.81
N ALA C 293 39.64 -18.35 -64.18
CA ALA C 293 39.27 -19.45 -63.34
C ALA C 293 38.46 -19.01 -62.14
N GLN C 294 38.36 -17.73 -61.90
CA GLN C 294 37.67 -17.25 -60.71
C GLN C 294 36.26 -17.76 -60.65
N ILE C 295 35.92 -18.38 -59.54
CA ILE C 295 34.57 -18.87 -59.32
C ILE C 295 33.82 -17.77 -58.60
N PHE C 296 34.49 -16.68 -58.33
CA PHE C 296 33.92 -15.66 -57.49
C PHE C 296 33.33 -14.56 -58.32
N ASN C 297 32.73 -13.61 -57.61
CA ASN C 297 32.22 -12.39 -58.22
C ASN C 297 31.24 -12.68 -59.33
N LYS C 298 30.58 -13.82 -59.25
CA LYS C 298 29.57 -14.11 -60.23
C LYS C 298 28.36 -14.75 -59.59
N PRO C 299 27.16 -14.35 -60.02
CA PRO C 299 25.94 -14.86 -59.40
C PRO C 299 25.74 -16.31 -59.77
N TYR C 300 24.98 -16.98 -58.92
CA TYR C 300 24.64 -18.35 -59.16
C TYR C 300 23.15 -18.51 -59.06
N TRP C 301 22.67 -19.54 -59.74
CA TRP C 301 21.25 -19.73 -59.83
C TRP C 301 20.94 -21.19 -59.59
N LEU C 302 20.26 -21.43 -58.50
CA LEU C 302 19.92 -22.76 -58.08
C LEU C 302 18.44 -22.96 -58.27
N GLN C 303 18.06 -24.02 -58.98
CA GLN C 303 16.67 -24.42 -58.95
C GLN C 303 16.60 -25.90 -58.62
N ARG C 304 17.19 -26.74 -59.45
CA ARG C 304 17.23 -28.15 -59.17
C ARG C 304 18.59 -28.51 -58.60
N ALA C 305 18.58 -29.16 -57.44
CA ALA C 305 19.78 -29.58 -56.74
C ALA C 305 19.76 -31.08 -56.55
N GLN C 306 20.94 -31.65 -56.35
CA GLN C 306 21.03 -33.09 -56.29
C GLN C 306 20.29 -33.65 -55.10
N GLY C 307 20.43 -33.02 -53.94
CA GLY C 307 19.68 -33.45 -52.79
C GLY C 307 18.21 -33.10 -52.95
N HIS C 308 17.35 -33.95 -52.38
CA HIS C 308 15.93 -33.65 -52.40
C HIS C 308 15.64 -32.31 -51.75
N ASN C 309 16.48 -31.89 -50.79
CA ASN C 309 16.45 -30.52 -50.29
C ASN C 309 16.66 -29.58 -51.45
N ASN C 310 15.72 -28.69 -51.64
CA ASN C 310 15.88 -27.65 -52.63
C ASN C 310 15.95 -26.36 -51.86
N GLY C 311 17.15 -25.83 -51.69
CA GLY C 311 17.31 -24.48 -51.18
C GLY C 311 16.60 -24.26 -49.86
N ILE C 312 16.18 -25.33 -49.21
CA ILE C 312 15.46 -25.18 -47.96
C ILE C 312 16.45 -25.05 -46.84
N CYS C 313 16.28 -24.03 -46.03
CA CYS C 313 17.17 -23.82 -44.91
C CYS C 313 16.38 -23.94 -43.63
N TRP C 314 16.63 -25.02 -42.92
CA TRP C 314 15.92 -25.27 -41.71
C TRP C 314 16.57 -24.55 -40.54
N GLY C 315 15.74 -24.15 -39.58
CA GLY C 315 16.23 -23.52 -38.37
C GLY C 315 16.73 -22.10 -38.55
N ASN C 316 16.09 -21.32 -39.43
CA ASN C 316 16.48 -19.95 -39.73
C ASN C 316 17.98 -19.86 -39.98
N GLN C 317 18.52 -20.92 -40.59
CA GLN C 317 19.93 -21.20 -40.51
C GLN C 317 20.47 -21.62 -41.86
N LEU C 318 21.61 -21.05 -42.22
CA LEU C 318 22.22 -21.30 -43.52
C LEU C 318 23.72 -21.21 -43.39
N PHE C 319 24.40 -22.05 -44.17
CA PHE C 319 25.84 -22.16 -44.06
C PHE C 319 26.50 -21.85 -45.39
N VAL C 320 27.75 -21.43 -45.28
CA VAL C 320 28.61 -21.24 -46.42
C VAL C 320 30.02 -21.63 -46.04
N THR C 321 30.70 -22.29 -46.96
CA THR C 321 32.10 -22.61 -46.78
C THR C 321 32.87 -22.16 -48.00
N VAL C 322 34.00 -21.55 -47.77
CA VAL C 322 34.76 -20.91 -48.82
C VAL C 322 36.22 -21.25 -48.66
N VAL C 323 36.86 -21.56 -49.78
CA VAL C 323 38.30 -21.80 -49.81
C VAL C 323 38.88 -21.14 -51.07
N ASP C 324 39.87 -20.28 -50.88
CA ASP C 324 40.52 -19.57 -51.99
C ASP C 324 42.01 -19.41 -51.73
N THR C 325 42.83 -19.79 -52.71
CA THR C 325 44.28 -19.63 -52.66
C THR C 325 44.80 -18.45 -53.46
N THR C 326 43.93 -17.76 -54.19
CA THR C 326 44.40 -16.82 -55.20
C THR C 326 44.82 -15.48 -54.65
N ARG C 327 44.24 -15.09 -53.53
CA ARG C 327 44.54 -13.82 -52.87
C ARG C 327 45.62 -13.99 -51.79
N SER C 328 46.29 -15.15 -51.75
CA SER C 328 47.08 -15.59 -50.60
C SER C 328 48.28 -14.70 -50.26
N THR C 329 48.56 -13.68 -51.07
CA THR C 329 49.77 -12.87 -50.87
C THR C 329 49.88 -12.35 -49.44
N ASN C 330 51.06 -12.56 -48.86
CA ASN C 330 51.39 -12.04 -47.53
C ASN C 330 52.32 -10.84 -47.70
N MET C 331 51.91 -9.70 -47.19
CA MET C 331 52.75 -8.52 -47.26
C MET C 331 53.77 -8.52 -46.12
N SER C 332 54.93 -7.96 -46.41
CA SER C 332 56.03 -7.89 -45.44
C SER C 332 56.46 -6.44 -45.29
N LEU C 333 56.43 -5.95 -44.07
CA LEU C 333 56.87 -4.59 -43.77
C LEU C 333 58.03 -4.66 -42.79
N CYS C 334 58.75 -3.55 -42.72
CA CYS C 334 59.92 -3.47 -41.85
C CYS C 334 59.86 -2.17 -41.07
N ALA C 335 60.24 -2.24 -39.81
CA ALA C 335 60.29 -1.07 -38.96
C ALA C 335 61.66 -0.98 -38.29
N ALA C 336 62.21 0.25 -38.22
CA ALA C 336 63.63 0.48 -37.98
C ALA C 336 63.90 0.93 -36.55
N ILE C 337 64.71 0.14 -35.83
CA ILE C 337 64.85 0.41 -34.40
C ILE C 337 65.65 1.65 -34.17
N SER C 338 66.39 2.10 -35.17
CA SER C 338 67.08 3.36 -35.09
C SER C 338 66.91 4.07 -36.42
N THR C 339 66.28 5.23 -36.38
CA THR C 339 66.11 6.07 -37.56
C THR C 339 67.31 6.98 -37.78
N SER C 340 68.34 6.86 -36.96
CA SER C 340 69.48 7.78 -36.99
C SER C 340 70.52 7.36 -38.03
N GLU C 341 71.16 6.21 -37.81
CA GLU C 341 72.35 5.86 -38.57
C GLU C 341 72.10 5.85 -40.07
N THR C 342 73.08 6.34 -40.81
CA THR C 342 73.01 6.41 -42.26
C THR C 342 73.68 5.22 -42.93
N THR C 343 74.14 4.26 -42.15
CA THR C 343 74.67 3.02 -42.70
C THR C 343 73.63 1.93 -42.49
N TYR C 344 73.35 1.18 -43.55
CA TYR C 344 72.40 0.09 -43.43
C TYR C 344 72.92 -0.94 -42.43
N LYS C 345 72.09 -1.21 -41.43
CA LYS C 345 72.40 -2.22 -40.45
C LYS C 345 71.26 -3.21 -40.47
N ASN C 346 71.60 -4.47 -40.74
CA ASN C 346 70.60 -5.48 -40.53
C ASN C 346 69.96 -5.27 -39.18
N THR C 347 70.78 -5.10 -38.14
CA THR C 347 70.34 -5.01 -36.76
C THR C 347 69.28 -3.94 -36.53
N ASN C 348 69.04 -3.06 -37.49
CA ASN C 348 68.15 -1.93 -37.26
C ASN C 348 66.68 -2.24 -37.48
N PHE C 349 66.32 -3.37 -38.09
CA PHE C 349 64.97 -3.55 -38.59
C PHE C 349 64.26 -4.72 -37.96
N LYS C 350 62.97 -4.56 -37.75
CA LYS C 350 62.17 -5.60 -37.18
C LYS C 350 61.16 -6.07 -38.22
N GLU C 351 61.38 -7.26 -38.75
CA GLU C 351 60.60 -7.73 -39.88
C GLU C 351 59.34 -8.43 -39.41
N TYR C 352 58.29 -8.25 -40.20
CA TYR C 352 56.94 -8.43 -39.73
C TYR C 352 56.11 -9.05 -40.86
N LEU C 353 55.11 -9.84 -40.50
CA LEU C 353 54.28 -10.54 -41.48
C LEU C 353 52.82 -10.41 -41.10
N ARG C 354 52.03 -9.83 -41.99
CA ARG C 354 50.59 -9.74 -41.79
C ARG C 354 49.91 -10.08 -43.12
N HIS C 355 48.64 -10.47 -43.03
CA HIS C 355 47.91 -10.94 -44.20
C HIS C 355 46.48 -10.44 -44.19
N GLY C 356 46.02 -9.93 -45.34
CA GLY C 356 44.69 -9.35 -45.44
C GLY C 356 43.65 -10.35 -45.91
N GLU C 357 42.39 -10.05 -45.56
CA GLU C 357 41.26 -10.90 -45.91
C GLU C 357 40.05 -10.06 -46.24
N GLU C 358 39.32 -10.46 -47.28
CA GLU C 358 38.14 -9.70 -47.67
C GLU C 358 37.02 -10.65 -48.03
N TYR C 359 35.89 -10.49 -47.35
CA TYR C 359 34.72 -11.29 -47.61
C TYR C 359 33.51 -10.38 -47.75
N ASP C 360 32.54 -10.87 -48.54
CA ASP C 360 31.21 -10.31 -48.48
C ASP C 360 30.21 -11.32 -48.99
N LEU C 361 28.96 -11.10 -48.61
CA LEU C 361 27.89 -12.01 -48.95
C LEU C 361 26.70 -11.20 -49.37
N GLN C 362 26.06 -11.66 -50.44
CA GLN C 362 24.80 -11.09 -50.90
C GLN C 362 23.87 -12.23 -51.22
N PHE C 363 22.71 -12.24 -50.61
CA PHE C 363 21.89 -13.43 -50.61
C PHE C 363 20.48 -13.14 -51.02
N ILE C 364 20.02 -13.91 -51.90
CA ILE C 364 18.64 -13.89 -52.35
C ILE C 364 17.88 -14.94 -51.59
N PHE C 365 16.63 -14.65 -51.33
CA PHE C 365 15.80 -15.67 -50.71
C PHE C 365 14.38 -15.63 -51.23
N GLN C 366 13.83 -16.82 -51.35
CA GLN C 366 12.41 -17.02 -51.52
C GLN C 366 11.78 -17.38 -50.20
N LEU C 367 10.56 -16.97 -50.05
CA LEU C 367 9.78 -17.33 -48.90
C LEU C 367 8.92 -18.54 -49.23
N CYS C 368 8.72 -19.40 -48.23
CA CYS C 368 7.87 -20.56 -48.44
C CYS C 368 7.09 -20.89 -47.17
N LYS C 369 5.92 -21.45 -47.39
CA LYS C 369 4.97 -21.83 -46.36
C LYS C 369 4.80 -23.33 -46.34
N ILE C 370 4.36 -23.85 -45.21
CA ILE C 370 4.11 -25.28 -45.05
C ILE C 370 2.70 -25.48 -44.55
N THR C 371 1.91 -26.22 -45.31
CA THR C 371 0.66 -26.71 -44.78
C THR C 371 0.94 -27.89 -43.86
N LEU C 372 0.11 -28.05 -42.84
CA LEU C 372 0.38 -29.05 -41.82
C LEU C 372 -0.73 -30.10 -41.80
N THR C 373 -0.33 -31.37 -41.84
CA THR C 373 -1.15 -32.48 -41.41
C THR C 373 -0.28 -33.39 -40.58
N ALA C 374 -0.88 -34.48 -40.14
CA ALA C 374 -0.11 -35.46 -39.41
C ALA C 374 1.08 -35.89 -40.24
N ASP C 375 0.79 -36.40 -41.44
CA ASP C 375 1.84 -36.88 -42.31
C ASP C 375 2.95 -35.88 -42.38
N VAL C 376 2.56 -34.64 -42.59
CA VAL C 376 3.48 -33.55 -42.51
C VAL C 376 4.23 -33.72 -41.22
N MET C 377 3.54 -33.42 -40.15
CA MET C 377 4.19 -33.38 -38.87
C MET C 377 5.03 -34.61 -38.68
N THR C 378 4.44 -35.73 -39.02
CA THR C 378 5.15 -36.99 -38.87
C THR C 378 6.51 -36.91 -39.54
N TYR C 379 6.48 -36.63 -40.82
CA TYR C 379 7.68 -36.79 -41.60
C TYR C 379 8.78 -35.93 -41.04
N ILE C 380 8.45 -34.68 -40.83
CA ILE C 380 9.44 -33.78 -40.28
C ILE C 380 9.90 -34.30 -38.94
N HIS C 381 8.94 -34.53 -38.05
CA HIS C 381 9.29 -35.02 -36.74
C HIS C 381 10.24 -36.17 -36.90
N SER C 382 9.92 -37.04 -37.85
CA SER C 382 10.85 -38.10 -38.19
C SER C 382 12.15 -37.52 -38.66
N MET C 383 12.10 -36.64 -39.62
CA MET C 383 13.33 -36.08 -40.12
C MET C 383 14.14 -35.44 -39.00
N ASN C 384 13.66 -34.32 -38.50
CA ASN C 384 14.23 -33.73 -37.30
C ASN C 384 13.09 -33.16 -36.50
N SER C 385 13.04 -33.52 -35.22
CA SER C 385 11.98 -32.98 -34.37
C SER C 385 12.30 -31.60 -33.83
N THR C 386 13.58 -31.28 -33.67
CA THR C 386 13.98 -30.04 -33.01
C THR C 386 13.32 -28.83 -33.64
N ILE C 387 13.26 -28.82 -34.97
CA ILE C 387 12.65 -27.72 -35.68
C ILE C 387 11.26 -27.44 -35.18
N LEU C 388 10.51 -28.49 -34.96
CA LEU C 388 9.18 -28.35 -34.43
C LEU C 388 9.17 -27.67 -33.08
N GLU C 389 10.27 -27.76 -32.34
CA GLU C 389 10.34 -27.21 -31.00
C GLU C 389 10.53 -25.71 -31.03
N ASP C 390 11.54 -25.26 -31.78
CA ASP C 390 11.66 -23.84 -32.00
C ASP C 390 10.36 -23.33 -32.57
N TRP C 391 9.76 -24.16 -33.39
CA TRP C 391 8.42 -23.97 -33.82
C TRP C 391 7.46 -24.19 -32.67
N ASN C 392 6.27 -23.65 -32.81
CA ASN C 392 5.27 -23.83 -31.79
C ASN C 392 4.46 -25.09 -32.01
N PHE C 393 4.87 -25.91 -32.96
CA PHE C 393 4.12 -27.03 -33.49
C PHE C 393 2.81 -26.60 -34.10
N GLY C 394 2.62 -25.30 -34.33
CA GLY C 394 1.44 -24.68 -34.92
C GLY C 394 0.35 -24.92 -33.91
N LEU C 395 0.44 -26.12 -33.34
CA LEU C 395 -0.17 -26.54 -32.09
C LEU C 395 0.37 -27.87 -31.54
N GLN C 396 0.54 -28.02 -30.22
CA GLN C 396 0.67 -29.38 -29.70
C GLN C 396 -0.64 -30.22 -29.75
N PRO C 397 -1.75 -29.87 -29.07
CA PRO C 397 -3.13 -30.45 -29.38
C PRO C 397 -3.73 -29.90 -30.67
N PRO C 398 -5.03 -29.54 -30.73
CA PRO C 398 -5.45 -28.36 -31.60
C PRO C 398 -5.55 -26.95 -31.00
N PRO C 399 -5.77 -26.67 -29.59
CA PRO C 399 -5.52 -25.32 -29.03
C PRO C 399 -4.36 -25.03 -28.04
N GLY C 400 -3.12 -25.26 -28.45
CA GLY C 400 -1.95 -24.54 -27.96
C GLY C 400 -1.38 -24.95 -26.63
N GLY C 401 -1.38 -26.24 -26.34
CA GLY C 401 -1.04 -26.70 -25.00
C GLY C 401 0.23 -26.08 -24.47
N THR C 402 0.18 -25.71 -23.20
CA THR C 402 1.27 -25.00 -22.58
C THR C 402 1.67 -25.69 -21.28
N LEU C 403 2.91 -25.43 -20.88
CA LEU C 403 3.68 -26.28 -20.00
C LEU C 403 3.77 -25.81 -18.55
N GLU C 404 2.90 -24.89 -18.11
CA GLU C 404 3.09 -24.21 -16.83
C GLU C 404 4.33 -23.36 -16.93
N ASP C 405 4.17 -22.22 -17.58
CA ASP C 405 5.22 -21.51 -18.29
C ASP C 405 6.17 -20.77 -17.35
N THR C 406 6.97 -19.88 -17.96
CA THR C 406 8.36 -19.60 -17.62
C THR C 406 8.61 -18.36 -16.77
N TYR C 407 7.58 -17.60 -16.42
CA TYR C 407 7.79 -16.21 -16.03
C TYR C 407 8.88 -16.08 -14.98
N ARG C 408 9.77 -15.14 -15.21
CA ARG C 408 11.12 -15.22 -14.68
C ARG C 408 11.41 -14.10 -13.69
N PHE C 409 12.39 -14.38 -12.86
CA PHE C 409 12.91 -13.46 -11.86
C PHE C 409 14.15 -12.73 -12.31
N VAL C 410 14.55 -12.92 -13.55
CA VAL C 410 15.91 -12.69 -13.93
C VAL C 410 16.23 -11.26 -14.31
N THR C 411 15.68 -10.83 -15.44
CA THR C 411 16.52 -10.26 -16.47
C THR C 411 17.71 -9.43 -15.95
N SER C 412 17.53 -8.65 -14.89
CA SER C 412 18.66 -8.07 -14.17
C SER C 412 18.47 -8.37 -12.70
N GLN C 413 19.34 -9.22 -12.19
CA GLN C 413 19.27 -9.75 -10.86
C GLN C 413 20.25 -9.03 -9.91
N ALA C 414 20.49 -9.66 -8.76
CA ALA C 414 21.03 -9.05 -7.54
C ALA C 414 22.55 -9.20 -7.32
N ILE C 415 23.30 -9.75 -8.27
CA ILE C 415 24.75 -9.95 -8.11
C ILE C 415 24.98 -10.89 -6.92
N ALA C 416 24.54 -12.12 -7.10
CA ALA C 416 24.95 -13.35 -6.45
C ALA C 416 25.56 -14.29 -7.48
N CYS C 417 24.82 -14.50 -8.56
CA CYS C 417 25.34 -14.99 -9.83
C CYS C 417 25.70 -16.43 -9.92
N GLN C 418 24.91 -17.25 -9.28
CA GLN C 418 24.53 -18.48 -9.94
C GLN C 418 23.17 -18.10 -10.50
N LYS C 419 22.82 -16.88 -10.13
CA LYS C 419 21.78 -16.10 -10.76
C LYS C 419 22.52 -15.13 -11.67
N HIS C 420 22.35 -15.26 -12.98
CA HIS C 420 23.44 -15.71 -13.84
C HIS C 420 24.86 -15.29 -13.54
N THR C 421 25.68 -16.29 -13.25
CA THR C 421 26.76 -16.67 -14.13
C THR C 421 26.27 -17.55 -15.30
N PRO C 422 25.28 -18.43 -15.11
CA PRO C 422 24.83 -19.32 -16.20
C PRO C 422 23.69 -18.75 -17.04
N PRO C 423 23.97 -17.94 -18.08
CA PRO C 423 22.98 -17.70 -19.14
C PRO C 423 22.74 -18.93 -20.00
N ALA C 424 22.30 -18.71 -21.24
CA ALA C 424 21.36 -19.54 -22.00
C ALA C 424 21.56 -21.04 -21.89
N PRO C 425 20.55 -21.73 -21.39
CA PRO C 425 20.43 -23.18 -21.52
C PRO C 425 20.01 -23.58 -22.92
N LYS C 426 19.51 -24.80 -23.05
CA LYS C 426 19.32 -25.45 -24.36
C LYS C 426 20.73 -25.56 -24.92
N GLU C 427 20.95 -25.24 -26.19
CA GLU C 427 22.24 -25.38 -26.86
C GLU C 427 22.09 -24.80 -28.25
N ASP C 428 23.23 -24.47 -28.83
CA ASP C 428 23.47 -24.74 -30.23
C ASP C 428 24.26 -26.03 -30.25
N PRO C 429 23.69 -27.14 -30.67
CA PRO C 429 24.27 -28.45 -30.32
C PRO C 429 25.71 -28.55 -30.74
N LEU C 430 26.09 -27.67 -31.65
CA LEU C 430 27.45 -27.58 -32.12
C LEU C 430 28.26 -26.57 -31.35
N LYS C 431 27.69 -26.01 -30.28
CA LYS C 431 28.36 -24.94 -29.54
C LYS C 431 29.82 -25.27 -29.26
N LYS C 432 30.14 -26.54 -29.07
CA LYS C 432 31.55 -26.93 -28.97
C LYS C 432 32.33 -26.50 -30.21
N TYR C 433 31.73 -26.68 -31.36
CA TYR C 433 32.43 -26.36 -32.59
C TYR C 433 32.51 -24.87 -32.80
N THR C 434 33.73 -24.40 -33.04
CA THR C 434 33.99 -22.99 -33.21
C THR C 434 34.10 -22.66 -34.69
N PHE C 435 33.56 -21.51 -35.06
CA PHE C 435 33.63 -21.03 -36.44
C PHE C 435 33.01 -19.65 -36.52
N TRP C 436 33.23 -18.99 -37.66
CA TRP C 436 32.94 -17.58 -37.81
C TRP C 436 31.45 -17.30 -37.78
N GLU C 437 31.09 -16.07 -37.41
CA GLU C 437 29.71 -15.70 -37.18
C GLU C 437 29.41 -14.33 -37.74
N VAL C 438 28.16 -14.19 -38.19
CA VAL C 438 27.60 -12.92 -38.63
C VAL C 438 26.10 -12.95 -38.34
N ASN C 439 25.52 -11.78 -38.11
CA ASN C 439 24.07 -11.64 -38.03
C ASN C 439 23.58 -10.71 -39.11
N LEU C 440 22.66 -11.20 -39.92
CA LEU C 440 22.00 -10.34 -40.88
C LEU C 440 20.65 -9.87 -40.43
N LYS C 441 20.15 -10.36 -39.31
CA LYS C 441 18.72 -10.37 -39.12
C LYS C 441 18.09 -8.98 -39.21
N GLU C 442 18.88 -7.92 -39.16
CA GLU C 442 18.32 -6.58 -39.33
C GLU C 442 18.41 -6.08 -40.76
N LYS C 443 19.04 -6.82 -41.65
CA LYS C 443 19.53 -6.28 -42.89
C LYS C 443 18.58 -6.44 -44.07
N PHE C 444 17.40 -7.01 -43.89
CA PHE C 444 16.59 -7.34 -45.05
C PHE C 444 16.09 -6.10 -45.75
N SER C 445 15.76 -6.27 -47.03
CA SER C 445 15.07 -5.24 -47.77
C SER C 445 13.94 -5.88 -48.55
N ALA C 446 12.86 -5.13 -48.68
CA ALA C 446 11.72 -5.52 -49.49
C ALA C 446 11.85 -5.04 -50.93
N ASP C 447 12.92 -4.34 -51.27
CA ASP C 447 13.13 -3.85 -52.62
C ASP C 447 14.50 -4.25 -53.10
N LEU C 448 14.54 -4.99 -54.18
CA LEU C 448 15.81 -5.44 -54.71
C LEU C 448 16.48 -4.38 -55.54
N ASP C 449 15.67 -3.52 -56.13
CA ASP C 449 16.18 -2.55 -57.08
C ASP C 449 17.41 -1.88 -56.55
N GLN C 450 17.39 -1.52 -55.28
CA GLN C 450 18.45 -0.72 -54.74
C GLN C 450 19.81 -1.39 -54.80
N PHE C 451 19.86 -2.67 -55.14
CA PHE C 451 21.09 -3.38 -54.87
C PHE C 451 21.75 -3.85 -56.14
N PRO C 452 23.07 -3.98 -56.14
CA PRO C 452 23.76 -4.37 -57.38
C PRO C 452 23.32 -5.71 -57.85
N LEU C 453 23.31 -6.67 -56.94
CA LEU C 453 22.99 -8.01 -57.33
C LEU C 453 21.55 -8.13 -57.76
N GLY C 454 20.66 -7.48 -57.00
CA GLY C 454 19.26 -7.81 -57.09
C GLY C 454 18.72 -7.69 -58.51
N ARG C 455 18.97 -6.56 -59.12
CA ARG C 455 18.42 -6.35 -60.46
C ARG C 455 18.75 -7.50 -61.40
N LYS C 456 19.90 -8.12 -61.23
CA LYS C 456 20.21 -9.27 -62.04
C LYS C 456 19.16 -10.32 -61.87
N PHE C 457 18.82 -10.60 -60.63
CA PHE C 457 17.73 -11.51 -60.36
C PHE C 457 16.53 -11.13 -61.20
N LEU C 458 16.14 -9.86 -61.12
CA LEU C 458 15.18 -9.36 -62.08
C LEU C 458 15.66 -9.70 -63.47
N LEU C 459 16.78 -9.10 -63.84
CA LEU C 459 17.23 -9.18 -65.20
C LEU C 459 17.16 -10.59 -65.72
N GLN C 460 17.72 -11.51 -64.95
CA GLN C 460 17.73 -12.89 -65.42
C GLN C 460 16.32 -13.41 -65.59
N ALA C 461 15.44 -13.09 -64.67
CA ALA C 461 14.06 -13.49 -64.82
C ALA C 461 13.24 -12.45 -65.54
N GLY C 462 13.84 -11.30 -65.85
CA GLY C 462 13.09 -10.17 -66.36
C GLY C 462 12.43 -9.49 -65.18
N LEU C 463 12.16 -8.18 -65.24
CA LEU C 463 11.40 -7.60 -64.14
C LEU C 463 9.89 -7.60 -64.36
N LYS C 464 9.42 -7.66 -65.60
CA LYS C 464 8.03 -7.50 -66.06
C LYS C 464 7.47 -6.13 -65.75
N ALA C 465 7.78 -5.67 -64.54
CA ALA C 465 7.45 -4.43 -63.85
C ALA C 465 7.75 -4.87 -62.44
N LYS C 466 7.89 -4.02 -61.43
CA LYS C 466 7.95 -4.70 -60.15
C LYS C 466 6.67 -4.51 -59.36
N PRO C 467 5.76 -5.48 -59.36
CA PRO C 467 4.71 -5.50 -58.34
C PRO C 467 5.09 -6.41 -57.19
N LYS C 468 4.17 -6.53 -56.23
CA LYS C 468 4.21 -7.47 -55.11
C LYS C 468 5.58 -8.09 -54.79
N LYS D 9 -2.10 -22.40 -25.54
CA LYS D 9 -3.30 -21.61 -25.70
C LYS D 9 -4.38 -22.05 -24.78
N VAL D 10 -4.17 -21.77 -23.51
CA VAL D 10 -5.17 -22.01 -22.48
C VAL D 10 -6.43 -21.25 -22.88
N VAL D 11 -7.56 -21.80 -22.48
CA VAL D 11 -8.84 -21.16 -22.72
C VAL D 11 -9.53 -21.10 -21.38
N SER D 12 -10.59 -20.32 -21.31
CA SER D 12 -11.41 -20.36 -20.12
C SER D 12 -11.81 -21.80 -19.86
N THR D 13 -12.01 -22.10 -18.60
CA THR D 13 -12.69 -23.33 -18.30
C THR D 13 -14.02 -23.37 -19.02
N ASP D 14 -14.77 -22.30 -18.92
CA ASP D 14 -16.17 -22.37 -19.26
C ASP D 14 -16.38 -22.48 -20.73
N GLU D 15 -15.31 -22.38 -21.50
CA GLU D 15 -15.32 -22.73 -22.91
C GLU D 15 -16.03 -24.05 -23.05
N TYR D 16 -15.39 -25.08 -22.55
CA TYR D 16 -15.93 -26.42 -22.61
C TYR D 16 -16.93 -26.70 -21.52
N VAL D 17 -16.84 -25.95 -20.40
CA VAL D 17 -17.55 -26.31 -19.20
C VAL D 17 -19.04 -26.51 -19.45
N ALA D 18 -19.62 -27.52 -18.78
CA ALA D 18 -21.05 -27.77 -18.78
C ALA D 18 -21.59 -27.75 -17.36
N ARG D 19 -22.44 -26.76 -17.10
CA ARG D 19 -22.96 -26.46 -15.78
C ARG D 19 -23.90 -27.53 -15.27
N THR D 20 -24.14 -27.50 -13.98
CA THR D 20 -25.38 -28.04 -13.47
C THR D 20 -26.31 -26.89 -13.12
N ASN D 21 -27.51 -27.25 -12.71
CA ASN D 21 -28.44 -26.37 -12.04
C ASN D 21 -28.34 -26.51 -10.51
N ILE D 22 -27.36 -27.21 -10.01
CA ILE D 22 -27.55 -27.88 -8.74
C ILE D 22 -26.40 -27.64 -7.78
N TYR D 23 -26.75 -27.57 -6.49
CA TYR D 23 -25.91 -26.97 -5.49
C TYR D 23 -26.06 -27.70 -4.17
N TYR D 24 -24.97 -27.75 -3.43
CA TYR D 24 -24.99 -28.20 -2.06
C TYR D 24 -24.11 -27.30 -1.24
N HIS D 25 -24.20 -27.50 0.05
CA HIS D 25 -23.31 -26.72 0.86
C HIS D 25 -22.88 -27.50 2.07
N ALA D 26 -21.76 -27.05 2.64
CA ALA D 26 -21.34 -27.49 3.94
C ALA D 26 -20.70 -26.32 4.66
N GLY D 27 -20.67 -26.42 5.98
CA GLY D 27 -19.93 -25.46 6.77
C GLY D 27 -19.39 -26.22 7.94
N THR D 28 -18.31 -25.71 8.51
CA THR D 28 -17.59 -26.58 9.43
C THR D 28 -18.42 -26.74 10.68
N SER D 29 -17.88 -27.48 11.64
CA SER D 29 -18.38 -27.19 12.96
C SER D 29 -18.07 -25.73 13.10
N ARG D 30 -16.79 -25.45 13.25
CA ARG D 30 -16.29 -24.14 13.62
C ARG D 30 -14.78 -24.29 13.66
N LEU D 31 -14.10 -23.34 14.33
CA LEU D 31 -12.73 -23.64 14.80
C LEU D 31 -12.51 -23.49 16.30
N LEU D 32 -12.21 -24.63 16.94
CA LEU D 32 -11.55 -24.72 18.23
C LEU D 32 -10.05 -24.59 18.02
N ALA D 33 -9.48 -23.51 18.53
CA ALA D 33 -8.04 -23.35 18.41
C ALA D 33 -7.49 -22.43 19.49
N VAL D 34 -6.28 -22.74 19.95
CA VAL D 34 -5.59 -22.01 21.01
C VAL D 34 -4.08 -22.29 20.91
N GLY D 35 -3.28 -21.49 21.59
CA GLY D 35 -1.96 -21.98 22.00
C GLY D 35 -0.97 -20.86 22.22
N HIS D 36 0.24 -21.23 22.63
CA HIS D 36 1.04 -20.24 23.33
C HIS D 36 1.71 -19.25 22.38
N PRO D 37 1.77 -18.01 22.86
CA PRO D 37 2.34 -16.91 22.05
C PRO D 37 3.76 -17.12 21.57
N TYR D 38 4.62 -17.71 22.41
CA TYR D 38 6.04 -17.49 22.32
C TYR D 38 6.81 -18.71 21.86
N PHE D 39 6.83 -19.78 22.61
CA PHE D 39 7.45 -20.96 22.03
C PHE D 39 6.71 -22.21 22.52
N PRO D 40 6.83 -23.30 21.77
CA PRO D 40 6.09 -24.51 22.11
C PRO D 40 6.72 -25.27 23.26
N ILE D 41 5.93 -26.15 23.85
CA ILE D 41 6.30 -26.81 25.10
C ILE D 41 6.76 -28.20 24.80
N LYS D 42 7.75 -28.67 25.54
CA LYS D 42 8.21 -30.03 25.45
C LYS D 42 8.95 -30.40 26.72
N LYS D 43 9.18 -31.69 26.90
CA LYS D 43 10.00 -32.15 28.01
C LYS D 43 11.44 -31.67 27.85
N PRO D 44 12.05 -31.10 28.90
CA PRO D 44 13.31 -30.36 28.70
C PRO D 44 14.42 -31.23 28.16
N ASN D 45 14.64 -32.38 28.77
CA ASN D 45 15.55 -33.34 28.17
C ASN D 45 15.11 -33.69 26.77
N ASN D 46 13.80 -33.75 26.57
CA ASN D 46 13.23 -34.38 25.40
C ASN D 46 13.13 -33.38 24.26
N ASN D 47 12.79 -33.90 23.10
CA ASN D 47 12.23 -33.09 22.04
C ASN D 47 10.73 -33.24 21.93
N LYS D 48 10.10 -34.07 22.75
CA LYS D 48 8.68 -34.32 22.56
C LYS D 48 7.90 -33.15 23.13
N ILE D 49 7.10 -32.54 22.26
CA ILE D 49 6.42 -31.32 22.59
C ILE D 49 5.23 -31.58 23.50
N LEU D 50 5.19 -30.87 24.63
CA LEU D 50 3.97 -30.85 25.41
C LEU D 50 2.86 -30.08 24.70
N VAL D 51 3.12 -28.81 24.40
CA VAL D 51 2.04 -27.96 23.93
C VAL D 51 2.56 -26.99 22.88
N PRO D 52 1.79 -26.74 21.82
CA PRO D 52 2.23 -25.83 20.78
C PRO D 52 2.21 -24.38 21.22
N LYS D 53 3.31 -23.71 20.94
CA LYS D 53 3.23 -22.30 20.63
C LYS D 53 2.18 -22.10 19.55
N VAL D 54 1.23 -21.22 19.79
CA VAL D 54 0.27 -20.88 18.76
C VAL D 54 0.09 -19.39 18.74
N SER D 55 0.05 -18.84 17.54
CA SER D 55 0.02 -17.42 17.28
C SER D 55 -0.81 -17.17 16.05
N GLY D 56 -1.41 -16.01 16.02
CA GLY D 56 -1.77 -15.44 14.76
C GLY D 56 -0.57 -15.33 13.83
N LEU D 57 0.58 -14.88 14.36
CA LEU D 57 1.75 -14.68 13.50
C LEU D 57 2.11 -15.93 12.73
N GLN D 58 1.66 -17.06 13.19
CA GLN D 58 1.72 -18.28 12.43
C GLN D 58 0.74 -18.22 11.26
N TYR D 59 1.25 -18.41 10.05
CA TYR D 59 0.43 -18.20 8.86
C TYR D 59 -0.77 -19.14 8.86
N ARG D 60 -1.87 -18.63 8.31
CA ARG D 60 -3.18 -19.19 8.61
C ARG D 60 -3.86 -19.76 7.38
N VAL D 61 -3.76 -21.07 7.28
CA VAL D 61 -3.83 -21.78 6.01
C VAL D 61 -4.55 -23.08 6.29
N PHE D 62 -5.53 -23.40 5.47
CA PHE D 62 -6.43 -24.52 5.74
C PHE D 62 -6.90 -25.04 4.39
N ARG D 63 -7.24 -26.31 4.31
CA ARG D 63 -7.36 -26.98 3.03
C ARG D 63 -8.42 -28.06 3.09
N ILE D 64 -8.90 -28.44 1.91
CA ILE D 64 -10.28 -28.86 1.73
C ILE D 64 -10.32 -30.33 1.39
N HIS D 65 -11.23 -31.07 2.01
CA HIS D 65 -11.31 -32.49 1.72
C HIS D 65 -12.75 -32.94 1.63
N LEU D 66 -13.07 -33.51 0.49
CA LEU D 66 -14.41 -33.57 -0.04
C LEU D 66 -14.66 -34.85 -0.81
N PRO D 67 -15.89 -35.30 -0.87
CA PRO D 67 -16.19 -36.51 -1.62
C PRO D 67 -16.18 -36.24 -3.10
N ASP D 68 -15.74 -37.22 -3.85
CA ASP D 68 -16.13 -37.28 -5.23
C ASP D 68 -17.63 -37.12 -5.35
N PRO D 69 -18.10 -36.13 -6.08
CA PRO D 69 -19.54 -36.09 -6.38
C PRO D 69 -20.01 -37.35 -7.08
N ASN D 70 -19.23 -37.81 -8.04
CA ASN D 70 -19.58 -38.98 -8.82
C ASN D 70 -19.88 -40.16 -7.93
N LYS D 71 -19.38 -40.17 -6.70
CA LYS D 71 -19.77 -41.18 -5.75
C LYS D 71 -21.27 -41.27 -5.59
N PHE D 72 -21.92 -40.18 -5.20
CA PHE D 72 -23.36 -40.18 -5.05
C PHE D 72 -23.96 -40.40 -6.42
N GLY D 73 -24.79 -41.41 -6.53
CA GLY D 73 -25.75 -41.52 -7.61
C GLY D 73 -27.05 -40.92 -7.14
N PHE D 74 -27.95 -40.69 -8.07
CA PHE D 74 -28.96 -39.68 -7.86
C PHE D 74 -30.35 -40.28 -7.82
N PRO D 75 -31.26 -39.62 -7.11
CA PRO D 75 -32.67 -39.94 -7.31
C PRO D 75 -33.05 -39.90 -8.78
N ASP D 76 -32.63 -38.86 -9.48
CA ASP D 76 -32.61 -38.93 -10.94
C ASP D 76 -31.16 -38.96 -11.37
N THR D 77 -30.71 -40.13 -11.75
CA THR D 77 -29.45 -40.27 -12.43
C THR D 77 -29.56 -39.93 -13.91
N SER D 78 -30.79 -39.92 -14.44
CA SER D 78 -31.04 -39.98 -15.88
C SER D 78 -30.18 -39.02 -16.69
N PHE D 79 -30.03 -37.80 -16.22
CA PHE D 79 -29.74 -36.71 -17.12
C PHE D 79 -28.42 -36.84 -17.86
N TYR D 80 -27.62 -37.85 -17.59
CA TYR D 80 -26.31 -37.85 -18.18
C TYR D 80 -25.76 -39.27 -18.18
N ASN D 81 -24.73 -39.49 -18.98
CA ASN D 81 -23.94 -40.72 -18.87
C ASN D 81 -22.76 -40.47 -17.95
N PRO D 82 -22.58 -41.28 -16.91
CA PRO D 82 -21.39 -41.11 -16.05
C PRO D 82 -20.09 -41.39 -16.74
N ASP D 83 -20.16 -42.00 -17.91
CA ASP D 83 -18.99 -42.57 -18.53
C ASP D 83 -18.50 -41.66 -19.63
N THR D 84 -19.38 -41.36 -20.57
CA THR D 84 -19.09 -40.38 -21.61
C THR D 84 -18.81 -39.00 -21.04
N GLN D 85 -18.94 -38.81 -19.73
CA GLN D 85 -18.47 -37.57 -19.13
C GLN D 85 -17.88 -37.83 -17.75
N ARG D 86 -17.58 -36.73 -17.07
CA ARG D 86 -17.35 -36.71 -15.63
C ARG D 86 -18.18 -35.58 -15.03
N LEU D 87 -18.17 -35.49 -13.72
CA LEU D 87 -19.14 -34.69 -12.99
C LEU D 87 -18.36 -33.96 -11.91
N VAL D 88 -18.30 -32.64 -11.98
CA VAL D 88 -17.25 -31.92 -11.29
C VAL D 88 -17.76 -30.69 -10.56
N TRP D 89 -17.46 -30.63 -9.28
CA TRP D 89 -17.92 -29.52 -8.47
C TRP D 89 -17.39 -28.22 -9.05
N ALA D 90 -18.16 -27.18 -8.81
CA ALA D 90 -17.60 -25.84 -8.82
C ALA D 90 -17.91 -25.24 -7.47
N CYS D 91 -17.12 -24.30 -7.04
CA CYS D 91 -17.50 -23.52 -5.88
C CYS D 91 -18.42 -22.44 -6.37
N VAL D 92 -19.63 -22.42 -5.83
CA VAL D 92 -20.49 -21.28 -6.04
C VAL D 92 -20.12 -20.15 -5.09
N GLY D 93 -19.92 -20.46 -3.84
CA GLY D 93 -19.86 -19.42 -2.83
C GLY D 93 -19.09 -19.84 -1.62
N VAL D 94 -18.86 -18.88 -0.74
CA VAL D 94 -17.91 -19.01 0.34
C VAL D 94 -18.29 -18.19 1.55
N GLU D 95 -18.08 -18.77 2.74
CA GLU D 95 -17.99 -17.93 3.92
C GLU D 95 -17.12 -18.51 5.00
N VAL D 96 -16.42 -17.58 5.65
CA VAL D 96 -15.66 -17.83 6.84
C VAL D 96 -16.48 -17.40 8.03
N GLY D 97 -16.61 -18.27 9.02
CA GLY D 97 -16.77 -17.84 10.38
C GLY D 97 -15.43 -17.30 10.87
N ARG D 98 -15.46 -16.07 11.35
CA ARG D 98 -14.42 -15.59 12.24
C ARG D 98 -15.09 -14.90 13.40
N GLY D 99 -14.94 -15.45 14.61
CA GLY D 99 -15.68 -15.00 15.77
C GLY D 99 -15.06 -14.23 16.94
N GLN D 100 -13.75 -14.09 17.07
CA GLN D 100 -13.31 -13.48 18.31
C GLN D 100 -13.52 -11.98 18.28
N PRO D 101 -13.87 -11.37 19.40
CA PRO D 101 -13.69 -9.94 19.51
C PRO D 101 -12.21 -9.68 19.31
N LEU D 102 -11.90 -8.52 18.82
CA LEU D 102 -10.61 -8.32 18.21
C LEU D 102 -9.61 -7.96 19.29
N GLY D 103 -8.34 -8.24 19.06
CA GLY D 103 -7.38 -8.24 20.14
C GLY D 103 -5.95 -7.91 19.81
N VAL D 104 -5.25 -7.52 20.83
CA VAL D 104 -3.89 -7.04 20.68
C VAL D 104 -2.93 -7.94 21.42
N GLY D 105 -2.05 -8.57 20.66
CA GLY D 105 -0.80 -9.06 21.17
C GLY D 105 0.28 -8.05 20.88
N ILE D 106 1.45 -8.30 21.45
CA ILE D 106 2.54 -7.35 21.26
C ILE D 106 3.81 -7.93 21.86
N SER D 107 4.95 -7.54 21.29
CA SER D 107 6.19 -8.23 21.60
C SER D 107 7.40 -7.53 21.01
N GLY D 108 8.54 -8.18 21.23
CA GLY D 108 9.86 -7.60 21.24
C GLY D 108 10.82 -8.61 21.81
N HIS D 109 11.90 -8.11 22.41
CA HIS D 109 12.80 -9.05 23.01
C HIS D 109 13.44 -8.57 24.30
N PRO D 110 13.65 -9.48 25.26
CA PRO D 110 14.23 -9.07 26.53
C PRO D 110 15.66 -8.62 26.44
N LEU D 111 16.40 -9.18 25.52
CA LEU D 111 17.67 -8.62 25.09
C LEU D 111 17.44 -7.97 23.76
N LEU D 112 18.07 -6.83 23.54
CA LEU D 112 18.03 -6.30 22.21
C LEU D 112 19.31 -5.55 21.89
N ASN D 113 19.89 -5.82 20.73
CA ASN D 113 20.82 -4.84 20.19
C ASN D 113 20.11 -3.53 20.04
N LYS D 114 20.64 -2.53 20.73
CA LYS D 114 20.29 -1.17 20.46
C LYS D 114 21.45 -0.33 20.91
N LEU D 115 21.75 0.70 20.14
CA LEU D 115 22.40 1.78 20.83
C LEU D 115 21.32 2.56 21.54
N ASP D 116 20.56 3.38 20.82
CA ASP D 116 19.61 4.23 21.51
C ASP D 116 18.75 4.97 20.50
N ASP D 117 18.04 5.96 21.02
CA ASP D 117 17.28 6.87 20.19
C ASP D 117 18.16 7.51 19.15
N THR D 118 17.53 7.92 18.07
CA THR D 118 18.08 8.93 17.19
C THR D 118 17.62 10.31 17.54
N GLU D 119 16.31 10.50 17.52
CA GLU D 119 15.75 11.82 17.73
C GLU D 119 16.44 12.56 18.86
N ASN D 120 16.33 12.06 20.06
CA ASN D 120 16.55 12.89 21.23
C ASN D 120 17.84 12.50 21.95
N ALA D 121 18.84 13.39 21.87
CA ALA D 121 19.99 13.34 22.77
C ALA D 121 20.50 14.75 23.03
N SER D 122 20.71 15.10 24.29
CA SER D 122 21.31 16.40 24.57
C SER D 122 22.79 16.39 24.20
N ALA D 123 23.41 15.22 24.26
CA ALA D 123 24.81 15.07 23.96
C ALA D 123 25.01 13.77 23.23
N TYR D 124 26.21 13.60 22.70
CA TYR D 124 26.57 12.30 22.15
C TYR D 124 26.56 11.27 23.28
N ALA D 125 26.41 10.01 22.91
CA ALA D 125 26.21 8.97 23.90
C ALA D 125 27.50 8.73 24.69
N ALA D 126 27.42 7.80 25.61
CA ALA D 126 28.60 7.40 26.36
C ALA D 126 29.29 6.26 25.65
N ASN D 127 30.28 5.68 26.32
CA ASN D 127 30.99 4.53 25.79
C ASN D 127 30.08 3.31 25.79
N ALA D 128 30.46 2.32 24.99
CA ALA D 128 29.66 1.12 24.88
C ALA D 128 30.22 0.02 25.77
N GLY D 129 29.47 -0.33 26.80
CA GLY D 129 29.63 -1.61 27.42
C GLY D 129 29.38 -2.67 26.37
N VAL D 130 29.99 -3.83 26.54
CA VAL D 130 29.72 -4.94 25.66
C VAL D 130 28.42 -5.55 26.12
N ASP D 131 27.64 -6.09 25.18
CA ASP D 131 26.44 -6.83 25.52
C ASP D 131 25.50 -5.96 26.33
N ASN D 132 25.05 -4.88 25.71
CA ASN D 132 24.19 -3.89 26.34
C ASN D 132 22.72 -4.17 26.08
N ARG D 133 22.42 -5.37 25.60
CA ARG D 133 21.10 -5.76 25.14
C ARG D 133 20.01 -5.40 26.14
N GLU D 134 18.84 -5.01 25.61
CA GLU D 134 17.77 -4.54 26.45
C GLU D 134 16.44 -5.18 26.07
N CYS D 135 15.47 -4.99 26.97
CA CYS D 135 14.15 -5.60 26.87
C CYS D 135 13.13 -4.57 26.43
N ILE D 136 12.62 -4.72 25.21
CA ILE D 136 11.54 -3.85 24.72
C ILE D 136 10.67 -4.70 23.81
N SER D 137 9.39 -4.35 23.75
CA SER D 137 8.45 -4.99 22.86
C SER D 137 7.87 -3.94 21.92
N MET D 138 7.26 -4.40 20.82
CA MET D 138 6.74 -3.49 19.82
C MET D 138 5.40 -3.98 19.31
N ASP D 139 4.74 -3.11 18.58
CA ASP D 139 3.59 -3.42 17.75
C ASP D 139 4.01 -3.64 16.30
N TYR D 140 3.02 -3.73 15.43
CA TYR D 140 3.14 -4.45 14.18
C TYR D 140 2.37 -3.74 13.09
N LYS D 141 2.63 -4.16 11.86
CA LYS D 141 1.74 -3.80 10.77
C LYS D 141 0.35 -4.38 10.98
N GLN D 142 -0.64 -3.50 10.89
CA GLN D 142 -1.99 -3.84 11.25
C GLN D 142 -2.74 -4.37 10.05
N THR D 143 -3.17 -5.63 10.12
CA THR D 143 -3.47 -6.29 8.86
C THR D 143 -4.47 -7.42 9.02
N GLN D 144 -5.29 -7.58 7.98
CA GLN D 144 -5.98 -8.82 7.72
C GLN D 144 -5.59 -9.25 6.32
N LEU D 145 -5.90 -10.50 6.00
CA LEU D 145 -6.02 -10.89 4.61
C LEU D 145 -6.85 -12.13 4.49
N CYS D 146 -7.30 -12.40 3.28
CA CYS D 146 -7.98 -13.62 2.90
C CYS D 146 -7.43 -14.12 1.59
N LEU D 147 -7.41 -15.43 1.39
CA LEU D 147 -6.75 -16.02 0.23
C LEU D 147 -7.59 -17.15 -0.32
N ILE D 148 -7.90 -17.10 -1.62
CA ILE D 148 -8.91 -18.00 -2.17
C ILE D 148 -8.50 -18.57 -3.52
N GLY D 149 -8.31 -19.88 -3.57
CA GLY D 149 -7.93 -20.55 -4.80
C GLY D 149 -7.50 -21.98 -4.56
N CYS D 150 -7.27 -22.68 -5.67
CA CYS D 150 -7.04 -24.12 -5.61
C CYS D 150 -5.58 -24.57 -5.75
N LYS D 151 -4.62 -23.69 -6.03
CA LYS D 151 -3.32 -24.29 -6.11
C LYS D 151 -2.43 -23.75 -5.01
N PRO D 152 -1.39 -24.53 -4.66
CA PRO D 152 -0.73 -24.26 -3.40
C PRO D 152 -0.24 -22.84 -3.31
N PRO D 153 -0.39 -22.24 -2.15
CA PRO D 153 0.20 -20.92 -1.93
C PRO D 153 1.69 -21.07 -1.78
N ILE D 154 2.39 -20.10 -2.30
CA ILE D 154 3.84 -20.12 -2.34
C ILE D 154 4.31 -18.72 -2.00
N GLY D 155 5.13 -18.60 -0.98
CA GLY D 155 5.65 -17.32 -0.60
C GLY D 155 7.01 -17.10 -1.21
N GLU D 156 7.30 -15.85 -1.47
CA GLU D 156 8.59 -15.53 -2.04
C GLU D 156 9.26 -14.56 -1.09
N HIS D 157 10.55 -14.77 -0.85
CA HIS D 157 11.15 -14.09 0.29
C HIS D 157 12.65 -14.03 0.07
N TRP D 158 13.32 -13.26 0.89
CA TRP D 158 14.72 -13.02 0.63
C TRP D 158 15.52 -14.29 0.73
N GLY D 159 16.73 -14.23 0.19
CA GLY D 159 17.72 -15.21 0.52
C GLY D 159 19.09 -14.56 0.53
N LYS D 160 20.03 -15.32 1.08
CA LYS D 160 21.44 -15.03 0.90
C LYS D 160 21.89 -15.56 -0.44
N GLY D 161 22.58 -14.72 -1.20
CA GLY D 161 23.04 -15.05 -2.51
C GLY D 161 24.17 -16.05 -2.52
N SER D 162 24.59 -16.43 -3.72
CA SER D 162 25.62 -17.42 -3.91
C SER D 162 26.95 -16.71 -4.05
N PRO D 163 27.83 -16.75 -3.07
CA PRO D 163 29.15 -16.20 -3.33
C PRO D 163 29.81 -17.03 -4.42
N CYS D 164 30.10 -16.38 -5.53
CA CYS D 164 30.91 -16.99 -6.55
C CYS D 164 32.37 -16.90 -6.13
N THR D 165 33.21 -17.69 -6.76
CA THR D 165 34.62 -17.57 -6.46
C THR D 165 35.15 -16.52 -7.39
N ASN D 166 35.25 -15.31 -6.87
CA ASN D 166 36.06 -14.26 -7.45
C ASN D 166 36.73 -13.61 -6.27
N VAL D 167 35.93 -12.96 -5.46
CA VAL D 167 36.37 -12.44 -4.19
C VAL D 167 36.57 -13.61 -3.24
N ALA D 168 37.76 -13.70 -2.68
CA ALA D 168 37.98 -14.57 -1.53
C ALA D 168 37.29 -13.95 -0.33
N VAL D 169 36.45 -14.74 0.31
CA VAL D 169 35.60 -14.16 1.35
C VAL D 169 36.35 -14.19 2.67
N ASN D 170 36.15 -13.18 3.45
CA ASN D 170 36.90 -12.89 4.64
C ASN D 170 36.00 -13.12 5.83
N PRO D 171 36.54 -13.46 6.99
CA PRO D 171 35.66 -13.83 8.09
C PRO D 171 34.77 -12.66 8.48
N GLY D 172 33.46 -12.91 8.49
CA GLY D 172 32.47 -11.91 8.80
C GLY D 172 31.88 -11.14 7.63
N ASP D 173 32.18 -11.52 6.38
CA ASP D 173 31.84 -10.64 5.27
C ASP D 173 30.34 -10.60 5.01
N CYS D 174 29.98 -9.84 3.98
CA CYS D 174 28.57 -9.73 3.64
C CYS D 174 28.11 -10.97 2.92
N PRO D 175 27.07 -11.63 3.40
CA PRO D 175 26.42 -12.63 2.60
C PRO D 175 25.88 -11.99 1.34
N PRO D 176 26.14 -12.58 0.18
CA PRO D 176 25.46 -12.15 -1.04
C PRO D 176 23.97 -12.36 -0.88
N LEU D 177 23.23 -12.01 -1.91
CA LEU D 177 21.84 -11.63 -1.68
C LEU D 177 20.88 -12.42 -2.56
N GLU D 178 19.66 -12.63 -2.05
CA GLU D 178 18.68 -13.37 -2.81
C GLU D 178 17.25 -13.04 -2.40
N LEU D 179 16.35 -13.24 -3.34
CA LEU D 179 14.95 -13.51 -3.11
C LEU D 179 14.67 -14.99 -3.30
N ILE D 180 14.02 -15.61 -2.34
CA ILE D 180 13.66 -17.02 -2.43
C ILE D 180 12.18 -17.10 -2.70
N ASN D 181 11.77 -18.04 -3.52
CA ASN D 181 10.38 -18.11 -3.92
C ASN D 181 9.85 -19.50 -3.62
N THR D 182 8.96 -19.59 -2.64
CA THR D 182 8.81 -20.91 -2.03
C THR D 182 7.43 -21.13 -1.44
N VAL D 183 7.07 -22.40 -1.37
CA VAL D 183 5.71 -22.76 -1.04
C VAL D 183 5.32 -22.22 0.31
N ILE D 184 4.09 -21.73 0.38
CA ILE D 184 3.49 -21.28 1.61
C ILE D 184 2.97 -22.50 2.37
N GLN D 185 3.08 -22.46 3.70
CA GLN D 185 2.35 -23.35 4.58
C GLN D 185 1.72 -22.63 5.74
N ASP D 186 0.87 -23.36 6.45
CA ASP D 186 0.23 -22.78 7.60
C ASP D 186 1.24 -22.63 8.73
N GLY D 187 0.94 -21.71 9.63
CA GLY D 187 1.73 -21.55 10.80
C GLY D 187 3.09 -21.02 10.53
N ASP D 188 3.21 -20.12 9.58
CA ASP D 188 4.50 -19.59 9.23
C ASP D 188 4.49 -18.09 9.42
N MET D 189 5.64 -17.49 9.13
CA MET D 189 5.97 -16.22 9.76
C MET D 189 5.40 -15.05 8.99
N VAL D 190 4.51 -14.35 9.66
CA VAL D 190 4.13 -13.02 9.26
C VAL D 190 5.37 -12.14 9.33
N ASP D 191 5.42 -11.15 8.45
CA ASP D 191 6.33 -10.02 8.66
C ASP D 191 5.66 -8.92 9.47
N THR D 192 6.46 -8.21 10.25
CA THR D 192 6.15 -6.81 10.48
C THR D 192 6.74 -5.97 9.41
N GLY D 193 7.22 -6.60 8.35
CA GLY D 193 8.11 -5.96 7.45
C GLY D 193 9.50 -5.87 8.00
N PHE D 194 10.00 -6.92 8.61
CA PHE D 194 11.41 -6.93 8.97
C PHE D 194 12.26 -7.69 7.96
N GLY D 195 11.66 -8.06 6.84
CA GLY D 195 12.32 -8.67 5.71
C GLY D 195 11.97 -10.12 5.64
N ALA D 196 11.78 -10.61 4.42
CA ALA D 196 11.11 -11.88 4.21
C ALA D 196 12.16 -12.93 4.02
N MET D 197 12.45 -13.64 5.08
CA MET D 197 13.77 -14.23 5.19
C MET D 197 13.92 -14.77 6.59
N ASP D 198 15.00 -15.49 6.81
CA ASP D 198 15.35 -15.92 8.14
C ASP D 198 16.67 -15.29 8.57
N PHE D 199 16.59 -14.39 9.53
CA PHE D 199 17.79 -13.98 10.22
C PHE D 199 18.44 -15.16 10.89
N THR D 200 17.62 -16.08 11.41
CA THR D 200 18.19 -17.25 12.08
C THR D 200 19.17 -17.91 11.13
N THR D 201 18.78 -18.06 9.88
CA THR D 201 19.80 -18.16 8.86
C THR D 201 20.63 -16.90 8.82
N LEU D 202 20.00 -15.79 8.45
CA LEU D 202 20.76 -14.66 7.93
C LEU D 202 21.09 -13.59 8.95
N GLN D 203 20.96 -13.84 10.23
CA GLN D 203 21.59 -12.94 11.20
C GLN D 203 22.35 -13.73 12.24
N ALA D 204 23.64 -13.44 12.33
CA ALA D 204 24.48 -14.00 13.38
C ALA D 204 23.91 -13.69 14.75
N ASN D 205 23.48 -12.45 14.94
CA ASN D 205 23.32 -11.92 16.29
C ASN D 205 22.53 -12.84 17.17
N LYS D 206 21.30 -13.14 16.75
CA LYS D 206 20.32 -13.84 17.57
C LYS D 206 19.87 -12.98 18.74
N SER D 207 20.43 -11.79 18.91
CA SER D 207 19.90 -10.81 19.84
C SER D 207 19.09 -9.70 19.19
N GLU D 208 18.87 -9.78 17.88
CA GLU D 208 18.35 -8.65 17.10
C GLU D 208 16.87 -8.43 17.21
N VAL D 209 16.08 -9.45 17.54
CA VAL D 209 14.67 -9.39 17.18
C VAL D 209 13.73 -9.99 18.22
N PRO D 210 12.44 -9.72 18.09
CA PRO D 210 11.45 -10.58 18.73
C PRO D 210 11.74 -12.04 18.47
N LEU D 211 11.64 -12.74 19.58
CA LEU D 211 11.97 -14.15 19.65
C LEU D 211 11.30 -14.91 18.52
N ASP D 212 9.98 -14.90 18.55
CA ASP D 212 9.16 -15.40 17.47
C ASP D 212 9.70 -15.04 16.11
N ILE D 213 10.10 -13.79 15.92
CA ILE D 213 10.56 -13.47 14.60
C ILE D 213 11.99 -13.89 14.42
N CYS D 214 12.74 -14.07 15.49
CA CYS D 214 13.98 -14.80 15.34
C CYS D 214 13.75 -16.06 14.55
N THR D 215 12.70 -16.79 14.90
CA THR D 215 12.51 -18.15 14.42
C THR D 215 12.78 -18.25 12.93
N SER D 216 11.94 -17.65 12.12
CA SER D 216 11.76 -18.19 10.78
C SER D 216 11.57 -17.08 9.74
N ILE D 217 11.15 -17.49 8.54
CA ILE D 217 11.18 -16.64 7.36
C ILE D 217 9.89 -15.84 7.29
N CYS D 218 10.02 -14.52 7.31
CA CYS D 218 8.86 -13.70 7.00
C CYS D 218 8.35 -14.09 5.62
N LYS D 219 7.04 -14.19 5.48
CA LYS D 219 6.54 -14.52 4.16
C LYS D 219 5.32 -13.68 3.82
N TYR D 220 5.18 -13.48 2.52
CA TYR D 220 4.33 -12.48 1.92
C TYR D 220 3.93 -13.09 0.61
N PRO D 221 2.81 -12.68 0.05
CA PRO D 221 2.38 -13.32 -1.18
C PRO D 221 3.33 -12.98 -2.30
N ASP D 222 3.30 -13.79 -3.34
CA ASP D 222 3.55 -13.29 -4.67
C ASP D 222 2.24 -13.38 -5.41
N TYR D 223 1.54 -12.27 -5.48
CA TYR D 223 0.51 -12.20 -6.49
C TYR D 223 1.15 -12.42 -7.83
N ILE D 224 2.13 -11.62 -8.16
CA ILE D 224 2.66 -11.50 -9.50
C ILE D 224 2.86 -12.87 -10.07
N LYS D 225 3.67 -13.69 -9.44
CA LYS D 225 3.79 -14.99 -10.02
C LYS D 225 2.54 -15.80 -9.74
N MET D 226 1.89 -15.58 -8.62
CA MET D 226 0.62 -16.28 -8.55
C MET D 226 -0.27 -15.67 -9.62
N VAL D 227 -0.15 -14.37 -9.83
CA VAL D 227 -0.67 -13.73 -11.02
C VAL D 227 -0.14 -14.44 -12.23
N SER D 228 1.06 -14.98 -12.11
CA SER D 228 1.69 -15.47 -13.31
C SER D 228 1.42 -16.93 -13.58
N GLU D 229 0.64 -17.62 -12.77
CA GLU D 229 0.29 -18.97 -13.14
C GLU D 229 -0.29 -18.99 -14.55
N PRO D 230 0.07 -19.98 -15.36
CA PRO D 230 -0.67 -20.18 -16.61
C PRO D 230 -2.18 -20.20 -16.44
N TYR D 231 -2.69 -20.81 -15.38
CA TYR D 231 -4.13 -20.88 -15.18
C TYR D 231 -4.64 -20.01 -14.07
N GLY D 232 -3.76 -19.37 -13.32
CA GLY D 232 -4.13 -18.64 -12.13
C GLY D 232 -4.91 -19.42 -11.08
N ASP D 233 -4.52 -20.64 -10.78
CA ASP D 233 -5.23 -21.51 -9.85
C ASP D 233 -4.59 -21.61 -8.48
N SER D 234 -3.42 -21.03 -8.23
CA SER D 234 -2.91 -21.01 -6.86
C SER D 234 -4.02 -20.45 -6.00
N LEU D 235 -4.32 -19.19 -6.21
CA LEU D 235 -5.63 -18.64 -5.92
C LEU D 235 -6.22 -18.14 -7.20
N PHE D 236 -7.53 -18.14 -7.27
CA PHE D 236 -8.25 -17.17 -8.08
C PHE D 236 -8.72 -16.01 -7.25
N PHE D 237 -8.51 -16.06 -5.94
CA PHE D 237 -8.97 -14.91 -5.20
C PHE D 237 -8.22 -14.79 -3.87
N TYR D 238 -8.38 -13.62 -3.27
CA TYR D 238 -7.76 -13.21 -2.03
C TYR D 238 -8.38 -11.85 -1.75
N LEU D 239 -8.21 -11.34 -0.54
CA LEU D 239 -8.15 -9.88 -0.41
C LEU D 239 -7.04 -9.51 0.56
N ARG D 240 -6.65 -8.24 0.48
CA ARG D 240 -5.44 -7.77 1.14
C ARG D 240 -5.68 -6.39 1.74
N ARG D 241 -5.41 -6.26 3.04
CA ARG D 241 -5.63 -4.98 3.71
C ARG D 241 -4.70 -4.78 4.89
N GLU D 242 -4.25 -3.55 5.08
CA GLU D 242 -3.46 -3.25 6.25
C GLU D 242 -3.37 -1.76 6.51
N GLN D 243 -2.85 -1.43 7.71
CA GLN D 243 -2.46 -0.08 8.06
C GLN D 243 -1.25 -0.15 8.99
N MET D 244 -0.38 0.88 8.91
CA MET D 244 0.73 1.04 9.87
C MET D 244 1.54 2.28 9.52
N PHE D 245 2.54 2.54 10.36
CA PHE D 245 3.68 3.43 10.13
C PHE D 245 4.61 3.26 11.31
N VAL D 246 5.55 4.17 11.46
CA VAL D 246 6.59 4.04 12.49
C VAL D 246 6.22 4.76 13.78
N ARG D 247 6.68 4.21 14.90
CA ARG D 247 6.50 4.86 16.19
C ARG D 247 7.77 5.59 16.57
N HIS D 248 8.90 4.89 16.69
CA HIS D 248 10.09 5.58 17.14
C HIS D 248 11.33 5.19 16.36
N LEU D 249 12.47 5.67 16.85
CA LEU D 249 13.72 5.73 16.10
C LEU D 249 14.86 5.34 17.02
N PHE D 250 15.57 4.26 16.69
CA PHE D 250 16.51 3.72 17.65
C PHE D 250 17.73 3.13 16.95
N ASN D 251 18.88 3.32 17.57
CA ASN D 251 20.15 2.87 17.06
C ASN D 251 20.48 1.50 17.58
N ARG D 252 20.97 0.64 16.70
CA ARG D 252 21.65 -0.58 17.09
C ARG D 252 23.06 -0.24 17.57
N ALA D 253 23.65 -1.16 18.32
CA ALA D 253 25.06 -1.06 18.71
C ALA D 253 25.77 -2.36 18.35
N GLY D 254 26.72 -2.31 17.41
CA GLY D 254 27.43 -3.51 17.02
C GLY D 254 28.69 -3.18 16.24
N ALA D 255 29.51 -4.20 16.05
CA ALA D 255 30.79 -4.00 15.36
C ALA D 255 30.56 -3.62 13.92
N VAL D 256 31.51 -2.86 13.38
CA VAL D 256 31.31 -2.15 12.13
C VAL D 256 31.39 -3.12 10.96
N GLY D 257 30.36 -3.11 10.12
CA GLY D 257 30.53 -3.65 8.79
C GLY D 257 31.37 -2.74 7.92
N GLU D 258 30.97 -1.47 7.80
CA GLU D 258 31.62 -0.54 6.89
C GLU D 258 31.40 0.89 7.38
N ASN D 259 32.12 1.84 6.80
CA ASN D 259 32.08 3.22 7.26
C ASN D 259 31.85 4.23 6.17
N VAL D 260 31.57 5.46 6.61
CA VAL D 260 31.21 6.50 5.65
C VAL D 260 32.45 7.22 5.19
N PRO D 261 32.57 7.48 3.90
CA PRO D 261 33.63 8.37 3.42
C PRO D 261 33.54 9.74 4.07
N ASP D 262 34.71 10.25 4.48
CA ASP D 262 34.80 11.50 5.22
C ASP D 262 34.33 12.68 4.40
N ASP D 263 34.74 12.70 3.13
CA ASP D 263 34.40 13.75 2.18
C ASP D 263 32.95 14.10 2.26
N LEU D 264 32.16 13.15 2.67
CA LEU D 264 30.76 13.35 2.89
C LEU D 264 30.52 14.19 4.12
N TYR D 265 31.55 14.56 4.87
CA TYR D 265 31.28 15.17 6.17
C TYR D 265 32.51 15.92 6.64
N ILE D 266 32.49 16.29 7.92
CA ILE D 266 33.53 17.08 8.53
C ILE D 266 34.03 16.31 9.72
N LYS D 267 35.00 16.87 10.43
CA LYS D 267 35.58 16.09 11.50
C LYS D 267 35.34 16.74 12.85
N GLY D 268 34.93 15.92 13.80
CA GLY D 268 34.89 16.31 15.19
C GLY D 268 36.16 15.91 15.87
N SER D 269 36.11 15.86 17.19
CA SER D 269 37.31 15.68 17.99
C SER D 269 36.91 15.53 19.44
N GLY D 270 37.84 14.99 20.22
CA GLY D 270 37.55 14.73 21.61
C GLY D 270 36.31 13.88 21.70
N SER D 271 35.37 14.35 22.50
CA SER D 271 34.04 13.77 22.48
C SER D 271 33.56 13.59 21.05
N THR D 272 33.73 14.63 20.24
CA THR D 272 33.23 14.63 18.89
C THR D 272 34.13 13.86 17.95
N ALA D 273 35.24 13.33 18.45
CA ALA D 273 36.12 12.59 17.58
C ALA D 273 35.44 11.36 17.04
N ASN D 274 34.48 10.84 17.76
CA ASN D 274 34.15 9.44 17.66
C ASN D 274 32.76 9.22 17.09
N LEU D 275 32.62 8.05 16.50
CA LEU D 275 31.62 7.80 15.48
C LEU D 275 30.24 7.71 16.09
N ALA D 276 29.31 8.44 15.51
CA ALA D 276 27.92 8.29 15.88
C ALA D 276 27.30 7.12 15.11
N SER D 277 26.34 6.46 15.75
CA SER D 277 25.81 5.22 15.20
C SER D 277 25.36 5.41 13.78
N SER D 278 25.91 4.60 12.89
CA SER D 278 25.26 4.37 11.63
C SER D 278 24.19 3.33 11.76
N ASN D 279 24.21 2.59 12.85
CA ASN D 279 23.12 1.65 12.99
C ASN D 279 21.87 2.43 13.32
N TYR D 280 20.92 2.35 12.42
CA TYR D 280 19.74 3.18 12.53
C TYR D 280 18.53 2.30 12.27
N PHE D 281 17.69 2.11 13.29
CA PHE D 281 16.47 1.38 12.95
C PHE D 281 15.28 2.08 13.55
N PRO D 282 14.20 2.15 12.81
CA PRO D 282 12.97 2.75 13.32
C PRO D 282 12.30 1.84 14.33
N THR D 283 11.35 2.42 15.04
CA THR D 283 10.39 1.69 15.87
C THR D 283 9.00 1.89 15.31
N PRO D 284 8.35 0.85 14.82
CA PRO D 284 7.11 1.05 14.06
C PRO D 284 5.93 1.40 14.95
N SER D 285 4.90 1.96 14.34
CA SER D 285 3.63 2.15 15.02
C SER D 285 2.53 1.53 14.18
N GLY D 286 2.00 0.41 14.66
CA GLY D 286 0.73 -0.07 14.17
C GLY D 286 -0.42 0.67 14.83
N SER D 287 -1.51 0.74 14.11
CA SER D 287 -2.52 1.77 14.33
C SER D 287 -3.70 1.28 15.16
N MET D 288 -4.71 2.13 15.17
CA MET D 288 -5.97 1.80 15.79
C MET D 288 -6.73 0.84 14.93
N VAL D 289 -7.70 0.26 15.48
CA VAL D 289 -8.53 -0.70 14.81
C VAL D 289 -9.92 -0.14 14.72
N THR D 290 -10.75 -0.69 13.85
CA THR D 290 -12.18 -0.47 13.93
C THR D 290 -12.99 -1.65 13.44
N SER D 291 -14.22 -1.70 13.94
CA SER D 291 -15.21 -2.59 13.40
C SER D 291 -15.24 -2.51 11.89
N ASP D 292 -15.39 -1.32 11.36
CA ASP D 292 -15.64 -1.15 9.94
C ASP D 292 -14.50 -1.72 9.13
N ALA D 293 -13.30 -1.61 9.67
CA ALA D 293 -12.16 -2.26 9.07
C ALA D 293 -12.41 -3.74 8.91
N GLN D 294 -13.32 -4.31 9.69
CA GLN D 294 -13.58 -5.71 9.51
C GLN D 294 -13.95 -6.01 8.09
N ILE D 295 -13.21 -6.96 7.54
CA ILE D 295 -13.57 -7.51 6.27
C ILE D 295 -14.24 -8.86 6.42
N PHE D 296 -14.34 -9.36 7.64
CA PHE D 296 -14.61 -10.78 7.77
C PHE D 296 -16.08 -11.09 7.72
N ASN D 297 -16.35 -12.39 7.59
CA ASN D 297 -17.58 -12.97 8.04
C ASN D 297 -18.78 -12.33 7.37
N LYS D 298 -18.72 -12.26 6.05
CA LYS D 298 -19.73 -11.59 5.30
C LYS D 298 -19.90 -12.38 4.03
N PRO D 299 -21.06 -12.33 3.40
CA PRO D 299 -21.22 -13.10 2.18
C PRO D 299 -20.11 -12.80 1.19
N TYR D 300 -19.51 -13.87 0.68
CA TYR D 300 -18.31 -13.74 -0.14
C TYR D 300 -18.49 -14.50 -1.45
N TRP D 301 -18.06 -13.84 -2.53
CA TRP D 301 -18.67 -14.00 -3.83
C TRP D 301 -17.65 -13.99 -4.94
N LEU D 302 -17.98 -14.69 -5.99
CA LEU D 302 -17.39 -14.47 -7.28
C LEU D 302 -18.31 -14.91 -8.38
N GLN D 303 -18.05 -14.37 -9.56
CA GLN D 303 -18.24 -15.19 -10.73
C GLN D 303 -16.97 -15.11 -11.56
N ARG D 304 -16.77 -14.02 -12.27
CA ARG D 304 -15.60 -13.87 -13.09
C ARG D 304 -14.41 -13.64 -12.20
N ALA D 305 -13.29 -14.19 -12.63
CA ALA D 305 -12.02 -13.93 -12.01
C ALA D 305 -10.99 -13.69 -13.09
N GLN D 306 -9.86 -13.17 -12.65
CA GLN D 306 -8.72 -12.96 -13.54
C GLN D 306 -8.36 -14.22 -14.33
N GLY D 307 -8.63 -15.41 -13.79
CA GLY D 307 -8.18 -16.63 -14.43
C GLY D 307 -9.24 -17.34 -15.24
N HIS D 308 -8.79 -18.32 -16.04
CA HIS D 308 -9.73 -19.18 -16.75
C HIS D 308 -10.56 -19.99 -15.77
N ASN D 309 -9.92 -20.44 -14.70
CA ASN D 309 -10.64 -21.10 -13.62
C ASN D 309 -11.77 -20.21 -13.18
N ASN D 310 -12.95 -20.75 -13.22
CA ASN D 310 -14.02 -20.23 -12.41
C ASN D 310 -14.53 -21.40 -11.60
N GLY D 311 -14.22 -21.38 -10.30
CA GLY D 311 -14.66 -22.43 -9.41
C GLY D 311 -14.12 -23.78 -9.83
N ILE D 312 -12.98 -23.75 -10.50
CA ILE D 312 -12.46 -24.91 -11.20
C ILE D 312 -11.52 -25.63 -10.24
N CYS D 313 -11.93 -26.81 -9.80
CA CYS D 313 -11.46 -27.36 -8.54
C CYS D 313 -11.27 -28.86 -8.69
N TRP D 314 -10.28 -29.39 -7.99
CA TRP D 314 -9.82 -30.71 -8.33
C TRP D 314 -9.47 -31.50 -7.09
N GLY D 315 -9.37 -32.81 -7.26
CA GLY D 315 -9.16 -33.68 -6.13
C GLY D 315 -10.25 -33.55 -5.10
N ASN D 316 -11.42 -33.04 -5.50
CA ASN D 316 -12.40 -32.52 -4.55
C ASN D 316 -11.72 -31.68 -3.51
N GLN D 317 -10.80 -30.84 -3.94
CA GLN D 317 -9.71 -30.46 -3.08
C GLN D 317 -9.34 -29.02 -3.38
N LEU D 318 -9.15 -28.26 -2.30
CA LEU D 318 -8.87 -26.85 -2.43
C LEU D 318 -8.10 -26.39 -1.21
N PHE D 319 -7.46 -25.24 -1.36
CA PHE D 319 -6.61 -24.65 -0.36
C PHE D 319 -7.28 -23.38 0.09
N VAL D 320 -7.21 -23.09 1.38
CA VAL D 320 -7.82 -21.89 1.89
C VAL D 320 -6.83 -21.19 2.79
N THR D 321 -6.73 -19.89 2.63
CA THR D 321 -5.89 -19.17 3.56
C THR D 321 -6.37 -17.75 3.72
N VAL D 322 -6.05 -17.22 4.87
CA VAL D 322 -6.50 -15.95 5.38
C VAL D 322 -5.47 -15.58 6.42
N VAL D 323 -5.38 -14.31 6.75
CA VAL D 323 -4.64 -13.90 7.93
C VAL D 323 -5.32 -12.67 8.49
N ASP D 324 -5.26 -12.53 9.80
CA ASP D 324 -5.68 -11.35 10.51
C ASP D 324 -4.74 -11.04 11.65
N THR D 325 -4.37 -9.79 11.74
CA THR D 325 -3.82 -9.26 12.97
C THR D 325 -4.85 -9.19 14.08
N THR D 326 -6.03 -8.69 13.76
CA THR D 326 -6.83 -7.89 14.68
C THR D 326 -6.95 -8.44 16.08
N ARG D 327 -6.91 -9.73 16.22
CA ARG D 327 -7.35 -10.33 17.45
C ARG D 327 -6.20 -10.70 18.36
N SER D 328 -5.01 -10.22 18.04
CA SER D 328 -3.75 -10.78 18.49
C SER D 328 -3.60 -10.95 19.99
N THR D 329 -4.53 -10.44 20.78
CA THR D 329 -4.44 -10.58 22.24
C THR D 329 -4.37 -12.03 22.70
N ASN D 330 -3.51 -12.29 23.68
CA ASN D 330 -3.54 -13.50 24.48
C ASN D 330 -4.20 -13.25 25.81
N MET D 331 -4.05 -14.19 26.72
CA MET D 331 -4.22 -13.90 28.13
C MET D 331 -3.48 -14.94 28.94
N SER D 332 -2.98 -14.51 30.08
CA SER D 332 -2.03 -15.27 30.84
C SER D 332 -2.70 -15.70 32.13
N LEU D 333 -1.94 -16.40 32.97
CA LEU D 333 -2.47 -16.78 34.26
C LEU D 333 -1.46 -16.45 35.32
N CYS D 334 -1.98 -16.11 36.50
CA CYS D 334 -1.15 -15.94 37.68
C CYS D 334 -1.35 -17.15 38.58
N ALA D 335 -0.32 -17.99 38.64
CA ALA D 335 -0.40 -19.28 39.30
C ALA D 335 0.20 -19.19 40.69
N ALA D 336 -0.65 -19.30 41.70
CA ALA D 336 -0.23 -19.28 43.08
C ALA D 336 0.00 -20.70 43.55
N ILE D 337 1.27 -21.06 43.74
CA ILE D 337 1.53 -22.43 44.18
C ILE D 337 1.16 -22.57 45.64
N SER D 338 0.98 -21.46 46.35
CA SER D 338 0.42 -21.44 47.70
C SER D 338 -0.65 -20.37 47.79
N THR D 339 -1.83 -20.75 48.23
CA THR D 339 -2.87 -19.77 48.49
C THR D 339 -2.95 -19.40 49.94
N SER D 340 -2.14 -20.03 50.76
CA SER D 340 -2.42 -20.13 52.18
C SER D 340 -2.21 -18.77 52.83
N GLU D 341 -0.97 -18.32 52.80
CA GLU D 341 -0.59 -17.00 53.26
C GLU D 341 -1.53 -15.95 52.72
N THR D 342 -1.88 -15.01 53.58
CA THR D 342 -2.77 -13.92 53.24
C THR D 342 -2.04 -12.62 52.93
N THR D 343 -0.73 -12.59 53.07
CA THR D 343 0.03 -11.38 52.86
C THR D 343 0.74 -11.50 51.53
N TYR D 344 0.82 -10.40 50.79
CA TYR D 344 1.25 -10.50 49.40
C TYR D 344 2.75 -10.70 49.27
N LYS D 345 3.13 -11.62 48.38
CA LYS D 345 4.50 -11.68 47.87
C LYS D 345 4.52 -12.10 46.42
N ASN D 346 5.36 -11.43 45.63
CA ASN D 346 5.60 -11.79 44.24
C ASN D 346 5.96 -13.24 44.11
N THR D 347 6.45 -13.83 45.20
CA THR D 347 6.96 -15.19 45.19
C THR D 347 6.04 -16.11 44.42
N ASN D 348 4.77 -16.05 44.73
CA ASN D 348 3.96 -17.22 44.56
C ASN D 348 3.44 -17.40 43.15
N PHE D 349 3.78 -16.53 42.21
CA PHE D 349 3.06 -16.52 40.94
C PHE D 349 3.93 -16.81 39.73
N LYS D 350 3.75 -18.01 39.18
CA LYS D 350 4.10 -18.37 37.81
C LYS D 350 3.07 -17.86 36.83
N GLU D 351 3.48 -17.81 35.57
CA GLU D 351 2.69 -17.19 34.53
C GLU D 351 2.68 -18.11 33.32
N TYR D 352 1.53 -18.25 32.68
CA TYR D 352 1.43 -19.07 31.49
C TYR D 352 0.56 -18.34 30.48
N LEU D 353 0.68 -18.76 29.22
CA LEU D 353 -0.02 -18.11 28.13
C LEU D 353 -0.40 -19.12 27.07
N ARG D 354 -1.39 -18.74 26.29
CA ARG D 354 -1.82 -19.43 25.11
C ARG D 354 -2.56 -18.39 24.31
N HIS D 355 -2.73 -18.64 23.05
CA HIS D 355 -3.57 -17.77 22.26
C HIS D 355 -4.73 -18.58 21.73
N GLY D 356 -5.94 -18.28 22.19
CA GLY D 356 -7.13 -18.95 21.70
C GLY D 356 -7.58 -18.41 20.35
N GLU D 357 -8.15 -19.28 19.51
CA GLU D 357 -8.28 -18.98 18.10
C GLU D 357 -9.61 -19.57 17.65
N GLU D 358 -10.26 -18.97 16.66
CA GLU D 358 -11.60 -19.41 16.32
C GLU D 358 -11.94 -19.09 14.88
N TYR D 359 -12.71 -19.93 14.22
CA TYR D 359 -13.15 -19.67 12.85
C TYR D 359 -14.35 -20.53 12.55
N ASP D 360 -14.90 -20.32 11.37
CA ASP D 360 -15.69 -21.34 10.68
C ASP D 360 -15.71 -21.02 9.22
N LEU D 361 -16.20 -21.97 8.45
CA LEU D 361 -16.30 -21.88 7.01
C LEU D 361 -17.65 -22.40 6.58
N GLN D 362 -18.37 -21.64 5.75
CA GLN D 362 -19.52 -22.17 5.03
C GLN D 362 -19.43 -21.76 3.57
N PHE D 363 -19.58 -22.71 2.66
CA PHE D 363 -19.22 -22.44 1.27
C PHE D 363 -20.22 -23.01 0.28
N ILE D 364 -20.48 -22.26 -0.78
CA ILE D 364 -21.49 -22.71 -1.70
C ILE D 364 -20.78 -23.17 -2.94
N PHE D 365 -21.42 -24.11 -3.61
CA PHE D 365 -20.75 -24.83 -4.67
C PHE D 365 -21.74 -25.18 -5.76
N GLN D 366 -21.19 -25.50 -6.92
CA GLN D 366 -21.94 -26.09 -8.01
C GLN D 366 -21.22 -27.36 -8.42
N LEU D 367 -21.87 -28.13 -9.25
CA LEU D 367 -21.20 -29.20 -9.94
C LEU D 367 -21.19 -28.82 -11.41
N CYS D 368 -20.27 -29.38 -12.16
CA CYS D 368 -20.41 -29.29 -13.60
C CYS D 368 -20.02 -30.61 -14.24
N LYS D 369 -20.48 -30.79 -15.46
CA LYS D 369 -20.31 -32.04 -16.18
C LYS D 369 -19.42 -31.84 -17.39
N ILE D 370 -18.69 -32.89 -17.74
CA ILE D 370 -17.61 -32.76 -18.70
C ILE D 370 -17.58 -33.94 -19.65
N THR D 371 -17.90 -33.70 -20.91
CA THR D 371 -17.77 -34.74 -21.90
C THR D 371 -16.32 -34.84 -22.33
N LEU D 372 -16.07 -35.66 -23.33
CA LEU D 372 -14.74 -36.19 -23.55
C LEU D 372 -14.38 -36.07 -25.03
N THR D 373 -13.32 -35.33 -25.30
CA THR D 373 -12.66 -35.40 -26.58
C THR D 373 -11.19 -35.42 -26.31
N ALA D 374 -10.42 -35.56 -27.37
CA ALA D 374 -8.99 -35.49 -27.20
C ALA D 374 -8.63 -34.27 -26.37
N ASP D 375 -9.11 -33.12 -26.80
CA ASP D 375 -8.88 -31.88 -26.07
C ASP D 375 -9.05 -32.14 -24.61
N VAL D 376 -10.26 -32.50 -24.26
CA VAL D 376 -10.58 -33.06 -22.97
C VAL D 376 -9.48 -34.04 -22.69
N MET D 377 -9.50 -35.14 -23.43
CA MET D 377 -8.66 -36.26 -23.07
C MET D 377 -7.20 -35.86 -23.12
N THR D 378 -6.94 -34.63 -23.54
CA THR D 378 -5.58 -34.21 -23.69
C THR D 378 -5.36 -32.89 -23.01
N TYR D 379 -6.04 -31.85 -23.46
CA TYR D 379 -5.70 -30.51 -23.01
C TYR D 379 -5.42 -30.50 -21.52
N ILE D 380 -6.27 -31.14 -20.76
CA ILE D 380 -5.95 -31.25 -19.36
C ILE D 380 -4.89 -32.30 -19.16
N HIS D 381 -5.10 -33.47 -19.75
CA HIS D 381 -3.99 -34.41 -19.79
C HIS D 381 -2.73 -33.68 -20.12
N SER D 382 -2.79 -32.90 -21.19
CA SER D 382 -1.79 -31.89 -21.40
C SER D 382 -1.64 -31.07 -20.14
N MET D 383 -2.68 -30.32 -19.80
CA MET D 383 -2.58 -29.37 -18.69
C MET D 383 -2.01 -30.07 -17.49
N ASN D 384 -2.77 -30.99 -16.91
CA ASN D 384 -2.21 -31.95 -15.99
C ASN D 384 -2.98 -33.24 -16.16
N SER D 385 -2.28 -34.35 -16.09
CA SER D 385 -2.99 -35.59 -16.28
C SER D 385 -3.45 -36.16 -14.95
N THR D 386 -3.14 -35.47 -13.86
CA THR D 386 -3.33 -36.12 -12.59
C THR D 386 -4.78 -36.47 -12.33
N ILE D 387 -5.71 -35.77 -12.96
CA ILE D 387 -7.13 -35.98 -12.71
C ILE D 387 -7.63 -37.21 -13.43
N LEU D 388 -7.21 -37.37 -14.66
CA LEU D 388 -7.58 -38.58 -15.36
C LEU D 388 -6.84 -39.78 -14.81
N GLU D 389 -5.75 -39.55 -14.09
CA GLU D 389 -5.30 -40.59 -13.18
C GLU D 389 -6.47 -40.97 -12.32
N ASP D 390 -7.04 -39.97 -11.69
CA ASP D 390 -8.21 -40.08 -10.85
C ASP D 390 -9.37 -40.51 -11.69
N TRP D 391 -9.27 -40.39 -13.00
CA TRP D 391 -10.28 -40.98 -13.82
C TRP D 391 -9.73 -42.25 -14.41
N ASN D 392 -10.61 -42.97 -15.05
CA ASN D 392 -10.21 -44.29 -15.46
C ASN D 392 -10.02 -44.40 -16.96
N PHE D 393 -10.30 -43.34 -17.71
CA PHE D 393 -10.18 -43.42 -19.15
C PHE D 393 -8.77 -43.13 -19.61
N GLY D 394 -7.87 -42.86 -18.67
CA GLY D 394 -6.46 -42.94 -18.97
C GLY D 394 -6.12 -44.39 -19.26
N LEU D 395 -5.63 -44.66 -20.47
CA LEU D 395 -5.55 -46.02 -20.98
C LEU D 395 -4.30 -46.15 -21.83
N GLN D 396 -3.37 -47.09 -21.62
CA GLN D 396 -3.25 -48.20 -20.63
C GLN D 396 -4.17 -49.44 -20.63
N PRO D 397 -4.32 -50.14 -21.75
CA PRO D 397 -4.42 -51.60 -21.71
C PRO D 397 -3.04 -52.22 -21.56
N PRO D 398 -2.83 -53.09 -20.57
CA PRO D 398 -1.50 -53.66 -20.35
C PRO D 398 -1.32 -55.03 -20.98
N PRO D 399 -0.13 -55.60 -20.89
CA PRO D 399 0.08 -57.04 -21.14
C PRO D 399 -0.07 -57.92 -19.91
N GLY D 400 0.59 -59.08 -19.93
CA GLY D 400 0.94 -59.79 -18.71
C GLY D 400 0.07 -60.82 -18.00
N GLY D 401 -0.30 -61.90 -18.68
CA GLY D 401 -1.07 -62.97 -18.10
C GLY D 401 -0.61 -63.75 -16.87
N THR D 402 0.57 -64.38 -16.85
CA THR D 402 0.72 -65.63 -16.10
C THR D 402 1.87 -65.61 -15.11
N LEU D 403 1.75 -66.50 -14.10
CA LEU D 403 2.80 -66.78 -13.12
C LEU D 403 2.61 -68.16 -12.51
N GLU D 404 3.29 -68.40 -11.39
CA GLU D 404 3.43 -69.74 -10.84
C GLU D 404 3.30 -69.74 -9.32
N ASP D 405 2.49 -70.66 -8.76
CA ASP D 405 2.23 -70.55 -7.34
C ASP D 405 3.29 -71.16 -6.44
N THR D 406 3.69 -72.41 -6.65
CA THR D 406 4.87 -72.98 -6.00
C THR D 406 4.68 -73.54 -4.59
N TYR D 407 3.51 -73.43 -4.00
CA TYR D 407 3.42 -73.50 -2.54
C TYR D 407 3.51 -74.86 -1.85
N ARG D 408 4.20 -74.92 -0.72
CA ARG D 408 4.26 -73.82 0.25
C ARG D 408 5.62 -73.32 0.70
N PHE D 409 5.65 -72.13 1.30
CA PHE D 409 6.93 -71.58 1.77
C PHE D 409 7.40 -72.19 3.06
N VAL D 410 6.46 -72.47 3.96
CA VAL D 410 6.79 -72.72 5.34
C VAL D 410 7.64 -73.98 5.49
N THR D 411 7.81 -74.73 4.40
CA THR D 411 8.46 -76.04 4.37
C THR D 411 9.86 -76.02 4.88
N SER D 412 10.45 -74.85 5.03
CA SER D 412 11.79 -74.67 5.55
C SER D 412 12.88 -75.07 4.57
N GLN D 413 12.59 -75.69 3.43
CA GLN D 413 13.54 -75.45 2.36
C GLN D 413 13.13 -74.12 1.77
N ALA D 414 14.06 -73.44 1.11
CA ALA D 414 13.92 -72.02 0.89
C ALA D 414 13.74 -71.69 -0.58
N ILE D 415 12.53 -71.31 -0.90
CA ILE D 415 12.28 -70.40 -1.99
C ILE D 415 12.30 -68.98 -1.44
N ALA D 416 12.79 -68.06 -2.26
CA ALA D 416 12.95 -66.67 -1.87
C ALA D 416 11.71 -66.10 -1.21
N CYS D 417 11.95 -65.45 -0.08
CA CYS D 417 10.92 -65.07 0.89
C CYS D 417 10.54 -63.61 0.70
N GLN D 418 9.29 -63.31 1.01
CA GLN D 418 8.54 -62.43 0.14
C GLN D 418 7.84 -61.16 0.57
N LYS D 419 6.88 -60.83 -0.29
CA LYS D 419 6.48 -59.51 -0.72
C LYS D 419 6.25 -58.41 0.28
N HIS D 420 6.72 -57.26 -0.16
CA HIS D 420 6.91 -56.03 0.59
C HIS D 420 5.80 -55.02 0.37
N THR D 421 4.66 -55.44 -0.16
CA THR D 421 3.98 -54.54 -1.06
C THR D 421 2.66 -54.00 -0.55
N PRO D 422 2.69 -53.18 0.49
CA PRO D 422 1.75 -52.05 0.62
C PRO D 422 2.10 -50.92 -0.35
N PRO D 423 3.20 -51.04 -1.09
CA PRO D 423 4.21 -49.96 -1.10
C PRO D 423 3.69 -48.55 -1.25
N ALA D 424 2.72 -48.31 -2.12
CA ALA D 424 2.35 -46.97 -2.52
C ALA D 424 0.89 -46.69 -2.21
N PRO D 425 0.54 -46.56 -0.93
CA PRO D 425 -0.63 -45.74 -0.61
C PRO D 425 -0.34 -44.30 -0.93
N LYS D 426 0.94 -43.96 -1.14
CA LYS D 426 1.37 -42.57 -1.27
C LYS D 426 0.73 -41.94 -2.49
N GLU D 427 -0.01 -40.86 -2.24
CA GLU D 427 -0.71 -40.11 -3.27
C GLU D 427 -0.43 -38.63 -3.15
N ASP D 428 -0.74 -38.01 -2.02
CA ASP D 428 -0.28 -36.65 -1.90
C ASP D 428 1.22 -36.67 -2.10
N PRO D 429 1.72 -36.07 -3.17
CA PRO D 429 3.16 -35.93 -3.33
C PRO D 429 3.73 -34.96 -2.36
N LEU D 430 3.02 -33.87 -2.13
CA LEU D 430 3.46 -32.76 -1.32
C LEU D 430 3.20 -33.04 0.14
N LYS D 431 2.76 -34.26 0.42
CA LYS D 431 2.41 -34.71 1.74
C LYS D 431 3.44 -34.38 2.80
N LYS D 432 4.73 -34.52 2.50
CA LYS D 432 5.76 -34.12 3.46
C LYS D 432 5.59 -32.68 3.90
N TYR D 433 4.98 -31.87 3.07
CA TYR D 433 4.64 -30.52 3.47
C TYR D 433 3.54 -30.65 4.50
N THR D 434 3.68 -29.92 5.59
CA THR D 434 2.88 -30.23 6.76
C THR D 434 2.30 -28.97 7.34
N PHE D 435 1.00 -29.03 7.57
CA PHE D 435 0.17 -27.85 7.67
C PHE D 435 -1.24 -28.34 7.87
N TRP D 436 -2.16 -27.39 8.03
CA TRP D 436 -3.47 -27.75 8.50
C TRP D 436 -4.26 -28.44 7.39
N GLU D 437 -5.27 -29.18 7.81
CA GLU D 437 -6.00 -30.09 6.96
C GLU D 437 -7.44 -30.12 7.42
N VAL D 438 -8.37 -30.06 6.47
CA VAL D 438 -9.77 -30.07 6.86
C VAL D 438 -10.52 -31.03 5.96
N ASN D 439 -10.99 -32.14 6.50
CA ASN D 439 -11.85 -33.00 5.71
C ASN D 439 -13.29 -32.68 5.97
N LEU D 440 -14.00 -32.49 4.88
CA LEU D 440 -15.36 -32.04 4.89
C LEU D 440 -16.37 -33.09 4.51
N LYS D 441 -15.91 -34.25 4.05
CA LYS D 441 -16.60 -34.92 2.96
C LYS D 441 -18.11 -34.89 3.14
N GLU D 442 -18.63 -35.58 4.15
CA GLU D 442 -20.07 -35.82 4.22
C GLU D 442 -20.88 -34.69 4.83
N LYS D 443 -20.32 -33.49 4.96
CA LYS D 443 -21.08 -32.38 5.48
C LYS D 443 -22.06 -31.76 4.47
N PHE D 444 -22.12 -32.26 3.24
CA PHE D 444 -22.93 -31.57 2.24
C PHE D 444 -24.41 -31.84 2.47
N SER D 445 -25.22 -30.89 2.02
CA SER D 445 -26.65 -31.09 1.95
C SER D 445 -27.24 -30.01 1.08
N ALA D 446 -28.55 -30.07 0.91
CA ALA D 446 -29.24 -29.34 -0.13
C ALA D 446 -29.48 -27.89 0.23
N ASP D 447 -30.42 -27.59 1.14
CA ASP D 447 -31.15 -26.33 1.15
C ASP D 447 -30.62 -25.38 2.20
N LEU D 448 -30.39 -24.15 1.77
CA LEU D 448 -29.89 -23.11 2.64
C LEU D 448 -30.97 -22.61 3.56
N ASP D 449 -32.22 -22.89 3.22
CA ASP D 449 -33.26 -22.82 4.22
C ASP D 449 -32.76 -23.40 5.51
N GLN D 450 -32.06 -24.50 5.41
CA GLN D 450 -31.41 -25.15 6.53
C GLN D 450 -30.04 -24.58 6.77
N PHE D 451 -29.48 -23.90 5.82
CA PHE D 451 -28.07 -23.62 5.98
C PHE D 451 -27.88 -22.13 6.23
N PRO D 452 -27.27 -21.79 7.35
CA PRO D 452 -27.52 -20.47 7.94
C PRO D 452 -27.27 -19.31 7.00
N LEU D 453 -26.54 -19.53 5.93
CA LEU D 453 -26.01 -18.35 5.26
C LEU D 453 -26.46 -18.27 3.82
N GLY D 454 -25.84 -19.05 2.95
CA GLY D 454 -25.85 -18.70 1.54
C GLY D 454 -27.26 -18.56 1.00
N ARG D 455 -28.23 -18.98 1.80
CA ARG D 455 -29.58 -18.56 1.48
C ARG D 455 -29.59 -17.06 1.36
N LYS D 456 -28.62 -16.43 2.02
CA LYS D 456 -28.23 -15.09 1.63
C LYS D 456 -28.24 -15.00 0.13
N PHE D 457 -27.37 -15.75 -0.52
CA PHE D 457 -27.55 -15.85 -1.93
C PHE D 457 -28.96 -16.26 -2.28
N LEU D 458 -29.47 -17.32 -1.67
CA LEU D 458 -30.78 -17.76 -2.12
C LEU D 458 -31.72 -16.57 -2.18
N LEU D 459 -31.52 -15.59 -1.32
CA LEU D 459 -32.26 -14.38 -1.53
C LEU D 459 -31.59 -13.52 -2.59
N GLN D 460 -30.27 -13.39 -2.52
CA GLN D 460 -29.52 -12.85 -3.64
C GLN D 460 -29.98 -13.48 -4.94
N ALA D 461 -30.13 -14.79 -4.94
CA ALA D 461 -31.01 -15.40 -5.92
C ALA D 461 -32.37 -14.74 -5.90
N GLY D 462 -33.02 -14.74 -4.75
CA GLY D 462 -34.46 -14.73 -4.74
C GLY D 462 -34.97 -16.10 -5.14
N LEU D 463 -35.80 -16.15 -6.19
CA LEU D 463 -36.46 -17.33 -6.73
C LEU D 463 -37.36 -18.06 -5.74
N LYS D 464 -38.37 -17.36 -5.22
CA LYS D 464 -39.71 -17.95 -5.05
C LYS D 464 -39.80 -18.96 -3.90
N ALA D 465 -38.65 -19.44 -3.45
CA ALA D 465 -38.51 -20.07 -2.14
C ALA D 465 -39.28 -21.37 -2.00
N LYS D 466 -40.22 -21.62 -2.90
CA LYS D 466 -40.90 -22.89 -3.04
C LYS D 466 -41.84 -23.18 -1.87
N PRO D 467 -42.96 -23.86 -2.13
CA PRO D 467 -44.08 -23.86 -1.19
C PRO D 467 -44.01 -24.94 -0.11
N LYS D 468 -44.79 -24.71 0.94
CA LYS D 468 -45.43 -25.79 1.72
C LYS D 468 -46.87 -25.43 2.07
N TYR E 1 -27.05 -42.44 -1.29
CA TYR E 1 -27.57 -42.09 0.02
C TYR E 1 -28.24 -40.71 -0.01
N LEU E 2 -29.55 -40.67 0.13
CA LEU E 2 -30.28 -39.41 0.19
C LEU E 2 -30.13 -38.61 1.50
N PRO E 3 -30.19 -39.28 2.64
CA PRO E 3 -30.77 -40.61 2.90
C PRO E 3 -32.33 -40.83 3.06
N PRO E 4 -33.04 -40.33 4.13
CA PRO E 4 -34.51 -40.23 3.99
C PRO E 4 -35.04 -38.86 3.70
N VAL E 5 -36.36 -38.81 3.54
CA VAL E 5 -37.11 -37.58 3.36
C VAL E 5 -37.21 -36.71 4.61
N PRO E 6 -37.89 -37.17 5.67
CA PRO E 6 -38.52 -36.22 6.59
C PRO E 6 -37.51 -35.56 7.49
N VAL E 7 -37.73 -34.30 7.70
CA VAL E 7 -36.68 -33.51 8.27
C VAL E 7 -37.13 -32.73 9.45
N SER E 8 -38.18 -31.90 9.38
CA SER E 8 -39.12 -31.75 8.28
C SER E 8 -38.76 -30.55 7.47
N LYS E 9 -37.58 -30.02 7.75
CA LYS E 9 -37.10 -28.82 7.07
C LYS E 9 -37.88 -27.60 7.47
N VAL E 10 -37.47 -27.04 8.59
CA VAL E 10 -38.00 -25.80 9.14
C VAL E 10 -38.14 -24.78 8.03
N VAL E 11 -39.19 -23.98 8.13
CA VAL E 11 -39.68 -23.19 7.03
C VAL E 11 -39.63 -21.73 7.43
N SER E 12 -39.80 -20.87 6.44
CA SER E 12 -39.95 -19.45 6.72
C SER E 12 -41.28 -19.21 7.41
N THR E 13 -41.21 -18.59 8.58
CA THR E 13 -42.42 -18.30 9.33
C THR E 13 -43.46 -17.60 8.49
N ASP E 14 -43.01 -16.71 7.62
CA ASP E 14 -43.91 -15.94 6.82
C ASP E 14 -44.79 -16.79 5.95
N GLU E 15 -44.48 -18.07 5.84
CA GLU E 15 -45.37 -18.95 5.12
C GLU E 15 -46.76 -18.87 5.71
N TYR E 16 -46.91 -19.44 6.89
CA TYR E 16 -48.24 -19.62 7.40
C TYR E 16 -48.78 -18.37 8.05
N VAL E 17 -47.89 -17.54 8.59
CA VAL E 17 -48.37 -16.35 9.25
C VAL E 17 -49.07 -15.43 8.27
N ALA E 18 -50.02 -14.64 8.78
CA ALA E 18 -50.67 -13.58 8.00
C ALA E 18 -50.57 -12.25 8.71
N ARG E 19 -50.32 -11.20 7.95
CA ARG E 19 -50.18 -9.86 8.46
C ARG E 19 -51.51 -9.14 8.43
N THR E 20 -51.77 -8.32 9.43
CA THR E 20 -53.02 -7.60 9.54
C THR E 20 -52.86 -6.14 9.13
N ASN E 21 -53.93 -5.38 9.27
CA ASN E 21 -53.93 -3.98 8.92
C ASN E 21 -53.55 -3.08 10.07
N ILE E 22 -53.49 -3.61 11.25
CA ILE E 22 -53.52 -2.79 12.44
C ILE E 22 -52.16 -2.73 13.08
N TYR E 23 -51.85 -1.56 13.66
CA TYR E 23 -50.63 -1.31 14.43
C TYR E 23 -50.96 -0.60 15.74
N TYR E 24 -50.05 -0.72 16.70
CA TYR E 24 -50.14 -0.04 17.98
C TYR E 24 -48.77 0.46 18.39
N HIS E 25 -48.74 1.23 19.46
CA HIS E 25 -47.47 1.45 20.13
C HIS E 25 -47.71 1.70 21.60
N ALA E 26 -46.67 1.44 22.37
CA ALA E 26 -46.54 1.91 23.73
C ALA E 26 -45.06 2.02 24.04
N GLY E 27 -44.75 2.80 25.07
CA GLY E 27 -43.38 2.95 25.52
C GLY E 27 -43.33 3.33 26.98
N THR E 28 -42.17 3.07 27.58
CA THR E 28 -41.95 3.48 28.96
C THR E 28 -41.86 4.99 29.02
N SER E 29 -42.11 5.52 30.21
CA SER E 29 -41.73 6.89 30.45
C SER E 29 -40.24 6.94 30.18
N ARG E 30 -39.47 6.40 31.12
CA ARG E 30 -38.05 6.26 30.91
C ARG E 30 -37.46 5.54 32.10
N LEU E 31 -36.14 5.36 32.02
CA LEU E 31 -35.40 4.61 33.01
C LEU E 31 -34.16 5.39 33.43
N LEU E 32 -33.82 5.23 34.68
CA LEU E 32 -32.57 5.77 35.17
C LEU E 32 -32.11 4.92 36.32
N ALA E 33 -30.81 4.88 36.46
CA ALA E 33 -30.14 4.06 37.44
C ALA E 33 -28.93 4.82 37.91
N VAL E 34 -28.58 4.59 39.16
CA VAL E 34 -27.44 5.21 39.80
C VAL E 34 -26.70 4.13 40.55
N GLY E 35 -25.39 4.13 40.43
CA GLY E 35 -24.64 3.14 41.16
C GLY E 35 -23.18 3.50 41.18
N HIS E 36 -22.51 2.82 41.96
CA HIS E 36 -21.10 3.08 41.99
C HIS E 36 -20.39 2.14 41.03
N PRO E 37 -19.39 2.68 40.34
CA PRO E 37 -18.74 1.85 39.32
C PRO E 37 -18.02 0.66 39.90
N TYR E 38 -17.25 0.88 40.94
CA TYR E 38 -16.18 -0.05 41.24
C TYR E 38 -16.57 -1.25 42.06
N PHE E 39 -17.40 -1.08 43.07
CA PHE E 39 -17.88 -2.22 43.82
C PHE E 39 -19.24 -1.87 44.39
N PRO E 40 -20.04 -2.87 44.75
CA PRO E 40 -21.31 -2.58 45.42
C PRO E 40 -21.10 -2.17 46.86
N ILE E 41 -22.13 -1.55 47.43
CA ILE E 41 -22.06 -1.03 48.78
C ILE E 41 -22.97 -1.84 49.67
N LYS E 42 -22.42 -2.27 50.81
CA LYS E 42 -23.18 -3.04 51.77
C LYS E 42 -22.73 -2.67 53.18
N LYS E 43 -23.63 -2.88 54.12
CA LYS E 43 -23.33 -2.69 55.53
C LYS E 43 -22.14 -3.58 55.89
N PRO E 44 -21.15 -3.06 56.60
CA PRO E 44 -19.93 -3.85 56.79
C PRO E 44 -20.17 -5.16 57.49
N ASN E 45 -20.96 -5.15 58.55
CA ASN E 45 -21.29 -6.40 59.20
C ASN E 45 -22.29 -7.19 58.38
N ASN E 46 -23.29 -6.50 57.84
CA ASN E 46 -24.34 -7.18 57.13
C ASN E 46 -23.82 -7.66 55.79
N ASN E 47 -24.63 -8.46 55.12
CA ASN E 47 -24.44 -8.72 53.70
C ASN E 47 -25.41 -7.93 52.84
N LYS E 48 -26.34 -7.21 53.45
CA LYS E 48 -27.33 -6.50 52.67
C LYS E 48 -26.69 -5.31 52.00
N ILE E 49 -26.98 -5.14 50.72
CA ILE E 49 -26.34 -4.10 49.95
C ILE E 49 -26.87 -2.74 50.39
N LEU E 50 -25.96 -1.81 50.63
CA LEU E 50 -26.41 -0.45 50.88
C LEU E 50 -26.66 0.29 49.58
N VAL E 51 -25.73 0.16 48.65
CA VAL E 51 -25.90 0.83 47.37
C VAL E 51 -25.49 -0.16 46.29
N PRO E 52 -26.24 -0.23 45.19
CA PRO E 52 -25.92 -1.18 44.12
C PRO E 52 -24.73 -0.70 43.31
N LYS E 53 -23.90 -1.65 42.94
CA LYS E 53 -22.79 -1.34 42.05
C LYS E 53 -23.33 -1.20 40.64
N VAL E 54 -23.11 -0.05 40.03
CA VAL E 54 -23.57 0.18 38.68
C VAL E 54 -22.50 0.95 37.92
N SER E 55 -22.27 0.55 36.68
CA SER E 55 -21.45 1.30 35.76
C SER E 55 -21.86 0.96 34.33
N GLY E 56 -21.52 1.88 33.42
CA GLY E 56 -21.83 1.65 32.03
C GLY E 56 -21.34 0.29 31.56
N LEU E 57 -20.15 -0.11 32.00
CA LEU E 57 -19.56 -1.35 31.51
C LEU E 57 -20.33 -2.57 31.92
N GLN E 58 -21.21 -2.43 32.89
CA GLN E 58 -22.17 -3.48 33.13
C GLN E 58 -23.04 -3.64 31.91
N TYR E 59 -23.24 -4.88 31.52
CA TYR E 59 -24.21 -5.16 30.49
C TYR E 59 -25.60 -4.74 30.96
N ARG E 60 -26.49 -4.54 30.01
CA ARG E 60 -27.89 -4.28 30.28
C ARG E 60 -28.74 -5.36 29.68
N VAL E 61 -29.70 -5.85 30.47
CA VAL E 61 -30.61 -6.87 30.01
C VAL E 61 -32.03 -6.37 30.22
N PHE E 62 -32.77 -6.24 29.13
CA PHE E 62 -34.15 -5.78 29.18
C PHE E 62 -35.10 -6.90 28.78
N ARG E 63 -35.96 -7.25 29.73
CA ARG E 63 -37.06 -8.17 29.49
C ARG E 63 -38.36 -7.40 29.47
N ILE E 64 -39.17 -7.71 28.48
CA ILE E 64 -40.37 -6.95 28.22
C ILE E 64 -41.54 -7.90 28.04
N HIS E 65 -42.57 -7.72 28.85
CA HIS E 65 -43.76 -8.53 28.75
C HIS E 65 -44.80 -7.82 27.89
N LEU E 66 -45.52 -8.61 27.15
CA LEU E 66 -46.68 -8.08 26.47
C LEU E 66 -47.93 -8.71 27.01
N PRO E 67 -49.01 -7.96 27.08
CA PRO E 67 -50.29 -8.58 27.40
C PRO E 67 -50.75 -9.44 26.24
N ASP E 68 -51.43 -10.52 26.59
CA ASP E 68 -51.96 -11.43 25.61
C ASP E 68 -52.86 -10.67 24.65
N PRO E 69 -52.55 -10.64 23.39
CA PRO E 69 -53.49 -10.04 22.44
C PRO E 69 -54.84 -10.65 22.56
N ASN E 70 -54.88 -11.96 22.65
CA ASN E 70 -56.15 -12.63 22.57
C ASN E 70 -57.01 -12.36 23.79
N LYS E 71 -56.45 -11.76 24.82
CA LYS E 71 -57.29 -11.17 25.84
C LYS E 71 -57.90 -9.88 25.37
N PHE E 72 -57.35 -9.31 24.34
CA PHE E 72 -57.56 -7.91 24.04
C PHE E 72 -58.43 -7.80 22.80
N GLY E 73 -59.65 -7.33 22.98
CA GLY E 73 -60.55 -7.14 21.89
C GLY E 73 -60.18 -5.94 21.06
N PHE E 74 -60.96 -5.74 20.01
CA PHE E 74 -60.68 -4.79 18.95
C PHE E 74 -61.86 -3.87 18.75
N PRO E 75 -61.66 -2.74 18.05
CA PRO E 75 -62.84 -1.93 17.72
C PRO E 75 -63.84 -2.71 16.89
N ASP E 76 -63.36 -3.41 15.88
CA ASP E 76 -64.17 -4.34 15.12
C ASP E 76 -63.48 -5.69 15.17
N THR E 77 -64.08 -6.63 15.86
CA THR E 77 -63.44 -7.92 16.10
C THR E 77 -63.87 -8.99 15.11
N SER E 78 -64.85 -8.70 14.26
CA SER E 78 -65.50 -9.75 13.49
C SER E 78 -64.55 -10.44 12.52
N PHE E 79 -63.47 -9.79 12.12
CA PHE E 79 -62.72 -10.24 10.96
C PHE E 79 -62.04 -11.58 11.15
N TYR E 80 -62.10 -12.16 12.34
CA TYR E 80 -61.53 -13.48 12.51
C TYR E 80 -62.38 -14.26 13.50
N ASN E 81 -62.19 -15.56 13.49
CA ASN E 81 -62.69 -16.41 14.55
C ASN E 81 -61.62 -16.55 15.61
N PRO E 82 -61.86 -16.06 16.82
CA PRO E 82 -60.94 -16.33 17.91
C PRO E 82 -60.91 -17.77 18.30
N ASP E 83 -61.90 -18.56 17.92
CA ASP E 83 -61.89 -19.95 18.34
C ASP E 83 -60.89 -20.72 17.53
N THR E 84 -61.12 -20.82 16.24
CA THR E 84 -60.28 -21.65 15.40
C THR E 84 -58.87 -21.13 15.29
N GLN E 85 -58.58 -19.95 15.82
CA GLN E 85 -57.30 -19.33 15.55
C GLN E 85 -56.80 -18.63 16.81
N ARG E 86 -55.64 -17.96 16.66
CA ARG E 86 -54.97 -17.22 17.73
C ARG E 86 -54.51 -15.88 17.18
N LEU E 87 -53.97 -15.07 18.07
CA LEU E 87 -53.41 -13.79 17.71
C LEU E 87 -52.06 -13.68 18.34
N VAL E 88 -51.10 -13.15 17.59
CA VAL E 88 -49.75 -13.01 18.08
C VAL E 88 -49.19 -11.68 17.60
N TRP E 89 -48.45 -11.04 18.49
CA TRP E 89 -47.80 -9.77 18.19
C TRP E 89 -46.58 -9.97 17.31
N ALA E 90 -46.28 -8.94 16.53
CA ALA E 90 -45.06 -8.93 15.75
C ALA E 90 -44.40 -7.58 15.94
N CYS E 91 -43.10 -7.57 15.86
CA CYS E 91 -42.33 -6.37 16.17
C CYS E 91 -41.75 -5.80 14.88
N VAL E 92 -42.27 -4.66 14.43
CA VAL E 92 -41.82 -4.09 13.17
C VAL E 92 -40.56 -3.25 13.37
N GLY E 93 -40.57 -2.37 14.34
CA GLY E 93 -39.55 -1.36 14.44
C GLY E 93 -39.31 -0.99 15.88
N VAL E 94 -38.12 -0.47 16.13
CA VAL E 94 -37.59 -0.38 17.48
C VAL E 94 -36.71 0.86 17.61
N GLU E 95 -36.70 1.43 18.82
CA GLU E 95 -35.87 2.60 19.08
C GLU E 95 -35.27 2.53 20.47
N VAL E 96 -34.09 3.14 20.57
CA VAL E 96 -33.37 3.27 21.83
C VAL E 96 -33.02 4.73 22.03
N GLY E 97 -33.64 5.34 23.03
CA GLY E 97 -33.26 6.65 23.46
C GLY E 97 -32.13 6.61 24.47
N ARG E 98 -31.20 7.54 24.32
CA ARG E 98 -30.10 7.72 25.26
C ARG E 98 -29.85 9.21 25.39
N GLY E 99 -29.96 9.75 26.60
CA GLY E 99 -29.97 11.21 26.69
C GLY E 99 -28.77 11.91 27.28
N GLN E 100 -27.84 11.16 27.81
CA GLN E 100 -26.76 11.80 28.52
C GLN E 100 -25.88 12.56 27.54
N PRO E 101 -25.38 13.70 27.94
CA PRO E 101 -24.31 14.31 27.20
C PRO E 101 -23.17 13.33 27.16
N LEU E 102 -22.53 13.24 26.02
CA LEU E 102 -21.65 12.12 25.81
C LEU E 102 -20.29 12.39 26.42
N GLY E 103 -19.74 11.38 27.08
CA GLY E 103 -18.42 11.52 27.65
C GLY E 103 -17.85 10.24 28.22
N VAL E 104 -16.57 10.20 28.30
CA VAL E 104 -15.86 8.98 28.64
C VAL E 104 -15.59 8.96 30.13
N GLY E 105 -15.83 7.81 30.75
CA GLY E 105 -15.30 7.49 32.05
C GLY E 105 -14.09 6.59 31.96
N ILE E 106 -13.77 5.92 33.05
CA ILE E 106 -12.48 5.26 33.13
C ILE E 106 -12.33 4.47 34.42
N SER E 107 -11.33 3.58 34.47
CA SER E 107 -11.08 2.81 35.67
C SER E 107 -9.59 2.52 35.77
N GLY E 108 -9.19 2.06 36.94
CA GLY E 108 -7.82 1.70 37.23
C GLY E 108 -7.72 0.73 38.40
N HIS E 109 -6.49 0.51 38.86
CA HIS E 109 -6.34 -0.27 40.06
C HIS E 109 -5.18 0.25 40.91
N PRO E 110 -5.34 0.27 42.23
CA PRO E 110 -4.27 0.79 43.05
C PRO E 110 -3.03 -0.07 43.02
N LEU E 111 -3.19 -1.37 42.92
CA LEU E 111 -2.07 -2.28 42.87
C LEU E 111 -2.13 -3.03 41.57
N LEU E 112 -1.05 -3.00 40.83
CA LEU E 112 -1.10 -3.75 39.60
C LEU E 112 0.25 -4.36 39.33
N ASN E 113 0.26 -5.63 38.94
CA ASN E 113 1.53 -6.24 38.61
C ASN E 113 2.14 -5.50 37.45
N LYS E 114 3.33 -4.96 37.67
CA LYS E 114 4.03 -4.27 36.61
C LYS E 114 5.50 -4.30 36.93
N LEU E 115 6.31 -4.30 35.88
CA LEU E 115 7.74 -4.11 36.07
C LEU E 115 8.07 -2.64 35.89
N ASP E 116 8.05 -2.18 34.65
CA ASP E 116 8.44 -0.82 34.33
C ASP E 116 8.10 -0.62 32.87
N ASP E 117 8.48 0.55 32.35
CA ASP E 117 8.30 0.81 30.93
C ASP E 117 9.15 -0.13 30.09
N THR E 118 8.53 -0.66 29.05
CA THR E 118 9.24 -1.41 28.04
C THR E 118 9.54 -0.59 26.81
N GLU E 119 9.06 0.63 26.75
CA GLU E 119 9.21 1.39 25.52
C GLU E 119 10.62 1.92 25.36
N ASN E 120 11.12 2.60 26.38
CA ASN E 120 12.47 3.13 26.33
C ASN E 120 13.11 2.94 27.69
N ALA E 121 14.28 2.33 27.70
CA ALA E 121 15.05 2.13 28.93
C ALA E 121 16.51 2.46 28.65
N SER E 122 17.06 3.42 29.39
CA SER E 122 18.46 3.77 29.21
C SER E 122 19.36 2.63 29.64
N ALA E 123 19.11 2.06 30.81
CA ALA E 123 19.92 0.99 31.35
C ALA E 123 19.01 -0.18 31.70
N TYR E 124 19.62 -1.33 31.94
CA TYR E 124 18.84 -2.48 32.32
C TYR E 124 18.12 -2.23 33.63
N ALA E 125 17.02 -2.96 33.83
CA ALA E 125 16.14 -2.69 34.94
C ALA E 125 16.81 -3.07 36.26
N ALA E 126 16.08 -2.85 37.34
CA ALA E 126 16.59 -3.15 38.66
C ALA E 126 16.27 -4.59 39.03
N ASN E 127 16.64 -4.97 40.25
CA ASN E 127 16.29 -6.28 40.75
C ASN E 127 14.85 -6.30 41.20
N ALA E 128 14.21 -7.44 41.00
CA ALA E 128 12.81 -7.57 41.35
C ALA E 128 12.68 -7.73 42.86
N GLY E 129 12.01 -6.78 43.49
CA GLY E 129 11.76 -6.85 44.93
C GLY E 129 10.54 -7.68 45.18
N VAL E 130 9.84 -7.37 46.26
CA VAL E 130 8.54 -7.97 46.53
C VAL E 130 7.49 -6.90 46.34
N ASP E 131 6.48 -7.21 45.54
CA ASP E 131 5.35 -6.31 45.38
C ASP E 131 5.77 -4.95 44.88
N ASN E 132 6.10 -4.85 43.61
CA ASN E 132 6.31 -3.56 43.00
C ASN E 132 5.01 -2.97 42.42
N ARG E 133 3.86 -3.58 42.70
CA ARG E 133 2.59 -3.15 42.13
C ARG E 133 2.34 -1.68 42.36
N GLU E 134 1.71 -1.05 41.39
CA GLU E 134 1.53 0.38 41.40
C GLU E 134 0.09 0.71 41.09
N CYS E 135 -0.25 1.96 41.31
CA CYS E 135 -1.57 2.48 41.01
C CYS E 135 -1.53 3.12 39.63
N ILE E 136 -2.21 2.50 38.68
CA ILE E 136 -2.23 2.98 37.30
C ILE E 136 -3.62 2.68 36.77
N SER E 137 -4.07 3.48 35.82
CA SER E 137 -5.39 3.28 35.25
C SER E 137 -5.32 3.34 33.75
N MET E 138 -6.44 3.00 33.13
CA MET E 138 -6.53 2.96 31.68
C MET E 138 -7.98 3.09 31.27
N ASP E 139 -8.17 3.35 29.99
CA ASP E 139 -9.48 3.45 29.39
C ASP E 139 -9.80 2.17 28.67
N TYR E 140 -11.06 1.82 28.68
CA TYR E 140 -11.48 0.61 28.00
C TYR E 140 -11.79 0.86 26.53
N LYS E 141 -11.73 -0.23 25.77
CA LYS E 141 -12.09 -0.17 24.36
C LYS E 141 -13.48 0.39 24.19
N GLN E 142 -13.61 1.31 23.25
CA GLN E 142 -14.89 1.91 22.99
C GLN E 142 -15.77 0.97 22.18
N THR E 143 -17.06 0.94 22.53
CA THR E 143 -17.91 -0.02 21.85
C THR E 143 -19.37 0.38 21.91
N GLN E 144 -20.12 -0.08 20.91
CA GLN E 144 -21.57 -0.01 20.87
C GLN E 144 -22.14 -1.25 20.21
N LEU E 145 -23.30 -1.68 20.68
CA LEU E 145 -23.93 -2.87 20.16
C LEU E 145 -25.41 -2.83 20.45
N CYS E 146 -26.14 -3.69 19.77
CA CYS E 146 -27.55 -3.83 20.05
C CYS E 146 -28.06 -5.21 19.67
N LEU E 147 -29.06 -5.66 20.42
CA LEU E 147 -29.48 -7.04 20.33
C LEU E 147 -30.97 -7.17 20.46
N ILE E 148 -31.56 -7.97 19.58
CA ILE E 148 -33.01 -8.15 19.55
C ILE E 148 -33.38 -9.56 19.15
N GLY E 149 -34.33 -10.13 19.89
CA GLY E 149 -34.82 -11.48 19.67
C GLY E 149 -35.69 -11.94 20.84
N CYS E 150 -36.29 -13.10 20.67
CA CYS E 150 -37.16 -13.66 21.71
C CYS E 150 -36.44 -14.62 22.63
N LYS E 151 -35.23 -15.01 22.30
CA LYS E 151 -34.56 -15.90 23.19
C LYS E 151 -33.32 -15.22 23.73
N PRO E 152 -32.93 -15.55 24.95
CA PRO E 152 -31.93 -14.75 25.62
C PRO E 152 -30.61 -14.82 24.87
N PRO E 153 -29.79 -13.79 25.01
CA PRO E 153 -28.52 -13.80 24.32
C PRO E 153 -27.62 -14.84 24.91
N ILE E 154 -26.93 -15.51 24.03
CA ILE E 154 -26.07 -16.61 24.41
C ILE E 154 -24.66 -16.09 24.50
N GLY E 155 -24.05 -16.32 25.65
CA GLY E 155 -22.69 -15.90 25.89
C GLY E 155 -21.71 -17.05 25.80
N GLU E 156 -20.43 -16.68 25.84
CA GLU E 156 -19.33 -17.61 25.80
C GLU E 156 -18.15 -16.98 26.50
N HIS E 157 -17.25 -17.82 26.99
CA HIS E 157 -16.09 -17.31 27.66
C HIS E 157 -15.05 -18.41 27.72
N TRP E 158 -13.83 -18.02 27.99
CA TRP E 158 -12.86 -19.00 28.39
C TRP E 158 -13.15 -19.46 29.80
N GLY E 159 -12.67 -20.65 30.12
CA GLY E 159 -12.87 -21.18 31.45
C GLY E 159 -12.04 -22.43 31.65
N LYS E 160 -11.86 -22.78 32.92
CA LYS E 160 -11.07 -23.94 33.30
C LYS E 160 -11.98 -25.14 33.50
N GLY E 161 -11.58 -26.28 32.94
CA GLY E 161 -12.22 -27.54 33.17
C GLY E 161 -11.39 -28.50 33.99
N SER E 162 -11.72 -29.74 33.89
CA SER E 162 -10.98 -30.77 34.59
C SER E 162 -9.90 -31.33 33.70
N PRO E 163 -8.67 -31.34 34.15
CA PRO E 163 -7.62 -31.96 33.36
C PRO E 163 -7.84 -33.44 33.26
N CYS E 164 -7.68 -33.96 32.05
CA CYS E 164 -7.67 -35.40 31.88
C CYS E 164 -6.60 -36.03 32.77
N THR E 165 -6.90 -37.18 33.33
CA THR E 165 -6.09 -37.69 34.41
C THR E 165 -5.02 -38.59 33.83
N ASN E 166 -3.82 -38.07 33.81
CA ASN E 166 -2.62 -38.87 33.67
C ASN E 166 -1.68 -38.35 34.72
N VAL E 167 -1.26 -37.12 34.53
CA VAL E 167 -0.39 -36.44 35.48
C VAL E 167 -1.26 -35.86 36.58
N ALA E 168 -0.85 -36.09 37.82
CA ALA E 168 -1.48 -35.42 38.94
C ALA E 168 -1.06 -33.96 38.94
N VAL E 169 -2.05 -33.09 39.03
CA VAL E 169 -1.77 -31.67 39.00
C VAL E 169 -1.09 -31.26 40.29
N ASN E 170 0.00 -30.74 40.18
CA ASN E 170 0.61 -30.11 41.33
C ASN E 170 0.30 -28.62 41.36
N PRO E 171 0.37 -27.99 42.53
CA PRO E 171 0.16 -26.55 42.59
C PRO E 171 1.17 -25.83 41.72
N GLY E 172 0.68 -24.85 40.96
CA GLY E 172 1.49 -24.13 40.02
C GLY E 172 1.45 -24.63 38.59
N ASP E 173 0.72 -25.72 38.33
CA ASP E 173 0.62 -26.22 36.97
C ASP E 173 -0.25 -25.28 36.12
N CYS E 174 -0.10 -25.40 34.82
CA CYS E 174 -0.93 -24.61 33.92
C CYS E 174 -2.30 -25.27 33.77
N PRO E 175 -3.34 -24.67 34.28
CA PRO E 175 -4.65 -25.25 34.16
C PRO E 175 -5.10 -25.27 32.71
N PRO E 176 -5.65 -26.38 32.26
CA PRO E 176 -6.16 -26.45 30.89
C PRO E 176 -7.36 -25.53 30.75
N LEU E 177 -7.72 -25.30 29.50
CA LEU E 177 -8.73 -24.32 29.19
C LEU E 177 -9.94 -24.94 28.54
N GLU E 178 -11.08 -24.29 28.72
CA GLU E 178 -12.33 -24.74 28.16
C GLU E 178 -13.10 -23.59 27.58
N LEU E 179 -13.73 -23.85 26.46
CA LEU E 179 -14.67 -22.91 25.88
C LEU E 179 -16.06 -23.24 26.36
N ILE E 180 -16.77 -22.24 26.83
CA ILE E 180 -18.01 -22.48 27.53
C ILE E 180 -19.06 -21.49 27.07
N ASN E 181 -20.18 -22.00 26.61
CA ASN E 181 -21.36 -21.20 26.36
C ASN E 181 -22.17 -21.03 27.62
N THR E 182 -22.84 -19.89 27.72
CA THR E 182 -23.78 -19.72 28.81
C THR E 182 -24.78 -18.63 28.47
N VAL E 183 -25.87 -18.63 29.24
CA VAL E 183 -26.81 -17.55 29.19
C VAL E 183 -26.16 -16.28 29.70
N ILE E 184 -26.64 -15.14 29.23
CA ILE E 184 -26.09 -13.86 29.61
C ILE E 184 -26.97 -13.22 30.66
N GLN E 185 -26.36 -12.74 31.74
CA GLN E 185 -27.08 -12.09 32.82
C GLN E 185 -26.66 -10.64 32.94
N ASP E 186 -27.54 -9.85 33.53
CA ASP E 186 -27.23 -8.45 33.70
C ASP E 186 -26.06 -8.27 34.64
N GLY E 187 -25.46 -7.09 34.59
CA GLY E 187 -24.33 -6.75 35.41
C GLY E 187 -23.04 -7.38 34.96
N ASP E 188 -23.09 -8.26 33.98
CA ASP E 188 -21.89 -8.86 33.46
C ASP E 188 -21.12 -7.85 32.62
N MET E 189 -19.86 -8.18 32.37
CA MET E 189 -18.89 -7.18 31.96
C MET E 189 -18.49 -7.37 30.50
N VAL E 190 -18.36 -6.24 29.82
CA VAL E 190 -17.77 -6.21 28.52
C VAL E 190 -16.32 -6.64 28.59
N ASP E 191 -15.79 -7.11 27.46
CA ASP E 191 -14.35 -7.25 27.35
C ASP E 191 -13.67 -5.89 27.49
N THR E 192 -12.50 -5.91 28.07
CA THR E 192 -11.65 -4.74 27.99
C THR E 192 -10.70 -4.87 26.84
N GLY E 193 -10.85 -5.94 26.09
CA GLY E 193 -9.79 -6.42 25.26
C GLY E 193 -8.94 -7.44 25.94
N PHE E 194 -9.34 -7.93 27.11
CA PHE E 194 -8.63 -9.03 27.74
C PHE E 194 -9.30 -10.37 27.54
N GLY E 195 -10.44 -10.41 26.88
CA GLY E 195 -11.01 -11.69 26.51
C GLY E 195 -11.90 -12.30 27.55
N ALA E 196 -12.91 -13.05 27.10
CA ALA E 196 -13.93 -13.57 27.99
C ALA E 196 -13.39 -14.78 28.71
N MET E 197 -13.32 -14.69 30.01
CA MET E 197 -12.77 -15.76 30.83
C MET E 197 -13.10 -15.40 32.27
N ASP E 198 -12.74 -16.31 33.17
CA ASP E 198 -12.89 -16.08 34.59
C ASP E 198 -11.54 -15.72 35.17
N PHE E 199 -11.40 -14.47 35.51
CA PHE E 199 -10.24 -14.08 36.26
C PHE E 199 -10.25 -14.73 37.62
N THR E 200 -11.40 -14.70 38.27
CA THR E 200 -11.48 -15.19 39.63
C THR E 200 -10.85 -16.56 39.75
N THR E 201 -11.30 -17.51 38.93
CA THR E 201 -10.67 -18.81 39.01
C THR E 201 -9.30 -18.77 38.38
N LEU E 202 -9.19 -18.23 37.19
CA LEU E 202 -7.95 -18.41 36.46
C LEU E 202 -6.86 -17.43 36.87
N GLN E 203 -7.22 -16.34 37.50
CA GLN E 203 -6.21 -15.42 37.97
C GLN E 203 -6.19 -15.42 39.47
N ALA E 204 -5.11 -15.92 40.05
CA ALA E 204 -5.00 -15.97 41.49
C ALA E 204 -4.57 -14.63 42.07
N ASN E 205 -3.67 -13.94 41.40
CA ASN E 205 -3.17 -12.68 41.92
C ASN E 205 -4.32 -11.79 42.33
N LYS E 206 -5.35 -11.76 41.51
CA LYS E 206 -6.48 -10.89 41.75
C LYS E 206 -6.08 -9.44 41.48
N SER E 207 -4.79 -9.16 41.32
CA SER E 207 -4.35 -7.80 41.02
C SER E 207 -4.02 -7.56 39.55
N GLU E 208 -4.20 -8.53 38.69
CA GLU E 208 -3.70 -8.38 37.32
C GLU E 208 -4.52 -7.44 36.45
N VAL E 209 -5.69 -7.01 36.90
CA VAL E 209 -6.57 -6.18 36.08
C VAL E 209 -7.24 -5.15 36.97
N PRO E 210 -7.77 -4.10 36.37
CA PRO E 210 -8.51 -3.13 37.15
C PRO E 210 -9.73 -3.78 37.76
N LEU E 211 -10.21 -3.11 38.78
CA LEU E 211 -11.14 -3.72 39.71
C LEU E 211 -12.30 -4.35 38.97
N ASP E 212 -13.02 -3.50 38.23
CA ASP E 212 -14.39 -3.81 37.87
C ASP E 212 -14.51 -5.24 37.37
N ILE E 213 -13.54 -5.67 36.60
CA ILE E 213 -13.64 -6.97 35.96
C ILE E 213 -13.06 -8.06 36.80
N CYS E 214 -12.31 -7.71 37.82
CA CYS E 214 -11.60 -8.73 38.55
C CYS E 214 -12.58 -9.77 39.08
N THR E 215 -13.72 -9.31 39.56
CA THR E 215 -14.65 -10.22 40.20
C THR E 215 -15.20 -11.20 39.20
N SER E 216 -15.84 -10.69 38.17
CA SER E 216 -16.75 -11.47 37.39
C SER E 216 -16.06 -12.02 36.15
N ILE E 217 -16.86 -12.65 35.29
CA ILE E 217 -16.41 -13.20 34.02
C ILE E 217 -16.91 -12.27 32.95
N CYS E 218 -16.01 -11.55 32.33
CA CYS E 218 -16.39 -10.84 31.13
C CYS E 218 -16.83 -11.84 30.10
N LYS E 219 -17.81 -11.47 29.30
CA LYS E 219 -18.34 -12.34 28.27
C LYS E 219 -18.58 -11.56 26.99
N TYR E 220 -18.76 -12.31 25.91
CA TYR E 220 -18.82 -11.74 24.59
C TYR E 220 -19.74 -12.59 23.76
N PRO E 221 -20.49 -11.99 22.86
CA PRO E 221 -21.42 -12.75 22.04
C PRO E 221 -20.71 -13.50 20.95
N ASP E 222 -21.17 -14.75 20.69
CA ASP E 222 -20.73 -15.53 19.53
C ASP E 222 -21.80 -15.52 18.46
N TYR E 223 -21.59 -14.70 17.45
CA TYR E 223 -22.58 -14.60 16.39
C TYR E 223 -22.85 -15.96 15.80
N ILE E 224 -21.80 -16.73 15.60
CA ILE E 224 -21.88 -18.00 14.95
C ILE E 224 -22.95 -18.84 15.59
N LYS E 225 -22.59 -19.36 16.76
CA LYS E 225 -23.44 -20.34 17.39
C LYS E 225 -24.83 -19.77 17.53
N MET E 226 -24.89 -18.50 17.88
CA MET E 226 -26.17 -17.86 17.98
C MET E 226 -26.86 -17.93 16.65
N VAL E 227 -26.29 -17.26 15.66
CA VAL E 227 -26.92 -17.24 14.36
C VAL E 227 -27.08 -18.66 13.87
N SER E 228 -26.25 -19.55 14.36
CA SER E 228 -26.40 -20.92 13.90
C SER E 228 -27.80 -21.47 14.13
N GLU E 229 -28.56 -20.98 15.11
CA GLU E 229 -29.77 -21.63 15.59
C GLU E 229 -30.68 -22.04 14.43
N PRO E 230 -31.35 -23.19 14.53
CA PRO E 230 -32.22 -23.56 13.42
C PRO E 230 -33.38 -22.62 13.28
N TYR E 231 -33.96 -22.21 14.39
CA TYR E 231 -35.03 -21.25 14.28
C TYR E 231 -34.54 -19.83 14.20
N GLY E 232 -33.29 -19.59 14.56
CA GLY E 232 -32.79 -18.24 14.64
C GLY E 232 -33.46 -17.37 15.68
N ASP E 233 -34.35 -17.93 16.49
CA ASP E 233 -35.14 -17.12 17.39
C ASP E 233 -34.38 -16.63 18.61
N SER E 234 -33.13 -17.04 18.78
CA SER E 234 -32.28 -16.38 19.74
C SER E 234 -32.33 -14.88 19.49
N LEU E 235 -31.68 -14.50 18.40
CA LEU E 235 -31.63 -13.12 17.93
C LEU E 235 -32.01 -13.16 16.47
N PHE E 236 -32.84 -12.23 16.07
CA PHE E 236 -33.04 -12.07 14.64
C PHE E 236 -32.29 -10.87 14.07
N PHE E 237 -31.53 -10.14 14.88
CA PHE E 237 -31.02 -8.88 14.38
C PHE E 237 -30.05 -8.28 15.37
N TYR E 238 -29.22 -7.38 14.86
CA TYR E 238 -28.13 -6.80 15.64
C TYR E 238 -27.35 -5.81 14.80
N LEU E 239 -26.50 -5.06 15.50
CA LEU E 239 -25.53 -4.15 14.92
C LEU E 239 -24.38 -3.98 15.90
N ARG E 240 -23.20 -3.64 15.39
CA ARG E 240 -22.07 -3.42 16.28
C ARG E 240 -21.03 -2.49 15.65
N ARG E 241 -20.38 -1.70 16.50
CA ARG E 241 -19.21 -0.92 16.14
C ARG E 241 -18.28 -0.86 17.33
N GLU E 242 -16.98 -0.99 17.07
CA GLU E 242 -16.02 -0.82 18.14
C GLU E 242 -14.65 -0.58 17.54
N GLN E 243 -13.75 -0.07 18.38
CA GLN E 243 -12.42 0.28 17.95
C GLN E 243 -11.48 0.35 19.14
N MET E 244 -10.19 0.20 18.84
CA MET E 244 -9.17 0.23 19.88
C MET E 244 -7.80 0.46 19.26
N PHE E 245 -6.88 0.91 20.09
CA PHE E 245 -5.49 1.02 19.72
C PHE E 245 -4.62 1.00 20.95
N VAL E 246 -3.34 0.83 20.71
CA VAL E 246 -2.35 0.64 21.75
C VAL E 246 -2.02 1.97 22.42
N ARG E 247 -1.58 1.88 23.67
CA ARG E 247 -1.00 3.04 24.29
C ARG E 247 0.35 2.72 24.94
N HIS E 248 0.37 1.82 25.90
CA HIS E 248 1.60 1.48 26.63
C HIS E 248 1.87 -0.02 26.62
N LEU E 249 3.12 -0.34 26.98
CA LEU E 249 3.66 -1.70 26.92
C LEU E 249 4.40 -1.99 28.21
N PHE E 250 3.95 -3.00 28.95
CA PHE E 250 4.48 -3.26 30.28
C PHE E 250 4.86 -4.72 30.42
N ASN E 251 5.35 -5.05 31.63
CA ASN E 251 5.80 -6.40 31.95
C ASN E 251 5.08 -6.90 33.17
N ARG E 252 4.71 -8.17 33.14
CA ARG E 252 4.39 -8.83 34.36
C ARG E 252 5.66 -8.98 35.20
N ALA E 253 5.46 -9.15 36.51
CA ALA E 253 6.55 -9.42 37.43
C ALA E 253 6.11 -10.54 38.38
N GLY E 254 6.82 -11.67 38.36
CA GLY E 254 6.44 -12.79 39.20
C GLY E 254 7.25 -14.01 38.82
N ALA E 255 6.92 -15.12 39.44
CA ALA E 255 7.66 -16.34 39.18
C ALA E 255 7.53 -16.75 37.72
N VAL E 256 8.66 -17.08 37.11
CA VAL E 256 8.66 -17.48 35.70
C VAL E 256 8.04 -18.86 35.58
N GLY E 257 6.99 -18.96 34.79
CA GLY E 257 6.43 -20.26 34.48
C GLY E 257 7.42 -21.11 33.72
N GLU E 258 8.00 -20.55 32.67
CA GLU E 258 8.93 -21.29 31.82
C GLU E 258 9.94 -20.34 31.23
N ASN E 259 11.14 -20.84 31.02
CA ASN E 259 12.18 -20.05 30.41
C ASN E 259 12.38 -20.47 28.97
N VAL E 260 12.66 -19.50 28.12
CA VAL E 260 12.86 -19.80 26.70
C VAL E 260 14.08 -20.69 26.55
N PRO E 261 14.06 -21.65 25.64
CA PRO E 261 15.27 -22.38 25.33
C PRO E 261 16.38 -21.42 24.91
N ASP E 262 17.56 -21.65 25.49
CA ASP E 262 18.69 -20.77 25.26
C ASP E 262 18.93 -20.57 23.78
N ASP E 263 18.84 -21.65 23.00
CA ASP E 263 19.22 -21.63 21.60
C ASP E 263 18.50 -20.53 20.85
N LEU E 264 17.44 -20.01 21.43
CA LEU E 264 16.76 -18.89 20.85
C LEU E 264 17.44 -17.58 21.15
N TYR E 265 18.55 -17.61 21.88
CA TYR E 265 19.30 -16.39 22.11
C TYR E 265 20.70 -16.80 22.51
N ILE E 266 21.47 -15.83 23.00
CA ILE E 266 22.84 -16.06 23.41
C ILE E 266 23.04 -15.55 24.84
N LYS E 267 23.88 -16.25 25.58
CA LYS E 267 24.11 -15.92 26.97
C LYS E 267 24.59 -14.49 27.13
N GLY E 268 23.99 -13.79 28.07
CA GLY E 268 24.45 -12.49 28.48
C GLY E 268 25.51 -12.59 29.54
N SER E 269 25.64 -11.52 30.32
CA SER E 269 26.62 -11.42 31.40
C SER E 269 26.46 -10.09 32.09
N GLY E 270 26.98 -9.99 33.31
CA GLY E 270 26.93 -8.74 34.04
C GLY E 270 25.48 -8.33 34.23
N SER E 271 25.17 -7.12 33.78
CA SER E 271 23.78 -6.72 33.73
C SER E 271 22.95 -7.75 33.00
N THR E 272 23.52 -8.38 31.98
CA THR E 272 22.83 -9.36 31.17
C THR E 272 23.00 -10.76 31.71
N ALA E 273 23.60 -10.90 32.88
CA ALA E 273 23.69 -12.22 33.49
C ALA E 273 22.33 -12.90 33.53
N ASN E 274 21.29 -12.14 33.87
CA ASN E 274 19.97 -12.72 34.07
C ASN E 274 19.00 -12.20 33.03
N LEU E 275 17.94 -12.98 32.84
CA LEU E 275 16.91 -12.64 31.88
C LEU E 275 15.73 -11.97 32.59
N ALA E 276 15.34 -10.82 32.09
CA ALA E 276 14.14 -10.16 32.57
C ALA E 276 12.92 -10.96 32.18
N SER E 277 11.81 -10.66 32.84
CA SER E 277 10.56 -11.35 32.55
C SER E 277 10.21 -11.25 31.09
N SER E 278 9.67 -12.33 30.56
CA SER E 278 9.30 -12.39 29.17
C SER E 278 7.97 -11.70 28.91
N ASN E 279 7.19 -11.48 29.95
CA ASN E 279 5.80 -11.14 29.72
C ASN E 279 5.68 -9.75 29.18
N TYR E 280 4.59 -9.53 28.47
CA TYR E 280 4.20 -8.24 27.97
C TYR E 280 2.70 -8.20 27.92
N PHE E 281 2.11 -7.05 28.18
CA PHE E 281 0.72 -6.90 27.79
C PHE E 281 0.46 -5.46 27.42
N PRO E 282 -0.39 -5.22 26.44
CA PRO E 282 -0.69 -3.86 26.02
C PRO E 282 -1.57 -3.15 27.03
N THR E 283 -1.65 -1.85 26.84
CA THR E 283 -2.64 -1.04 27.50
C THR E 283 -3.64 -0.53 26.47
N PRO E 284 -4.89 -1.01 26.50
CA PRO E 284 -5.86 -0.57 25.49
C PRO E 284 -6.13 0.92 25.65
N SER E 285 -6.33 1.57 24.52
CA SER E 285 -6.61 2.99 24.53
C SER E 285 -7.82 3.25 23.64
N GLY E 286 -8.90 3.72 24.25
CA GLY E 286 -10.03 4.19 23.47
C GLY E 286 -9.67 5.41 22.64
N SER E 287 -10.52 5.73 21.68
CA SER E 287 -10.20 6.75 20.69
C SER E 287 -11.18 7.90 20.72
N MET E 288 -10.97 8.82 19.80
CA MET E 288 -11.85 9.94 19.65
C MET E 288 -13.26 9.45 19.44
N VAL E 289 -14.12 9.95 20.23
CA VAL E 289 -15.52 9.62 20.12
C VAL E 289 -16.18 10.67 19.26
N THR E 290 -17.12 10.25 18.42
CA THR E 290 -17.86 11.18 17.59
C THR E 290 -19.35 11.03 17.75
N SER E 291 -20.05 12.11 17.45
CA SER E 291 -21.49 12.06 17.38
C SER E 291 -21.96 11.10 16.30
N ASP E 292 -21.19 10.93 15.24
CA ASP E 292 -21.66 10.15 14.12
C ASP E 292 -21.81 8.69 14.49
N ALA E 293 -20.72 8.10 14.95
CA ALA E 293 -20.72 6.67 15.15
C ALA E 293 -21.79 6.26 16.12
N GLN E 294 -22.38 7.22 16.80
CA GLN E 294 -23.54 6.89 17.59
C GLN E 294 -24.54 6.16 16.74
N ILE E 295 -24.97 5.01 17.23
CA ILE E 295 -25.91 4.17 16.52
C ILE E 295 -27.33 4.34 17.06
N PHE E 296 -27.52 5.24 18.02
CA PHE E 296 -28.80 5.28 18.71
C PHE E 296 -29.54 6.53 18.35
N ASN E 297 -30.69 6.68 18.99
CA ASN E 297 -31.56 7.83 18.75
C ASN E 297 -31.93 7.92 17.29
N LYS E 298 -31.92 6.78 16.62
CA LYS E 298 -32.31 6.77 15.25
C LYS E 298 -33.16 5.54 15.00
N PRO E 299 -34.21 5.69 14.21
CA PRO E 299 -35.17 4.60 14.03
C PRO E 299 -34.54 3.44 13.31
N TYR E 300 -35.19 2.30 13.45
CA TYR E 300 -34.82 1.10 12.72
C TYR E 300 -36.02 0.49 12.06
N TRP E 301 -35.77 -0.23 10.99
CA TRP E 301 -36.83 -0.79 10.18
C TRP E 301 -36.44 -2.18 9.75
N LEU E 302 -37.26 -3.14 10.10
CA LEU E 302 -36.96 -4.52 9.83
C LEU E 302 -37.98 -5.06 8.87
N GLN E 303 -37.52 -5.87 7.94
CA GLN E 303 -38.45 -6.68 7.19
C GLN E 303 -37.93 -8.11 7.22
N ARG E 304 -36.74 -8.33 6.68
CA ARG E 304 -36.19 -9.66 6.55
C ARG E 304 -34.99 -9.82 7.44
N ALA E 305 -34.93 -10.94 8.12
CA ALA E 305 -33.84 -11.25 9.01
C ALA E 305 -33.25 -12.58 8.61
N GLN E 306 -32.00 -12.77 9.01
CA GLN E 306 -31.33 -14.03 8.70
C GLN E 306 -32.13 -15.23 9.21
N GLY E 307 -32.85 -15.07 10.32
CA GLY E 307 -33.64 -16.16 10.84
C GLY E 307 -34.96 -16.30 10.13
N HIS E 308 -35.62 -17.41 10.37
CA HIS E 308 -36.92 -17.60 9.74
C HIS E 308 -38.00 -16.82 10.44
N ASN E 309 -37.86 -16.57 11.74
CA ASN E 309 -38.76 -15.64 12.39
C ASN E 309 -38.71 -14.34 11.63
N ASN E 310 -39.88 -13.78 11.39
CA ASN E 310 -39.96 -12.38 11.02
C ASN E 310 -40.69 -11.72 12.18
N GLY E 311 -39.93 -11.06 13.03
CA GLY E 311 -40.49 -10.26 14.10
C GLY E 311 -41.51 -10.97 14.95
N ILE E 312 -41.49 -12.28 14.96
CA ILE E 312 -42.44 -13.00 15.80
C ILE E 312 -41.89 -13.07 17.19
N CYS E 313 -42.72 -12.69 18.15
CA CYS E 313 -42.36 -12.84 19.55
C CYS E 313 -43.33 -13.82 20.16
N TRP E 314 -42.84 -14.99 20.46
CA TRP E 314 -43.69 -15.97 21.08
C TRP E 314 -43.83 -15.67 22.57
N GLY E 315 -44.92 -16.18 23.13
CA GLY E 315 -45.09 -16.09 24.57
C GLY E 315 -45.13 -14.68 25.08
N ASN E 316 -45.61 -13.74 24.27
CA ASN E 316 -45.77 -12.36 24.67
C ASN E 316 -44.48 -11.79 25.20
N GLN E 317 -43.38 -12.34 24.78
CA GLN E 317 -42.12 -12.08 25.44
C GLN E 317 -41.10 -11.59 24.45
N LEU E 318 -40.26 -10.65 24.89
CA LEU E 318 -39.36 -9.96 23.98
C LEU E 318 -38.11 -9.52 24.74
N PHE E 319 -36.97 -9.60 24.07
CA PHE E 319 -35.69 -9.34 24.69
C PHE E 319 -34.95 -8.23 23.95
N VAL E 320 -34.32 -7.34 24.71
CA VAL E 320 -33.40 -6.37 24.13
C VAL E 320 -32.19 -6.23 25.03
N THR E 321 -31.02 -6.20 24.42
CA THR E 321 -29.78 -6.09 25.16
C THR E 321 -28.87 -5.15 24.43
N VAL E 322 -28.37 -4.19 25.16
CA VAL E 322 -27.62 -3.13 24.54
C VAL E 322 -26.57 -2.66 25.52
N VAL E 323 -25.43 -2.26 24.99
CA VAL E 323 -24.34 -1.79 25.82
C VAL E 323 -23.65 -0.64 25.10
N ASP E 324 -23.30 0.41 25.86
CA ASP E 324 -22.60 1.57 25.35
C ASP E 324 -21.43 1.96 26.25
N THR E 325 -20.36 2.38 25.62
CA THR E 325 -19.23 2.91 26.35
C THR E 325 -19.23 4.42 26.42
N THR E 326 -20.08 5.07 25.66
CA THR E 326 -19.80 6.46 25.39
C THR E 326 -20.15 7.37 26.53
N ARG E 327 -21.06 6.97 27.37
CA ARG E 327 -21.55 7.83 28.40
C ARG E 327 -20.83 7.61 29.72
N SER E 328 -19.74 6.86 29.70
CA SER E 328 -19.13 6.34 30.90
C SER E 328 -18.64 7.40 31.90
N THR E 329 -18.77 8.66 31.54
CA THR E 329 -18.29 9.72 32.41
C THR E 329 -18.74 9.52 33.85
N ASN E 330 -17.83 9.75 34.77
CA ASN E 330 -18.12 9.63 36.17
C ASN E 330 -17.97 10.97 36.84
N MET E 331 -19.08 11.51 37.34
CA MET E 331 -18.98 12.74 38.11
C MET E 331 -18.53 12.41 39.53
N SER E 332 -17.79 13.35 40.10
CA SER E 332 -17.22 13.19 41.42
C SER E 332 -17.53 14.43 42.21
N LEU E 333 -18.03 14.26 43.42
CA LEU E 333 -18.37 15.40 44.24
C LEU E 333 -17.73 15.26 45.61
N CYS E 334 -17.71 16.38 46.32
CA CYS E 334 -17.08 16.46 47.62
C CYS E 334 -18.05 17.06 48.62
N ALA E 335 -18.04 16.48 49.83
CA ALA E 335 -18.80 16.97 50.97
C ALA E 335 -17.82 17.42 52.06
N ALA E 336 -18.17 18.51 52.73
CA ALA E 336 -17.36 19.08 53.79
C ALA E 336 -17.94 18.65 55.12
N ILE E 337 -17.13 17.97 55.93
CA ILE E 337 -17.62 17.63 57.23
C ILE E 337 -17.57 18.83 58.17
N SER E 338 -16.70 19.80 57.91
CA SER E 338 -16.64 21.02 58.70
C SER E 338 -16.64 22.21 57.76
N THR E 339 -17.64 23.06 57.89
CA THR E 339 -17.83 24.20 56.99
C THR E 339 -17.19 25.48 57.51
N SER E 340 -16.62 25.43 58.71
CA SER E 340 -16.19 26.68 59.34
C SER E 340 -14.79 27.08 58.89
N GLU E 341 -13.79 26.25 59.21
CA GLU E 341 -12.40 26.65 59.07
C GLU E 341 -12.11 27.17 57.67
N THR E 342 -11.35 28.23 57.59
CA THR E 342 -11.07 28.91 56.33
C THR E 342 -9.74 28.51 55.72
N THR E 343 -8.99 27.62 56.36
CA THR E 343 -7.74 27.17 55.82
C THR E 343 -7.97 25.83 55.14
N TYR E 344 -7.57 25.73 53.88
CA TYR E 344 -7.81 24.51 53.13
C TYR E 344 -7.03 23.33 53.69
N LYS E 345 -7.71 22.20 53.83
CA LYS E 345 -7.09 20.98 54.33
C LYS E 345 -7.68 19.79 53.59
N ASN E 346 -6.82 18.85 53.28
CA ASN E 346 -7.33 17.62 52.72
C ASN E 346 -8.19 16.84 53.70
N THR E 347 -8.19 17.22 54.96
CA THR E 347 -8.92 16.47 55.97
C THR E 347 -10.41 16.68 55.87
N ASN E 348 -10.86 17.85 55.44
CA ASN E 348 -12.24 18.17 55.65
C ASN E 348 -13.18 17.52 54.65
N PHE E 349 -12.66 16.92 53.58
CA PHE E 349 -13.50 16.53 52.46
C PHE E 349 -13.45 15.03 52.20
N LYS E 350 -14.57 14.36 52.44
CA LYS E 350 -14.76 13.02 51.91
C LYS E 350 -15.08 13.08 50.43
N GLU E 351 -14.92 11.94 49.77
CA GLU E 351 -15.17 11.85 48.35
C GLU E 351 -16.06 10.65 48.06
N TYR E 352 -16.98 10.81 47.11
CA TYR E 352 -17.86 9.75 46.65
C TYR E 352 -17.95 9.77 45.13
N LEU E 353 -18.41 8.65 44.58
CA LEU E 353 -18.44 8.45 43.14
C LEU E 353 -19.77 7.84 42.74
N ARG E 354 -20.47 8.51 41.86
CA ARG E 354 -21.73 8.00 41.37
C ARG E 354 -21.77 8.17 39.87
N HIS E 355 -22.56 7.33 39.22
CA HIS E 355 -22.60 7.28 37.76
C HIS E 355 -24.04 7.23 37.25
N GLY E 356 -24.34 8.07 36.28
CA GLY E 356 -25.69 8.19 35.78
C GLY E 356 -25.98 7.21 34.67
N GLU E 357 -27.27 6.85 34.52
CA GLU E 357 -27.67 5.87 33.52
C GLU E 357 -29.02 6.19 32.90
N GLU E 358 -29.08 6.32 31.58
CA GLU E 358 -30.27 6.86 30.96
C GLU E 358 -30.74 6.02 29.78
N TYR E 359 -31.92 5.43 29.90
CA TYR E 359 -32.45 4.60 28.83
C TYR E 359 -33.86 5.01 28.49
N ASP E 360 -34.28 4.68 27.27
CA ASP E 360 -35.70 4.60 26.97
C ASP E 360 -35.97 3.65 25.83
N LEU E 361 -37.18 3.15 25.80
CA LEU E 361 -37.57 2.16 24.83
C LEU E 361 -38.89 2.56 24.23
N GLN E 362 -38.99 2.41 22.92
CA GLN E 362 -40.25 2.57 22.23
C GLN E 362 -40.31 1.55 21.13
N PHE E 363 -41.39 0.79 21.08
CA PHE E 363 -41.45 -0.37 20.21
C PHE E 363 -42.70 -0.35 19.38
N ILE E 364 -42.52 -0.40 18.07
CA ILE E 364 -43.60 -0.66 17.16
C ILE E 364 -44.01 -2.10 17.27
N PHE E 365 -45.27 -2.35 16.93
CA PHE E 365 -45.71 -3.72 16.81
C PHE E 365 -46.74 -3.86 15.72
N GLN E 366 -46.83 -5.10 15.24
CA GLN E 366 -47.81 -5.52 14.27
C GLN E 366 -48.58 -6.70 14.81
N LEU E 367 -49.73 -6.93 14.19
CA LEU E 367 -50.73 -7.85 14.68
C LEU E 367 -50.92 -8.96 13.68
N CYS E 368 -51.06 -10.19 14.17
CA CYS E 368 -51.14 -11.30 13.25
C CYS E 368 -51.94 -12.44 13.84
N LYS E 369 -52.38 -13.30 12.93
CA LYS E 369 -53.24 -14.41 13.25
C LYS E 369 -52.64 -15.68 12.68
N ILE E 370 -53.17 -16.81 13.14
CA ILE E 370 -52.68 -18.11 12.71
C ILE E 370 -53.83 -19.07 12.52
N THR E 371 -53.88 -19.70 11.37
CA THR E 371 -54.81 -20.79 11.15
C THR E 371 -54.29 -22.06 11.79
N LEU E 372 -55.19 -22.96 12.15
CA LEU E 372 -54.81 -24.21 12.78
C LEU E 372 -55.14 -25.37 11.87
N THR E 373 -54.13 -26.17 11.55
CA THR E 373 -54.36 -27.53 11.15
C THR E 373 -53.38 -28.39 11.90
N ALA E 374 -53.42 -29.66 11.59
CA ALA E 374 -52.54 -30.56 12.27
C ALA E 374 -51.09 -30.21 11.96
N ASP E 375 -50.76 -30.18 10.67
CA ASP E 375 -49.40 -29.85 10.26
C ASP E 375 -48.95 -28.65 11.04
N VAL E 376 -49.82 -27.66 11.08
CA VAL E 376 -49.63 -26.51 11.91
C VAL E 376 -49.25 -27.04 13.26
N MET E 377 -50.25 -27.55 13.94
CA MET E 377 -50.09 -27.86 15.34
C MET E 377 -48.83 -28.67 15.53
N THR E 378 -48.66 -29.66 14.69
CA THR E 378 -47.47 -30.47 14.77
C THR E 378 -46.26 -29.59 14.76
N TYR E 379 -46.15 -28.82 13.70
CA TYR E 379 -44.92 -28.09 13.46
C TYR E 379 -44.56 -27.28 14.66
N ILE E 380 -45.54 -26.61 15.23
CA ILE E 380 -45.27 -25.87 16.43
C ILE E 380 -44.83 -26.81 17.51
N HIS E 381 -45.67 -27.81 17.78
CA HIS E 381 -45.42 -28.66 18.93
C HIS E 381 -44.00 -29.16 18.90
N SER E 382 -43.46 -29.33 17.72
CA SER E 382 -42.05 -29.63 17.62
C SER E 382 -41.23 -28.47 18.14
N MET E 383 -41.46 -27.28 17.62
CA MET E 383 -40.54 -26.18 17.91
C MET E 383 -40.39 -25.96 19.40
N ASN E 384 -41.41 -25.40 20.04
CA ASN E 384 -41.43 -25.37 21.50
C ASN E 384 -42.85 -25.66 21.94
N SER E 385 -43.03 -26.72 22.69
CA SER E 385 -44.39 -27.08 23.08
C SER E 385 -44.90 -26.22 24.22
N THR E 386 -44.00 -25.70 25.06
CA THR E 386 -44.43 -24.87 26.17
C THR E 386 -45.32 -23.75 25.68
N ILE E 387 -45.01 -23.23 24.51
CA ILE E 387 -45.79 -22.21 23.86
C ILE E 387 -47.25 -22.59 23.90
N LEU E 388 -47.51 -23.82 23.52
CA LEU E 388 -48.88 -24.27 23.39
C LEU E 388 -49.67 -23.98 24.64
N GLU E 389 -49.05 -24.23 25.79
CA GLU E 389 -49.76 -24.18 27.04
C GLU E 389 -50.53 -22.89 27.18
N ASP E 390 -49.82 -21.78 27.08
CA ASP E 390 -50.51 -20.52 27.22
C ASP E 390 -51.57 -20.35 26.17
N TRP E 391 -51.57 -21.18 25.13
CA TRP E 391 -52.67 -21.09 24.23
C TRP E 391 -53.67 -22.18 24.52
N ASN E 392 -54.83 -22.05 23.94
CA ASN E 392 -55.91 -22.90 24.31
C ASN E 392 -56.59 -23.73 23.25
N PHE E 393 -56.04 -23.91 22.02
CA PHE E 393 -56.71 -24.66 20.87
C PHE E 393 -58.22 -24.41 21.10
N GLY E 394 -58.96 -25.27 21.84
CA GLY E 394 -58.65 -26.60 22.41
C GLY E 394 -57.50 -26.68 23.45
N LEU E 395 -57.47 -27.55 24.41
CA LEU E 395 -56.10 -27.62 24.89
C LEU E 395 -55.54 -28.66 23.94
N GLN E 396 -54.42 -29.29 24.25
CA GLN E 396 -54.24 -30.55 23.56
C GLN E 396 -55.56 -31.26 23.59
N PRO E 397 -56.19 -31.38 24.77
CA PRO E 397 -55.77 -30.99 26.11
C PRO E 397 -54.81 -31.87 26.85
N PRO E 398 -55.21 -33.03 27.33
CA PRO E 398 -54.32 -34.15 27.34
C PRO E 398 -54.85 -35.29 26.50
N PRO E 399 -54.61 -35.33 25.21
CA PRO E 399 -54.14 -36.60 24.66
C PRO E 399 -52.79 -36.93 25.26
N GLY E 400 -52.16 -35.92 25.86
CA GLY E 400 -50.95 -36.01 26.63
C GLY E 400 -51.12 -36.25 28.12
N GLY E 401 -52.23 -36.86 28.52
CA GLY E 401 -52.17 -37.48 29.81
C GLY E 401 -52.72 -36.61 30.92
N THR E 402 -53.34 -37.26 31.90
CA THR E 402 -54.12 -36.60 32.92
C THR E 402 -53.63 -36.99 34.32
N LEU E 403 -53.79 -36.06 35.25
CA LEU E 403 -53.47 -36.33 36.65
C LEU E 403 -54.50 -37.26 37.26
N GLU E 404 -54.02 -38.07 38.18
CA GLU E 404 -54.75 -39.17 38.74
C GLU E 404 -55.53 -38.76 39.99
N ASP E 405 -55.87 -37.48 40.09
CA ASP E 405 -56.74 -37.00 41.14
C ASP E 405 -56.06 -37.06 42.49
N THR E 406 -55.27 -36.02 42.67
CA THR E 406 -54.54 -35.83 43.90
C THR E 406 -55.42 -36.04 45.12
N TYR E 407 -54.82 -36.65 46.13
CA TYR E 407 -55.49 -37.00 47.36
C TYR E 407 -55.72 -35.77 48.22
N ARG E 408 -56.98 -35.51 48.55
CA ARG E 408 -57.34 -34.42 49.45
C ARG E 408 -58.09 -35.02 50.61
N PHE E 409 -57.48 -35.00 51.79
CA PHE E 409 -58.00 -35.74 52.93
C PHE E 409 -58.13 -34.79 54.12
N VAL E 410 -59.25 -34.89 54.84
CA VAL E 410 -59.63 -33.81 55.73
C VAL E 410 -58.99 -34.06 57.09
N THR E 411 -58.05 -33.18 57.39
CA THR E 411 -57.09 -33.32 58.45
C THR E 411 -56.80 -31.92 58.95
N SER E 412 -56.65 -31.81 60.25
CA SER E 412 -56.32 -30.52 60.78
C SER E 412 -54.85 -30.21 60.60
N GLN E 413 -54.11 -31.14 60.02
CA GLN E 413 -52.67 -31.16 60.03
C GLN E 413 -52.16 -31.52 61.43
N ALA E 414 -53.02 -31.46 62.44
CA ALA E 414 -52.65 -31.95 63.76
C ALA E 414 -52.82 -33.45 63.86
N ILE E 415 -53.60 -34.02 62.94
CA ILE E 415 -53.63 -35.45 62.77
C ILE E 415 -52.23 -35.91 62.37
N ALA E 416 -51.96 -37.20 62.56
CA ALA E 416 -50.66 -37.66 62.13
C ALA E 416 -50.78 -37.96 60.66
N CYS E 417 -50.27 -37.03 59.87
CA CYS E 417 -50.36 -36.95 58.41
C CYS E 417 -49.27 -35.98 57.98
N GLN E 418 -48.99 -35.99 56.70
CA GLN E 418 -47.96 -35.12 56.14
C GLN E 418 -48.44 -33.71 55.81
N LYS E 419 -47.45 -32.81 55.69
CA LYS E 419 -47.65 -31.47 55.10
C LYS E 419 -48.32 -31.56 53.74
N HIS E 420 -49.09 -30.53 53.43
CA HIS E 420 -49.38 -30.25 52.04
C HIS E 420 -49.50 -28.75 51.88
N THR E 421 -48.90 -28.25 50.82
CA THR E 421 -48.84 -26.83 50.52
C THR E 421 -49.48 -26.55 49.17
N PRO E 422 -50.50 -25.69 49.07
CA PRO E 422 -51.16 -25.46 47.76
C PRO E 422 -50.20 -24.89 46.74
N PRO E 423 -50.07 -25.54 45.57
CA PRO E 423 -48.97 -25.25 44.64
C PRO E 423 -49.21 -24.28 43.48
N ALA E 424 -48.16 -24.23 42.61
CA ALA E 424 -47.99 -23.76 41.22
C ALA E 424 -48.13 -22.27 40.89
N PRO E 425 -47.30 -21.38 41.44
CA PRO E 425 -47.12 -20.07 40.82
C PRO E 425 -46.26 -20.04 39.55
N LYS E 426 -45.18 -20.83 39.51
CA LYS E 426 -44.05 -20.51 38.64
C LYS E 426 -44.39 -20.68 37.18
N GLU E 427 -44.28 -19.59 36.42
CA GLU E 427 -44.38 -19.65 34.97
C GLU E 427 -43.06 -19.47 34.22
N ASP E 428 -41.95 -19.12 34.87
CA ASP E 428 -40.72 -18.89 34.14
C ASP E 428 -39.67 -19.89 34.60
N PRO E 429 -39.23 -20.77 33.71
CA PRO E 429 -38.10 -21.60 34.05
C PRO E 429 -36.84 -20.80 34.29
N LEU E 430 -36.73 -19.64 33.70
CA LEU E 430 -35.47 -18.92 33.75
C LEU E 430 -35.36 -18.05 34.96
N LYS E 431 -36.34 -18.15 35.85
CA LYS E 431 -36.33 -17.37 37.06
C LYS E 431 -35.02 -17.49 37.81
N LYS E 432 -34.29 -18.60 37.61
CA LYS E 432 -32.95 -18.69 38.16
C LYS E 432 -32.11 -17.51 37.72
N TYR E 433 -32.35 -17.03 36.52
CA TYR E 433 -31.49 -16.03 35.94
C TYR E 433 -32.09 -14.66 36.16
N THR E 434 -31.44 -13.88 37.00
CA THR E 434 -31.89 -12.55 37.31
C THR E 434 -31.42 -11.56 36.27
N PHE E 435 -32.21 -10.52 36.08
CA PHE E 435 -31.78 -9.38 35.28
C PHE E 435 -32.91 -8.36 35.25
N TRP E 436 -32.57 -7.18 34.71
CA TRP E 436 -33.39 -5.98 34.74
C TRP E 436 -34.75 -6.21 34.07
N GLU E 437 -35.77 -5.57 34.62
CA GLU E 437 -37.14 -5.87 34.22
C GLU E 437 -37.92 -4.58 34.02
N VAL E 438 -38.87 -4.66 33.10
CA VAL E 438 -39.85 -3.61 32.90
C VAL E 438 -41.15 -4.27 32.47
N ASN E 439 -42.25 -3.71 32.93
CA ASN E 439 -43.55 -4.14 32.47
C ASN E 439 -44.17 -3.05 31.62
N LEU E 440 -44.69 -3.45 30.46
CA LEU E 440 -45.44 -2.55 29.62
C LEU E 440 -46.94 -2.72 29.67
N LYS E 441 -47.42 -3.72 30.41
CA LYS E 441 -48.72 -4.29 30.08
C LYS E 441 -49.78 -3.23 29.83
N GLU E 442 -49.71 -2.10 30.51
CA GLU E 442 -50.81 -1.14 30.51
C GLU E 442 -50.71 -0.08 29.41
N LYS E 443 -49.58 0.04 28.75
CA LYS E 443 -49.26 1.30 28.12
C LYS E 443 -49.74 1.44 26.69
N PHE E 444 -50.35 0.41 26.12
CA PHE E 444 -50.61 0.45 24.68
C PHE E 444 -51.55 1.57 24.28
N SER E 445 -51.39 2.03 23.05
CA SER E 445 -52.34 2.93 22.45
C SER E 445 -52.51 2.54 20.99
N ALA E 446 -53.67 2.90 20.46
CA ALA E 446 -54.04 2.54 19.12
C ALA E 446 -53.81 3.64 18.09
N ASP E 447 -53.28 4.80 18.49
CA ASP E 447 -53.13 5.93 17.55
C ASP E 447 -51.69 6.39 17.53
N LEU E 448 -51.06 6.20 16.39
CA LEU E 448 -49.67 6.56 16.26
C LEU E 448 -49.48 8.06 16.36
N ASP E 449 -50.39 8.81 15.77
CA ASP E 449 -50.18 10.22 15.54
C ASP E 449 -49.70 10.89 16.81
N GLN E 450 -50.15 10.39 17.94
CA GLN E 450 -49.83 11.10 19.14
C GLN E 450 -48.40 10.86 19.60
N PHE E 451 -47.63 10.08 18.88
CA PHE E 451 -46.34 9.83 19.47
C PHE E 451 -45.22 10.35 18.60
N PRO E 452 -44.11 10.73 19.21
CA PRO E 452 -43.01 11.26 18.41
C PRO E 452 -42.54 10.28 17.38
N LEU E 453 -42.30 9.07 17.82
CA LEU E 453 -41.69 8.10 16.96
C LEU E 453 -42.61 7.75 15.81
N GLY E 454 -43.84 7.38 16.15
CA GLY E 454 -44.66 6.64 15.22
C GLY E 454 -44.82 7.36 13.91
N ARG E 455 -45.07 8.64 13.98
CA ARG E 455 -45.40 9.35 12.76
C ARG E 455 -44.36 9.10 11.69
N LYS E 456 -43.13 8.84 12.09
CA LYS E 456 -42.14 8.43 11.13
C LYS E 456 -42.60 7.17 10.42
N PHE E 457 -43.05 6.21 11.20
CA PHE E 457 -43.60 5.01 10.60
C PHE E 457 -44.57 5.38 9.51
N LEU E 458 -45.47 6.28 9.83
CA LEU E 458 -46.32 6.80 8.78
C LEU E 458 -45.47 7.33 7.67
N LEU E 459 -44.61 8.27 8.01
CA LEU E 459 -43.87 8.96 6.97
C LEU E 459 -43.16 7.97 6.10
N GLN E 460 -42.62 6.91 6.69
CA GLN E 460 -41.95 5.93 5.87
C GLN E 460 -42.92 5.31 4.89
N ALA E 461 -44.11 4.98 5.35
CA ALA E 461 -45.13 4.48 4.46
C ALA E 461 -46.04 5.58 3.95
N GLY E 462 -45.78 6.82 4.33
CA GLY E 462 -46.63 7.90 3.87
C GLY E 462 -48.02 7.76 4.46
N LEU E 463 -49.03 7.77 3.57
CA LEU E 463 -50.41 7.41 3.88
C LEU E 463 -51.06 8.25 4.96
N LYS E 464 -51.66 9.44 4.67
CA LYS E 464 -52.21 10.27 5.76
C LYS E 464 -53.08 9.43 6.71
N ALA E 465 -52.85 9.57 8.01
CA ALA E 465 -53.57 8.77 8.98
C ALA E 465 -55.07 9.09 8.97
N LYS E 466 -55.49 10.04 8.13
CA LYS E 466 -56.77 10.73 8.00
C LYS E 466 -57.17 11.72 9.09
N PRO E 467 -56.33 12.65 9.42
CA PRO E 467 -56.84 13.88 10.03
C PRO E 467 -57.29 14.87 8.98
N LYS E 468 -58.54 14.80 8.52
CA LYS E 468 -58.94 15.77 7.51
C LYS E 468 -59.39 17.10 8.15
N PHE E 469 -60.42 17.07 8.98
CA PHE E 469 -60.85 18.31 9.65
C PHE E 469 -60.11 18.53 10.95
N TYR F 1 -60.19 -5.81 28.82
CA TYR F 1 -60.10 -4.44 28.34
C TYR F 1 -60.47 -4.29 26.88
N LEU F 2 -60.89 -3.08 26.54
CA LEU F 2 -60.78 -2.59 25.20
C LEU F 2 -60.54 -1.11 25.42
N PRO F 3 -59.73 -0.47 24.59
CA PRO F 3 -59.50 0.96 24.75
C PRO F 3 -60.74 1.75 24.40
N PRO F 4 -61.14 2.64 25.31
CA PRO F 4 -62.33 3.47 25.09
C PRO F 4 -62.08 4.55 24.04
N VAL F 5 -63.10 5.34 23.75
CA VAL F 5 -62.98 6.42 22.76
C VAL F 5 -62.98 7.79 23.42
N PRO F 6 -62.26 7.88 24.61
CA PRO F 6 -62.28 9.21 25.22
C PRO F 6 -61.00 10.00 24.91
N VAL F 7 -60.93 10.52 23.69
CA VAL F 7 -59.76 11.29 23.27
C VAL F 7 -60.12 12.27 22.14
N SER F 8 -59.21 13.18 21.85
CA SER F 8 -59.42 14.17 20.80
C SER F 8 -58.75 13.75 19.49
N LYS F 9 -57.47 14.12 19.35
CA LYS F 9 -56.72 13.79 18.17
C LYS F 9 -55.38 14.46 17.97
N VAL F 10 -54.84 15.25 18.90
CA VAL F 10 -54.13 16.48 18.56
C VAL F 10 -53.41 16.36 17.22
N VAL F 11 -53.63 17.37 16.40
CA VAL F 11 -53.61 17.22 14.97
C VAL F 11 -52.44 17.99 14.39
N SER F 12 -52.09 17.64 13.16
CA SER F 12 -51.09 18.40 12.44
C SER F 12 -51.59 19.81 12.14
N THR F 13 -50.77 20.80 12.46
CA THR F 13 -51.16 22.19 12.26
C THR F 13 -51.54 22.47 10.83
N ASP F 14 -50.85 21.83 9.90
CA ASP F 14 -51.07 22.09 8.50
C ASP F 14 -52.49 21.80 8.09
N GLU F 15 -53.24 21.16 8.96
CA GLU F 15 -54.65 20.97 8.68
C GLU F 15 -55.32 22.31 8.45
N TYR F 16 -55.50 23.04 9.52
CA TYR F 16 -56.36 24.20 9.41
C TYR F 16 -55.64 25.39 8.84
N VAL F 17 -54.33 25.46 9.02
CA VAL F 17 -53.61 26.60 8.55
C VAL F 17 -53.71 26.71 7.03
N ALA F 18 -53.57 27.95 6.52
CA ALA F 18 -53.51 28.20 5.07
C ALA F 18 -52.29 29.06 4.72
N ARG F 19 -51.52 28.58 3.76
CA ARG F 19 -50.32 29.25 3.30
C ARG F 19 -50.66 30.31 2.26
N THR F 20 -49.90 31.38 2.27
CA THR F 20 -50.14 32.50 1.37
C THR F 20 -49.07 32.59 0.29
N ASN F 21 -49.20 33.63 -0.51
CA ASN F 21 -48.28 33.88 -1.60
C ASN F 21 -47.11 34.75 -1.20
N ILE F 22 -47.16 35.35 -0.05
CA ILE F 22 -46.29 36.46 0.23
C ILE F 22 -45.20 36.04 1.17
N TYR F 23 -44.02 36.64 0.98
CA TYR F 23 -42.85 36.45 1.80
C TYR F 23 -42.19 37.78 2.12
N TYR F 24 -41.45 37.83 3.22
CA TYR F 24 -40.67 39.00 3.63
C TYR F 24 -39.36 38.56 4.23
N HIS F 25 -38.49 39.55 4.46
CA HIS F 25 -37.35 39.29 5.30
C HIS F 25 -36.93 40.57 6.01
N ALA F 26 -36.25 40.36 7.12
CA ALA F 26 -35.48 41.36 7.82
C ALA F 26 -34.38 40.64 8.59
N GLY F 27 -33.33 41.37 8.92
CA GLY F 27 -32.25 40.78 9.71
C GLY F 27 -31.52 41.85 10.49
N THR F 28 -30.87 41.42 11.56
CA THR F 28 -30.10 42.36 12.32
C THR F 28 -28.97 42.86 11.48
N SER F 29 -28.51 44.05 11.83
CA SER F 29 -27.25 44.50 11.29
C SER F 29 -26.22 43.47 11.70
N ARG F 30 -25.78 43.52 12.94
CA ARG F 30 -24.95 42.46 13.47
C ARG F 30 -24.89 42.61 14.96
N LEU F 31 -24.39 41.58 15.61
CA LEU F 31 -24.25 41.58 17.04
C LEU F 31 -22.79 41.48 17.43
N LEU F 32 -22.45 42.16 18.51
CA LEU F 32 -21.09 42.18 19.00
C LEU F 32 -21.10 42.17 20.52
N ALA F 33 -20.20 41.38 21.09
CA ALA F 33 -20.11 41.25 22.53
C ALA F 33 -18.66 41.01 22.95
N VAL F 34 -18.32 41.54 24.10
CA VAL F 34 -16.98 41.47 24.65
C VAL F 34 -17.09 41.20 26.14
N GLY F 35 -16.22 40.36 26.66
CA GLY F 35 -16.24 40.10 28.09
C GLY F 35 -15.04 39.29 28.52
N HIS F 36 -14.93 39.17 29.80
CA HIS F 36 -13.85 38.34 30.28
C HIS F 36 -14.34 36.93 30.52
N PRO F 37 -13.51 35.97 30.16
CA PRO F 37 -13.96 34.58 30.28
C PRO F 37 -14.20 34.16 31.69
N TYR F 38 -13.27 34.44 32.56
CA TYR F 38 -13.16 33.67 33.80
C TYR F 38 -14.04 34.14 34.92
N PHE F 39 -14.18 35.44 35.13
CA PHE F 39 -15.13 35.91 36.13
C PHE F 39 -15.63 37.28 35.71
N PRO F 40 -16.77 37.72 36.23
CA PRO F 40 -17.23 39.09 35.96
C PRO F 40 -16.44 40.11 36.74
N ILE F 41 -16.50 41.35 36.27
CA ILE F 41 -15.74 42.44 36.85
C ILE F 41 -16.70 43.38 37.54
N LYS F 42 -16.38 43.73 38.77
CA LYS F 42 -17.19 44.66 39.54
C LYS F 42 -16.28 45.49 40.45
N LYS F 43 -16.79 46.64 40.85
CA LYS F 43 -16.09 47.50 41.79
C LYS F 43 -15.87 46.75 43.10
N PRO F 44 -14.68 46.84 43.69
CA PRO F 44 -14.39 45.96 44.83
C PRO F 44 -15.34 46.17 45.98
N ASN F 45 -15.61 47.42 46.34
CA ASN F 45 -16.57 47.66 47.40
C ASN F 45 -17.99 47.44 46.91
N ASN F 46 -18.27 47.90 45.70
CA ASN F 46 -19.61 47.84 45.18
C ASN F 46 -19.96 46.41 44.81
N ASN F 47 -21.23 46.19 44.49
CA ASN F 47 -21.64 44.99 43.80
C ASN F 47 -21.86 45.23 42.32
N LYS F 48 -21.74 46.46 41.87
CA LYS F 48 -22.06 46.77 40.48
C LYS F 48 -20.96 46.28 39.58
N ILE F 49 -21.34 45.62 38.49
CA ILE F 49 -20.38 45.02 37.59
C ILE F 49 -19.64 46.10 36.83
N LEU F 50 -18.32 45.99 36.80
CA LEU F 50 -17.58 46.88 35.91
C LEU F 50 -17.56 46.34 34.50
N VAL F 51 -17.30 45.04 34.38
CA VAL F 51 -17.24 44.44 33.06
C VAL F 51 -18.05 43.16 33.11
N PRO F 52 -18.84 42.87 32.08
CA PRO F 52 -19.59 41.63 32.06
C PRO F 52 -18.68 40.45 31.78
N LYS F 53 -18.94 39.35 32.47
CA LYS F 53 -18.18 38.15 32.20
C LYS F 53 -18.75 37.46 30.99
N VAL F 54 -17.91 37.23 29.99
CA VAL F 54 -18.38 36.63 28.77
C VAL F 54 -17.33 35.66 28.27
N SER F 55 -17.79 34.52 27.76
CA SER F 55 -16.95 33.61 27.01
C SER F 55 -17.82 32.75 26.11
N GLY F 56 -17.16 32.17 25.10
CA GLY F 56 -17.89 31.32 24.18
C GLY F 56 -18.68 30.24 24.89
N LEU F 57 -18.10 29.66 25.93
CA LEU F 57 -18.76 28.55 26.60
C LEU F 57 -20.02 28.96 27.30
N GLN F 58 -20.22 30.25 27.49
CA GLN F 58 -21.53 30.70 27.90
C GLN F 58 -22.54 30.33 26.83
N TYR F 59 -23.68 29.82 27.25
CA TYR F 59 -24.76 29.62 26.33
C TYR F 59 -25.22 30.95 25.77
N ARG F 60 -25.87 30.90 24.62
CA ARG F 60 -26.45 32.08 24.00
C ARG F 60 -27.94 31.90 23.87
N VAL F 61 -28.68 32.93 24.24
CA VAL F 61 -30.13 32.91 24.19
C VAL F 61 -30.63 34.12 23.43
N PHE F 62 -31.29 33.87 22.31
CA PHE F 62 -31.83 34.92 21.47
C PHE F 62 -33.35 34.90 21.50
N ARG F 63 -33.93 35.99 21.95
CA ARG F 63 -35.36 36.20 21.89
C ARG F 63 -35.64 37.25 20.83
N ILE F 64 -36.64 36.98 20.00
CA ILE F 64 -36.89 37.78 18.83
C ILE F 64 -38.38 38.12 18.75
N HIS F 65 -38.68 39.41 18.76
CA HIS F 65 -40.04 39.87 18.67
C HIS F 65 -40.42 40.13 17.23
N LEU F 66 -41.65 39.81 16.91
CA LEU F 66 -42.20 40.20 15.64
C LEU F 66 -43.33 41.16 15.86
N PRO F 67 -43.48 42.15 15.00
CA PRO F 67 -44.67 42.98 15.06
C PRO F 67 -45.88 42.17 14.67
N ASP F 68 -47.00 42.52 15.28
CA ASP F 68 -48.25 41.89 14.94
C ASP F 68 -48.45 42.04 13.45
N PRO F 69 -48.55 40.96 12.72
CA PRO F 69 -48.96 41.09 11.32
C PRO F 69 -50.25 41.85 11.21
N ASN F 70 -51.21 41.52 12.07
CA ASN F 70 -52.54 42.05 11.91
C ASN F 70 -52.62 43.52 12.21
N LYS F 71 -51.52 44.11 12.64
CA LYS F 71 -51.38 45.55 12.58
C LYS F 71 -50.84 46.03 11.25
N PHE F 72 -50.25 45.15 10.46
CA PHE F 72 -49.37 45.57 9.39
C PHE F 72 -49.98 45.31 8.02
N GLY F 73 -50.21 46.37 7.26
CA GLY F 73 -50.90 46.27 6.00
C GLY F 73 -50.03 45.75 4.87
N PHE F 74 -50.68 45.60 3.74
CA PHE F 74 -50.15 44.94 2.56
C PHE F 74 -50.32 45.86 1.37
N PRO F 75 -49.64 45.57 0.26
CA PRO F 75 -49.99 46.29 -0.97
C PRO F 75 -51.43 46.06 -1.37
N ASP F 76 -51.89 44.81 -1.36
CA ASP F 76 -53.28 44.48 -1.63
C ASP F 76 -53.79 43.56 -0.51
N THR F 77 -54.69 44.08 0.30
CA THR F 77 -55.15 43.35 1.46
C THR F 77 -56.47 42.63 1.20
N SER F 78 -57.05 42.83 0.03
CA SER F 78 -58.43 42.44 -0.21
C SER F 78 -58.63 40.94 -0.06
N PHE F 79 -57.57 40.16 -0.14
CA PHE F 79 -57.76 38.73 -0.32
C PHE F 79 -58.28 38.03 0.92
N TYR F 80 -58.43 38.73 2.04
CA TYR F 80 -59.01 38.12 3.22
C TYR F 80 -59.87 39.12 3.95
N ASN F 81 -60.80 38.60 4.75
CA ASN F 81 -61.47 39.42 5.74
C ASN F 81 -60.62 39.47 7.00
N PRO F 82 -60.13 40.63 7.38
CA PRO F 82 -59.46 40.73 8.67
C PRO F 82 -60.40 40.49 9.82
N ASP F 83 -61.70 40.63 9.61
CA ASP F 83 -62.60 40.44 10.74
C ASP F 83 -62.69 38.98 11.11
N THR F 84 -63.21 38.18 10.19
CA THR F 84 -63.51 36.79 10.48
C THR F 84 -62.25 35.98 10.74
N GLN F 85 -61.08 36.56 10.54
CA GLN F 85 -59.87 35.77 10.53
C GLN F 85 -58.71 36.56 11.13
N ARG F 86 -57.53 35.94 11.11
CA ARG F 86 -56.30 36.52 11.63
C ARG F 86 -55.19 36.28 10.63
N LEU F 87 -54.03 36.80 11.00
CA LEU F 87 -52.81 36.58 10.25
C LEU F 87 -51.75 36.19 11.23
N VAL F 88 -50.93 35.22 10.85
CA VAL F 88 -49.86 34.74 11.71
C VAL F 88 -48.64 34.43 10.85
N TRP F 89 -47.48 34.76 11.40
CA TRP F 89 -46.22 34.56 10.73
C TRP F 89 -45.80 33.09 10.75
N ALA F 90 -45.02 32.71 9.75
CA ALA F 90 -44.47 31.37 9.70
C ALA F 90 -43.01 31.47 9.29
N CYS F 91 -42.20 30.59 9.83
CA CYS F 91 -40.75 30.68 9.65
C CYS F 91 -40.31 29.57 8.70
N VAL F 92 -39.93 29.94 7.49
CA VAL F 92 -39.56 28.94 6.51
C VAL F 92 -38.13 28.49 6.67
N GLY F 93 -37.21 29.44 6.79
CA GLY F 93 -35.80 29.14 6.72
C GLY F 93 -35.02 30.17 7.50
N VAL F 94 -33.81 29.77 7.88
CA VAL F 94 -33.08 30.49 8.90
C VAL F 94 -31.58 30.39 8.65
N GLU F 95 -30.85 31.42 9.08
CA GLU F 95 -29.42 31.46 8.90
C GLU F 95 -28.73 32.03 10.12
N VAL F 96 -27.51 31.54 10.34
CA VAL F 96 -26.65 32.00 11.41
C VAL F 96 -25.30 32.36 10.86
N GLY F 97 -24.99 33.64 10.87
CA GLY F 97 -23.68 34.10 10.50
C GLY F 97 -22.73 34.07 11.69
N ARG F 98 -21.49 33.69 11.41
CA ARG F 98 -20.43 33.72 12.39
C ARG F 98 -19.14 34.15 11.70
N GLY F 99 -18.53 35.24 12.13
CA GLY F 99 -17.46 35.81 11.33
C GLY F 99 -16.03 35.68 11.80
N GLN F 100 -15.85 35.20 13.00
CA GLN F 100 -14.52 35.23 13.54
C GLN F 100 -13.64 34.22 12.83
N PRO F 101 -12.38 34.54 12.65
CA PRO F 101 -11.44 33.50 12.28
C PRO F 101 -11.46 32.45 13.34
N LEU F 102 -11.41 31.22 12.91
CA LEU F 102 -11.71 30.15 13.83
C LEU F 102 -10.51 29.81 14.67
N GLY F 103 -10.73 29.63 15.96
CA GLY F 103 -9.66 29.21 16.82
C GLY F 103 -10.08 28.85 18.23
N VAL F 104 -9.30 28.05 18.82
CA VAL F 104 -9.63 27.45 20.10
C VAL F 104 -9.06 28.29 21.22
N GLY F 105 -9.89 28.59 22.21
CA GLY F 105 -9.44 29.06 23.49
C GLY F 105 -9.32 27.93 24.48
N ILE F 106 -9.35 28.27 25.76
CA ILE F 106 -8.98 27.29 26.77
C ILE F 106 -9.15 27.83 28.18
N SER F 107 -9.18 26.95 29.17
CA SER F 107 -9.27 27.38 30.55
C SER F 107 -8.51 26.40 31.43
N GLY F 108 -8.31 26.82 32.68
CA GLY F 108 -7.67 26.02 33.70
C GLY F 108 -8.02 26.49 35.09
N HIS F 109 -7.31 25.96 36.08
CA HIS F 109 -7.45 26.48 37.42
C HIS F 109 -6.11 26.47 38.15
N PRO F 110 -5.81 27.52 38.90
CA PRO F 110 -4.52 27.56 39.57
C PRO F 110 -4.38 26.51 40.65
N LEU F 111 -5.46 26.19 41.33
CA LEU F 111 -5.46 25.18 42.37
C LEU F 111 -6.36 24.06 41.94
N LEU F 112 -5.81 22.86 41.90
CA LEU F 112 -6.67 21.78 41.51
C LEU F 112 -6.30 20.55 42.30
N ASN F 113 -7.31 19.86 42.83
CA ASN F 113 -7.02 18.62 43.51
C ASN F 113 -6.36 17.67 42.55
N LYS F 114 -5.16 17.24 42.89
CA LYS F 114 -4.48 16.28 42.05
C LYS F 114 -3.49 15.53 42.91
N LEU F 115 -3.28 14.27 42.55
CA LEU F 115 -2.18 13.56 43.17
C LEU F 115 -0.96 13.68 42.29
N ASP F 116 -0.95 12.94 41.20
CA ASP F 116 0.21 12.91 40.32
C ASP F 116 -0.20 12.12 39.09
N ASP F 117 0.77 11.88 38.23
CA ASP F 117 0.53 11.05 37.06
C ASP F 117 0.15 9.65 37.49
N THR F 118 -0.92 9.16 36.89
CA THR F 118 -1.28 7.76 36.96
C THR F 118 -0.81 6.95 35.77
N GLU F 119 -0.29 7.59 34.73
CA GLU F 119 0.00 6.89 33.48
C GLU F 119 1.25 6.04 33.62
N ASN F 120 2.33 6.62 34.11
CA ASN F 120 3.54 5.87 34.36
C ASN F 120 4.17 6.34 35.66
N ALA F 121 4.49 5.40 36.53
CA ALA F 121 5.14 5.70 37.80
C ALA F 121 6.25 4.69 38.02
N SER F 122 7.47 5.20 38.18
CA SER F 122 8.59 4.31 38.45
C SER F 122 8.43 3.67 39.83
N ALA F 123 8.13 4.46 40.85
CA ALA F 123 8.00 3.98 42.21
C ALA F 123 6.67 4.43 42.76
N TYR F 124 6.31 3.87 43.90
CA TYR F 124 5.07 4.27 44.55
C TYR F 124 5.13 5.74 44.93
N ALA F 125 3.96 6.34 45.08
CA ALA F 125 3.86 7.77 45.26
C ALA F 125 4.37 8.17 46.64
N ALA F 126 4.36 9.48 46.89
CA ALA F 126 4.82 10.03 48.15
C ALA F 126 3.66 10.05 49.13
N ASN F 127 3.93 10.54 50.33
CA ASN F 127 2.87 10.68 51.31
C ASN F 127 2.05 11.91 51.00
N ALA F 128 0.78 11.83 51.33
CA ALA F 128 -0.13 12.93 51.07
C ALA F 128 0.04 13.99 52.13
N GLY F 129 0.45 15.18 51.71
CA GLY F 129 0.54 16.32 52.60
C GLY F 129 -0.80 17.00 52.70
N VAL F 130 -0.77 18.31 52.89
CA VAL F 130 -1.98 19.10 52.85
C VAL F 130 -1.90 19.97 51.61
N ASP F 131 -2.96 19.94 50.82
CA ASP F 131 -3.07 20.84 49.69
C ASP F 131 -1.90 20.71 48.73
N ASN F 132 -1.87 19.66 47.94
CA ASN F 132 -0.92 19.55 46.84
C ASN F 132 -1.44 20.17 45.54
N ARG F 133 -2.56 20.89 45.60
CA ARG F 133 -3.20 21.41 44.41
C ARG F 133 -2.21 22.18 43.54
N GLU F 134 -2.40 22.06 42.23
CA GLU F 134 -1.47 22.62 41.29
C GLU F 134 -2.24 23.41 40.25
N CYS F 135 -1.48 24.17 39.47
CA CYS F 135 -2.03 24.98 38.39
C CYS F 135 -1.88 24.21 37.09
N ILE F 136 -3.00 23.76 36.54
CA ILE F 136 -3.00 22.99 35.30
C ILE F 136 -4.27 23.38 34.56
N SER F 137 -4.23 23.27 33.25
CA SER F 137 -5.38 23.67 32.44
C SER F 137 -5.68 22.59 31.43
N MET F 138 -6.81 22.76 30.76
CA MET F 138 -7.28 21.78 29.79
C MET F 138 -8.21 22.45 28.79
N ASP F 139 -8.46 21.73 27.70
CA ASP F 139 -9.35 22.17 26.66
C ASP F 139 -10.69 21.47 26.82
N TYR F 140 -11.74 22.19 26.51
CA TYR F 140 -13.07 21.62 26.60
C TYR F 140 -13.46 20.86 25.34
N LYS F 141 -14.42 19.97 25.51
CA LYS F 141 -14.93 19.22 24.38
C LYS F 141 -15.44 20.14 23.29
N GLN F 142 -15.02 19.87 22.08
CA GLN F 142 -15.50 20.64 20.95
C GLN F 142 -16.95 20.30 20.66
N THR F 143 -17.74 21.32 20.36
CA THR F 143 -19.15 21.06 20.13
C THR F 143 -19.81 22.15 19.29
N GLN F 144 -20.85 21.76 18.58
CA GLN F 144 -21.73 22.69 17.88
C GLN F 144 -23.16 22.20 17.98
N LEU F 145 -24.07 23.15 18.02
CA LEU F 145 -25.49 22.84 18.16
C LEU F 145 -26.31 24.02 17.68
N CYS F 146 -27.59 23.76 17.43
CA CYS F 146 -28.51 24.80 17.04
C CYS F 146 -29.93 24.48 17.47
N LEU F 147 -30.67 25.50 17.84
CA LEU F 147 -31.95 25.29 18.47
C LEU F 147 -32.96 26.29 17.98
N ILE F 148 -34.15 25.81 17.60
CA ILE F 148 -35.21 26.66 17.08
C ILE F 148 -36.60 26.20 17.50
N GLY F 149 -37.41 27.14 17.94
CA GLY F 149 -38.78 26.84 18.35
C GLY F 149 -39.41 28.07 18.98
N CYS F 150 -40.68 27.92 19.34
CA CYS F 150 -41.41 28.99 19.99
C CYS F 150 -41.50 28.82 21.50
N LYS F 151 -40.99 27.74 22.06
CA LYS F 151 -41.02 27.65 23.49
C LYS F 151 -39.61 27.47 24.00
N PRO F 152 -39.30 28.00 25.17
CA PRO F 152 -37.90 28.09 25.57
C PRO F 152 -37.30 26.71 25.69
N PRO F 153 -36.01 26.59 25.45
CA PRO F 153 -35.37 25.29 25.55
C PRO F 153 -35.38 24.83 26.97
N ILE F 154 -35.67 23.56 27.12
CA ILE F 154 -35.78 22.97 28.42
C ILE F 154 -34.48 22.29 28.75
N GLY F 155 -33.95 22.60 29.93
CA GLY F 155 -32.73 21.99 30.39
C GLY F 155 -32.97 20.92 31.44
N GLU F 156 -31.88 20.28 31.80
CA GLU F 156 -31.88 19.25 32.83
C GLU F 156 -30.50 19.20 33.44
N HIS F 157 -30.43 18.72 34.67
CA HIS F 157 -29.14 18.61 35.31
C HIS F 157 -29.28 17.64 36.46
N TRP F 158 -28.15 17.16 36.91
CA TRP F 158 -28.12 16.52 38.19
C TRP F 158 -28.27 17.56 39.27
N GLY F 159 -28.74 17.12 40.43
CA GLY F 159 -28.88 18.01 41.56
C GLY F 159 -29.24 17.22 42.82
N LYS F 160 -28.98 17.86 43.96
CA LYS F 160 -29.25 17.27 45.25
C LYS F 160 -30.64 17.64 45.73
N GLY F 161 -31.37 16.65 46.20
CA GLY F 161 -32.64 16.86 46.84
C GLY F 161 -32.61 16.55 48.32
N SER F 162 -33.77 16.27 48.84
CA SER F 162 -33.90 15.97 50.24
C SER F 162 -33.81 14.47 50.47
N PRO F 163 -32.92 14.04 51.32
CA PRO F 163 -32.86 12.62 51.65
C PRO F 163 -34.10 12.17 52.39
N CYS F 164 -34.56 10.97 52.06
CA CYS F 164 -35.64 10.37 52.82
C CYS F 164 -35.25 10.26 54.29
N THR F 165 -36.20 10.50 55.16
CA THR F 165 -35.85 10.59 56.57
C THR F 165 -36.00 9.22 57.18
N ASN F 166 -34.86 8.59 57.41
CA ASN F 166 -34.74 7.50 58.34
C ASN F 166 -33.48 7.77 59.13
N VAL F 167 -32.36 7.72 58.44
CA VAL F 167 -31.08 8.08 59.03
C VAL F 167 -30.93 9.59 58.97
N ALA F 168 -30.53 10.18 60.09
CA ALA F 168 -30.18 11.58 60.11
C ALA F 168 -28.86 11.78 59.40
N VAL F 169 -28.82 12.76 58.51
CA VAL F 169 -27.61 13.00 57.74
C VAL F 169 -26.55 13.58 58.65
N ASN F 170 -25.48 12.96 58.71
CA ASN F 170 -24.32 13.55 59.34
C ASN F 170 -23.45 14.26 58.32
N PRO F 171 -22.67 15.24 58.75
CA PRO F 171 -21.71 15.85 57.84
C PRO F 171 -20.78 14.79 57.28
N GLY F 172 -20.53 14.88 55.99
CA GLY F 172 -19.73 13.91 55.30
C GLY F 172 -20.50 12.79 54.63
N ASP F 173 -21.80 12.73 54.80
CA ASP F 173 -22.57 11.69 54.16
C ASP F 173 -22.67 11.94 52.65
N CYS F 174 -23.03 10.90 51.92
CA CYS F 174 -23.24 11.04 50.49
C CYS F 174 -24.60 11.64 50.22
N PRO F 175 -24.66 12.86 49.73
CA PRO F 175 -25.95 13.45 49.44
C PRO F 175 -26.63 12.73 48.31
N PRO F 176 -27.91 12.43 48.44
CA PRO F 176 -28.64 11.77 47.36
C PRO F 176 -28.74 12.70 46.16
N LEU F 177 -29.12 12.11 45.04
CA LEU F 177 -29.14 12.84 43.80
C LEU F 177 -30.55 12.95 43.27
N GLU F 178 -30.74 13.96 42.43
CA GLU F 178 -32.03 14.16 41.82
C GLU F 178 -31.85 14.74 40.43
N LEU F 179 -32.66 14.26 39.51
CA LEU F 179 -32.66 14.75 38.16
C LEU F 179 -33.64 15.88 38.03
N ILE F 180 -33.22 16.98 37.45
CA ILE F 180 -34.02 18.18 37.51
C ILE F 180 -34.08 18.84 36.16
N ASN F 181 -35.29 19.06 35.68
CA ASN F 181 -35.52 19.91 34.54
C ASN F 181 -35.58 21.36 34.93
N THR F 182 -35.19 22.22 34.01
CA THR F 182 -35.37 23.64 34.24
C THR F 182 -35.37 24.38 32.91
N VAL F 183 -35.88 25.60 32.97
CA VAL F 183 -35.72 26.53 31.88
C VAL F 183 -34.26 26.87 31.72
N ILE F 184 -33.88 27.18 30.51
CA ILE F 184 -32.51 27.47 30.20
C ILE F 184 -32.33 28.98 30.13
N GLN F 185 -31.30 29.50 30.80
CA GLN F 185 -31.02 30.91 30.81
C GLN F 185 -29.65 31.19 30.20
N ASP F 186 -29.49 32.42 29.74
CA ASP F 186 -28.26 32.80 29.10
C ASP F 186 -27.11 32.76 30.10
N GLY F 187 -25.89 32.71 29.56
CA GLY F 187 -24.71 32.66 30.37
C GLY F 187 -24.48 31.34 31.02
N ASP F 188 -25.41 30.42 30.89
CA ASP F 188 -25.20 29.10 31.45
C ASP F 188 -24.18 28.34 30.62
N MET F 189 -23.68 27.27 31.21
CA MET F 189 -22.46 26.65 30.76
C MET F 189 -22.71 25.30 30.10
N VAL F 190 -21.98 25.08 29.02
CA VAL F 190 -21.91 23.78 28.40
C VAL F 190 -21.30 22.77 29.35
N ASP F 191 -21.60 21.49 29.12
CA ASP F 191 -20.80 20.45 29.75
C ASP F 191 -19.35 20.56 29.32
N THR F 192 -18.47 20.16 30.20
CA THR F 192 -17.09 19.93 29.82
C THR F 192 -16.85 18.49 29.54
N GLY F 193 -17.91 17.72 29.55
CA GLY F 193 -17.77 16.31 29.75
C GLY F 193 -17.82 15.94 31.20
N PHE F 194 -18.14 16.88 32.08
CA PHE F 194 -18.35 16.56 33.48
C PHE F 194 -19.81 16.48 33.88
N GLY F 195 -20.71 16.72 32.96
CA GLY F 195 -22.08 16.41 33.29
C GLY F 195 -22.80 17.55 33.98
N ALA F 196 -24.10 17.62 33.71
CA ALA F 196 -24.92 18.74 34.17
C ALA F 196 -25.28 18.50 35.62
N MET F 197 -24.83 19.41 36.46
CA MET F 197 -25.08 19.31 37.89
C MET F 197 -24.68 20.64 38.49
N ASP F 198 -24.90 20.76 39.78
CA ASP F 198 -24.46 21.92 40.52
C ASP F 198 -23.22 21.56 41.29
N PHE F 199 -22.12 22.08 40.82
CA PHE F 199 -20.91 21.97 41.60
C PHE F 199 -21.05 22.72 42.90
N THR F 200 -21.60 23.92 42.82
CA THR F 200 -21.64 24.79 43.98
C THR F 200 -22.19 24.03 45.17
N THR F 201 -23.35 23.41 45.00
CA THR F 201 -23.89 22.66 46.11
C THR F 201 -23.15 21.35 46.28
N LEU F 202 -22.96 20.63 45.20
CA LEU F 202 -22.48 19.27 45.38
C LEU F 202 -20.98 19.19 45.54
N GLN F 203 -20.26 20.20 45.13
CA GLN F 203 -18.82 20.19 45.32
C GLN F 203 -18.46 21.26 46.31
N ALA F 204 -18.02 20.84 47.48
CA ALA F 204 -17.61 21.80 48.49
C ALA F 204 -16.22 22.32 48.22
N ASN F 205 -15.32 21.44 47.76
CA ASN F 205 -13.94 21.85 47.53
C ASN F 205 -13.90 23.14 46.75
N LYS F 206 -14.76 23.24 45.75
CA LYS F 206 -14.80 24.41 44.90
C LYS F 206 -13.53 24.44 44.02
N SER F 207 -12.53 23.61 44.31
CA SER F 207 -11.32 23.54 43.50
C SER F 207 -11.29 22.38 42.52
N GLU F 208 -12.35 21.59 42.44
CA GLU F 208 -12.28 20.35 41.68
C GLU F 208 -12.33 20.54 40.17
N VAL F 209 -12.67 21.73 39.68
CA VAL F 209 -12.84 21.97 38.25
C VAL F 209 -12.31 23.35 37.91
N PRO F 210 -12.02 23.58 36.64
CA PRO F 210 -11.59 24.91 36.24
C PRO F 210 -12.68 25.91 36.54
N LEU F 211 -12.25 27.15 36.64
CA LEU F 211 -13.06 28.18 37.23
C LEU F 211 -14.43 28.20 36.61
N ASP F 212 -14.46 28.43 35.30
CA ASP F 212 -15.63 28.97 34.67
C ASP F 212 -16.88 28.24 35.15
N ILE F 213 -16.76 26.94 35.26
CA ILE F 213 -17.92 26.15 35.60
C ILE F 213 -18.11 26.07 37.07
N CYS F 214 -17.10 26.44 37.83
CA CYS F 214 -17.21 26.21 39.25
C CYS F 214 -18.45 26.86 39.82
N THR F 215 -18.78 28.05 39.33
CA THR F 215 -19.89 28.78 39.93
C THR F 215 -21.21 28.12 39.62
N SER F 216 -21.52 27.98 38.35
CA SER F 216 -22.88 27.78 37.93
C SER F 216 -23.17 26.30 37.75
N ILE F 217 -24.34 26.00 37.21
CA ILE F 217 -24.76 24.64 36.91
C ILE F 217 -24.68 24.47 35.40
N CYS F 218 -23.73 23.67 34.95
CA CYS F 218 -23.73 23.30 33.55
C CYS F 218 -25.00 22.55 33.25
N LYS F 219 -25.49 22.71 32.02
CA LYS F 219 -26.73 22.08 31.65
C LYS F 219 -26.61 21.56 30.22
N TYR F 220 -27.55 20.68 29.89
CA TYR F 220 -27.52 19.98 28.64
C TYR F 220 -28.94 19.70 28.22
N PRO F 221 -29.21 19.72 26.94
CA PRO F 221 -30.56 19.49 26.46
C PRO F 221 -30.95 18.02 26.51
N ASP F 222 -32.22 17.77 26.86
CA ASP F 222 -32.81 16.45 26.75
C ASP F 222 -33.78 16.39 25.57
N TYR F 223 -33.31 15.81 24.49
CA TYR F 223 -34.15 15.69 23.32
C TYR F 223 -35.45 15.01 23.66
N ILE F 224 -35.37 13.97 24.46
CA ILE F 224 -36.51 13.15 24.75
C ILE F 224 -37.63 14.03 25.24
N LYS F 225 -37.46 14.48 26.46
CA LYS F 225 -38.53 15.19 27.12
C LYS F 225 -38.98 16.33 26.24
N MET F 226 -38.01 17.01 25.67
CA MET F 226 -38.34 18.08 24.78
C MET F 226 -39.18 17.51 23.66
N VAL F 227 -38.60 16.63 22.87
CA VAL F 227 -39.36 16.08 21.77
C VAL F 227 -40.61 15.42 22.25
N SER F 228 -40.64 15.01 23.50
CA SER F 228 -41.85 14.39 23.99
C SER F 228 -43.03 15.34 24.10
N GLU F 229 -42.85 16.63 23.85
CA GLU F 229 -43.96 17.57 24.00
C GLU F 229 -45.14 17.17 23.12
N PRO F 230 -46.37 17.33 23.60
CA PRO F 230 -47.50 16.98 22.73
C PRO F 230 -47.57 17.85 21.50
N TYR F 231 -47.39 19.13 21.66
CA TYR F 231 -47.43 19.99 20.51
C TYR F 231 -46.09 20.09 19.82
N GLY F 232 -45.04 19.67 20.49
CA GLY F 232 -43.71 19.85 19.97
C GLY F 232 -43.25 21.29 19.85
N ASP F 233 -44.00 22.23 20.38
CA ASP F 233 -43.69 23.62 20.12
C ASP F 233 -42.55 24.17 20.97
N SER F 234 -42.02 23.39 21.89
CA SER F 234 -40.74 23.74 22.48
C SER F 234 -39.77 24.04 21.38
N LEU F 235 -39.39 22.99 20.67
CA LEU F 235 -38.47 23.03 19.55
C LEU F 235 -39.09 22.23 18.42
N PHE F 236 -39.03 22.74 17.21
CA PHE F 236 -39.38 21.90 16.09
C PHE F 236 -38.17 21.39 15.31
N PHE F 237 -36.96 21.69 15.76
CA PHE F 237 -35.83 21.43 14.88
C PHE F 237 -34.52 21.68 15.59
N TYR F 238 -33.46 21.08 15.05
CA TYR F 238 -32.15 21.13 15.67
C TYR F 238 -31.15 20.38 14.83
N LEU F 239 -29.88 20.54 15.21
CA LEU F 239 -28.75 19.77 14.71
C LEU F 239 -27.65 19.80 15.77
N ARG F 240 -26.76 18.82 15.73
CA ARG F 240 -25.65 18.81 16.68
C ARG F 240 -24.46 18.03 16.14
N ARG F 241 -23.27 18.45 16.55
CA ARG F 241 -22.06 17.68 16.33
C ARG F 241 -21.14 17.95 17.51
N GLU F 242 -20.47 16.89 17.96
CA GLU F 242 -19.45 17.09 18.97
C GLU F 242 -18.55 15.88 19.02
N GLN F 243 -17.40 16.05 19.66
CA GLN F 243 -16.43 14.98 19.73
C GLN F 243 -15.48 15.23 20.89
N MET F 244 -14.83 14.15 21.32
CA MET F 244 -13.88 14.22 22.43
C MET F 244 -12.97 13.00 22.41
N PHE F 245 -11.85 13.12 23.13
CA PHE F 245 -11.00 11.99 23.43
C PHE F 245 -10.15 12.32 24.65
N VAL F 246 -9.55 11.31 25.18
CA VAL F 246 -8.81 11.38 26.42
C VAL F 246 -7.45 12.01 26.20
N ARG F 247 -6.90 12.57 27.27
CA ARG F 247 -5.53 13.00 27.24
C ARG F 247 -4.75 12.48 28.44
N HIS F 248 -5.16 12.86 29.64
CA HIS F 248 -4.44 12.48 30.84
C HIS F 248 -5.37 11.84 31.85
N LEU F 249 -4.73 11.23 32.85
CA LEU F 249 -5.39 10.42 33.87
C LEU F 249 -4.83 10.79 35.23
N PHE F 250 -5.68 11.27 36.12
CA PHE F 250 -5.18 11.79 37.39
C PHE F 250 -5.91 11.16 38.56
N ASN F 251 -5.56 11.63 39.75
CA ASN F 251 -6.14 11.15 41.00
C ASN F 251 -6.64 12.32 41.82
N ARG F 252 -7.83 12.14 42.39
CA ARG F 252 -8.21 12.98 43.50
C ARG F 252 -7.30 12.69 44.69
N ALA F 253 -7.20 13.68 45.57
CA ALA F 253 -6.46 13.52 46.80
C ALA F 253 -7.31 14.08 47.93
N GLY F 254 -7.68 13.24 48.88
CA GLY F 254 -8.52 13.70 49.97
C GLY F 254 -9.01 12.54 50.79
N ALA F 255 -9.88 12.86 51.75
CA ALA F 255 -10.40 11.86 52.66
C ALA F 255 -11.15 10.79 51.88
N VAL F 256 -10.80 9.54 52.15
CA VAL F 256 -11.42 8.43 51.46
C VAL F 256 -12.86 8.29 51.94
N GLY F 257 -13.79 8.38 50.99
CA GLY F 257 -15.18 8.12 51.34
C GLY F 257 -15.37 6.70 51.82
N GLU F 258 -14.87 5.73 51.05
CA GLU F 258 -15.01 4.33 51.41
C GLU F 258 -13.85 3.56 50.84
N ASN F 259 -13.48 2.50 51.52
CA ASN F 259 -12.41 1.64 51.05
C ASN F 259 -12.97 0.38 50.45
N VAL F 260 -12.34 -0.07 49.37
CA VAL F 260 -12.76 -1.31 48.73
C VAL F 260 -12.68 -2.44 49.72
N PRO F 261 -13.62 -3.36 49.72
CA PRO F 261 -13.44 -4.58 50.51
C PRO F 261 -12.15 -5.26 50.11
N ASP F 262 -11.42 -5.66 51.13
CA ASP F 262 -10.11 -6.27 50.92
C ASP F 262 -10.18 -7.37 49.88
N ASP F 263 -11.21 -8.22 49.98
CA ASP F 263 -11.29 -9.45 49.22
C ASP F 263 -11.11 -9.20 47.74
N LEU F 264 -11.25 -7.95 47.35
CA LEU F 264 -11.02 -7.58 45.98
C LEU F 264 -9.55 -7.41 45.67
N TYR F 265 -8.69 -7.65 46.64
CA TYR F 265 -7.26 -7.58 46.39
C TYR F 265 -6.57 -8.28 47.54
N ILE F 266 -5.26 -8.10 47.62
CA ILE F 266 -4.45 -8.73 48.64
C ILE F 266 -3.62 -7.68 49.37
N LYS F 267 -3.45 -7.89 50.66
CA LYS F 267 -2.72 -6.95 51.50
C LYS F 267 -1.34 -6.68 50.92
N GLY F 268 -0.94 -5.42 50.96
CA GLY F 268 0.40 -5.00 50.60
C GLY F 268 1.30 -4.96 51.81
N SER F 269 2.36 -4.14 51.72
CA SER F 269 3.35 -4.02 52.78
C SER F 269 4.41 -3.02 52.34
N GLY F 270 5.14 -2.53 53.31
CA GLY F 270 6.22 -1.61 53.00
C GLY F 270 5.64 -0.45 52.23
N SER F 271 6.20 -0.23 51.05
CA SER F 271 5.62 0.75 50.14
C SER F 271 4.15 0.49 49.95
N THR F 272 3.76 -0.78 49.97
CA THR F 272 2.40 -1.19 49.70
C THR F 272 1.60 -1.35 50.97
N ALA F 273 2.18 -0.98 52.10
CA ALA F 273 1.42 -1.04 53.34
C ALA F 273 0.07 -0.33 53.21
N ASN F 274 0.02 0.78 52.49
CA ASN F 274 -1.19 1.57 52.41
C ASN F 274 -1.68 1.67 51.00
N LEU F 275 -2.95 1.98 50.88
CA LEU F 275 -3.61 2.07 49.59
C LEU F 275 -3.66 3.52 49.15
N ALA F 276 -3.21 3.78 47.93
CA ALA F 276 -3.39 5.07 47.32
C ALA F 276 -4.87 5.31 47.03
N SER F 277 -5.22 6.58 46.83
CA SER F 277 -6.60 6.93 46.55
C SER F 277 -7.11 6.17 45.33
N SER F 278 -8.37 5.79 45.41
CA SER F 278 -8.98 5.03 44.34
C SER F 278 -9.38 5.90 43.18
N ASN F 279 -9.53 7.19 43.40
CA ASN F 279 -10.21 8.00 42.42
C ASN F 279 -9.40 8.14 41.16
N TYR F 280 -10.10 8.44 40.08
CA TYR F 280 -9.49 8.76 38.81
C TYR F 280 -10.42 9.72 38.08
N PHE F 281 -9.85 10.63 37.33
CA PHE F 281 -10.71 11.28 36.38
C PHE F 281 -9.91 11.64 35.15
N PRO F 282 -10.53 11.56 33.98
CA PRO F 282 -9.84 11.88 32.74
C PRO F 282 -9.66 13.38 32.60
N THR F 283 -8.83 13.72 31.63
CA THR F 283 -8.75 15.08 31.17
C THR F 283 -9.24 15.15 29.72
N PRO F 284 -10.38 15.80 29.46
CA PRO F 284 -10.91 15.84 28.10
C PRO F 284 -9.99 16.62 27.17
N SER F 285 -9.91 16.17 25.93
CA SER F 285 -9.05 16.82 24.97
C SER F 285 -9.84 17.07 23.70
N GLY F 286 -10.02 18.35 23.36
CA GLY F 286 -10.58 18.67 22.06
C GLY F 286 -9.69 18.18 20.93
N SER F 287 -10.26 18.10 19.74
CA SER F 287 -9.57 17.51 18.60
C SER F 287 -9.35 18.53 17.50
N MET F 288 -8.76 18.05 16.42
CA MET F 288 -8.56 18.88 15.27
C MET F 288 -9.88 19.45 14.81
N VAL F 289 -9.90 20.71 14.69
CA VAL F 289 -11.07 21.41 14.18
C VAL F 289 -10.93 21.53 12.69
N THR F 290 -12.04 21.39 11.97
CA THR F 290 -12.02 21.57 10.54
C THR F 290 -13.04 22.60 10.11
N SER F 291 -12.72 23.26 9.00
CA SER F 291 -13.71 24.12 8.37
C SER F 291 -14.96 23.35 8.01
N ASP F 292 -14.84 22.06 7.72
CA ASP F 292 -15.98 21.34 7.20
C ASP F 292 -17.06 21.20 8.25
N ALA F 293 -16.69 20.66 9.40
CA ALA F 293 -17.69 20.34 10.37
C ALA F 293 -18.48 21.54 10.78
N GLN F 294 -18.02 22.72 10.41
CA GLN F 294 -18.81 23.91 10.63
C GLN F 294 -20.21 23.72 10.09
N ILE F 295 -21.19 24.00 10.93
CA ILE F 295 -22.59 23.85 10.59
C ILE F 295 -23.23 25.18 10.21
N PHE F 296 -22.47 26.24 10.22
CA PHE F 296 -23.07 27.55 10.10
C PHE F 296 -22.73 28.18 8.79
N ASN F 297 -23.16 29.42 8.62
CA ASN F 297 -22.94 30.14 7.39
C ASN F 297 -23.44 29.34 6.20
N LYS F 298 -24.44 28.51 6.45
CA LYS F 298 -25.05 27.78 5.39
C LYS F 298 -26.55 27.76 5.60
N PRO F 299 -27.32 27.91 4.53
CA PRO F 299 -28.76 28.09 4.67
C PRO F 299 -29.42 26.84 5.18
N TYR F 300 -30.62 27.01 5.70
CA TYR F 300 -31.44 25.89 6.12
C TYR F 300 -32.82 26.03 5.54
N TRP F 301 -33.45 24.88 5.36
CA TRP F 301 -34.73 24.82 4.70
C TRP F 301 -35.61 23.83 5.41
N LEU F 302 -36.74 24.30 5.86
CA LEU F 302 -37.62 23.48 6.65
C LEU F 302 -38.91 23.25 5.90
N GLN F 303 -39.40 22.03 5.96
CA GLN F 303 -40.75 21.79 5.54
C GLN F 303 -41.47 21.02 6.63
N ARG F 304 -40.98 19.84 6.95
CA ARG F 304 -41.64 19.00 7.92
C ARG F 304 -40.76 18.84 9.14
N ALA F 305 -41.37 18.95 10.31
CA ALA F 305 -40.69 18.82 11.58
C ALA F 305 -41.37 17.74 12.40
N GLN F 306 -40.63 17.17 13.33
CA GLN F 306 -41.18 16.11 14.16
C GLN F 306 -42.43 16.58 14.90
N GLY F 307 -42.49 17.88 15.22
CA GLY F 307 -43.66 18.42 15.88
C GLY F 307 -44.75 18.75 14.90
N HIS F 308 -45.96 18.92 15.43
CA HIS F 308 -47.08 19.23 14.55
C HIS F 308 -47.04 20.67 14.08
N ASN F 309 -46.45 21.57 14.86
CA ASN F 309 -46.16 22.89 14.33
C ASN F 309 -45.37 22.73 13.06
N ASN F 310 -45.79 23.45 12.05
CA ASN F 310 -44.92 23.68 10.92
C ASN F 310 -44.65 25.17 10.97
N GLY F 311 -43.46 25.52 11.46
CA GLY F 311 -43.00 26.88 11.46
C GLY F 311 -43.97 27.91 12.00
N ILE F 312 -44.89 27.51 12.87
CA ILE F 312 -45.80 28.48 13.45
C ILE F 312 -45.14 29.08 14.67
N CYS F 313 -45.12 30.39 14.73
CA CYS F 313 -44.63 31.07 15.91
C CYS F 313 -45.78 31.84 16.49
N TRP F 314 -46.26 31.35 17.60
CA TRP F 314 -47.34 32.03 18.23
C TRP F 314 -46.83 33.28 18.94
N GLY F 315 -47.77 34.17 19.20
CA GLY F 315 -47.45 35.36 19.99
C GLY F 315 -46.32 36.18 19.41
N ASN F 316 -46.19 36.19 18.09
CA ASN F 316 -45.20 37.00 17.40
C ASN F 316 -43.82 36.72 17.93
N GLN F 317 -43.62 35.55 18.49
CA GLN F 317 -42.46 35.29 19.31
C GLN F 317 -41.71 34.09 18.79
N LEU F 318 -40.39 34.14 18.90
CA LEU F 318 -39.55 33.11 18.34
C LEU F 318 -38.25 33.01 19.12
N PHE F 319 -37.74 31.80 19.22
CA PHE F 319 -36.57 31.53 20.03
C PHE F 319 -35.49 30.89 19.18
N VAL F 320 -34.25 31.29 19.42
CA VAL F 320 -33.10 30.62 18.83
C VAL F 320 -32.00 30.54 19.85
N THR F 321 -31.37 29.37 19.93
CA THR F 321 -30.31 29.15 20.88
C THR F 321 -29.23 28.35 20.23
N VAL F 322 -28.03 28.84 20.34
CA VAL F 322 -26.93 28.28 19.61
C VAL F 322 -25.68 28.44 20.44
N VAL F 323 -24.79 27.45 20.34
CA VAL F 323 -23.52 27.51 21.03
C VAL F 323 -22.43 26.90 20.15
N ASP F 324 -21.26 27.54 20.12
CA ASP F 324 -20.10 27.07 19.39
C ASP F 324 -18.86 27.11 20.26
N THR F 325 -18.00 26.13 20.05
CA THR F 325 -16.72 26.08 20.70
C THR F 325 -15.59 26.63 19.84
N THR F 326 -15.84 26.87 18.58
CA THR F 326 -14.70 26.94 17.67
C THR F 326 -13.97 28.26 17.74
N ARG F 327 -14.65 29.29 18.14
CA ARG F 327 -14.06 30.62 18.11
C ARG F 327 -13.45 30.99 19.46
N SER F 328 -13.33 30.03 20.36
CA SER F 328 -13.02 30.30 21.75
C SER F 328 -11.70 31.03 21.98
N THR F 329 -10.98 31.28 20.91
CA THR F 329 -9.71 31.95 21.03
C THR F 329 -9.78 33.16 21.94
N ASN F 330 -8.80 33.29 22.79
CA ASN F 330 -8.71 34.43 23.68
C ASN F 330 -7.46 35.22 23.38
N MET F 331 -7.65 36.44 22.91
CA MET F 331 -6.51 37.29 22.72
C MET F 331 -6.09 37.89 24.06
N SER F 332 -4.80 38.15 24.18
CA SER F 332 -4.20 38.67 25.40
C SER F 332 -3.28 39.81 25.01
N LEU F 333 -3.43 40.94 25.69
CA LEU F 333 -2.59 42.09 25.38
C LEU F 333 -1.94 42.57 26.66
N CYS F 334 -0.93 43.40 26.48
CA CYS F 334 -0.14 43.92 27.59
C CYS F 334 -0.09 45.44 27.50
N ALA F 335 -0.19 46.07 28.67
CA ALA F 335 -0.02 47.50 28.80
C ALA F 335 1.20 47.78 29.67
N ALA F 336 1.91 48.85 29.33
CA ALA F 336 3.12 49.26 30.02
C ALA F 336 2.82 50.45 30.92
N ILE F 337 3.10 50.31 32.20
CA ILE F 337 2.83 51.44 33.06
C ILE F 337 3.94 52.47 32.95
N SER F 338 5.14 52.05 32.57
CA SER F 338 6.25 52.97 32.39
C SER F 338 6.91 52.69 31.06
N THR F 339 6.89 53.67 30.17
CA THR F 339 7.36 53.49 28.80
C THR F 339 8.83 53.82 28.64
N SER F 340 9.48 54.29 29.69
CA SER F 340 10.83 54.82 29.52
C SER F 340 11.86 53.71 29.57
N GLU F 341 11.98 53.05 30.72
CA GLU F 341 13.13 52.20 30.99
C GLU F 341 13.34 51.20 29.85
N THR F 342 14.59 50.99 29.49
CA THR F 342 14.95 50.14 28.37
C THR F 342 15.37 48.74 28.78
N THR F 343 15.36 48.43 30.07
CA THR F 343 15.70 47.09 30.53
C THR F 343 14.42 46.34 30.80
N TYR F 344 14.25 45.21 30.14
CA TYR F 344 13.01 44.46 30.29
C TYR F 344 12.79 44.02 31.73
N LYS F 345 11.56 44.18 32.20
CA LYS F 345 11.19 43.80 33.56
C LYS F 345 9.76 43.28 33.58
N ASN F 346 9.55 42.23 34.35
CA ASN F 346 8.20 41.74 34.52
C ASN F 346 7.32 42.72 35.27
N THR F 347 7.91 43.73 35.88
CA THR F 347 7.14 44.64 36.69
C THR F 347 6.31 45.59 35.85
N ASN F 348 6.78 45.94 34.67
CA ASN F 348 6.18 47.08 34.00
C ASN F 348 4.85 46.76 33.32
N PHE F 349 4.48 45.49 33.20
CA PHE F 349 3.39 45.11 32.32
C PHE F 349 2.27 44.43 33.09
N LYS F 350 1.12 45.11 33.17
CA LYS F 350 -0.12 44.44 33.55
C LYS F 350 -0.64 43.61 32.39
N GLU F 351 -1.51 42.68 32.72
CA GLU F 351 -2.08 41.79 31.72
C GLU F 351 -3.59 41.76 31.86
N TYR F 352 -4.26 41.72 30.71
CA TYR F 352 -5.72 41.64 30.67
C TYR F 352 -6.13 40.64 29.59
N LEU F 353 -7.39 40.22 29.69
CA LEU F 353 -7.92 39.16 28.86
C LEU F 353 -9.31 39.52 28.40
N ARG F 354 -9.49 39.52 27.10
CA ARG F 354 -10.80 39.82 26.56
C ARG F 354 -11.07 38.84 25.43
N HIS F 355 -12.36 38.63 25.17
CA HIS F 355 -12.78 37.63 24.21
C HIS F 355 -13.85 38.19 23.29
N GLY F 356 -13.71 37.93 22.00
CA GLY F 356 -14.59 38.51 21.02
C GLY F 356 -15.82 37.65 20.79
N GLU F 357 -16.90 38.29 20.37
CA GLU F 357 -18.15 37.59 20.10
C GLU F 357 -18.84 38.18 18.88
N GLU F 358 -19.26 37.31 17.96
CA GLU F 358 -19.80 37.76 16.69
C GLU F 358 -20.97 36.90 16.27
N TYR F 359 -22.14 37.50 16.15
CA TYR F 359 -23.33 36.80 15.70
C TYR F 359 -24.01 37.57 14.59
N ASP F 360 -24.82 36.86 13.80
CA ASP F 360 -25.84 37.52 13.02
C ASP F 360 -27.00 36.58 12.72
N LEU F 361 -28.15 37.19 12.51
CA LEU F 361 -29.39 36.46 12.30
C LEU F 361 -30.11 37.03 11.11
N GLN F 362 -30.59 36.14 10.27
CA GLN F 362 -31.44 36.52 9.17
C GLN F 362 -32.48 35.44 9.02
N PHE F 363 -33.74 35.84 8.98
CA PHE F 363 -34.83 34.88 9.03
C PHE F 363 -35.82 35.12 7.92
N ILE F 364 -36.06 34.09 7.15
CA ILE F 364 -37.18 34.10 6.26
C ILE F 364 -38.44 33.97 7.05
N PHE F 365 -39.52 34.43 6.45
CA PHE F 365 -40.81 34.23 7.04
C PHE F 365 -41.86 34.04 5.99
N GLN F 366 -42.91 33.33 6.39
CA GLN F 366 -44.09 33.15 5.58
C GLN F 366 -45.31 33.68 6.33
N LEU F 367 -46.34 33.93 5.55
CA LEU F 367 -47.54 34.60 6.00
C LEU F 367 -48.72 33.66 5.89
N CYS F 368 -49.57 33.66 6.90
CA CYS F 368 -50.67 32.72 6.90
C CYS F 368 -51.87 33.28 7.65
N LYS F 369 -53.02 32.69 7.35
CA LYS F 369 -54.31 33.12 7.85
C LYS F 369 -55.00 31.95 8.54
N ILE F 370 -56.03 32.27 9.33
CA ILE F 370 -56.74 31.27 10.11
C ILE F 370 -58.24 31.53 10.02
N THR F 371 -58.97 30.50 9.62
CA THR F 371 -60.43 30.54 9.70
C THR F 371 -60.87 30.32 11.14
N LEU F 372 -61.99 30.91 11.49
CA LEU F 372 -62.51 30.78 12.84
C LEU F 372 -63.78 29.96 12.83
N THR F 373 -63.78 28.86 13.56
CA THR F 373 -65.01 28.28 14.04
C THR F 373 -64.84 27.92 15.48
N ALA F 374 -65.87 27.32 16.01
CA ALA F 374 -65.84 26.99 17.41
C ALA F 374 -64.84 25.88 17.66
N ASP F 375 -64.93 24.81 16.88
CA ASP F 375 -63.93 23.77 16.96
C ASP F 375 -62.57 24.41 17.00
N VAL F 376 -62.37 25.30 16.07
CA VAL F 376 -61.19 26.11 15.99
C VAL F 376 -60.98 26.67 17.37
N MET F 377 -61.81 27.65 17.69
CA MET F 377 -61.57 28.41 18.88
C MET F 377 -61.32 27.50 20.04
N THR F 378 -62.14 26.47 20.15
CA THR F 378 -61.95 25.51 21.19
C THR F 378 -60.54 24.98 21.17
N TYR F 379 -60.17 24.42 20.04
CA TYR F 379 -58.95 23.65 19.99
C TYR F 379 -57.79 24.48 20.45
N ILE F 380 -57.74 25.72 20.02
CA ILE F 380 -56.69 26.59 20.47
C ILE F 380 -56.82 26.83 21.95
N HIS F 381 -57.99 27.33 22.35
CA HIS F 381 -58.15 27.79 23.70
C HIS F 381 -57.64 26.76 24.66
N SER F 382 -57.79 25.51 24.29
CA SER F 382 -57.16 24.45 25.04
C SER F 382 -55.66 24.55 24.97
N MET F 383 -55.12 24.71 23.77
CA MET F 383 -53.67 24.66 23.64
C MET F 383 -53.00 25.68 24.54
N ASN F 384 -53.08 26.95 24.19
CA ASN F 384 -52.71 28.01 25.11
C ASN F 384 -53.73 29.10 24.97
N SER F 385 -54.48 29.36 26.02
CA SER F 385 -55.55 30.34 25.91
C SER F 385 -55.01 31.75 25.96
N THR F 386 -53.86 31.95 26.61
CA THR F 386 -53.25 33.27 26.64
C THR F 386 -53.16 33.86 25.26
N ILE F 387 -52.96 33.00 24.26
CA ILE F 387 -52.83 33.46 22.88
C ILE F 387 -54.03 34.30 22.47
N LEU F 388 -55.21 33.86 22.84
CA LEU F 388 -56.41 34.56 22.39
C LEU F 388 -56.38 36.01 22.82
N GLU F 389 -55.77 36.27 23.97
CA GLU F 389 -55.79 37.61 24.52
C GLU F 389 -55.31 38.61 23.48
N ASP F 390 -54.13 38.37 22.97
CA ASP F 390 -53.56 39.34 22.07
C ASP F 390 -54.36 39.44 20.79
N TRP F 391 -55.35 38.59 20.60
CA TRP F 391 -56.23 38.74 19.47
C TRP F 391 -57.48 39.47 19.89
N ASN F 392 -58.37 39.69 18.92
CA ASN F 392 -59.47 40.62 19.07
C ASN F 392 -60.80 39.90 19.10
N PHE F 393 -61.30 39.44 17.97
CA PHE F 393 -62.64 38.90 17.90
C PHE F 393 -62.86 37.71 18.79
N GLY F 394 -61.80 37.11 19.31
CA GLY F 394 -62.04 36.36 20.50
C GLY F 394 -62.32 37.36 21.60
N LEU F 395 -63.51 37.33 22.18
CA LEU F 395 -63.93 38.38 23.09
C LEU F 395 -64.81 37.79 24.18
N GLN F 396 -64.63 38.27 25.41
CA GLN F 396 -64.90 37.48 26.60
C GLN F 396 -66.36 37.08 26.74
N PRO F 397 -66.60 35.80 26.60
CA PRO F 397 -67.88 35.25 26.93
C PRO F 397 -68.18 35.17 28.43
N PRO F 398 -67.24 35.42 29.35
CA PRO F 398 -67.61 35.49 30.79
C PRO F 398 -68.15 36.85 31.19
N PRO F 399 -69.47 37.00 31.28
CA PRO F 399 -70.08 38.34 31.29
C PRO F 399 -69.38 39.29 32.23
N GLY F 400 -69.27 40.53 31.77
CA GLY F 400 -68.51 41.52 32.50
C GLY F 400 -68.89 41.57 33.96
N GLY F 401 -70.17 41.42 34.26
CA GLY F 401 -70.60 41.39 35.64
C GLY F 401 -70.04 40.17 36.31
N THR F 402 -69.21 40.37 37.32
CA THR F 402 -68.58 39.31 38.08
C THR F 402 -69.24 39.05 39.41
N LEU F 403 -70.36 39.73 39.69
CA LEU F 403 -71.12 39.65 40.94
C LEU F 403 -70.58 40.49 42.07
N GLU F 404 -69.33 40.88 41.99
CA GLU F 404 -68.72 41.43 43.19
C GLU F 404 -69.34 42.77 43.44
N ASP F 405 -69.96 42.93 44.61
CA ASP F 405 -70.67 44.17 44.94
C ASP F 405 -70.18 44.67 46.28
N THR F 406 -69.40 45.74 46.25
CA THR F 406 -68.83 46.36 47.42
C THR F 406 -68.55 47.81 47.11
N TYR F 407 -68.73 48.66 48.11
CA TYR F 407 -68.49 50.10 48.14
C TYR F 407 -68.50 50.26 49.68
N ARG F 408 -68.67 51.40 50.39
CA ARG F 408 -69.50 52.57 50.05
C ARG F 408 -69.00 54.00 50.21
N PHE F 409 -68.86 54.39 51.48
CA PHE F 409 -69.20 55.73 51.94
C PHE F 409 -68.22 56.79 51.51
N VAL F 410 -68.44 57.96 52.09
CA VAL F 410 -67.36 58.78 52.57
C VAL F 410 -66.57 57.88 53.51
N THR F 411 -65.32 57.66 53.21
CA THR F 411 -64.56 56.77 54.06
C THR F 411 -64.39 57.45 55.40
N SER F 412 -64.88 56.82 56.45
CA SER F 412 -64.68 57.38 57.77
C SER F 412 -63.92 56.40 58.63
N GLN F 413 -64.59 55.40 59.20
CA GLN F 413 -63.94 54.15 59.55
C GLN F 413 -64.84 52.96 59.24
N ALA F 414 -64.61 52.29 58.11
CA ALA F 414 -64.60 50.83 58.06
C ALA F 414 -63.52 50.49 57.05
N ILE F 415 -62.34 50.14 57.56
CA ILE F 415 -61.23 49.53 56.83
C ILE F 415 -60.92 50.22 55.50
N ALA F 416 -60.37 49.48 54.54
CA ALA F 416 -60.01 49.88 53.20
C ALA F 416 -61.18 49.72 52.24
N CYS F 417 -61.10 50.45 51.14
CA CYS F 417 -61.95 50.20 49.99
C CYS F 417 -61.06 50.07 48.76
N GLN F 418 -60.30 51.11 48.47
CA GLN F 418 -59.42 51.13 47.32
C GLN F 418 -58.42 49.97 47.39
N LYS F 419 -58.09 49.45 46.23
CA LYS F 419 -57.18 48.33 46.08
C LYS F 419 -56.01 48.73 45.22
N HIS F 420 -54.88 48.07 45.45
CA HIS F 420 -53.60 48.47 44.89
C HIS F 420 -53.29 47.81 43.57
N THR F 421 -54.26 47.11 42.98
CA THR F 421 -54.02 46.43 41.71
C THR F 421 -54.92 46.94 40.59
N PRO F 422 -54.78 48.20 40.19
CA PRO F 422 -55.11 48.56 38.81
C PRO F 422 -54.07 48.08 37.80
N PRO F 423 -52.72 48.15 38.10
CA PRO F 423 -51.76 48.11 36.98
C PRO F 423 -51.60 46.74 36.32
N ALA F 424 -50.79 46.71 35.28
CA ALA F 424 -50.54 45.49 34.52
C ALA F 424 -50.02 44.34 35.39
N PRO F 425 -50.41 43.06 34.98
CA PRO F 425 -49.91 41.98 35.81
C PRO F 425 -48.69 41.30 35.16
N LYS F 426 -48.00 42.04 34.31
CA LYS F 426 -46.81 41.55 33.61
C LYS F 426 -47.16 40.70 32.39
N GLU F 427 -46.86 41.24 31.20
CA GLU F 427 -47.13 40.54 29.95
C GLU F 427 -46.35 39.24 29.83
N ASP F 428 -45.03 39.28 29.78
CA ASP F 428 -44.26 38.05 29.80
C ASP F 428 -44.18 37.53 31.22
N PRO F 429 -44.78 36.39 31.51
CA PRO F 429 -44.58 35.78 32.81
C PRO F 429 -43.16 35.32 33.02
N LEU F 430 -42.38 35.17 31.97
CA LEU F 430 -41.03 34.67 32.11
C LEU F 430 -40.05 35.78 32.39
N LYS F 431 -40.56 37.00 32.57
CA LYS F 431 -39.71 38.13 32.88
C LYS F 431 -38.76 37.82 34.00
N LYS F 432 -39.12 36.89 34.86
CA LYS F 432 -38.15 36.38 35.83
C LYS F 432 -36.90 35.89 35.13
N TYR F 433 -37.05 35.32 33.96
CA TYR F 433 -35.94 34.64 33.31
C TYR F 433 -35.24 35.63 32.40
N THR F 434 -34.04 35.98 32.77
CA THR F 434 -33.26 36.94 32.02
C THR F 434 -32.50 36.26 30.90
N PHE F 435 -32.33 36.99 29.79
CA PHE F 435 -31.44 36.55 28.73
C PHE F 435 -31.43 37.57 27.61
N TRP F 436 -30.50 37.34 26.68
CA TRP F 436 -30.14 38.29 25.64
C TRP F 436 -31.32 38.60 24.73
N GLU F 437 -31.35 39.83 24.24
CA GLU F 437 -32.53 40.35 23.61
C GLU F 437 -32.17 41.12 22.37
N VAL F 438 -33.02 41.02 21.37
CA VAL F 438 -32.94 41.84 20.17
C VAL F 438 -34.34 42.13 19.70
N ASN F 439 -34.55 43.34 19.22
CA ASN F 439 -35.83 43.70 18.62
C ASN F 439 -35.66 43.90 17.13
N LEU F 440 -36.54 43.28 16.37
CA LEU F 440 -36.55 43.44 14.93
C LEU F 440 -37.59 44.39 14.42
N LYS F 441 -38.45 44.90 15.31
CA LYS F 441 -39.78 45.29 14.89
C LYS F 441 -39.75 46.10 13.60
N GLU F 442 -38.73 46.91 13.41
CA GLU F 442 -38.76 47.89 12.34
C GLU F 442 -38.24 47.37 11.02
N LYS F 443 -37.61 46.21 11.01
CA LYS F 443 -36.64 45.96 9.98
C LYS F 443 -37.19 45.30 8.73
N PHE F 444 -38.47 44.98 8.69
CA PHE F 444 -38.96 44.13 7.62
C PHE F 444 -38.77 44.77 6.26
N SER F 445 -38.68 43.92 5.25
CA SER F 445 -38.75 44.38 3.89
C SER F 445 -39.61 43.43 3.08
N ALA F 446 -40.12 43.96 1.99
CA ALA F 446 -41.00 43.21 1.12
C ALA F 446 -40.30 42.63 -0.09
N ASP F 447 -39.01 42.89 -0.29
CA ASP F 447 -38.35 42.42 -1.50
C ASP F 447 -37.08 41.67 -1.17
N LEU F 448 -37.10 40.37 -1.46
CA LEU F 448 -35.97 39.53 -1.16
C LEU F 448 -34.76 39.94 -1.96
N ASP F 449 -35.00 40.32 -3.20
CA ASP F 449 -33.94 40.49 -4.15
C ASP F 449 -32.81 41.30 -3.57
N GLN F 450 -33.13 42.25 -2.73
CA GLN F 450 -32.08 43.13 -2.28
C GLN F 450 -31.22 42.51 -1.20
N PHE F 451 -31.47 41.28 -0.84
CA PHE F 451 -30.68 40.76 0.26
C PHE F 451 -29.83 39.59 -0.17
N PRO F 452 -28.70 39.39 0.51
CA PRO F 452 -27.83 38.28 0.12
C PRO F 452 -28.53 36.95 0.25
N LEU F 453 -29.16 36.75 1.37
CA LEU F 453 -29.73 35.44 1.64
C LEU F 453 -30.84 35.13 0.67
N GLY F 454 -31.80 36.04 0.59
CA GLY F 454 -33.10 35.67 0.04
C GLY F 454 -33.01 35.10 -1.35
N ARG F 455 -32.19 35.71 -2.19
CA ARG F 455 -32.18 35.28 -3.57
C ARG F 455 -31.97 33.78 -3.67
N LYS F 456 -31.28 33.20 -2.70
CA LYS F 456 -31.17 31.75 -2.67
C LYS F 456 -32.54 31.13 -2.56
N PHE F 457 -33.33 31.63 -1.64
CA PHE F 457 -34.69 31.19 -1.55
C PHE F 457 -35.31 31.17 -2.93
N LEU F 458 -35.15 32.27 -3.64
CA LEU F 458 -35.58 32.28 -5.01
C LEU F 458 -34.94 31.14 -5.75
N LEU F 459 -33.61 31.15 -5.75
CA LEU F 459 -32.91 30.15 -6.52
C LEU F 459 -33.42 28.78 -6.19
N GLN F 460 -33.64 28.53 -4.92
CA GLN F 460 -34.13 27.22 -4.55
C GLN F 460 -35.44 26.93 -5.26
N ALA F 461 -36.31 27.92 -5.35
CA ALA F 461 -37.54 27.75 -6.10
C ALA F 461 -37.45 28.29 -7.50
N GLY F 462 -36.30 28.82 -7.90
CA GLY F 462 -36.18 29.42 -9.22
C GLY F 462 -37.00 30.70 -9.33
N LEU F 463 -37.92 30.75 -10.30
CA LEU F 463 -38.99 31.75 -10.33
C LEU F 463 -38.55 33.21 -10.47
N LYS F 464 -38.66 33.72 -11.73
CA LYS F 464 -39.03 35.11 -12.10
C LYS F 464 -37.99 36.11 -12.59
N ALA F 465 -36.70 35.86 -12.44
CA ALA F 465 -35.75 36.88 -12.88
C ALA F 465 -36.16 38.25 -12.33
N LYS F 466 -36.55 39.20 -13.21
CA LYS F 466 -36.67 40.63 -12.88
C LYS F 466 -37.37 41.44 -13.96
N PRO F 467 -38.20 42.41 -13.58
CA PRO F 467 -38.94 43.19 -14.59
C PRO F 467 -38.08 44.18 -15.37
N LYS F 468 -37.08 44.78 -14.73
CA LYS F 468 -36.37 46.02 -15.12
C LYS F 468 -36.98 47.19 -14.37
N TYR G 1 -52.37 50.10 10.17
CA TYR G 1 -52.28 50.72 8.83
C TYR G 1 -50.78 50.93 8.39
N LEU G 2 -50.18 50.38 7.29
CA LEU G 2 -48.68 50.62 6.91
C LEU G 2 -48.25 50.76 5.42
N PRO G 3 -48.09 51.98 4.93
CA PRO G 3 -47.69 52.21 3.54
C PRO G 3 -46.22 52.62 3.43
N PRO G 4 -45.48 52.01 2.43
CA PRO G 4 -44.08 52.45 2.37
C PRO G 4 -43.86 53.50 1.28
N VAL G 5 -42.61 53.70 0.90
CA VAL G 5 -42.27 54.69 -0.13
C VAL G 5 -41.82 54.00 -1.41
N PRO G 6 -40.53 54.13 -1.72
CA PRO G 6 -39.95 53.52 -2.94
C PRO G 6 -38.63 52.77 -2.92
N VAL G 7 -37.51 53.40 -2.51
CA VAL G 7 -36.18 52.75 -2.51
C VAL G 7 -35.76 52.13 -3.85
N SER G 8 -35.10 52.91 -4.68
CA SER G 8 -34.61 52.40 -5.96
C SER G 8 -33.93 51.04 -5.79
N LYS G 9 -34.29 50.12 -6.67
CA LYS G 9 -33.98 48.71 -6.46
C LYS G 9 -32.89 48.26 -7.41
N VAL G 10 -31.75 47.87 -6.83
CA VAL G 10 -30.70 47.27 -7.61
C VAL G 10 -31.23 46.03 -8.29
N VAL G 11 -30.65 45.73 -9.44
CA VAL G 11 -31.14 44.64 -10.26
C VAL G 11 -30.01 43.66 -10.56
N SER G 12 -30.27 42.70 -11.43
CA SER G 12 -29.27 41.75 -11.87
C SER G 12 -28.58 42.28 -13.10
N THR G 13 -27.27 42.35 -13.05
CA THR G 13 -26.52 42.79 -14.21
C THR G 13 -26.96 42.08 -15.46
N ASP G 14 -27.22 40.79 -15.33
CA ASP G 14 -27.59 40.00 -16.47
C ASP G 14 -28.84 40.52 -17.13
N GLU G 15 -29.56 41.40 -16.48
CA GLU G 15 -30.71 41.97 -17.14
C GLU G 15 -30.27 42.66 -18.41
N TYR G 16 -29.61 43.77 -18.25
CA TYR G 16 -29.37 44.57 -19.42
C TYR G 16 -28.19 44.07 -20.21
N VAL G 17 -27.24 43.45 -19.53
CA VAL G 17 -26.06 42.99 -20.24
C VAL G 17 -26.45 41.97 -21.31
N ALA G 18 -25.64 41.89 -22.37
CA ALA G 18 -25.77 40.86 -23.39
C ALA G 18 -24.46 40.14 -23.61
N ARG G 19 -24.55 38.83 -23.76
CA ARG G 19 -23.39 37.99 -23.91
C ARG G 19 -23.11 37.80 -25.38
N THR G 20 -21.82 37.70 -25.72
CA THR G 20 -21.39 37.54 -27.10
C THR G 20 -20.89 36.14 -27.39
N ASN G 21 -20.47 35.94 -28.64
CA ASN G 21 -20.00 34.65 -29.10
C ASN G 21 -18.53 34.44 -28.84
N ILE G 22 -17.81 35.50 -28.52
CA ILE G 22 -16.36 35.52 -28.68
C ILE G 22 -15.69 35.35 -27.34
N TYR G 23 -14.55 34.64 -27.36
CA TYR G 23 -13.72 34.39 -26.20
C TYR G 23 -12.25 34.59 -26.52
N TYR G 24 -11.47 34.91 -25.48
CA TYR G 24 -10.03 35.11 -25.57
C TYR G 24 -9.35 34.53 -24.35
N HIS G 25 -8.03 34.51 -24.40
CA HIS G 25 -7.28 34.28 -23.18
C HIS G 25 -5.92 34.92 -23.28
N ALA G 26 -5.37 35.21 -22.11
CA ALA G 26 -3.96 35.51 -21.94
C ALA G 26 -3.58 35.13 -20.51
N GLY G 27 -2.28 35.01 -20.29
CA GLY G 27 -1.78 34.72 -18.96
C GLY G 27 -0.33 35.12 -18.82
N THR G 28 0.09 35.33 -17.58
CA THR G 28 1.48 35.64 -17.31
C THR G 28 2.33 34.45 -17.65
N SER G 29 3.60 34.72 -17.94
CA SER G 29 4.55 33.64 -18.01
C SER G 29 4.51 32.96 -16.66
N ARG G 30 5.11 33.58 -15.67
CA ARG G 30 5.04 33.05 -14.32
C ARG G 30 5.49 34.16 -13.39
N LEU G 31 5.22 34.01 -12.13
CA LEU G 31 5.72 34.96 -11.16
C LEU G 31 6.69 34.27 -10.22
N LEU G 32 7.69 35.02 -9.79
CA LEU G 32 8.68 34.46 -8.88
C LEU G 32 9.15 35.51 -7.90
N ALA G 33 9.24 35.11 -6.64
CA ALA G 33 9.57 36.03 -5.56
C ALA G 33 10.41 35.32 -4.51
N VAL G 34 11.30 36.08 -3.89
CA VAL G 34 12.22 35.58 -2.89
C VAL G 34 12.31 36.61 -1.78
N GLY G 35 12.33 36.14 -0.54
CA GLY G 35 12.51 37.06 0.55
C GLY G 35 12.79 36.34 1.84
N HIS G 36 13.16 37.05 2.74
CA HIS G 36 13.39 36.49 4.04
C HIS G 36 12.11 36.56 4.87
N PRO G 37 11.84 35.49 5.59
CA PRO G 37 10.58 35.46 6.34
C PRO G 37 10.50 36.50 7.43
N TYR G 38 11.54 36.61 8.24
CA TYR G 38 11.35 37.16 9.57
C TYR G 38 11.39 38.65 9.66
N PHE G 39 12.30 39.31 8.94
CA PHE G 39 12.32 40.76 8.95
C PHE G 39 12.90 41.22 7.62
N PRO G 40 12.63 42.47 7.22
CA PRO G 40 13.25 42.99 6.01
C PRO G 40 14.70 43.36 6.24
N ILE G 41 15.42 43.45 5.14
CA ILE G 41 16.84 43.71 5.17
C ILE G 41 17.07 45.10 4.64
N LYS G 42 17.86 45.88 5.37
CA LYS G 42 18.22 47.21 4.96
C LYS G 42 19.62 47.53 5.45
N LYS G 43 20.27 48.46 4.76
CA LYS G 43 21.58 48.94 5.18
C LYS G 43 21.49 49.50 6.60
N PRO G 44 22.45 49.19 7.48
CA PRO G 44 22.25 49.54 8.89
C PRO G 44 22.09 51.01 9.11
N ASN G 45 22.94 51.83 8.48
CA ASN G 45 22.80 53.26 8.62
C ASN G 45 21.62 53.77 7.79
N ASN G 46 21.46 53.24 6.59
CA ASN G 46 20.44 53.72 5.71
C ASN G 46 19.08 53.23 6.21
N ASN G 47 18.03 53.74 5.59
CA ASN G 47 16.72 53.14 5.69
C ASN G 47 16.38 52.32 4.46
N LYS G 48 17.23 52.32 3.44
CA LYS G 48 16.89 51.65 2.20
C LYS G 48 17.00 50.14 2.37
N ILE G 49 15.98 49.43 1.91
CA ILE G 49 15.92 47.99 2.11
C ILE G 49 16.99 47.31 1.28
N LEU G 50 17.75 46.42 1.92
CA LEU G 50 18.66 45.62 1.12
C LEU G 50 17.95 44.44 0.50
N VAL G 51 17.14 43.75 1.30
CA VAL G 51 16.44 42.61 0.76
C VAL G 51 15.01 42.72 1.24
N PRO G 52 14.03 42.42 0.39
CA PRO G 52 12.64 42.49 0.82
C PRO G 52 12.28 41.34 1.73
N LYS G 53 11.47 41.64 2.74
CA LYS G 53 11.00 40.61 3.65
C LYS G 53 9.82 39.89 3.01
N VAL G 54 9.94 38.59 2.84
CA VAL G 54 8.90 37.81 2.19
C VAL G 54 8.79 36.48 2.90
N SER G 55 7.54 36.08 3.16
CA SER G 55 7.21 34.73 3.57
C SER G 55 5.80 34.39 3.11
N GLY G 56 5.52 33.09 3.09
CA GLY G 56 4.21 32.64 2.66
C GLY G 56 3.09 33.29 3.44
N LEU G 57 3.32 33.52 4.73
CA LEU G 57 2.26 34.03 5.58
C LEU G 57 1.89 35.46 5.25
N GLN G 58 2.73 36.16 4.52
CA GLN G 58 2.29 37.42 3.98
C GLN G 58 1.12 37.18 3.06
N TYR G 59 0.13 38.05 3.13
CA TYR G 59 -0.92 38.01 2.14
C TYR G 59 -0.35 38.33 0.78
N ARG G 60 -1.07 37.91 -0.26
CA ARG G 60 -0.74 38.23 -1.64
C ARG G 60 -1.85 39.07 -2.23
N VAL G 61 -1.47 40.08 -2.98
CA VAL G 61 -2.45 40.94 -3.63
C VAL G 61 -2.08 41.10 -5.08
N PHE G 62 -2.99 40.73 -5.95
CA PHE G 62 -2.78 40.83 -7.38
C PHE G 62 -3.77 41.80 -7.98
N ARG G 63 -3.22 42.84 -8.60
CA ARG G 63 -4.00 43.76 -9.39
C ARG G 63 -3.71 43.53 -10.85
N ILE G 64 -4.76 43.48 -11.65
CA ILE G 64 -4.65 43.09 -13.03
C ILE G 64 -5.35 44.11 -13.91
N HIS G 65 -4.63 44.66 -14.85
CA HIS G 65 -5.18 45.60 -15.80
C HIS G 65 -5.61 44.87 -17.05
N LEU G 66 -6.71 45.35 -17.63
CA LEU G 66 -7.07 44.90 -18.94
C LEU G 66 -7.05 46.06 -19.90
N PRO G 67 -6.62 45.85 -21.12
CA PRO G 67 -6.75 46.89 -22.12
C PRO G 67 -8.21 47.12 -22.46
N ASP G 68 -8.53 48.36 -22.77
CA ASP G 68 -9.88 48.72 -23.13
C ASP G 68 -10.32 47.89 -24.31
N PRO G 69 -11.36 47.09 -24.16
CA PRO G 69 -11.89 46.43 -25.34
C PRO G 69 -12.23 47.43 -26.40
N ASN G 70 -12.83 48.53 -25.99
CA ASN G 70 -13.34 49.44 -26.99
C ASN G 70 -12.23 50.18 -27.72
N LYS G 71 -11.00 50.07 -27.28
CA LYS G 71 -9.90 50.49 -28.12
C LYS G 71 -9.60 49.48 -29.20
N PHE G 72 -10.21 48.33 -29.12
CA PHE G 72 -9.60 47.14 -29.69
C PHE G 72 -10.56 46.47 -30.67
N GLY G 73 -10.16 46.45 -31.93
CA GLY G 73 -11.02 45.96 -32.98
C GLY G 73 -11.08 44.44 -33.02
N PHE G 74 -11.91 43.97 -33.95
CA PHE G 74 -12.27 42.58 -34.09
C PHE G 74 -12.03 42.14 -35.52
N PRO G 75 -12.01 40.84 -35.79
CA PRO G 75 -11.93 40.40 -37.18
C PRO G 75 -13.11 40.90 -37.99
N ASP G 76 -14.31 40.73 -37.46
CA ASP G 76 -15.51 41.31 -38.04
C ASP G 76 -16.17 42.12 -36.94
N THR G 77 -16.16 43.43 -37.10
CA THR G 77 -16.67 44.32 -36.08
C THR G 77 -18.10 44.75 -36.35
N SER G 78 -18.68 44.29 -37.45
CA SER G 78 -19.92 44.86 -37.95
C SER G 78 -21.10 44.61 -37.03
N PHE G 79 -21.02 43.66 -36.12
CA PHE G 79 -22.23 43.23 -35.42
C PHE G 79 -22.73 44.23 -34.40
N TYR G 80 -22.03 45.33 -34.17
CA TYR G 80 -22.55 46.31 -33.24
C TYR G 80 -22.16 47.70 -33.71
N ASN G 81 -22.93 48.68 -33.24
CA ASN G 81 -22.51 50.07 -33.35
C ASN G 81 -21.60 50.42 -32.20
N PRO G 82 -20.35 50.78 -32.46
CA PRO G 82 -19.50 51.26 -31.37
C PRO G 82 -19.93 52.60 -30.84
N ASP G 83 -20.71 53.38 -31.59
CA ASP G 83 -21.10 54.68 -31.09
C ASP G 83 -22.15 54.53 -30.03
N THR G 84 -23.30 54.00 -30.42
CA THR G 84 -24.42 53.90 -29.50
C THR G 84 -24.15 52.99 -28.33
N GLN G 85 -23.04 52.27 -28.33
CA GLN G 85 -22.85 51.24 -27.30
C GLN G 85 -21.40 51.22 -26.87
N ARG G 86 -21.10 50.24 -26.02
CA ARG G 86 -19.80 50.05 -25.42
C ARG G 86 -19.46 48.57 -25.43
N LEU G 87 -18.24 48.27 -24.99
CA LEU G 87 -17.77 46.89 -24.88
C LEU G 87 -17.10 46.73 -23.55
N VAL G 88 -17.43 45.63 -22.88
CA VAL G 88 -16.88 45.38 -21.56
C VAL G 88 -16.56 43.91 -21.43
N TRP G 89 -15.45 43.64 -20.77
CA TRP G 89 -15.01 42.29 -20.51
C TRP G 89 -15.81 41.62 -19.42
N ALA G 90 -15.85 40.30 -19.47
CA ALA G 90 -16.42 39.50 -18.41
C ALA G 90 -15.53 38.31 -18.18
N CYS G 91 -15.47 37.86 -16.95
CA CYS G 91 -14.51 36.84 -16.56
C CYS G 91 -15.26 35.54 -16.30
N VAL G 92 -15.05 34.56 -17.17
CA VAL G 92 -15.78 33.32 -17.04
C VAL G 92 -15.13 32.37 -16.04
N GLY G 93 -13.84 32.17 -16.16
CA GLY G 93 -13.19 31.11 -15.42
C GLY G 93 -11.76 31.49 -15.15
N VAL G 94 -11.20 30.87 -14.11
CA VAL G 94 -9.96 31.35 -13.52
C VAL G 94 -9.15 30.18 -12.99
N GLU G 95 -7.83 30.33 -13.04
CA GLU G 95 -6.91 29.33 -12.55
C GLU G 95 -5.77 29.95 -11.78
N VAL G 96 -5.27 29.17 -10.82
CA VAL G 96 -4.11 29.52 -10.04
C VAL G 96 -3.14 28.36 -10.08
N GLY G 97 -2.00 28.59 -10.72
CA GLY G 97 -0.92 27.64 -10.67
C GLY G 97 -0.05 27.87 -9.45
N ARG G 98 0.38 26.76 -8.85
CA ARG G 98 1.34 26.77 -7.77
C ARG G 98 2.27 25.58 -7.92
N GLY G 99 3.58 25.82 -8.05
CA GLY G 99 4.46 24.74 -8.46
C GLY G 99 5.42 24.11 -7.46
N GLN G 100 5.54 24.69 -6.29
CA GLN G 100 6.55 24.21 -5.38
C GLN G 100 6.19 22.83 -4.87
N PRO G 101 7.19 22.02 -4.58
CA PRO G 101 6.92 20.82 -3.81
C PRO G 101 6.41 21.25 -2.46
N LEU G 102 5.42 20.54 -1.98
CA LEU G 102 4.68 21.05 -0.86
C LEU G 102 5.40 20.72 0.44
N GLY G 103 5.44 21.70 1.33
CA GLY G 103 6.05 21.49 2.62
C GLY G 103 5.83 22.66 3.54
N VAL G 104 5.92 22.38 4.80
CA VAL G 104 5.58 23.32 5.84
C VAL G 104 6.83 24.01 6.34
N GLY G 105 6.78 25.34 6.41
CA GLY G 105 7.73 26.10 7.18
C GLY G 105 7.24 26.31 8.59
N ILE G 106 7.78 27.35 9.23
CA ILE G 106 7.56 27.51 10.66
C ILE G 106 8.21 28.78 11.17
N SER G 107 7.83 29.22 12.37
CA SER G 107 8.46 30.40 12.96
C SER G 107 8.48 30.25 14.47
N GLY G 108 9.26 31.12 15.10
CA GLY G 108 9.36 31.21 16.54
C GLY G 108 9.86 32.56 17.00
N HIS G 109 10.14 32.64 18.30
CA HIS G 109 10.75 33.83 18.85
C HIS G 109 11.79 33.48 19.90
N PRO G 110 12.91 34.17 19.90
CA PRO G 110 13.94 33.82 20.88
C PRO G 110 13.53 34.13 22.30
N LEU G 111 12.78 35.20 22.50
CA LEU G 111 12.30 35.56 23.82
C LEU G 111 10.80 35.44 23.81
N LEU G 112 10.28 34.70 24.76
CA LEU G 112 8.83 34.62 24.78
C LEU G 112 8.36 34.57 26.21
N ASN G 113 7.36 35.39 26.54
CA ASN G 113 6.79 35.31 27.87
C ASN G 113 6.27 33.92 28.10
N LYS G 114 6.79 33.26 29.10
CA LYS G 114 6.33 31.93 29.42
C LYS G 114 6.62 31.68 30.88
N LEU G 115 5.76 30.89 31.50
CA LEU G 115 6.10 30.43 32.82
C LEU G 115 6.77 29.06 32.71
N ASP G 116 5.97 28.06 32.44
CA ASP G 116 6.47 26.70 32.37
C ASP G 116 5.31 25.86 31.86
N ASP G 117 5.54 24.55 31.84
CA ASP G 117 4.48 23.63 31.45
C ASP G 117 3.33 23.69 32.42
N THR G 118 2.12 23.76 31.87
CA THR G 118 0.89 23.60 32.63
C THR G 118 0.33 22.19 32.57
N GLU G 119 0.87 21.35 31.69
CA GLU G 119 0.25 20.06 31.46
C GLU G 119 0.48 19.13 32.63
N ASN G 120 1.74 18.97 33.03
CA ASN G 120 2.06 18.12 34.16
C ASN G 120 3.13 18.80 34.98
N ALA G 121 2.87 18.92 36.28
CA ALA G 121 3.84 19.47 37.22
C ALA G 121 3.83 18.61 38.47
N SER G 122 5.01 18.08 38.82
CA SER G 122 5.11 17.29 40.03
C SER G 122 4.92 18.16 41.27
N ALA G 123 5.60 19.29 41.31
CA ALA G 123 5.55 20.19 42.44
C ALA G 123 5.16 21.57 41.93
N TYR G 124 4.79 22.43 42.87
CA TYR G 124 4.43 23.78 42.48
C TYR G 124 5.63 24.49 41.88
N ALA G 125 5.33 25.51 41.08
CA ALA G 125 6.36 26.16 40.28
C ALA G 125 7.30 26.96 41.18
N ALA G 126 8.28 27.59 40.56
CA ALA G 126 9.27 28.37 41.28
C ALA G 126 8.81 29.81 41.41
N ASN G 127 9.64 30.62 42.06
CA ASN G 127 9.34 32.04 42.18
C ASN G 127 9.62 32.72 40.85
N ALA G 128 8.80 33.71 40.55
CA ALA G 128 8.95 34.42 39.30
C ALA G 128 10.15 35.35 39.41
N GLY G 129 11.11 35.16 38.52
CA GLY G 129 12.27 36.03 38.44
C GLY G 129 11.96 37.23 37.60
N VAL G 130 12.98 37.75 36.95
CA VAL G 130 12.79 38.80 35.97
C VAL G 130 13.14 38.21 34.62
N ASP G 131 12.23 38.34 33.67
CA ASP G 131 12.49 37.92 32.30
C ASP G 131 12.88 36.44 32.23
N ASN G 132 11.92 35.57 32.37
CA ASN G 132 12.15 34.16 32.17
C ASN G 132 11.96 33.75 30.70
N ARG G 133 11.82 34.70 29.79
CA ARG G 133 11.50 34.40 28.40
C ARG G 133 12.49 33.41 27.81
N GLU G 134 11.98 32.58 26.91
CA GLU G 134 12.75 31.51 26.34
C GLU G 134 12.56 31.48 24.84
N CYS G 135 13.40 30.69 24.19
CA CYS G 135 13.35 30.51 22.75
C CYS G 135 12.51 29.27 22.46
N ILE G 136 11.33 29.49 21.89
CA ILE G 136 10.41 28.40 21.55
C ILE G 136 9.71 28.81 20.28
N SER G 137 9.35 27.84 19.46
CA SER G 137 8.71 28.12 18.18
C SER G 137 7.48 27.27 18.02
N MET G 138 6.72 27.58 16.98
CA MET G 138 5.47 26.89 16.74
C MET G 138 5.10 27.00 15.27
N ASP G 139 4.17 26.14 14.88
CA ASP G 139 3.65 26.12 13.52
C ASP G 139 2.32 26.86 13.50
N TYR G 140 2.07 27.54 12.42
CA TYR G 140 0.83 28.24 12.29
C TYR G 140 -0.29 27.36 11.74
N LYS G 141 -1.52 27.79 11.99
CA LYS G 141 -2.69 27.08 11.50
C LYS G 141 -2.66 26.94 9.98
N GLN G 142 -2.91 25.75 9.50
CA GLN G 142 -2.90 25.52 8.06
C GLN G 142 -4.14 26.12 7.42
N THR G 143 -3.95 26.74 6.25
CA THR G 143 -5.06 27.44 5.65
C THR G 143 -4.90 27.60 4.15
N GLN G 144 -6.04 27.61 3.46
CA GLN G 144 -6.10 27.99 2.07
C GLN G 144 -7.34 28.82 1.83
N LEU G 145 -7.24 29.74 0.88
CA LEU G 145 -8.34 30.64 0.55
C LEU G 145 -8.16 31.15 -0.86
N CYS G 146 -9.24 31.71 -1.39
CA CYS G 146 -9.16 32.34 -2.69
C CYS G 146 -10.17 33.45 -2.83
N LEU G 147 -9.79 34.50 -3.54
CA LEU G 147 -10.60 35.70 -3.55
C LEU G 147 -10.63 36.32 -4.94
N ILE G 148 -11.83 36.71 -5.37
CA ILE G 148 -12.05 37.28 -6.69
C ILE G 148 -13.16 38.33 -6.68
N GLY G 149 -12.90 39.45 -7.34
CA GLY G 149 -13.86 40.53 -7.47
C GLY G 149 -13.21 41.76 -8.05
N CYS G 150 -14.05 42.75 -8.34
CA CYS G 150 -13.57 44.02 -8.87
C CYS G 150 -13.31 45.05 -7.79
N LYS G 151 -13.71 44.77 -6.57
CA LYS G 151 -13.41 45.76 -5.58
C LYS G 151 -12.53 45.13 -4.54
N PRO G 152 -11.68 45.92 -3.91
CA PRO G 152 -10.65 45.34 -3.07
C PRO G 152 -11.27 44.59 -1.92
N PRO G 153 -10.62 43.55 -1.46
CA PRO G 153 -11.10 42.84 -0.31
C PRO G 153 -11.03 43.73 0.90
N ILE G 154 -12.08 43.67 1.65
CA ILE G 154 -12.20 44.47 2.84
C ILE G 154 -11.73 43.65 4.02
N GLY G 155 -10.90 44.26 4.86
CA GLY G 155 -10.43 43.61 6.06
C GLY G 155 -11.10 44.14 7.31
N GLU G 156 -10.78 43.48 8.41
CA GLU G 156 -11.27 43.88 9.71
C GLU G 156 -10.28 43.38 10.74
N HIS G 157 -10.27 44.04 11.89
CA HIS G 157 -9.38 43.63 12.94
C HIS G 157 -9.88 44.23 14.24
N TRP G 158 -9.39 43.68 15.33
CA TRP G 158 -9.54 44.39 16.58
C TRP G 158 -8.58 45.56 16.62
N GLY G 159 -8.91 46.53 17.46
CA GLY G 159 -8.05 47.69 17.61
C GLY G 159 -8.53 48.56 18.75
N LYS G 160 -7.63 49.46 19.17
CA LYS G 160 -7.93 50.36 20.27
C LYS G 160 -8.51 51.66 19.76
N GLY G 161 -9.57 52.12 20.42
CA GLY G 161 -10.13 53.41 20.19
C GLY G 161 -9.88 54.36 21.34
N SER G 162 -10.63 55.44 21.36
CA SER G 162 -10.53 56.42 22.41
C SER G 162 -11.53 56.10 23.50
N PRO G 163 -11.07 55.97 24.72
CA PRO G 163 -12.01 55.73 25.81
C PRO G 163 -12.93 56.91 26.01
N CYS G 164 -14.21 56.63 26.19
CA CYS G 164 -15.14 57.67 26.60
C CYS G 164 -14.64 58.32 27.88
N THR G 165 -14.83 59.62 27.97
CA THR G 165 -14.15 60.36 29.03
C THR G 165 -15.07 60.45 30.22
N ASN G 166 -14.75 59.66 31.24
CA ASN G 166 -15.22 59.87 32.58
C ASN G 166 -14.02 59.72 33.48
N VAL G 167 -13.46 58.51 33.48
CA VAL G 167 -12.23 58.23 34.21
C VAL G 167 -11.05 58.60 33.36
N ALA G 168 -10.13 59.37 33.92
CA ALA G 168 -8.87 59.63 33.24
C ALA G 168 -8.03 58.38 33.24
N VAL G 169 -7.52 58.03 32.06
CA VAL G 169 -6.79 56.79 31.92
C VAL G 169 -5.44 56.90 32.62
N ASN G 170 -5.21 56.04 33.51
CA ASN G 170 -3.87 55.92 34.07
C ASN G 170 -3.06 54.87 33.34
N PRO G 171 -1.74 54.97 33.37
CA PRO G 171 -0.91 53.92 32.79
C PRO G 171 -1.21 52.59 33.45
N GLY G 172 -1.32 51.56 32.63
CA GLY G 172 -1.68 50.24 33.11
C GLY G 172 -3.15 49.93 33.01
N ASP G 173 -3.98 50.86 32.57
CA ASP G 173 -5.39 50.59 32.45
C ASP G 173 -5.67 49.65 31.26
N CYS G 174 -6.85 49.06 31.25
CA CYS G 174 -7.26 48.24 30.13
C CYS G 174 -7.76 49.09 28.98
N PRO G 175 -7.04 49.13 27.88
CA PRO G 175 -7.50 49.91 26.75
C PRO G 175 -8.79 49.34 26.20
N PRO G 176 -9.77 50.17 25.95
CA PRO G 176 -10.99 49.68 25.34
C PRO G 176 -10.70 49.20 23.93
N LEU G 177 -11.65 48.47 23.38
CA LEU G 177 -11.42 47.80 22.12
C LEU G 177 -12.36 48.31 21.05
N GLU G 178 -11.90 48.14 19.81
CA GLU G 178 -12.63 48.63 18.66
C GLU G 178 -12.59 47.60 17.55
N LEU G 179 -13.70 47.47 16.87
CA LEU G 179 -13.78 46.67 15.68
C LEU G 179 -13.62 47.58 14.48
N ILE G 180 -12.68 47.27 13.61
CA ILE G 180 -12.31 48.19 12.56
C ILE G 180 -12.21 47.45 11.24
N ASN G 181 -12.97 47.92 10.26
CA ASN G 181 -12.78 47.49 8.89
C ASN G 181 -11.68 48.28 8.21
N THR G 182 -11.03 47.65 7.25
CA THR G 182 -10.08 48.39 6.43
C THR G 182 -9.85 47.69 5.11
N VAL G 183 -9.31 48.45 4.18
CA VAL G 183 -8.80 47.88 2.96
C VAL G 183 -7.66 46.95 3.30
N ILE G 184 -7.43 45.99 2.44
CA ILE G 184 -6.42 44.99 2.66
C ILE G 184 -5.21 45.29 1.78
N GLN G 185 -4.02 45.26 2.38
CA GLN G 185 -2.80 45.55 1.67
C GLN G 185 -1.90 44.34 1.65
N ASP G 186 -1.00 44.34 0.69
CA ASP G 186 -0.08 43.24 0.55
C ASP G 186 0.86 43.20 1.75
N GLY G 187 1.50 42.05 1.94
CA GLY G 187 2.41 41.84 3.03
C GLY G 187 1.74 41.70 4.35
N ASP G 188 0.43 41.89 4.40
CA ASP G 188 -0.27 41.73 5.64
C ASP G 188 -0.38 40.26 6.00
N MET G 189 -0.68 40.01 7.27
CA MET G 189 -0.48 38.72 7.87
C MET G 189 -1.79 38.01 8.15
N VAL G 190 -1.78 36.72 7.87
CA VAL G 190 -2.83 35.85 8.29
C VAL G 190 -2.91 35.82 9.81
N ASP G 191 -4.08 35.47 10.33
CA ASP G 191 -4.14 35.06 11.73
C ASP G 191 -3.27 33.84 11.96
N THR G 192 -2.73 33.75 13.15
CA THR G 192 -2.15 32.49 13.56
C THR G 192 -3.13 31.71 14.37
N GLY G 193 -4.32 32.25 14.49
CA GLY G 193 -5.21 31.87 15.54
C GLY G 193 -5.13 32.78 16.72
N PHE G 194 -4.42 33.90 16.62
CA PHE G 194 -4.45 34.89 17.69
C PHE G 194 -5.35 36.06 17.41
N GLY G 195 -5.99 36.07 16.26
CA GLY G 195 -7.02 37.06 16.03
C GLY G 195 -6.50 38.37 15.47
N ALA G 196 -7.34 39.02 14.66
CA ALA G 196 -6.92 40.21 13.94
C ALA G 196 -6.96 41.40 14.87
N MET G 197 -5.80 41.99 15.06
CA MET G 197 -5.66 43.11 15.97
C MET G 197 -4.29 43.69 15.76
N ASP G 198 -4.01 44.78 16.47
CA ASP G 198 -2.70 45.39 16.44
C ASP G 198 -1.96 45.01 17.69
N PHE G 199 -0.99 44.15 17.51
CA PHE G 199 -0.09 43.88 18.59
C PHE G 199 0.69 45.11 18.94
N THR G 200 1.22 45.78 17.92
CA THR G 200 2.10 46.90 18.16
C THR G 200 1.48 47.85 19.15
N THR G 201 0.26 48.29 18.89
CA THR G 201 -0.38 49.16 19.85
C THR G 201 -0.80 48.40 21.09
N LEU G 202 -1.48 47.30 20.89
CA LEU G 202 -2.12 46.70 22.04
C LEU G 202 -1.19 45.84 22.85
N GLN G 203 -0.10 45.38 22.27
CA GLN G 203 0.87 44.59 23.02
C GLN G 203 2.13 45.41 23.19
N ALA G 204 2.40 45.81 24.42
CA ALA G 204 3.60 46.57 24.69
C ALA G 204 4.82 45.68 24.78
N ASN G 205 4.66 44.52 25.41
CA ASN G 205 5.79 43.62 25.60
C ASN G 205 6.56 43.45 24.32
N LYS G 206 5.84 43.31 23.22
CA LYS G 206 6.45 43.10 21.93
C LYS G 206 7.07 41.71 21.86
N SER G 207 7.15 40.99 22.98
CA SER G 207 7.65 39.62 22.98
C SER G 207 6.56 38.54 23.07
N GLU G 208 5.29 38.92 23.11
CA GLU G 208 4.26 37.93 23.39
C GLU G 208 3.97 36.99 22.23
N VAL G 209 4.51 37.24 21.04
CA VAL G 209 4.24 36.41 19.87
C VAL G 209 5.52 36.21 19.06
N PRO G 210 5.57 35.22 18.16
CA PRO G 210 6.72 35.12 17.28
C PRO G 210 6.79 36.32 16.38
N LEU G 211 7.97 36.48 15.81
CA LEU G 211 8.36 37.74 15.23
C LEU G 211 7.35 38.20 14.22
N ASP G 212 7.17 37.38 13.21
CA ASP G 212 6.62 37.85 11.95
C ASP G 212 5.42 38.74 12.18
N ILE G 213 4.58 38.34 13.12
CA ILE G 213 3.34 39.05 13.33
C ILE G 213 3.51 40.20 14.27
N CYS G 214 4.61 40.23 15.00
CA CYS G 214 4.71 41.21 16.05
C CYS G 214 4.54 42.61 15.50
N THR G 215 5.13 42.88 14.35
CA THR G 215 5.07 44.22 13.82
C THR G 215 3.66 44.62 13.47
N SER G 216 3.04 43.87 12.59
CA SER G 216 1.91 44.37 11.84
C SER G 216 0.60 43.98 12.52
N ILE G 217 -0.50 44.25 11.82
CA ILE G 217 -1.83 43.86 12.24
C ILE G 217 -2.26 42.71 11.37
N CYS G 218 -2.33 41.52 11.95
CA CYS G 218 -2.97 40.43 11.24
C CYS G 218 -4.41 40.80 10.98
N LYS G 219 -4.93 40.36 9.85
CA LYS G 219 -6.30 40.68 9.50
C LYS G 219 -6.98 39.45 8.93
N TYR G 220 -8.30 39.55 8.85
CA TYR G 220 -9.10 38.42 8.45
C TYR G 220 -10.32 38.93 7.72
N PRO G 221 -10.78 38.20 6.73
CA PRO G 221 -11.91 38.65 5.94
C PRO G 221 -13.22 38.47 6.68
N ASP G 222 -14.13 39.44 6.53
CA ASP G 222 -15.50 39.33 7.01
C ASP G 222 -16.45 39.09 5.85
N TYR G 223 -16.86 37.85 5.69
CA TYR G 223 -17.76 37.53 4.59
C TYR G 223 -19.00 38.39 4.64
N ILE G 224 -19.55 38.56 5.83
CA ILE G 224 -20.80 39.24 6.01
C ILE G 224 -20.74 40.58 5.33
N LYS G 225 -20.01 41.47 5.97
CA LYS G 225 -20.01 42.85 5.54
C LYS G 225 -19.67 42.90 4.08
N MET G 226 -18.70 42.11 3.69
CA MET G 226 -18.34 42.03 2.30
C MET G 226 -19.58 41.63 1.54
N VAL G 227 -20.01 40.40 1.77
CA VAL G 227 -21.16 39.92 1.02
C VAL G 227 -22.35 40.81 1.25
N SER G 228 -22.35 41.55 2.33
CA SER G 228 -23.46 42.44 2.52
C SER G 228 -23.51 43.60 1.53
N GLU G 229 -22.50 43.77 0.70
CA GLU G 229 -22.49 44.90 -0.22
C GLU G 229 -23.75 44.91 -1.08
N PRO G 230 -24.30 46.08 -1.40
CA PRO G 230 -25.48 46.09 -2.27
C PRO G 230 -25.18 45.58 -3.65
N TYR G 231 -24.07 45.98 -4.21
CA TYR G 231 -23.73 45.49 -5.53
C TYR G 231 -23.00 44.16 -5.48
N GLY G 232 -22.49 43.79 -4.32
CA GLY G 232 -21.68 42.61 -4.23
C GLY G 232 -20.39 42.66 -5.01
N ASP G 233 -20.05 43.81 -5.59
CA ASP G 233 -18.91 43.89 -6.48
C ASP G 233 -17.56 43.90 -5.77
N SER G 234 -17.54 43.92 -4.44
CA SER G 234 -16.31 43.63 -3.72
C SER G 234 -15.72 42.33 -4.24
N LEU G 235 -16.41 41.24 -3.92
CA LEU G 235 -16.09 39.90 -4.34
C LEU G 235 -17.37 39.26 -4.83
N PHE G 236 -17.28 38.52 -5.91
CA PHE G 236 -18.42 37.70 -6.25
C PHE G 236 -18.21 36.23 -5.92
N PHE G 237 -17.09 35.88 -5.31
CA PHE G 237 -16.80 34.45 -5.25
C PHE G 237 -15.59 34.20 -4.37
N TYR G 238 -15.48 32.95 -3.90
CA TYR G 238 -14.46 32.58 -2.94
C TYR G 238 -14.56 31.11 -2.60
N LEU G 239 -13.53 30.62 -1.93
CA LEU G 239 -13.48 29.30 -1.32
C LEU G 239 -12.50 29.36 -0.17
N ARG G 240 -12.70 28.48 0.81
CA ARG G 240 -11.78 28.45 1.94
C ARG G 240 -11.73 27.07 2.59
N ARG G 241 -10.55 26.72 3.10
CA ARG G 241 -10.37 25.55 3.94
C ARG G 241 -9.27 25.85 4.95
N GLU G 242 -9.49 25.44 6.19
CA GLU G 242 -8.44 25.56 7.18
C GLU G 242 -8.74 24.64 8.34
N GLN G 243 -7.71 24.37 9.14
CA GLN G 243 -7.84 23.47 10.28
C GLN G 243 -6.74 23.76 11.29
N MET G 244 -6.99 23.34 12.53
CA MET G 244 -6.05 23.51 13.61
C MET G 244 -6.37 22.57 14.77
N PHE G 245 -5.39 22.40 15.64
CA PHE G 245 -5.61 21.70 16.88
C PHE G 245 -4.53 22.12 17.87
N VAL G 246 -4.77 21.79 19.10
CA VAL G 246 -3.92 22.21 20.20
C VAL G 246 -2.66 21.39 20.24
N ARG G 247 -1.62 21.96 20.84
CA ARG G 247 -0.43 21.19 21.14
C ARG G 247 -0.02 21.35 22.58
N HIS G 248 0.29 22.56 23.00
CA HIS G 248 0.76 22.79 24.35
C HIS G 248 -0.01 23.91 25.02
N LEU G 249 0.21 24.01 26.33
CA LEU G 249 -0.55 24.87 27.22
C LEU G 249 0.42 25.59 28.14
N PHE G 250 0.44 26.92 28.06
CA PHE G 250 1.46 27.69 28.76
C PHE G 250 0.86 28.79 29.60
N ASN G 251 1.75 29.54 30.25
CA ASN G 251 1.37 30.64 31.12
C ASN G 251 2.11 31.90 30.74
N ARG G 252 1.38 32.99 30.68
CA ARG G 252 2.03 34.27 30.76
C ARG G 252 2.69 34.40 32.12
N ALA G 253 3.70 35.25 32.18
CA ALA G 253 4.35 35.62 33.43
C ALA G 253 4.48 37.12 33.46
N GLY G 254 3.80 37.78 34.40
CA GLY G 254 3.87 39.23 34.46
C GLY G 254 2.97 39.76 35.55
N ALA G 255 2.94 41.09 35.63
CA ALA G 255 2.13 41.73 36.65
C ALA G 255 0.67 41.36 36.48
N VAL G 256 0.05 40.94 37.58
CA VAL G 256 -1.34 40.51 37.54
C VAL G 256 -2.23 41.72 37.30
N GLY G 257 -3.02 41.66 36.23
CA GLY G 257 -3.99 42.71 35.99
C GLY G 257 -5.07 42.74 37.05
N GLU G 258 -5.62 41.57 37.37
CA GLU G 258 -6.64 41.47 38.40
C GLU G 258 -6.57 40.09 39.02
N ASN G 259 -6.98 40.01 40.27
CA ASN G 259 -7.03 38.72 40.94
C ASN G 259 -8.48 38.26 41.03
N VAL G 260 -8.67 36.96 40.86
CA VAL G 260 -10.01 36.38 40.99
C VAL G 260 -10.51 36.63 42.39
N PRO G 261 -11.79 36.96 42.57
CA PRO G 261 -12.33 37.02 43.92
C PRO G 261 -12.13 35.69 44.64
N ASP G 262 -11.69 35.81 45.89
CA ASP G 262 -11.35 34.63 46.68
C ASP G 262 -12.47 33.62 46.65
N ASP G 263 -13.71 34.10 46.79
CA ASP G 263 -14.87 33.24 47.00
C ASP G 263 -14.95 32.17 45.94
N LEU G 264 -14.25 32.38 44.87
CA LEU G 264 -14.17 31.39 43.84
C LEU G 264 -13.18 30.30 44.17
N TYR G 265 -12.55 30.35 45.33
CA TYR G 265 -11.65 29.29 45.72
C TYR G 265 -11.41 29.41 47.21
N ILE G 266 -10.44 28.67 47.71
CA ILE G 266 -10.10 28.65 49.12
C ILE G 266 -8.63 28.98 49.30
N LYS G 267 -8.34 29.70 50.39
CA LYS G 267 -6.98 30.10 50.68
C LYS G 267 -6.05 28.91 50.76
N GLY G 268 -4.86 29.06 50.17
CA GLY G 268 -3.80 28.10 50.28
C GLY G 268 -2.91 28.40 51.46
N SER G 269 -1.66 27.96 51.37
CA SER G 269 -0.67 28.11 52.42
C SER G 269 0.62 27.46 51.97
N GLY G 270 1.71 27.84 52.63
CA GLY G 270 2.99 27.22 52.31
C GLY G 270 3.28 27.41 50.84
N SER G 271 3.53 26.30 50.16
CA SER G 271 3.63 26.34 48.70
C SER G 271 2.42 27.02 48.09
N THR G 272 1.26 26.87 48.71
CA THR G 272 0.01 27.40 48.19
C THR G 272 -0.30 28.76 48.78
N ALA G 273 0.62 29.32 49.55
CA ALA G 273 0.39 30.66 50.06
C ALA G 273 -0.01 31.62 48.94
N ASN G 274 0.63 31.50 47.79
CA ASN G 274 0.42 32.46 46.72
C ASN G 274 -0.17 31.80 45.50
N LEU G 275 -0.82 32.62 44.70
CA LEU G 275 -1.48 32.15 43.50
C LEU G 275 -0.58 32.34 42.31
N ALA G 276 -0.42 31.28 41.52
CA ALA G 276 0.25 31.37 40.23
C ALA G 276 -0.59 32.19 39.26
N SER G 277 0.07 32.65 38.19
CA SER G 277 -0.59 33.46 37.18
C SER G 277 -1.81 32.72 36.63
N SER G 278 -2.86 33.47 36.41
CA SER G 278 -4.09 32.91 35.89
C SER G 278 -4.00 32.60 34.42
N ASN G 279 -3.08 33.25 33.72
CA ASN G 279 -3.17 33.27 32.28
C ASN G 279 -2.84 31.91 31.70
N TYR G 280 -3.34 31.71 30.50
CA TYR G 280 -3.03 30.54 29.70
C TYR G 280 -3.15 30.94 28.24
N PHE G 281 -2.35 30.31 27.39
CA PHE G 281 -2.71 30.38 26.00
C PHE G 281 -2.27 29.10 25.32
N PRO G 282 -3.02 28.65 24.34
CA PRO G 282 -2.66 27.43 23.63
C PRO G 282 -1.49 27.66 22.69
N THR G 283 -0.97 26.56 22.21
CA THR G 283 -0.04 26.61 21.11
C THR G 283 -0.66 25.96 19.88
N PRO G 284 -0.94 26.74 18.83
CA PRO G 284 -1.60 26.16 17.65
C PRO G 284 -0.69 25.17 16.96
N SER G 285 -1.28 24.08 16.48
CA SER G 285 -0.51 23.03 15.84
C SER G 285 -1.15 22.70 14.50
N GLY G 286 -0.43 22.93 13.41
CA GLY G 286 -0.89 22.49 12.11
C GLY G 286 -0.92 20.97 12.01
N SER G 287 -1.73 20.48 11.08
CA SER G 287 -1.98 19.06 10.97
C SER G 287 -1.31 18.46 9.76
N MET G 288 -1.56 17.17 9.58
CA MET G 288 -1.12 16.52 8.38
C MET G 288 -1.67 17.23 7.17
N VAL G 289 -0.83 17.47 6.25
CA VAL G 289 -1.19 18.08 4.99
C VAL G 289 -1.41 16.97 3.97
N THR G 290 -2.37 17.16 3.08
CA THR G 290 -2.58 16.19 2.00
C THR G 290 -2.57 16.87 0.66
N SER G 291 -2.24 16.08 -0.35
CA SER G 291 -2.40 16.56 -1.70
C SER G 291 -3.84 16.88 -2.00
N ASP G 292 -4.77 16.20 -1.35
CA ASP G 292 -6.16 16.34 -1.72
C ASP G 292 -6.67 17.73 -1.42
N ALA G 293 -6.53 18.14 -0.18
CA ALA G 293 -7.17 19.37 0.23
C ALA G 293 -6.66 20.56 -0.56
N GLN G 294 -5.62 20.38 -1.34
CA GLN G 294 -5.20 21.42 -2.24
C GLN G 294 -6.35 21.86 -3.11
N ILE G 295 -6.60 23.16 -3.12
CA ILE G 295 -7.69 23.74 -3.86
C ILE G 295 -7.23 24.27 -5.20
N PHE G 296 -5.97 24.13 -5.51
CA PHE G 296 -5.41 24.83 -6.64
C PHE G 296 -5.07 23.86 -7.74
N ASN G 297 -4.48 24.41 -8.79
CA ASN G 297 -4.12 23.64 -9.96
C ASN G 297 -5.33 22.93 -10.55
N LYS G 298 -6.50 23.48 -10.29
CA LYS G 298 -7.71 22.91 -10.83
C LYS G 298 -8.61 24.03 -11.31
N PRO G 299 -9.26 23.83 -12.43
CA PRO G 299 -10.03 24.92 -13.05
C PRO G 299 -11.24 25.27 -12.23
N TYR G 300 -11.76 26.46 -12.48
CA TYR G 300 -12.99 26.89 -11.87
C TYR G 300 -13.93 27.40 -12.93
N TRP G 301 -15.21 27.32 -12.62
CA TRP G 301 -16.23 27.63 -13.58
C TRP G 301 -17.34 28.39 -12.90
N LEU G 302 -17.60 29.59 -13.37
CA LEU G 302 -18.55 30.46 -12.72
C LEU G 302 -19.71 30.74 -13.64
N GLN G 303 -20.90 30.69 -13.08
CA GLN G 303 -22.04 31.19 -13.81
C GLN G 303 -22.80 32.17 -12.93
N ARG G 304 -23.28 31.71 -11.79
CA ARG G 304 -24.07 32.53 -10.90
C ARG G 304 -23.33 32.72 -9.61
N ALA G 305 -23.33 33.96 -9.13
CA ALA G 305 -22.68 34.33 -7.90
C ALA G 305 -23.71 35.00 -7.01
N GLN G 306 -23.39 35.04 -5.72
CA GLN G 306 -24.29 35.68 -4.78
C GLN G 306 -24.53 37.14 -5.13
N GLY G 307 -23.57 37.82 -5.79
CA GLY G 307 -23.74 39.20 -6.17
C GLY G 307 -24.46 39.34 -7.48
N HIS G 308 -24.95 40.54 -7.73
CA HIS G 308 -25.68 40.75 -8.97
C HIS G 308 -24.75 40.85 -10.15
N ASN G 309 -23.51 41.30 -9.94
CA ASN G 309 -22.51 41.18 -10.98
C ASN G 309 -22.46 39.74 -11.41
N ASN G 310 -22.44 39.52 -12.71
CA ASN G 310 -21.99 38.26 -13.22
C ASN G 310 -20.71 38.57 -13.96
N GLY G 311 -19.59 38.26 -13.32
CA GLY G 311 -18.29 38.37 -13.94
C GLY G 311 -18.00 39.70 -14.59
N ILE G 312 -18.72 40.75 -14.21
CA ILE G 312 -18.42 42.04 -14.80
C ILE G 312 -17.25 42.64 -14.08
N CYS G 313 -16.26 43.06 -14.84
CA CYS G 313 -15.15 43.78 -14.26
C CYS G 313 -15.16 45.18 -14.87
N TRP G 314 -15.58 46.12 -14.06
CA TRP G 314 -15.61 47.48 -14.51
C TRP G 314 -14.21 48.08 -14.53
N GLY G 315 -14.07 49.15 -15.27
CA GLY G 315 -12.81 49.88 -15.31
C GLY G 315 -11.64 49.02 -15.71
N ASN G 316 -11.92 48.01 -16.54
CA ASN G 316 -10.89 47.15 -17.06
C ASN G 316 -10.07 46.55 -15.97
N GLN G 317 -10.65 46.44 -14.81
CA GLN G 317 -9.85 46.19 -13.63
C GLN G 317 -10.37 44.97 -12.91
N LEU G 318 -9.45 44.21 -12.31
CA LEU G 318 -9.79 42.96 -11.68
C LEU G 318 -8.82 42.66 -10.55
N PHE G 319 -9.34 42.03 -9.50
CA PHE G 319 -8.58 41.76 -8.30
C PHE G 319 -8.57 40.26 -8.04
N VAL G 320 -7.43 39.73 -7.61
CA VAL G 320 -7.35 38.40 -7.07
C VAL G 320 -6.45 38.39 -5.84
N THR G 321 -6.89 37.68 -4.82
CA THR G 321 -6.12 37.59 -3.59
C THR G 321 -6.22 36.19 -3.07
N VAL G 322 -5.08 35.64 -2.76
CA VAL G 322 -4.99 34.25 -2.43
C VAL G 322 -3.86 34.09 -1.43
N VAL G 323 -4.03 33.15 -0.50
CA VAL G 323 -3.01 32.86 0.50
C VAL G 323 -2.95 31.36 0.77
N ASP G 324 -1.74 30.82 0.83
CA ASP G 324 -1.51 29.41 1.11
C ASP G 324 -0.48 29.25 2.20
N THR G 325 -0.69 28.20 2.98
CA THR G 325 0.26 27.82 4.00
C THR G 325 1.15 26.65 3.59
N THR G 326 0.87 26.00 2.48
CA THR G 326 1.40 24.66 2.31
C THR G 326 2.83 24.64 1.85
N ARG G 327 3.27 25.70 1.22
CA ARG G 327 4.60 25.75 0.66
C ARG G 327 5.59 26.44 1.58
N SER G 328 5.21 26.69 2.83
CA SER G 328 5.93 27.56 3.73
C SER G 328 7.37 27.12 4.02
N THR G 329 7.76 25.98 3.50
CA THR G 329 9.10 25.45 3.74
C THR G 329 10.17 26.52 3.54
N ASN G 330 11.11 26.55 4.44
CA ASN G 330 12.22 27.48 4.36
C ASN G 330 13.51 26.71 4.21
N MET G 331 14.16 26.87 3.07
CA MET G 331 15.47 26.27 2.93
C MET G 331 16.52 27.17 3.58
N SER G 332 17.55 26.53 4.11
CA SER G 332 18.62 27.20 4.84
C SER G 332 19.93 26.71 4.28
N LEU G 333 20.84 27.62 4.02
CA LEU G 333 22.12 27.22 3.50
C LEU G 333 23.21 27.84 4.33
N CYS G 334 24.43 27.31 4.15
CA CYS G 334 25.59 27.75 4.89
C CYS G 334 26.71 28.10 3.93
N ALA G 335 27.39 29.21 4.23
CA ALA G 335 28.56 29.65 3.49
C ALA G 335 29.78 29.54 4.38
N ALA G 336 30.90 29.13 3.80
CA ALA G 336 32.15 28.96 4.52
C ALA G 336 33.04 30.16 4.25
N ILE G 337 33.39 30.88 5.30
CA ILE G 337 34.29 32.00 5.08
C ILE G 337 35.71 31.52 4.88
N SER G 338 36.08 30.37 5.44
CA SER G 338 37.41 29.82 5.26
C SER G 338 37.28 28.37 4.81
N THR G 339 37.76 28.10 3.61
CA THR G 339 37.61 26.78 3.01
C THR G 339 38.75 25.84 3.35
N SER G 340 39.77 26.33 4.03
CA SER G 340 40.97 25.53 4.19
C SER G 340 40.85 24.57 5.36
N GLU G 341 40.74 25.11 6.56
CA GLU G 341 40.91 24.31 7.76
C GLU G 341 40.02 23.08 7.71
N THR G 342 40.59 21.97 8.13
CA THR G 342 39.92 20.69 8.04
C THR G 342 39.26 20.28 9.35
N THR G 343 39.38 21.09 10.39
CA THR G 343 38.77 20.79 11.66
C THR G 343 37.47 21.57 11.77
N TYR G 344 36.37 20.86 12.03
CA TYR G 344 35.07 21.51 12.07
C TYR G 344 34.96 22.51 13.19
N LYS G 345 34.42 23.69 12.89
CA LYS G 345 34.21 24.74 13.88
C LYS G 345 32.93 25.48 13.54
N ASN G 346 32.18 25.82 14.57
CA ASN G 346 31.01 26.64 14.36
C ASN G 346 31.37 28.03 13.90
N THR G 347 32.64 28.38 13.99
CA THR G 347 33.05 29.72 13.62
C THR G 347 32.95 29.93 12.12
N ASN G 348 33.24 28.92 11.33
CA ASN G 348 33.50 29.17 9.92
C ASN G 348 32.24 29.46 9.11
N PHE G 349 31.05 29.18 9.65
CA PHE G 349 29.85 29.16 8.83
C PHE G 349 28.83 30.20 9.28
N LYS G 350 28.61 31.20 8.43
CA LYS G 350 27.44 32.05 8.53
C LYS G 350 26.21 31.31 8.03
N GLU G 351 25.05 31.82 8.41
CA GLU G 351 23.79 31.20 8.04
C GLU G 351 22.85 32.23 7.48
N TYR G 352 22.12 31.85 6.42
CA TYR G 352 21.12 32.71 5.82
C TYR G 352 19.87 31.91 5.52
N LEU G 353 18.77 32.63 5.33
CA LEU G 353 17.45 32.05 5.17
C LEU G 353 16.73 32.76 4.06
N ARG G 354 16.27 32.00 3.08
CA ARG G 354 15.49 32.57 2.02
C ARG G 354 14.31 31.65 1.78
N HIS G 355 13.26 32.21 1.18
CA HIS G 355 12.03 31.48 1.01
C HIS G 355 11.52 31.60 -0.42
N GLY G 356 11.11 30.48 -0.99
CA GLY G 356 10.71 30.43 -2.37
C GLY G 356 9.25 30.77 -2.55
N GLU G 357 8.93 31.37 -3.70
CA GLU G 357 7.57 31.79 -3.99
C GLU G 357 7.26 31.56 -5.46
N GLU G 358 6.11 30.96 -5.75
CA GLU G 358 5.77 30.59 -7.11
C GLU G 358 4.29 30.81 -7.38
N TYR G 359 3.98 31.64 -8.36
CA TYR G 359 2.60 31.91 -8.73
C TYR G 359 2.44 31.83 -10.24
N ASP G 360 1.20 31.56 -10.66
CA ASP G 360 0.83 31.84 -12.04
C ASP G 360 -0.65 32.09 -12.15
N LEU G 361 -1.00 32.82 -13.19
CA LEU G 361 -2.37 33.23 -13.41
C LEU G 361 -2.75 32.99 -14.84
N GLN G 362 -3.93 32.43 -15.02
CA GLN G 362 -4.51 32.32 -16.34
C GLN G 362 -6.00 32.57 -16.20
N PHE G 363 -6.52 33.48 -17.01
CA PHE G 363 -7.88 33.92 -16.83
C PHE G 363 -8.64 33.84 -18.14
N ILE G 364 -9.76 33.14 -18.09
CA ILE G 364 -10.71 33.22 -19.17
C ILE G 364 -11.43 34.54 -19.12
N PHE G 365 -11.93 34.95 -20.28
CA PHE G 365 -12.75 36.13 -20.34
C PHE G 365 -13.81 35.98 -21.40
N GLN G 366 -14.89 36.72 -21.19
CA GLN G 366 -15.95 36.85 -22.16
C GLN G 366 -16.16 38.31 -22.51
N LEU G 367 -16.85 38.51 -23.62
CA LEU G 367 -17.00 39.78 -24.27
C LEU G 367 -18.47 40.19 -24.27
N CYS G 368 -18.73 41.46 -23.96
CA CYS G 368 -20.13 41.87 -23.84
C CYS G 368 -20.28 43.34 -24.18
N LYS G 369 -21.53 43.70 -24.45
CA LYS G 369 -21.91 45.01 -24.95
C LYS G 369 -23.03 45.59 -24.10
N ILE G 370 -23.25 46.88 -24.27
CA ILE G 370 -24.25 47.58 -23.49
C ILE G 370 -25.01 48.55 -24.36
N THR G 371 -26.32 48.44 -24.35
CA THR G 371 -27.18 49.46 -24.94
C THR G 371 -27.26 50.65 -23.99
N LEU G 372 -27.60 51.81 -24.54
CA LEU G 372 -27.70 53.01 -23.74
C LEU G 372 -29.10 53.60 -23.81
N THR G 373 -29.69 53.83 -22.66
CA THR G 373 -30.80 54.73 -22.54
C THR G 373 -30.60 55.53 -21.28
N ALA G 374 -31.55 56.41 -21.05
CA ALA G 374 -31.50 57.19 -19.83
C ALA G 374 -31.44 56.27 -18.64
N ASP G 375 -32.47 55.43 -18.50
CA ASP G 375 -32.55 54.53 -17.37
C ASP G 375 -31.23 53.86 -17.16
N VAL G 376 -30.70 53.38 -18.26
CA VAL G 376 -29.37 52.86 -18.29
C VAL G 376 -28.49 53.88 -17.62
N MET G 377 -28.24 54.95 -18.34
CA MET G 377 -27.21 55.87 -17.92
C MET G 377 -27.41 56.24 -16.47
N THR G 378 -28.63 56.55 -16.12
CA THR G 378 -28.94 56.87 -14.74
C THR G 378 -28.43 55.79 -13.83
N TYR G 379 -28.91 54.59 -14.08
CA TYR G 379 -28.69 53.51 -13.14
C TYR G 379 -27.23 53.36 -12.87
N ILE G 380 -26.45 53.38 -13.92
CA ILE G 380 -25.03 53.34 -13.72
C ILE G 380 -24.60 54.53 -12.91
N HIS G 381 -24.93 55.71 -13.41
CA HIS G 381 -24.35 56.90 -12.85
C HIS G 381 -24.56 56.90 -11.37
N SER G 382 -25.67 56.35 -10.94
CA SER G 382 -25.84 56.09 -9.54
C SER G 382 -24.73 55.20 -9.02
N MET G 383 -24.55 54.05 -9.65
CA MET G 383 -23.69 53.04 -9.03
C MET G 383 -22.29 53.59 -8.78
N ASN G 384 -21.50 53.77 -9.82
CA ASN G 384 -20.24 54.49 -9.71
C ASN G 384 -20.13 55.37 -10.93
N SER G 385 -20.12 56.66 -10.73
CA SER G 385 -20.10 57.55 -11.87
C SER G 385 -18.70 57.67 -12.46
N THR G 386 -17.67 57.47 -11.66
CA THR G 386 -16.32 57.54 -12.18
C THR G 386 -16.16 56.66 -13.40
N ILE G 387 -16.87 55.54 -13.43
CA ILE G 387 -16.83 54.63 -14.57
C ILE G 387 -17.04 55.38 -15.87
N LEU G 388 -18.00 56.28 -15.89
CA LEU G 388 -18.38 56.87 -17.16
C LEU G 388 -17.28 57.69 -17.75
N GLU G 389 -16.42 58.23 -16.89
CA GLU G 389 -15.32 59.04 -17.37
C GLU G 389 -14.55 58.30 -18.44
N ASP G 390 -14.09 57.11 -18.10
CA ASP G 390 -13.25 56.42 -19.04
C ASP G 390 -14.00 56.06 -20.29
N TRP G 391 -15.31 56.20 -20.28
CA TRP G 391 -16.01 56.07 -21.52
C TRP G 391 -16.22 57.42 -22.12
N ASN G 392 -16.73 57.40 -23.34
CA ASN G 392 -17.23 58.62 -23.92
C ASN G 392 -18.67 58.91 -23.52
N PHE G 393 -19.55 57.91 -23.52
CA PHE G 393 -20.92 58.15 -24.01
C PHE G 393 -20.68 58.63 -25.41
N GLY G 394 -20.83 59.91 -25.55
CA GLY G 394 -19.82 60.65 -26.28
C GLY G 394 -19.97 61.61 -25.17
N LEU G 395 -18.94 62.31 -24.72
CA LEU G 395 -19.15 63.12 -23.54
C LEU G 395 -19.14 64.56 -23.82
N GLN G 396 -20.28 65.20 -23.89
CA GLN G 396 -20.57 66.08 -22.84
C GLN G 396 -21.49 65.33 -21.81
N PRO G 397 -22.38 64.38 -22.24
CA PRO G 397 -23.77 64.35 -21.83
C PRO G 397 -24.18 64.35 -20.36
N PRO G 398 -23.71 63.55 -19.42
CA PRO G 398 -24.00 63.85 -18.02
C PRO G 398 -22.82 64.43 -17.19
N PRO G 399 -22.53 65.69 -17.40
CA PRO G 399 -21.54 66.39 -16.59
C PRO G 399 -22.21 67.05 -15.39
N GLY G 400 -22.94 66.26 -14.62
CA GLY G 400 -23.71 66.76 -13.50
C GLY G 400 -25.01 67.31 -14.02
N GLY G 401 -26.09 66.99 -13.32
CA GLY G 401 -27.37 67.57 -13.62
C GLY G 401 -27.85 68.53 -12.55
N THR G 402 -27.21 68.48 -11.37
CA THR G 402 -27.85 69.01 -10.18
C THR G 402 -27.61 70.50 -10.06
N LEU G 403 -28.70 71.25 -10.03
CA LEU G 403 -28.63 72.63 -9.58
C LEU G 403 -28.15 72.66 -8.14
N GLU G 404 -27.29 73.62 -7.85
CA GLU G 404 -26.79 73.77 -6.50
C GLU G 404 -27.93 74.22 -5.57
N ASP G 405 -27.67 74.04 -4.29
CA ASP G 405 -28.57 74.46 -3.23
C ASP G 405 -28.38 75.91 -2.88
N THR G 406 -27.59 76.63 -3.68
CA THR G 406 -27.35 78.05 -3.53
C THR G 406 -26.63 78.40 -2.25
N TYR G 407 -25.38 77.97 -2.18
CA TYR G 407 -24.37 78.60 -1.34
C TYR G 407 -23.64 79.59 -2.23
N ARG G 408 -23.44 80.81 -1.73
CA ARG G 408 -23.54 81.98 -2.61
C ARG G 408 -22.45 83.06 -2.65
N PHE G 409 -22.18 83.67 -1.51
CA PHE G 409 -22.30 85.11 -1.42
C PHE G 409 -21.23 86.02 -2.07
N VAL G 410 -20.04 86.21 -1.53
CA VAL G 410 -19.07 87.02 -2.26
C VAL G 410 -18.34 86.09 -3.20
N THR G 411 -17.98 86.62 -4.35
CA THR G 411 -17.05 85.91 -5.22
C THR G 411 -15.59 86.36 -5.09
N SER G 412 -15.30 87.47 -4.42
CA SER G 412 -13.91 87.79 -4.12
C SER G 412 -13.66 87.50 -2.65
N GLN G 413 -12.44 87.65 -2.15
CA GLN G 413 -12.15 88.47 -0.96
C GLN G 413 -10.79 88.22 -0.33
N ALA G 414 -10.29 89.25 0.35
CA ALA G 414 -9.32 89.12 1.42
C ALA G 414 -9.87 89.41 2.82
N ILE G 415 -11.13 89.80 2.94
CA ILE G 415 -11.52 90.54 4.14
C ILE G 415 -12.65 89.90 4.92
N ALA G 416 -13.79 89.73 4.28
CA ALA G 416 -14.93 89.12 4.96
C ALA G 416 -14.67 87.63 5.13
N CYS G 417 -15.74 86.88 5.34
CA CYS G 417 -15.70 85.62 6.06
C CYS G 417 -14.77 84.58 5.46
N GLN G 418 -14.43 83.63 6.32
CA GLN G 418 -13.80 82.39 5.88
C GLN G 418 -14.60 81.74 4.78
N LYS G 419 -13.90 81.15 3.84
CA LYS G 419 -14.54 80.43 2.76
C LYS G 419 -13.65 79.29 2.36
N HIS G 420 -14.23 78.37 1.61
CA HIS G 420 -13.54 77.18 1.19
C HIS G 420 -12.81 77.41 -0.11
N THR G 421 -11.52 77.08 -0.14
CA THR G 421 -10.85 76.71 -1.38
C THR G 421 -10.00 75.45 -1.22
N PRO G 422 -10.57 74.34 -0.69
CA PRO G 422 -9.88 73.05 -0.81
C PRO G 422 -9.96 72.28 -2.14
N PRO G 423 -11.13 72.29 -2.80
CA PRO G 423 -11.56 71.02 -3.42
C PRO G 423 -10.69 70.41 -4.51
N ALA G 424 -10.31 69.13 -4.30
CA ALA G 424 -10.05 68.17 -5.37
C ALA G 424 -10.40 66.78 -4.85
N PRO G 425 -11.09 65.92 -5.66
CA PRO G 425 -11.26 64.51 -5.27
C PRO G 425 -10.34 63.46 -5.91
N LYS G 426 -9.02 63.58 -5.74
CA LYS G 426 -8.10 62.43 -5.73
C LYS G 426 -8.39 61.37 -6.79
N GLU G 427 -8.05 61.66 -8.05
CA GLU G 427 -8.58 60.88 -9.16
C GLU G 427 -7.98 59.47 -9.30
N ASP G 428 -6.84 59.17 -8.67
CA ASP G 428 -6.25 57.83 -8.73
C ASP G 428 -6.28 57.28 -7.31
N PRO G 429 -7.48 57.01 -6.81
CA PRO G 429 -7.72 57.12 -5.37
C PRO G 429 -6.88 56.16 -4.55
N LEU G 430 -6.76 54.93 -4.99
CA LEU G 430 -6.19 53.92 -4.15
C LEU G 430 -4.68 53.89 -4.24
N LYS G 431 -4.10 54.78 -5.03
CA LYS G 431 -2.65 54.85 -5.15
C LYS G 431 -1.98 54.93 -3.80
N LYS G 432 -2.66 55.47 -2.79
CA LYS G 432 -2.15 55.39 -1.44
C LYS G 432 -1.85 53.97 -1.04
N TYR G 433 -2.63 53.04 -1.56
CA TYR G 433 -2.57 51.67 -1.12
C TYR G 433 -1.64 50.87 -2.01
N THR G 434 -0.51 50.49 -1.45
CA THR G 434 0.49 49.76 -2.21
C THR G 434 0.16 48.27 -2.21
N PHE G 435 0.51 47.61 -3.31
CA PHE G 435 0.47 46.16 -3.37
C PHE G 435 0.95 45.66 -4.72
N TRP G 436 1.18 44.35 -4.78
CA TRP G 436 1.85 43.68 -5.89
C TRP G 436 1.09 43.87 -7.19
N GLU G 437 1.83 43.95 -8.29
CA GLU G 437 1.26 44.42 -9.54
C GLU G 437 1.73 43.56 -10.69
N VAL G 438 0.84 43.40 -11.67
CA VAL G 438 1.15 42.74 -12.93
C VAL G 438 0.35 43.42 -14.03
N ASN G 439 0.98 43.57 -15.18
CA ASN G 439 0.28 44.05 -16.36
C ASN G 439 0.13 42.92 -17.36
N LEU G 440 -1.09 42.75 -17.85
CA LEU G 440 -1.34 41.81 -18.92
C LEU G 440 -1.49 42.44 -20.27
N LYS G 441 -1.48 43.77 -20.35
CA LYS G 441 -2.13 44.44 -21.47
C LYS G 441 -1.79 43.80 -22.81
N GLU G 442 -0.59 43.26 -22.95
CA GLU G 442 -0.11 42.86 -24.26
C GLU G 442 -0.39 41.41 -24.63
N LYS G 443 -0.89 40.61 -23.71
CA LYS G 443 -0.73 39.16 -23.81
C LYS G 443 -1.89 38.43 -24.49
N PHE G 444 -2.96 39.11 -24.87
CA PHE G 444 -4.15 38.40 -25.31
C PHE G 444 -3.90 37.61 -26.58
N SER G 445 -4.66 36.52 -26.71
CA SER G 445 -4.69 35.77 -27.93
C SER G 445 -6.12 35.33 -28.18
N ALA G 446 -6.41 35.09 -29.45
CA ALA G 446 -7.77 34.86 -29.90
C ALA G 446 -8.12 33.39 -30.06
N ASP G 447 -7.18 32.47 -29.85
CA ASP G 447 -7.43 31.05 -30.11
C ASP G 447 -7.11 30.23 -28.87
N LEU G 448 -8.15 29.62 -28.31
CA LEU G 448 -7.97 28.84 -27.10
C LEU G 448 -7.07 27.65 -27.35
N ASP G 449 -7.22 27.03 -28.52
CA ASP G 449 -6.62 25.74 -28.77
C ASP G 449 -5.17 25.74 -28.35
N GLN G 450 -4.52 26.86 -28.51
CA GLN G 450 -3.09 26.83 -28.29
C GLN G 450 -2.74 26.85 -26.82
N PHE G 451 -3.71 26.86 -25.93
CA PHE G 451 -3.28 26.99 -24.55
C PHE G 451 -3.65 25.79 -23.72
N PRO G 452 -2.86 25.49 -22.71
CA PRO G 452 -3.15 24.30 -21.91
C PRO G 452 -4.50 24.37 -21.29
N LEU G 453 -4.77 25.49 -20.65
CA LEU G 453 -5.99 25.63 -19.92
C LEU G 453 -7.18 25.54 -20.84
N GLY G 454 -7.18 26.40 -21.86
CA GLY G 454 -8.41 26.71 -22.53
C GLY G 454 -9.13 25.48 -23.01
N ARG G 455 -8.38 24.57 -23.62
CA ARG G 455 -9.05 23.47 -24.29
C ARG G 455 -10.03 22.78 -23.36
N LYS G 456 -9.79 22.87 -22.07
CA LYS G 456 -10.78 22.40 -21.14
C LYS G 456 -12.07 23.16 -21.30
N PHE G 457 -11.97 24.48 -21.34
CA PHE G 457 -13.15 25.28 -21.58
C PHE G 457 -13.94 24.72 -22.73
N LEU G 458 -13.24 24.44 -23.82
CA LEU G 458 -13.88 23.74 -24.91
C LEU G 458 -14.49 22.46 -24.39
N LEU G 459 -13.65 21.62 -23.82
CA LEU G 459 -14.10 20.31 -23.44
C LEU G 459 -15.34 20.41 -22.58
N GLN G 460 -15.37 21.40 -21.71
CA GLN G 460 -16.54 21.56 -20.88
C GLN G 460 -17.76 21.82 -21.75
N ALA G 461 -17.61 22.67 -22.74
CA ALA G 461 -18.68 22.92 -23.66
C ALA G 461 -18.60 22.05 -24.89
N GLY G 462 -17.56 21.22 -24.98
CA GLY G 462 -17.42 20.39 -26.17
C GLY G 462 -17.09 21.24 -27.38
N LEU G 463 -17.90 21.07 -28.42
CA LEU G 463 -17.83 21.82 -29.69
C LEU G 463 -16.43 21.77 -30.31
N LYS G 464 -16.06 20.60 -30.86
CA LYS G 464 -14.62 20.41 -31.15
C LYS G 464 -14.14 21.30 -32.29
N ALA G 465 -15.05 21.93 -33.00
CA ALA G 465 -14.70 22.85 -34.07
C ALA G 465 -14.65 24.25 -33.47
N LYS G 466 -13.47 24.81 -33.43
CA LYS G 466 -13.27 26.12 -32.87
C LYS G 466 -14.02 27.16 -33.70
N PRO G 467 -14.97 27.89 -33.13
CA PRO G 467 -15.64 29.00 -33.84
C PRO G 467 -14.77 30.25 -33.92
N TYR H 1 -0.83 40.68 -27.73
CA TYR H 1 -1.39 41.66 -28.64
C TYR H 1 -2.02 40.82 -29.77
N LEU H 2 -3.35 40.85 -29.81
CA LEU H 2 -4.11 39.87 -30.56
C LEU H 2 -3.86 39.84 -32.06
N PRO H 3 -3.63 40.94 -32.78
CA PRO H 3 -3.65 40.86 -34.22
C PRO H 3 -2.62 39.86 -34.73
N PRO H 4 -2.74 39.44 -35.99
CA PRO H 4 -1.99 38.42 -36.74
C PRO H 4 -0.50 38.78 -36.77
N VAL H 5 0.40 38.04 -37.42
CA VAL H 5 0.10 36.96 -38.34
C VAL H 5 -0.14 35.67 -37.64
N PRO H 6 -0.89 34.80 -38.29
CA PRO H 6 -1.00 33.43 -37.79
C PRO H 6 0.36 32.77 -37.74
N VAL H 7 0.46 31.78 -36.86
CA VAL H 7 1.65 30.97 -36.68
C VAL H 7 1.17 29.54 -36.90
N SER H 8 2.07 28.58 -36.84
CA SER H 8 1.63 27.20 -36.91
C SER H 8 0.62 26.97 -35.82
N LYS H 9 -0.57 26.60 -36.21
CA LYS H 9 -1.57 26.32 -35.22
C LYS H 9 -1.46 24.85 -34.94
N VAL H 10 -0.92 24.52 -33.77
CA VAL H 10 -0.75 23.13 -33.43
C VAL H 10 -2.12 22.51 -33.32
N VAL H 11 -2.23 21.27 -33.75
CA VAL H 11 -3.52 20.63 -33.92
C VAL H 11 -3.56 19.39 -33.03
N SER H 12 -4.77 18.89 -32.84
CA SER H 12 -4.92 17.62 -32.16
C SER H 12 -4.39 16.52 -33.05
N THR H 13 -3.47 15.72 -32.52
CA THR H 13 -2.88 14.65 -33.29
C THR H 13 -3.93 13.77 -33.91
N ASP H 14 -5.03 13.56 -33.19
CA ASP H 14 -6.07 12.66 -33.65
C ASP H 14 -6.68 13.13 -34.95
N GLU H 15 -6.37 14.34 -35.38
CA GLU H 15 -6.85 14.79 -36.67
C GLU H 15 -6.36 13.85 -37.77
N TYR H 16 -5.07 13.91 -38.05
CA TYR H 16 -4.60 13.18 -39.20
C TYR H 16 -4.39 11.71 -38.90
N VAL H 17 -4.07 11.38 -37.66
CA VAL H 17 -3.82 9.99 -37.33
C VAL H 17 -5.07 9.15 -37.55
N ALA H 18 -4.86 7.87 -37.87
CA ALA H 18 -5.93 6.88 -37.94
C ALA H 18 -5.62 5.71 -37.04
N ARG H 19 -6.65 5.22 -36.40
CA ARG H 19 -6.55 4.09 -35.49
C ARG H 19 -6.86 2.81 -36.22
N THR H 20 -6.20 1.73 -35.81
CA THR H 20 -6.37 0.44 -36.45
C THR H 20 -7.16 -0.53 -35.58
N ASN H 21 -7.31 -1.75 -36.09
CA ASN H 21 -8.06 -2.79 -35.41
C ASN H 21 -7.20 -3.60 -34.47
N ILE H 22 -5.93 -3.44 -34.53
CA ILE H 22 -5.02 -4.44 -34.00
C ILE H 22 -4.39 -3.93 -32.73
N TYR H 23 -4.17 -4.84 -31.79
CA TYR H 23 -3.45 -4.58 -30.56
C TYR H 23 -2.44 -5.67 -30.30
N TYR H 24 -1.43 -5.34 -29.50
CA TYR H 24 -0.41 -6.29 -29.08
C TYR H 24 -0.08 -6.06 -27.62
N HIS H 25 0.70 -6.96 -27.05
CA HIS H 25 1.32 -6.66 -25.78
C HIS H 25 2.62 -7.42 -25.64
N ALA H 26 3.49 -6.86 -24.82
CA ALA H 26 4.65 -7.53 -24.28
C ALA H 26 4.99 -6.90 -22.94
N GLY H 27 5.73 -7.62 -22.12
CA GLY H 27 6.17 -7.10 -20.84
C GLY H 27 7.46 -7.76 -20.41
N THR H 28 8.19 -7.08 -19.54
CA THR H 28 9.39 -7.68 -18.99
C THR H 28 9.02 -8.83 -18.10
N SER H 29 9.98 -9.72 -17.89
CA SER H 29 9.79 -10.69 -16.84
C SER H 29 9.57 -9.90 -15.57
N ARG H 30 10.66 -9.40 -15.01
CA ARG H 30 10.60 -8.53 -13.85
C ARG H 30 11.95 -7.89 -13.74
N LEU H 31 12.02 -6.84 -12.95
CA LEU H 31 13.27 -6.18 -12.66
C LEU H 31 13.65 -6.34 -11.20
N LEU H 32 14.95 -6.42 -10.97
CA LEU H 32 15.49 -6.69 -9.65
C LEU H 32 16.74 -5.85 -9.41
N ALA H 33 16.79 -5.21 -8.25
CA ALA H 33 17.91 -4.36 -7.93
C ALA H 33 18.16 -4.33 -6.43
N VAL H 34 19.43 -4.19 -6.09
CA VAL H 34 19.90 -4.17 -4.71
C VAL H 34 20.98 -3.10 -4.61
N GLY H 35 21.02 -2.40 -3.48
CA GLY H 35 22.08 -1.46 -3.30
C GLY H 35 22.10 -0.92 -1.89
N HIS H 36 23.09 -0.21 -1.62
CA HIS H 36 23.12 0.38 -0.30
C HIS H 36 22.52 1.75 -0.32
N PRO H 37 21.76 2.07 0.70
CA PRO H 37 21.07 3.37 0.68
C PRO H 37 22.00 4.55 0.71
N TYR H 38 22.95 4.52 1.64
CA TYR H 38 23.58 5.73 2.12
C TYR H 38 24.74 6.20 1.27
N PHE H 39 25.60 5.31 0.82
CA PHE H 39 26.63 5.71 -0.12
C PHE H 39 26.97 4.51 -1.00
N PRO H 40 27.55 4.75 -2.17
CA PRO H 40 28.01 3.63 -2.99
C PRO H 40 29.28 3.03 -2.43
N ILE H 41 29.58 1.82 -2.89
CA ILE H 41 30.73 1.08 -2.40
C ILE H 41 31.74 0.98 -3.50
N LYS H 42 33.00 1.27 -3.16
CA LYS H 42 34.09 1.24 -4.11
C LYS H 42 35.36 0.81 -3.40
N LYS H 43 36.29 0.26 -4.18
CA LYS H 43 37.59 -0.11 -3.64
C LYS H 43 38.29 1.13 -3.08
N PRO H 44 38.90 1.04 -1.90
CA PRO H 44 39.36 2.27 -1.25
C PRO H 44 40.38 3.02 -2.08
N ASN H 45 41.37 2.32 -2.60
CA ASN H 45 42.34 2.99 -3.46
C ASN H 45 41.73 3.27 -4.81
N ASN H 46 40.97 2.32 -5.32
CA ASN H 46 40.45 2.47 -6.66
C ASN H 46 39.33 3.50 -6.63
N ASN H 47 38.88 3.86 -7.82
CA ASN H 47 37.62 4.57 -7.98
C ASN H 47 36.50 3.66 -8.44
N LYS H 48 36.79 2.40 -8.71
CA LYS H 48 35.77 1.53 -9.25
C LYS H 48 34.79 1.14 -8.16
N ILE H 49 33.50 1.25 -8.47
CA ILE H 49 32.47 0.98 -7.50
C ILE H 49 32.47 -0.49 -7.15
N LEU H 50 32.50 -0.80 -5.86
CA LEU H 50 32.32 -2.19 -5.45
C LEU H 50 30.86 -2.57 -5.42
N VAL H 51 30.03 -1.71 -4.86
CA VAL H 51 28.61 -2.00 -4.82
C VAL H 51 27.86 -0.73 -5.19
N PRO H 52 26.79 -0.83 -5.99
CA PRO H 52 26.04 0.37 -6.36
C PRO H 52 25.21 0.87 -5.19
N LYS H 53 25.19 2.19 -5.03
CA LYS H 53 24.36 2.79 -4.02
C LYS H 53 22.94 2.83 -4.53
N VAL H 54 22.02 2.21 -3.81
CA VAL H 54 20.63 2.18 -4.23
C VAL H 54 19.76 2.37 -3.02
N SER H 55 18.73 3.20 -3.17
CA SER H 55 17.66 3.30 -2.20
C SER H 55 16.39 3.70 -2.90
N GLY H 56 15.27 3.41 -2.25
CA GLY H 56 13.99 3.80 -2.79
C GLY H 56 13.95 5.28 -3.13
N LEU H 57 14.55 6.11 -2.27
CA LEU H 57 14.48 7.54 -2.48
C LEU H 57 15.15 7.96 -3.75
N GLN H 58 15.99 7.12 -4.31
CA GLN H 58 16.48 7.37 -5.64
C GLN H 58 15.33 7.40 -6.61
N TYR H 59 15.33 8.39 -7.49
CA TYR H 59 14.40 8.37 -8.59
C TYR H 59 14.68 7.17 -9.47
N ARG H 60 13.66 6.76 -10.21
CA ARG H 60 13.78 5.71 -11.20
C ARG H 60 13.50 6.27 -12.57
N VAL H 61 14.27 5.83 -13.55
CA VAL H 61 14.10 6.25 -14.92
C VAL H 61 14.10 5.02 -15.80
N PHE H 62 13.00 4.80 -16.51
CA PHE H 62 12.86 3.68 -17.40
C PHE H 62 12.75 4.15 -18.84
N ARG H 63 13.69 3.70 -19.65
CA ARG H 63 13.65 3.92 -21.08
C ARG H 63 13.33 2.61 -21.77
N ILE H 64 12.44 2.69 -22.74
CA ILE H 64 11.88 1.52 -23.35
C ILE H 64 11.94 1.69 -24.86
N HIS H 65 12.56 0.73 -25.51
CA HIS H 65 12.65 0.76 -26.96
C HIS H 65 11.60 -0.12 -27.57
N LEU H 66 11.07 0.33 -28.67
CA LEU H 66 10.21 -0.51 -29.45
C LEU H 66 10.87 -0.81 -30.77
N PRO H 67 10.66 -1.99 -31.30
CA PRO H 67 11.08 -2.26 -32.66
C PRO H 67 10.23 -1.48 -33.64
N ASP H 68 10.85 -1.09 -34.75
CA ASP H 68 10.14 -0.38 -35.79
C ASP H 68 8.94 -1.21 -36.22
N PRO H 69 7.75 -0.68 -36.10
CA PRO H 69 6.61 -1.37 -36.71
C PRO H 69 6.88 -1.61 -38.16
N ASN H 70 7.50 -0.67 -38.82
CA ASN H 70 7.53 -0.76 -40.26
C ASN H 70 8.57 -1.74 -40.73
N LYS H 71 9.30 -2.37 -39.82
CA LYS H 71 9.95 -3.64 -40.13
C LYS H 71 9.07 -4.84 -39.91
N PHE H 72 7.98 -4.68 -39.16
CA PHE H 72 7.26 -5.82 -38.61
C PHE H 72 5.84 -5.88 -39.16
N GLY H 73 5.47 -7.03 -39.70
CA GLY H 73 4.20 -7.21 -40.36
C GLY H 73 3.22 -7.99 -39.52
N PHE H 74 2.14 -8.40 -40.16
CA PHE H 74 0.88 -8.75 -39.52
C PHE H 74 0.35 -10.05 -40.09
N PRO H 75 -0.69 -10.63 -39.49
CA PRO H 75 -1.37 -11.75 -40.18
C PRO H 75 -1.91 -11.34 -41.53
N ASP H 76 -2.48 -10.14 -41.63
CA ASP H 76 -2.96 -9.58 -42.89
C ASP H 76 -2.50 -8.12 -43.01
N THR H 77 -1.58 -7.82 -43.95
CA THR H 77 -1.03 -6.47 -44.15
C THR H 77 -1.57 -5.71 -45.36
N SER H 78 -2.41 -6.34 -46.19
CA SER H 78 -2.82 -5.71 -47.45
C SER H 78 -3.52 -4.40 -47.23
N PHE H 79 -4.05 -4.17 -46.04
CA PHE H 79 -4.95 -3.06 -45.83
C PHE H 79 -4.28 -1.72 -46.02
N TYR H 80 -2.98 -1.70 -46.24
CA TYR H 80 -2.29 -0.44 -46.44
C TYR H 80 -1.19 -0.59 -47.47
N ASN H 81 -0.79 0.56 -48.02
CA ASN H 81 0.46 0.67 -48.77
C ASN H 81 1.57 1.07 -47.82
N PRO H 82 2.58 0.23 -47.62
CA PRO H 82 3.73 0.65 -46.82
C PRO H 82 4.54 1.74 -47.47
N ASP H 83 4.42 1.95 -48.76
CA ASP H 83 5.24 2.97 -49.39
C ASP H 83 4.71 4.34 -49.08
N THR H 84 3.50 4.61 -49.53
CA THR H 84 2.95 5.95 -49.39
C THR H 84 2.76 6.35 -47.96
N GLN H 85 2.92 5.44 -47.01
CA GLN H 85 2.56 5.75 -45.64
C GLN H 85 3.58 5.13 -44.72
N ARG H 86 3.30 5.22 -43.42
CA ARG H 86 4.12 4.63 -42.36
C ARG H 86 3.23 4.04 -41.29
N LEU H 87 3.86 3.43 -40.30
CA LEU H 87 3.17 2.84 -39.18
C LEU H 87 3.82 3.32 -37.92
N VAL H 88 3.00 3.62 -36.91
CA VAL H 88 3.51 4.06 -35.63
C VAL H 88 2.68 3.44 -34.51
N TRP H 89 3.38 3.05 -33.46
CA TRP H 89 2.75 2.56 -32.26
C TRP H 89 2.02 3.65 -31.51
N ALA H 90 0.98 3.25 -30.79
CA ALA H 90 0.31 4.12 -29.86
C ALA H 90 0.14 3.38 -28.55
N CYS H 91 0.13 4.11 -27.46
CA CYS H 91 0.10 3.50 -26.15
C CYS H 91 -1.26 3.72 -25.51
N VAL H 92 -2.04 2.65 -25.40
CA VAL H 92 -3.38 2.79 -24.83
C VAL H 92 -3.36 2.72 -23.31
N GLY H 93 -2.68 1.74 -22.76
CA GLY H 93 -2.84 1.45 -21.34
C GLY H 93 -1.57 0.87 -20.77
N VAL H 94 -1.42 1.04 -19.45
CA VAL H 94 -0.13 0.85 -18.80
C VAL H 94 -0.34 0.35 -17.39
N GLU H 95 0.62 -0.45 -16.92
CA GLU H 95 0.58 -0.98 -15.57
C GLU H 95 1.94 -0.92 -14.94
N VAL H 96 1.93 -0.80 -13.62
CA VAL H 96 3.11 -0.84 -12.79
C VAL H 96 2.91 -1.87 -11.70
N GLY H 97 3.63 -2.98 -11.80
CA GLY H 97 3.64 -3.95 -10.73
C GLY H 97 4.68 -3.62 -9.68
N ARG H 98 4.29 -3.81 -8.43
CA ARG H 98 5.17 -3.61 -7.29
C ARG H 98 4.89 -4.69 -6.26
N GLY H 99 5.89 -5.50 -5.93
CA GLY H 99 5.60 -6.69 -5.17
C GLY H 99 6.02 -6.78 -3.71
N GLN H 100 6.76 -5.83 -3.21
CA GLN H 100 7.33 -6.01 -1.90
C GLN H 100 6.25 -5.89 -0.83
N PRO H 101 6.44 -6.56 0.30
CA PRO H 101 5.62 -6.26 1.46
C PRO H 101 5.92 -4.84 1.88
N LEU H 102 4.87 -4.09 2.11
CA LEU H 102 5.05 -2.66 2.22
C LEU H 102 5.61 -2.28 3.57
N GLY H 103 6.53 -1.34 3.57
CA GLY H 103 7.06 -0.83 4.82
C GLY H 103 8.03 0.31 4.68
N VAL H 104 8.13 1.05 5.70
CA VAL H 104 8.86 2.30 5.70
C VAL H 104 10.29 2.05 6.12
N GLY H 105 11.23 2.61 5.37
CA GLY H 105 12.59 2.75 5.81
C GLY H 105 12.83 4.12 6.41
N ILE H 106 14.10 4.52 6.45
CA ILE H 106 14.48 5.72 7.19
C ILE H 106 15.96 6.05 7.02
N SER H 107 16.35 7.29 7.32
CA SER H 107 17.74 7.71 7.25
C SER H 107 18.00 8.70 8.37
N GLY H 108 19.29 8.99 8.57
CA GLY H 108 19.73 9.95 9.56
C GLY H 108 21.11 10.48 9.26
N HIS H 109 21.68 11.23 10.21
CA HIS H 109 23.06 11.58 10.08
C HIS H 109 23.75 11.58 11.44
N PRO H 110 24.97 11.08 11.49
CA PRO H 110 25.65 10.99 12.78
C PRO H 110 25.98 12.35 13.34
N LEU H 111 26.26 13.32 12.49
CA LEU H 111 26.57 14.66 12.91
C LEU H 111 25.54 15.59 12.32
N LEU H 112 24.90 16.37 13.16
CA LEU H 112 23.94 17.28 12.57
C LEU H 112 23.93 18.58 13.33
N ASN H 113 23.93 19.69 12.61
CA ASN H 113 23.83 20.96 13.29
C ASN H 113 22.55 20.99 14.07
N LYS H 114 22.70 21.17 15.38
CA LYS H 114 21.53 21.27 16.22
C LYS H 114 21.90 22.04 17.46
N LEU H 115 20.94 22.76 17.98
CA LEU H 115 21.16 23.36 19.28
C LEU H 115 20.58 22.46 20.35
N ASP H 116 19.27 22.47 20.47
CA ASP H 116 18.59 21.69 21.49
C ASP H 116 17.11 21.77 21.19
N ASP H 117 16.31 21.22 22.09
CA ASP H 117 14.87 21.27 21.92
C ASP H 117 14.38 22.70 22.04
N THR H 118 13.52 23.07 21.09
CA THR H 118 12.79 24.32 21.13
C THR H 118 11.40 24.19 21.70
N GLU H 119 10.92 22.96 21.88
CA GLU H 119 9.53 22.76 22.25
C GLU H 119 9.30 23.13 23.70
N ASN H 120 10.14 22.61 24.58
CA ASN H 120 10.03 22.93 25.99
C ASN H 120 11.43 23.08 26.55
N ALA H 121 11.64 24.18 27.27
CA ALA H 121 12.91 24.42 27.97
C ALA H 121 12.62 25.03 29.34
N SER H 122 13.13 24.38 30.39
CA SER H 122 12.92 24.90 31.73
C SER H 122 13.72 26.17 31.96
N ALA H 123 14.99 26.15 31.58
CA ALA H 123 15.88 27.27 31.76
C ALA H 123 16.50 27.61 30.42
N TYR H 124 17.13 28.77 30.35
CA TYR H 124 17.76 29.17 29.11
C TYR H 124 18.87 28.19 28.75
N ALA H 125 19.21 28.16 27.46
CA ALA H 125 20.13 27.17 26.96
C ALA H 125 21.54 27.44 27.45
N ALA H 126 22.45 26.57 27.06
CA ALA H 126 23.84 26.68 27.49
C ALA H 126 24.62 27.54 26.52
N ASN H 127 25.91 27.71 26.81
CA ASN H 127 26.77 28.42 25.89
C ASN H 127 27.12 27.50 24.72
N ALA H 128 27.24 28.10 23.55
CA ALA H 128 27.50 27.33 22.35
C ALA H 128 28.96 26.95 22.34
N GLY H 129 29.23 25.66 22.33
CA GLY H 129 30.59 25.18 22.24
C GLY H 129 31.01 25.15 20.79
N VAL H 130 31.92 24.24 20.48
CA VAL H 130 32.27 23.97 19.10
C VAL H 130 31.73 22.59 18.77
N ASP H 131 31.02 22.50 17.66
CA ASP H 131 30.55 21.21 17.18
C ASP H 131 29.71 20.50 18.22
N ASN H 132 28.48 20.96 18.40
CA ASN H 132 27.51 20.25 19.20
C ASN H 132 26.74 19.20 18.40
N ARG H 133 27.13 18.97 17.14
CA ARG H 133 26.39 18.08 16.26
C ARG H 133 26.16 16.72 16.89
N GLU H 134 25.01 16.15 16.60
CA GLU H 134 24.59 14.91 17.22
C GLU H 134 24.10 13.96 16.16
N CYS H 135 23.91 12.72 16.57
CA CYS H 135 23.39 11.67 15.71
C CYS H 135 21.88 11.63 15.89
N ILE H 136 21.15 12.02 14.86
CA ILE H 136 19.69 12.00 14.91
C ILE H 136 19.21 11.62 13.53
N SER H 137 18.03 11.02 13.48
CA SER H 137 17.49 10.54 12.23
C SER H 137 16.04 10.97 12.12
N MET H 138 15.49 10.78 10.93
CA MET H 138 14.12 11.19 10.67
C MET H 138 13.58 10.41 9.48
N ASP H 139 12.26 10.48 9.34
CA ASP H 139 11.57 9.87 8.23
C ASP H 139 11.27 10.90 7.17
N TYR H 140 11.35 10.48 5.93
CA TYR H 140 11.04 11.36 4.83
C TYR H 140 9.56 11.42 4.52
N LYS H 141 9.15 12.49 3.85
CA LYS H 141 7.76 12.66 3.45
C LYS H 141 7.30 11.51 2.56
N GLN H 142 6.10 11.02 2.84
CA GLN H 142 5.56 9.92 2.07
C GLN H 142 5.00 10.39 0.75
N THR H 143 5.28 9.65 -0.31
CA THR H 143 4.91 10.16 -1.61
C THR H 143 4.78 9.04 -2.61
N GLN H 144 3.93 9.29 -3.61
CA GLN H 144 3.81 8.43 -4.77
C GLN H 144 3.56 9.29 -6.01
N LEU H 145 4.05 8.82 -7.15
CA LEU H 145 3.93 9.56 -8.39
C LEU H 145 4.06 8.61 -9.57
N CYS H 146 3.64 9.10 -10.73
CA CYS H 146 3.83 8.34 -11.94
C CYS H 146 3.94 9.26 -13.14
N LEU H 147 4.78 8.86 -14.09
CA LEU H 147 5.10 9.74 -15.18
C LEU H 147 5.21 8.98 -16.49
N ILE H 148 4.56 9.50 -17.52
CA ILE H 148 4.51 8.86 -18.83
C ILE H 148 4.53 9.90 -19.95
N GLY H 149 5.39 9.67 -20.94
CA GLY H 149 5.49 10.55 -22.08
C GLY H 149 6.65 10.10 -22.97
N CYS H 150 6.76 10.78 -24.11
CA CYS H 150 7.83 10.48 -25.05
C CYS H 150 9.01 11.42 -24.91
N LYS H 151 8.92 12.42 -24.06
CA LYS H 151 10.05 13.29 -23.87
C LYS H 151 10.44 13.28 -22.41
N PRO H 152 11.72 13.43 -22.13
CA PRO H 152 12.19 13.14 -20.79
C PRO H 152 11.55 14.10 -19.80
N PRO H 153 11.38 13.66 -18.57
CA PRO H 153 10.81 14.55 -17.57
C PRO H 153 11.76 15.67 -17.29
N ILE H 154 11.21 16.83 -17.22
CA ILE H 154 11.98 18.03 -16.97
C ILE H 154 11.95 18.31 -15.49
N GLY H 155 13.12 18.52 -14.92
CA GLY H 155 13.25 18.88 -13.53
C GLY H 155 13.59 20.35 -13.35
N GLU H 156 13.60 20.74 -12.08
CA GLU H 156 13.92 22.10 -11.71
C GLU H 156 14.44 22.07 -10.29
N HIS H 157 15.21 23.10 -9.95
CA HIS H 157 15.76 23.17 -8.62
C HIS H 157 16.19 24.58 -8.37
N TRP H 158 16.41 24.87 -7.10
CA TRP H 158 17.13 26.07 -6.80
C TRP H 158 18.60 25.88 -7.11
N GLY H 159 19.29 26.99 -7.29
CA GLY H 159 20.72 26.94 -7.53
C GLY H 159 21.33 28.32 -7.47
N LYS H 160 22.65 28.36 -7.27
CA LYS H 160 23.38 29.61 -7.22
C LYS H 160 23.83 30.01 -8.61
N GLY H 161 23.62 31.27 -8.96
CA GLY H 161 24.14 31.85 -10.16
C GLY H 161 25.24 32.83 -9.89
N SER H 162 25.49 33.67 -10.86
CA SER H 162 26.51 34.69 -10.70
C SER H 162 25.89 35.97 -10.18
N PRO H 163 26.44 36.53 -9.13
CA PRO H 163 25.97 37.83 -8.67
C PRO H 163 26.31 38.91 -9.67
N CYS H 164 25.34 39.76 -9.97
CA CYS H 164 25.62 40.94 -10.77
C CYS H 164 26.71 41.77 -10.09
N THR H 165 27.57 42.35 -10.89
CA THR H 165 28.79 42.91 -10.34
C THR H 165 28.54 44.36 -9.99
N ASN H 166 28.41 44.61 -8.72
CA ASN H 166 28.59 45.93 -8.17
C ASN H 166 29.47 45.73 -6.96
N VAL H 167 28.94 45.02 -5.98
CA VAL H 167 29.70 44.67 -4.79
C VAL H 167 30.52 43.43 -5.10
N ALA H 168 31.81 43.50 -4.79
CA ALA H 168 32.65 42.33 -4.85
C ALA H 168 32.28 41.38 -3.72
N VAL H 169 32.10 40.12 -4.09
CA VAL H 169 31.65 39.13 -3.11
C VAL H 169 32.78 38.84 -2.13
N ASN H 170 32.52 39.05 -0.88
CA ASN H 170 33.44 38.60 0.13
C ASN H 170 33.05 37.23 0.63
N PRO H 171 34.00 36.48 1.18
CA PRO H 171 33.63 35.22 1.83
C PRO H 171 32.66 35.48 2.95
N GLY H 172 31.60 34.67 3.00
CA GLY H 172 30.55 34.83 3.96
C GLY H 172 29.32 35.55 3.44
N ASP H 173 29.34 36.07 2.22
CA ASP H 173 28.19 36.77 1.69
C ASP H 173 27.05 35.79 1.36
N CYS H 174 25.85 36.34 1.22
CA CYS H 174 24.71 35.52 0.83
C CYS H 174 24.72 35.30 -0.66
N PRO H 175 24.97 34.09 -1.13
CA PRO H 175 24.98 33.86 -2.56
C PRO H 175 23.58 33.99 -3.13
N PRO H 176 23.45 34.69 -4.24
CA PRO H 176 22.14 34.85 -4.85
C PRO H 176 21.63 33.52 -5.33
N LEU H 177 20.34 33.50 -5.61
CA LEU H 177 19.68 32.28 -5.98
C LEU H 177 19.20 32.34 -7.40
N GLU H 178 19.04 31.16 -7.99
CA GLU H 178 18.60 31.04 -9.36
C GLU H 178 17.76 29.79 -9.49
N LEU H 179 16.69 29.92 -10.22
CA LEU H 179 15.81 28.79 -10.51
C LEU H 179 16.28 28.13 -11.78
N ILE H 180 16.43 26.82 -11.76
CA ILE H 180 17.06 26.15 -12.87
C ILE H 180 16.27 24.93 -13.28
N ASN H 181 15.90 24.89 -14.56
CA ASN H 181 15.37 23.69 -15.18
C ASN H 181 16.49 22.78 -15.64
N THR H 182 16.23 21.49 -15.60
CA THR H 182 17.17 20.55 -16.17
C THR H 182 16.46 19.25 -16.48
N VAL H 183 17.12 18.46 -17.32
CA VAL H 183 16.69 17.09 -17.55
C VAL H 183 16.85 16.31 -16.27
N ILE H 184 16.05 15.26 -16.14
CA ILE H 184 16.03 14.44 -14.95
C ILE H 184 16.78 13.15 -15.22
N GLN H 185 17.71 12.80 -14.32
CA GLN H 185 18.52 11.60 -14.45
C GLN H 185 18.23 10.63 -13.32
N ASP H 186 18.55 9.38 -13.57
CA ASP H 186 18.32 8.37 -12.56
C ASP H 186 19.22 8.62 -11.36
N GLY H 187 18.84 8.02 -10.24
CA GLY H 187 19.58 8.18 -9.01
C GLY H 187 19.38 9.50 -8.34
N ASP H 188 18.68 10.44 -8.97
CA ASP H 188 18.44 11.71 -8.35
C ASP H 188 17.40 11.56 -7.24
N MET H 189 17.36 12.56 -6.38
CA MET H 189 16.73 12.43 -5.08
C MET H 189 15.42 13.18 -5.01
N VAL H 190 14.45 12.54 -4.37
CA VAL H 190 13.22 13.20 -4.02
C VAL H 190 13.50 14.32 -3.04
N ASP H 191 12.58 15.29 -2.98
CA ASP H 191 12.57 16.22 -1.86
C ASP H 191 12.31 15.49 -0.55
N THR H 192 12.87 16.02 0.51
CA THR H 192 12.45 15.59 1.82
C THR H 192 11.42 16.52 2.37
N GLY H 193 11.04 17.50 1.58
CA GLY H 193 10.49 18.70 2.09
C GLY H 193 11.53 19.76 2.37
N PHE H 194 12.77 19.56 1.92
CA PHE H 194 13.77 20.61 2.01
C PHE H 194 13.99 21.36 0.72
N GLY H 195 13.30 20.99 -0.33
CA GLY H 195 13.31 21.83 -1.52
C GLY H 195 14.45 21.53 -2.47
N ALA H 196 14.17 21.72 -3.75
CA ALA H 196 15.10 21.31 -4.80
C ALA H 196 16.18 22.36 -4.92
N MET H 197 17.39 21.95 -4.67
CA MET H 197 18.53 22.84 -4.69
C MET H 197 19.77 21.99 -4.61
N ASP H 198 20.92 22.65 -4.68
CA ASP H 198 22.21 21.99 -4.49
C ASP H 198 22.73 22.30 -3.11
N PHE H 199 22.70 21.30 -2.27
CA PHE H 199 23.35 21.44 -0.99
C PHE H 199 24.84 21.55 -1.17
N THR H 200 25.39 20.73 -2.04
CA THR H 200 26.82 20.70 -2.21
C THR H 200 27.34 22.10 -2.42
N THR H 201 26.80 22.81 -3.39
CA THR H 201 27.27 24.16 -3.59
C THR H 201 26.75 25.06 -2.49
N LEU H 202 25.46 25.00 -2.23
CA LEU H 202 24.92 26.02 -1.38
C LEU H 202 25.08 25.72 0.09
N GLN H 203 25.32 24.49 0.46
CA GLN H 203 25.54 24.18 1.85
C GLN H 203 26.99 23.77 2.03
N ALA H 204 27.75 24.61 2.72
CA ALA H 204 29.13 24.31 2.98
C ALA H 204 29.28 23.31 4.11
N ASN H 205 28.46 23.45 5.14
CA ASN H 205 28.57 22.55 6.28
C ASN H 205 28.59 21.11 5.84
N LYS H 206 27.74 20.77 4.87
CA LYS H 206 27.68 19.41 4.40
C LYS H 206 27.06 18.54 5.50
N SER H 207 26.94 19.04 6.73
CA SER H 207 26.30 18.30 7.82
C SER H 207 24.87 18.72 8.10
N GLU H 208 24.30 19.62 7.32
CA GLU H 208 22.99 20.15 7.68
C GLU H 208 21.84 19.21 7.34
N VAL H 209 22.07 18.13 6.62
CA VAL H 209 21.00 17.21 6.21
C VAL H 209 21.51 15.78 6.28
N PRO H 210 20.60 14.81 6.39
CA PRO H 210 21.03 13.43 6.42
C PRO H 210 21.71 13.08 5.12
N LEU H 211 22.45 12.00 5.21
CA LEU H 211 23.46 11.71 4.21
C LEU H 211 22.89 11.79 2.83
N ASP H 212 21.90 10.96 2.58
CA ASP H 212 21.57 10.55 1.23
C ASP H 212 21.53 11.75 0.29
N ILE H 213 20.95 12.83 0.77
CA ILE H 213 20.73 13.98 -0.07
C ILE H 213 21.90 14.92 -0.09
N CYS H 214 22.81 14.76 0.86
CA CYS H 214 23.85 15.75 1.01
C CYS H 214 24.64 15.91 -0.29
N THR H 215 24.87 14.80 -0.99
CA THR H 215 25.70 14.86 -2.17
C THR H 215 25.01 15.58 -3.31
N SER H 216 23.86 15.08 -3.71
CA SER H 216 23.32 15.44 -5.01
C SER H 216 22.32 16.57 -4.87
N ILE H 217 21.65 16.88 -5.97
CA ILE H 217 20.63 17.90 -6.01
C ILE H 217 19.30 17.18 -6.03
N CYS H 218 18.54 17.29 -4.96
CA CYS H 218 17.16 16.87 -5.02
C CYS H 218 16.41 17.72 -6.02
N LYS H 219 15.46 17.11 -6.72
CA LYS H 219 14.71 17.81 -7.74
C LYS H 219 13.23 17.44 -7.66
N TYR H 220 12.43 18.24 -8.34
CA TYR H 220 10.98 18.13 -8.27
C TYR H 220 10.41 18.54 -9.60
N PRO H 221 9.35 17.91 -10.02
CA PRO H 221 8.76 18.23 -11.31
C PRO H 221 7.95 19.51 -11.27
N ASP H 222 8.02 20.30 -12.36
CA ASP H 222 7.17 21.49 -12.57
C ASP H 222 6.09 21.17 -13.60
N TYR H 223 4.90 20.93 -13.10
CA TYR H 223 3.80 20.61 -14.00
C TYR H 223 3.63 21.72 -15.01
N ILE H 224 3.71 22.94 -14.56
CA ILE H 224 3.46 24.09 -15.40
C ILE H 224 4.31 23.99 -16.64
N LYS H 225 5.58 24.26 -16.43
CA LYS H 225 6.47 24.40 -17.56
C LYS H 225 6.35 23.18 -18.43
N MET H 226 6.29 22.02 -17.80
CA MET H 226 6.11 20.80 -18.53
C MET H 226 4.82 20.89 -19.30
N VAL H 227 3.70 20.94 -18.59
CA VAL H 227 2.44 20.99 -19.28
C VAL H 227 2.38 22.17 -20.22
N SER H 228 3.18 23.18 -19.98
CA SER H 228 3.19 24.30 -20.89
C SER H 228 3.75 23.98 -22.26
N GLU H 229 4.30 22.79 -22.48
CA GLU H 229 4.86 22.48 -23.78
C GLU H 229 3.82 22.63 -24.88
N PRO H 230 4.21 23.14 -26.04
CA PRO H 230 3.20 23.27 -27.11
C PRO H 230 2.68 21.96 -27.58
N TYR H 231 3.53 20.99 -27.75
CA TYR H 231 3.06 19.69 -28.18
C TYR H 231 2.61 18.82 -27.02
N GLY H 232 2.96 19.18 -25.80
CA GLY H 232 2.66 18.35 -24.67
C GLY H 232 3.35 17.00 -24.64
N ASP H 233 4.30 16.76 -25.52
CA ASP H 233 4.88 15.43 -25.65
C ASP H 233 5.95 15.11 -24.63
N SER H 234 6.32 16.07 -23.79
CA SER H 234 7.09 15.73 -22.62
C SER H 234 6.38 14.60 -21.91
N LEU H 235 5.24 14.95 -21.34
CA LEU H 235 4.36 14.05 -20.61
C LEU H 235 2.95 14.31 -21.07
N PHE H 236 2.19 13.25 -21.31
CA PHE H 236 0.77 13.42 -21.51
C PHE H 236 -0.07 13.05 -20.30
N PHE H 237 0.55 12.67 -19.19
CA PHE H 237 -0.25 12.07 -18.14
C PHE H 237 0.57 11.86 -16.88
N TYR H 238 -0.13 11.72 -15.76
CA TYR H 238 0.51 11.63 -14.45
C TYR H 238 -0.55 11.48 -13.37
N LEU H 239 -0.07 11.16 -12.17
CA LEU H 239 -0.84 11.16 -10.94
C LEU H 239 0.12 11.38 -9.79
N ARG H 240 -0.40 11.89 -8.67
CA ARG H 240 0.45 12.07 -7.50
C ARG H 240 -0.37 12.04 -6.23
N ARG H 241 0.26 11.54 -5.17
CA ARG H 241 -0.26 11.64 -3.82
C ARG H 241 0.90 11.77 -2.86
N GLU H 242 0.78 12.67 -1.90
CA GLU H 242 1.78 12.78 -0.87
C GLU H 242 1.22 13.52 0.32
N GLN H 243 1.91 13.38 1.45
CA GLN H 243 1.47 13.99 2.69
C GLN H 243 2.64 14.11 3.64
N MET H 244 2.48 15.00 4.61
CA MET H 244 3.51 15.21 5.61
C MET H 244 2.90 15.90 6.82
N PHE H 245 3.63 15.85 7.93
CA PHE H 245 3.30 16.64 9.10
C PHE H 245 4.55 16.76 9.96
N VAL H 246 4.45 17.65 10.90
CA VAL H 246 5.59 18.05 11.74
C VAL H 246 5.83 17.02 12.81
N ARG H 247 7.07 16.98 13.28
CA ARG H 247 7.36 16.22 14.47
C ARG H 247 8.12 17.05 15.51
N HIS H 248 9.29 17.56 15.16
CA HIS H 248 10.10 18.31 16.10
C HIS H 248 10.61 19.62 15.50
N LEU H 249 11.13 20.46 16.40
CA LEU H 249 11.50 21.83 16.09
C LEU H 249 12.86 22.10 16.69
N PHE H 250 13.83 22.42 15.84
CA PHE H 250 15.19 22.52 16.31
C PHE H 250 15.80 23.85 15.92
N ASN H 251 17.06 24.05 16.33
CA ASN H 251 17.83 25.25 16.06
C ASN H 251 19.13 24.91 15.37
N ARG H 252 19.44 25.67 14.33
CA ARG H 252 20.80 25.70 13.86
C ARG H 252 21.68 26.28 14.96
N ALA H 253 22.96 25.95 14.87
CA ALA H 253 23.95 26.52 15.77
C ALA H 253 25.16 26.95 14.94
N GLY H 254 25.49 28.23 14.97
CA GLY H 254 26.63 28.70 14.20
C GLY H 254 26.67 30.20 14.11
N ALA H 255 27.54 30.68 13.25
CA ALA H 255 27.72 32.11 13.10
C ALA H 255 26.45 32.77 12.59
N VAL H 256 26.01 33.80 13.30
CA VAL H 256 24.80 34.51 12.93
C VAL H 256 25.05 35.29 11.65
N GLY H 257 24.26 35.02 10.62
CA GLY H 257 24.35 35.83 9.43
C GLY H 257 23.96 37.27 9.71
N GLU H 258 22.83 37.46 10.39
CA GLU H 258 22.34 38.80 10.68
C GLU H 258 21.52 38.76 11.96
N ASN H 259 21.51 39.88 12.66
CA ASN H 259 20.72 39.99 13.87
C ASN H 259 19.51 40.85 13.63
N VAL H 260 18.42 40.47 14.27
CA VAL H 260 17.17 41.21 14.10
C VAL H 260 17.35 42.60 14.63
N PRO H 261 16.75 43.60 13.99
CA PRO H 261 16.72 44.93 14.60
C PRO H 261 16.11 44.87 15.98
N ASP H 262 16.81 45.53 16.91
CA ASP H 262 16.39 45.53 18.30
C ASP H 262 14.94 45.91 18.43
N ASP H 263 14.53 46.95 17.71
CA ASP H 263 13.22 47.55 17.89
C ASP H 263 12.14 46.50 17.79
N LEU H 264 12.48 45.37 17.25
CA LEU H 264 11.57 44.26 17.21
C LEU H 264 11.50 43.51 18.52
N TYR H 265 12.23 43.93 19.53
CA TYR H 265 12.12 43.30 20.83
C TYR H 265 12.71 44.24 21.86
N ILE H 266 12.91 43.73 23.07
CA ILE H 266 13.45 44.51 24.19
C ILE H 266 14.69 43.84 24.73
N LYS H 267 15.66 44.66 25.13
CA LYS H 267 16.92 44.15 25.64
C LYS H 267 16.70 43.25 26.84
N GLY H 268 17.40 42.13 26.84
CA GLY H 268 17.41 41.22 27.97
C GLY H 268 18.50 41.57 28.94
N SER H 269 18.93 40.57 29.71
CA SER H 269 19.98 40.72 30.72
C SER H 269 20.19 39.37 31.39
N GLY H 270 21.33 39.24 32.06
CA GLY H 270 21.62 38.01 32.77
C GLY H 270 21.59 36.86 31.80
N SER H 271 20.77 35.86 32.12
CA SER H 271 20.53 34.79 31.16
C SER H 271 20.12 35.34 29.82
N THR H 272 19.41 36.46 29.81
CA THR H 272 18.88 37.05 28.60
C THR H 272 19.80 38.11 28.04
N ALA H 273 20.99 38.25 28.62
CA ALA H 273 21.96 39.17 28.06
C ALA H 273 22.13 38.94 26.57
N ASN H 274 22.20 37.69 26.15
CA ASN H 274 22.49 37.37 24.78
C ASN H 274 21.31 36.71 24.11
N LEU H 275 21.29 36.83 22.80
CA LEU H 275 20.23 36.25 22.01
C LEU H 275 20.68 34.91 21.48
N ALA H 276 19.84 33.90 21.70
CA ALA H 276 20.04 32.60 21.10
C ALA H 276 19.79 32.67 19.59
N SER H 277 20.26 31.63 18.89
CA SER H 277 20.11 31.58 17.45
C SER H 277 18.67 31.71 17.03
N SER H 278 18.46 32.44 15.95
CA SER H 278 17.14 32.68 15.43
C SER H 278 16.59 31.49 14.68
N ASN H 279 17.48 30.63 14.19
CA ASN H 279 17.04 29.70 13.18
C ASN H 279 16.11 28.68 13.78
N TYR H 280 15.33 28.08 12.90
CA TYR H 280 14.47 26.95 13.22
C TYR H 280 14.33 26.12 11.97
N PHE H 281 14.21 24.81 12.15
CA PHE H 281 13.73 24.04 11.02
C PHE H 281 12.94 22.86 11.54
N PRO H 282 11.92 22.46 10.82
CA PRO H 282 11.10 21.34 11.24
C PRO H 282 11.80 20.03 11.00
N THR H 283 11.22 19.01 11.60
CA THR H 283 11.55 17.64 11.28
C THR H 283 10.36 16.97 10.60
N PRO H 284 10.43 16.69 9.31
CA PRO H 284 9.29 16.10 8.62
C PRO H 284 8.97 14.74 9.18
N SER H 285 7.69 14.42 9.22
CA SER H 285 7.27 13.14 9.75
C SER H 285 6.29 12.52 8.77
N GLY H 286 6.67 11.40 8.19
CA GLY H 286 5.71 10.64 7.40
C GLY H 286 4.59 10.08 8.25
N SER H 287 3.47 9.78 7.59
CA SER H 287 2.28 9.36 8.31
C SER H 287 1.96 7.89 8.13
N MET H 288 0.85 7.50 8.71
CA MET H 288 0.36 6.16 8.56
C MET H 288 0.19 5.84 7.10
N VAL H 289 0.76 4.78 6.71
CA VAL H 289 0.65 4.29 5.35
C VAL H 289 -0.56 3.37 5.28
N THR H 290 -1.26 3.38 4.14
CA THR H 290 -2.37 2.48 3.94
C THR H 290 -2.26 1.73 2.62
N SER H 291 -2.85 0.55 2.60
CA SER H 291 -2.98 -0.18 1.37
C SER H 291 -3.73 0.63 0.34
N ASP H 292 -4.67 1.46 0.78
CA ASP H 292 -5.56 2.10 -0.16
C ASP H 292 -4.82 3.08 -1.03
N ALA H 293 -4.15 4.02 -0.40
CA ALA H 293 -3.57 5.10 -1.17
C ALA H 293 -2.59 4.58 -2.18
N GLN H 294 -2.24 3.31 -2.09
CA GLN H 294 -1.45 2.72 -3.15
C GLN H 294 -2.11 3.01 -4.48
N ILE H 295 -1.32 3.56 -5.40
CA ILE H 295 -1.79 3.92 -6.72
C ILE H 295 -1.40 2.85 -7.75
N PHE H 296 -0.77 1.79 -7.32
CA PHE H 296 -0.18 0.87 -8.27
C PHE H 296 -0.94 -0.42 -8.30
N ASN H 297 -0.43 -1.35 -9.09
CA ASN H 297 -1.04 -2.67 -9.20
C ASN H 297 -2.50 -2.55 -9.61
N LYS H 298 -2.82 -1.47 -10.30
CA LYS H 298 -4.13 -1.29 -10.81
C LYS H 298 -4.03 -0.71 -12.20
N PRO H 299 -4.88 -1.15 -13.11
CA PRO H 299 -4.75 -0.73 -14.51
C PRO H 299 -5.09 0.72 -14.70
N TYR H 300 -4.64 1.25 -15.83
CA TYR H 300 -4.98 2.59 -16.24
C TYR H 300 -5.47 2.60 -17.66
N TRP H 301 -6.26 3.61 -17.95
CA TRP H 301 -6.92 3.69 -19.23
C TRP H 301 -6.90 5.12 -19.71
N LEU H 302 -6.33 5.32 -20.88
CA LEU H 302 -6.15 6.65 -21.42
C LEU H 302 -6.93 6.79 -22.70
N GLN H 303 -7.58 7.93 -22.87
CA GLN H 303 -8.11 8.27 -24.16
C GLN H 303 -7.65 9.67 -24.52
N ARG H 304 -8.04 10.64 -23.71
CA ARG H 304 -7.70 12.02 -23.95
C ARG H 304 -6.76 12.51 -22.87
N ALA H 305 -5.74 13.25 -23.30
CA ALA H 305 -4.76 13.84 -22.41
C ALA H 305 -4.69 15.33 -22.67
N GLN H 306 -4.16 16.06 -21.70
CA GLN H 306 -4.08 17.49 -21.85
C GLN H 306 -3.30 17.88 -23.09
N GLY H 307 -2.33 17.06 -23.50
CA GLY H 307 -1.57 17.34 -24.70
C GLY H 307 -2.27 16.88 -25.96
N HIS H 308 -1.79 17.38 -27.10
CA HIS H 308 -2.43 17.00 -28.36
C HIS H 308 -2.04 15.60 -28.78
N ASN H 309 -0.85 15.14 -28.39
CA ASN H 309 -0.53 13.74 -28.55
C ASN H 309 -1.62 12.93 -27.89
N ASN H 310 -2.09 11.93 -28.60
CA ASN H 310 -2.85 10.88 -27.97
C ASN H 310 -1.99 9.64 -28.09
N GLY H 311 -1.35 9.28 -26.99
CA GLY H 311 -0.58 8.05 -26.92
C GLY H 311 0.39 7.83 -28.05
N ILE H 312 0.83 8.88 -28.71
CA ILE H 312 1.80 8.72 -29.79
C ILE H 312 3.18 8.71 -29.20
N CYS H 313 3.95 7.69 -29.50
CA CYS H 313 5.33 7.64 -29.10
C CYS H 313 6.17 7.69 -30.35
N TRP H 314 6.77 8.83 -30.57
CA TRP H 314 7.59 8.95 -31.73
C TRP H 314 8.91 8.25 -31.50
N GLY H 315 9.56 7.93 -32.61
CA GLY H 315 10.89 7.34 -32.54
C GLY H 315 10.95 6.03 -31.79
N ASN H 316 9.89 5.24 -31.82
CA ASN H 316 9.87 3.93 -31.18
C ASN H 316 10.27 4.04 -29.73
N GLN H 317 10.05 5.20 -29.15
CA GLN H 317 10.63 5.50 -27.87
C GLN H 317 9.58 5.97 -26.90
N LEU H 318 9.75 5.56 -25.64
CA LEU H 318 8.75 5.80 -24.61
C LEU H 318 9.43 5.90 -23.25
N PHE H 319 8.88 6.74 -22.40
CA PHE H 319 9.46 7.03 -21.11
C PHE H 319 8.46 6.73 -20.01
N VAL H 320 8.95 6.18 -18.92
CA VAL H 320 8.16 6.08 -17.71
C VAL H 320 9.05 6.40 -16.53
N THR H 321 8.50 7.16 -15.60
CA THR H 321 9.25 7.52 -14.42
C THR H 321 8.33 7.51 -13.23
N VAL H 322 8.77 6.82 -12.20
CA VAL H 322 7.92 6.56 -11.08
C VAL H 322 8.78 6.49 -9.86
N VAL H 323 8.24 6.94 -8.74
CA VAL H 323 8.94 6.89 -7.46
C VAL H 323 7.94 6.56 -6.36
N ASP H 324 8.33 5.69 -5.44
CA ASP H 324 7.52 5.29 -4.29
C ASP H 324 8.32 5.40 -2.99
N THR H 325 7.63 5.79 -1.94
CA THR H 325 8.23 5.83 -0.62
C THR H 325 7.88 4.62 0.23
N THR H 326 6.96 3.79 -0.22
CA THR H 326 6.32 2.92 0.73
C THR H 326 7.15 1.70 1.06
N ARG H 327 8.00 1.31 0.16
CA ARG H 327 8.72 0.07 0.30
C ARG H 327 10.08 0.29 0.94
N SER H 328 10.30 1.47 1.47
CA SER H 328 11.63 1.93 1.83
C SER H 328 12.31 1.07 2.88
N THR H 329 11.61 0.07 3.39
CA THR H 329 12.16 -0.78 4.43
C THR H 329 13.56 -1.26 4.10
N ASN H 330 14.43 -1.19 5.10
CA ASN H 330 15.80 -1.66 4.97
C ASN H 330 16.03 -2.82 5.93
N MET H 331 16.30 -3.99 5.37
CA MET H 331 16.66 -5.09 6.22
C MET H 331 18.13 -4.99 6.60
N SER H 332 18.44 -5.48 7.79
CA SER H 332 19.78 -5.42 8.34
C SER H 332 20.13 -6.79 8.86
N LEU H 333 21.30 -7.28 8.48
CA LEU H 333 21.74 -8.59 8.93
C LEU H 333 23.12 -8.49 9.55
N CYS H 334 23.48 -9.52 10.29
CA CYS H 334 24.75 -9.59 10.98
C CYS H 334 25.49 -10.86 10.59
N ALA H 335 26.80 -10.72 10.37
CA ALA H 335 27.70 -11.84 10.13
C ALA H 335 28.65 -11.98 11.32
N ALA H 336 28.96 -13.22 11.67
CA ALA H 336 29.85 -13.51 12.79
C ALA H 336 31.23 -13.85 12.27
N ILE H 337 32.24 -13.11 12.73
CA ILE H 337 33.58 -13.44 12.31
C ILE H 337 34.12 -14.64 13.08
N SER H 338 33.63 -14.89 14.29
CA SER H 338 34.04 -16.07 15.06
C SER H 338 32.80 -16.78 15.58
N THR H 339 32.62 -18.04 15.17
CA THR H 339 31.43 -18.80 15.49
C THR H 339 31.56 -19.60 16.78
N SER H 340 32.73 -19.58 17.40
CA SER H 340 32.97 -20.49 18.51
C SER H 340 32.47 -19.92 19.83
N GLU H 341 33.06 -18.82 20.26
CA GLU H 341 32.87 -18.34 21.62
C GLU H 341 31.38 -18.22 21.94
N THR H 342 31.05 -18.61 23.15
CA THR H 342 29.66 -18.63 23.59
C THR H 342 29.27 -17.42 24.42
N THR H 343 30.19 -16.51 24.67
CA THR H 343 29.88 -15.31 25.42
C THR H 343 29.63 -14.18 24.44
N TYR H 344 28.52 -13.48 24.60
CA TYR H 344 28.14 -12.45 23.66
C TYR H 344 29.08 -11.25 23.73
N LYS H 345 29.52 -10.78 22.55
CA LYS H 345 30.41 -9.63 22.44
C LYS H 345 30.03 -8.79 21.25
N ASN H 346 30.06 -7.49 21.44
CA ASN H 346 29.88 -6.59 20.31
C ASN H 346 30.95 -6.79 19.27
N THR H 347 32.03 -7.48 19.60
CA THR H 347 33.16 -7.57 18.70
C THR H 347 32.85 -8.48 17.52
N ASN H 348 32.14 -9.55 17.76
CA ASN H 348 32.16 -10.61 16.78
C ASN H 348 31.35 -10.31 15.53
N PHE H 349 30.52 -9.28 15.53
CA PHE H 349 29.51 -9.09 14.49
C PHE H 349 29.70 -7.81 13.71
N LYS H 350 30.09 -7.93 12.44
CA LYS H 350 29.99 -6.83 11.51
C LYS H 350 28.54 -6.62 11.08
N GLU H 351 28.27 -5.44 10.53
CA GLU H 351 26.91 -5.09 10.14
C GLU H 351 26.88 -4.58 8.71
N TYR H 352 25.89 -5.04 7.95
CA TYR H 352 25.70 -4.58 6.59
C TYR H 352 24.23 -4.23 6.36
N LEU H 353 24.00 -3.41 5.34
CA LEU H 353 22.69 -2.87 5.04
C LEU H 353 22.44 -2.98 3.55
N ARG H 354 21.41 -3.70 3.18
CA ARG H 354 21.04 -3.77 1.79
C ARG H 354 19.56 -3.50 1.68
N HIS H 355 19.14 -3.12 0.48
CA HIS H 355 17.77 -2.70 0.26
C HIS H 355 17.22 -3.31 -1.02
N GLY H 356 16.00 -3.82 -0.92
CA GLY H 356 15.40 -4.53 -2.02
C GLY H 356 14.64 -3.61 -2.95
N GLU H 357 14.54 -4.03 -4.21
CA GLU H 357 13.84 -3.24 -5.20
C GLU H 357 13.10 -4.15 -6.15
N GLU H 358 11.84 -3.83 -6.44
CA GLU H 358 11.01 -4.70 -7.26
C GLU H 358 10.14 -3.90 -8.19
N TYR H 359 10.29 -4.14 -9.50
CA TYR H 359 9.50 -3.45 -10.52
C TYR H 359 8.96 -4.47 -11.51
N ASP H 360 7.90 -4.06 -12.19
CA ASP H 360 7.56 -4.71 -13.44
C ASP H 360 6.76 -3.78 -14.31
N LEU H 361 6.81 -4.03 -15.61
CA LEU H 361 6.13 -3.22 -16.58
C LEU H 361 5.38 -4.09 -17.55
N GLN H 362 4.16 -3.66 -17.85
CA GLN H 362 3.37 -4.27 -18.89
C GLN H 362 2.63 -3.17 -19.61
N PHE H 363 2.75 -3.13 -20.92
CA PHE H 363 2.28 -1.99 -21.67
C PHE H 363 1.39 -2.42 -22.82
N ILE H 364 0.17 -1.92 -22.80
CA ILE H 364 -0.68 -2.05 -23.96
C ILE H 364 -0.18 -1.15 -25.06
N PHE H 365 -0.50 -1.52 -26.29
CA PHE H 365 -0.20 -0.66 -27.41
C PHE H 365 -1.24 -0.78 -28.50
N GLN H 366 -1.37 0.32 -29.23
CA GLN H 366 -2.20 0.41 -30.42
C GLN H 366 -1.35 0.79 -31.61
N LEU H 367 -1.92 0.55 -32.76
CA LEU H 367 -1.24 0.56 -34.02
C LEU H 367 -1.89 1.56 -34.94
N CYS H 368 -1.07 2.35 -35.63
CA CYS H 368 -1.64 3.42 -36.41
C CYS H 368 -0.77 3.72 -37.61
N LYS H 369 -1.40 4.36 -38.58
CA LYS H 369 -0.81 4.67 -39.87
C LYS H 369 -0.92 6.17 -40.13
N ILE H 370 -0.17 6.63 -41.11
CA ILE H 370 -0.13 8.04 -41.43
C ILE H 370 -0.12 8.23 -42.93
N THR H 371 -1.08 8.98 -43.44
CA THR H 371 -1.05 9.42 -44.82
C THR H 371 -0.04 10.55 -44.96
N LEU H 372 0.45 10.76 -46.18
CA LEU H 372 1.44 11.78 -46.40
C LEU H 372 0.96 12.78 -47.44
N THR H 373 1.02 14.04 -47.09
CA THR H 373 1.01 15.11 -48.06
C THR H 373 2.04 16.13 -47.61
N ALA H 374 2.10 17.21 -48.36
CA ALA H 374 3.06 18.25 -48.02
C ALA H 374 2.75 18.80 -46.65
N ASP H 375 1.53 19.31 -46.49
CA ASP H 375 1.13 19.88 -45.22
C ASP H 375 1.51 18.94 -44.13
N VAL H 376 1.22 17.69 -44.37
CA VAL H 376 1.69 16.62 -43.53
C VAL H 376 3.16 16.87 -43.34
N MET H 377 3.91 16.56 -44.37
CA MET H 377 5.34 16.50 -44.20
C MET H 377 5.85 17.77 -43.56
N THR H 378 5.34 18.89 -44.04
CA THR H 378 5.73 20.16 -43.47
C THR H 378 5.53 20.12 -41.97
N TYR H 379 4.29 19.86 -41.60
CA TYR H 379 3.91 20.05 -40.21
C TYR H 379 4.81 19.25 -39.31
N ILE H 380 5.09 18.02 -39.69
CA ILE H 380 6.01 17.24 -38.89
C ILE H 380 7.36 17.89 -38.90
N HIS H 381 7.89 18.08 -40.09
CA HIS H 381 9.27 18.52 -40.19
C HIS H 381 9.48 19.72 -39.31
N SER H 382 8.44 20.52 -39.17
CA SER H 382 8.48 21.57 -38.18
C SER H 382 8.68 20.98 -36.79
N MET H 383 7.82 20.06 -36.40
CA MET H 383 7.82 19.63 -35.02
C MET H 383 9.19 19.12 -34.59
N ASN H 384 9.57 17.95 -35.08
CA ASN H 384 10.94 17.47 -34.94
C ASN H 384 11.34 16.81 -36.24
N SER H 385 12.39 17.34 -36.87
CA SER H 385 12.77 16.81 -38.16
C SER H 385 13.60 15.53 -38.03
N THR H 386 14.27 15.33 -36.90
CA THR H 386 15.04 14.11 -36.72
C THR H 386 14.18 12.87 -36.93
N ILE H 387 12.89 12.99 -36.66
CA ILE H 387 11.97 11.87 -36.83
C ILE H 387 12.05 11.32 -38.24
N LEU H 388 12.00 12.21 -39.21
CA LEU H 388 11.95 11.78 -40.59
C LEU H 388 13.11 10.87 -40.91
N GLU H 389 14.24 11.10 -40.25
CA GLU H 389 15.43 10.34 -40.53
C GLU H 389 15.13 8.87 -40.48
N ASP H 390 14.61 8.44 -39.34
CA ASP H 390 14.49 7.03 -39.16
C ASP H 390 13.47 6.44 -40.10
N TRP H 391 12.71 7.25 -40.79
CA TRP H 391 11.84 6.69 -41.78
C TRP H 391 12.58 6.63 -43.08
N ASN H 392 11.85 6.28 -44.12
CA ASN H 392 12.26 6.72 -45.43
C ASN H 392 11.90 8.20 -45.46
N PHE H 393 11.96 8.79 -46.65
CA PHE H 393 12.09 10.23 -46.76
C PHE H 393 13.40 10.67 -46.14
N GLY H 394 14.47 10.04 -46.60
CA GLY H 394 15.75 10.70 -46.47
C GLY H 394 15.62 12.14 -46.92
N LEU H 395 14.84 12.38 -47.96
CA LEU H 395 14.66 13.71 -48.47
C LEU H 395 13.18 14.05 -48.50
N GLN H 396 12.89 15.37 -48.39
CA GLN H 396 11.58 15.85 -48.02
C GLN H 396 10.52 15.00 -48.70
N PRO H 397 10.66 14.71 -49.96
CA PRO H 397 9.54 14.17 -50.61
C PRO H 397 9.59 12.61 -50.84
N PRO H 398 8.72 11.82 -51.65
CA PRO H 398 9.14 10.48 -52.46
C PRO H 398 9.76 10.41 -53.94
N PRO H 399 10.96 9.90 -53.53
CA PRO H 399 12.17 9.25 -54.06
C PRO H 399 12.51 8.03 -53.00
N GLY H 400 13.45 8.24 -52.04
CA GLY H 400 14.03 7.53 -50.82
C GLY H 400 15.41 7.92 -50.20
N GLY H 401 15.55 8.04 -48.88
CA GLY H 401 16.98 7.97 -48.40
C GLY H 401 18.26 8.78 -48.84
N THR H 402 19.49 8.30 -48.51
CA THR H 402 20.74 9.12 -48.43
C THR H 402 21.99 8.48 -49.06
N LEU H 403 22.57 9.14 -50.06
CA LEU H 403 23.34 8.47 -51.12
C LEU H 403 24.88 8.60 -51.07
N GLU H 404 25.48 9.10 -50.01
CA GLU H 404 26.89 8.77 -49.89
C GLU H 404 27.01 7.31 -49.49
N ASP H 405 28.25 6.80 -49.37
CA ASP H 405 28.41 5.40 -49.03
C ASP H 405 28.05 5.14 -47.57
N THR H 406 27.60 3.91 -47.29
CA THR H 406 26.96 3.63 -46.02
C THR H 406 27.83 2.82 -45.08
N TYR H 407 27.97 1.54 -45.35
CA TYR H 407 28.41 0.59 -44.34
C TYR H 407 29.86 0.19 -44.53
N ARG H 408 30.56 0.03 -43.39
CA ARG H 408 31.94 -0.44 -43.35
C ARG H 408 32.20 -1.13 -42.01
N PHE H 409 33.07 -2.16 -42.03
CA PHE H 409 33.58 -2.77 -40.80
C PHE H 409 35.04 -3.14 -40.98
N VAL H 410 35.92 -2.68 -40.08
CA VAL H 410 37.33 -3.05 -40.10
C VAL H 410 37.69 -3.62 -38.73
N THR H 411 37.57 -4.94 -38.58
CA THR H 411 38.16 -5.85 -37.58
C THR H 411 37.76 -7.23 -38.10
N SER H 412 37.07 -8.00 -37.25
CA SER H 412 37.18 -9.41 -36.88
C SER H 412 38.15 -9.56 -35.72
N GLN H 413 39.13 -10.44 -35.81
CA GLN H 413 39.85 -10.72 -34.59
C GLN H 413 40.72 -9.51 -34.23
N ALA H 414 41.36 -9.56 -33.06
CA ALA H 414 41.86 -8.34 -32.43
C ALA H 414 43.38 -8.22 -32.54
N ILE H 415 43.81 -7.33 -33.43
CA ILE H 415 45.13 -6.70 -33.42
C ILE H 415 44.87 -5.23 -33.63
N ALA H 416 44.38 -4.95 -34.82
CA ALA H 416 44.43 -3.60 -35.35
C ALA H 416 43.62 -2.67 -34.48
N CYS H 417 43.91 -1.41 -34.67
CA CYS H 417 43.13 -0.37 -34.03
C CYS H 417 41.67 -0.64 -34.24
N GLN H 418 40.96 -0.79 -33.12
CA GLN H 418 39.68 -1.47 -33.18
C GLN H 418 38.66 -0.65 -33.96
N LYS H 419 37.59 -1.35 -34.39
CA LYS H 419 36.47 -0.70 -35.07
C LYS H 419 35.96 0.50 -34.29
N HIS H 420 36.15 0.49 -32.98
CA HIS H 420 35.65 1.54 -32.11
C HIS H 420 36.70 2.59 -31.84
N THR H 421 37.86 2.48 -32.46
CA THR H 421 38.77 3.62 -32.42
C THR H 421 38.11 4.86 -33.00
N PRO H 422 37.28 4.81 -34.03
CA PRO H 422 36.45 5.97 -34.33
C PRO H 422 35.28 6.04 -33.37
N PRO H 423 34.70 7.22 -33.17
CA PRO H 423 33.51 7.33 -32.32
C PRO H 423 32.30 6.71 -32.98
N ALA H 424 31.26 6.49 -32.18
CA ALA H 424 29.97 6.02 -32.68
C ALA H 424 29.22 7.17 -33.34
N PRO H 425 29.01 7.12 -34.66
CA PRO H 425 28.34 8.25 -35.32
C PRO H 425 26.87 8.40 -34.94
N LYS H 426 26.14 7.29 -34.88
CA LYS H 426 24.71 7.37 -34.62
C LYS H 426 24.46 7.59 -33.14
N GLU H 427 23.46 8.42 -32.84
CA GLU H 427 23.31 8.91 -31.49
C GLU H 427 21.87 9.02 -31.07
N ASP H 428 21.60 8.63 -29.85
CA ASP H 428 20.62 9.37 -29.11
C ASP H 428 21.41 10.50 -28.48
N PRO H 429 21.15 11.74 -28.87
CA PRO H 429 21.99 12.84 -28.39
C PRO H 429 22.01 12.95 -26.90
N LEU H 430 21.08 12.34 -26.23
CA LEU H 430 21.04 12.37 -24.79
C LEU H 430 21.94 11.33 -24.17
N LYS H 431 22.70 10.63 -25.01
CA LYS H 431 23.62 9.63 -24.51
C LYS H 431 24.46 10.18 -23.37
N LYS H 432 24.71 11.49 -23.37
CA LYS H 432 25.33 12.10 -22.20
C LYS H 432 24.56 11.76 -20.95
N TYR H 433 23.25 11.64 -21.05
CA TYR H 433 22.41 11.51 -19.89
C TYR H 433 22.21 10.05 -19.59
N THR H 434 22.75 9.60 -18.49
CA THR H 434 22.66 8.22 -18.09
C THR H 434 21.38 7.96 -17.33
N PHE H 435 20.86 6.74 -17.49
CA PHE H 435 19.76 6.26 -16.66
C PHE H 435 19.41 4.84 -17.03
N TRP H 436 18.62 4.21 -16.17
CA TRP H 436 18.29 2.79 -16.23
C TRP H 436 17.60 2.41 -17.54
N GLU H 437 17.88 1.20 -18.02
CA GLU H 437 17.50 0.82 -19.38
C GLU H 437 16.88 -0.55 -19.41
N VAL H 438 15.96 -0.73 -20.34
CA VAL H 438 15.37 -2.02 -20.61
C VAL H 438 15.07 -2.12 -22.09
N ASN H 439 15.28 -3.31 -22.64
CA ASN H 439 14.91 -3.57 -24.02
C ASN H 439 13.77 -4.57 -24.06
N LEU H 440 12.74 -4.21 -24.81
CA LEU H 440 11.62 -5.11 -25.06
C LEU H 440 11.64 -5.80 -26.41
N LYS H 441 12.58 -5.45 -27.28
CA LYS H 441 12.37 -5.59 -28.71
C LYS H 441 11.77 -6.94 -29.07
N GLU H 442 12.13 -7.98 -28.33
CA GLU H 442 11.78 -9.33 -28.73
C GLU H 442 10.43 -9.79 -28.24
N LYS H 443 9.82 -9.09 -27.30
CA LYS H 443 8.86 -9.72 -26.42
C LYS H 443 7.42 -9.69 -26.91
N PHE H 444 7.12 -9.07 -28.03
CA PHE H 444 5.73 -8.82 -28.38
C PHE H 444 4.95 -10.11 -28.56
N SER H 445 3.66 -10.02 -28.29
CA SER H 445 2.76 -11.11 -28.62
C SER H 445 1.50 -10.54 -29.24
N ALA H 446 0.87 -11.37 -30.05
CA ALA H 446 -0.30 -10.99 -30.82
C ALA H 446 -1.61 -11.38 -30.16
N ASP H 447 -1.59 -12.10 -29.04
CA ASP H 447 -2.82 -12.59 -28.44
C ASP H 447 -2.87 -12.19 -26.98
N LEU H 448 -3.83 -11.35 -26.67
CA LEU H 448 -3.95 -10.86 -25.31
C LEU H 448 -4.31 -11.97 -24.35
N ASP H 449 -5.15 -12.88 -24.83
CA ASP H 449 -5.76 -13.85 -23.96
C ASP H 449 -4.73 -14.48 -23.05
N GLN H 450 -3.53 -14.63 -23.53
CA GLN H 450 -2.57 -15.37 -22.76
C GLN H 450 -1.97 -14.55 -21.63
N PHE H 451 -2.39 -13.31 -21.45
CA PHE H 451 -1.71 -12.55 -20.45
C PHE H 451 -2.64 -12.10 -19.34
N PRO H 452 -2.11 -11.93 -18.13
CA PRO H 452 -2.98 -11.53 -17.02
C PRO H 452 -3.64 -10.20 -17.28
N LEU H 453 -2.86 -9.24 -17.69
CA LEU H 453 -3.36 -7.89 -17.79
C LEU H 453 -4.40 -7.81 -18.89
N GLY H 454 -4.05 -8.28 -20.08
CA GLY H 454 -4.78 -7.87 -21.26
C GLY H 454 -6.25 -8.21 -21.19
N ARG H 455 -6.56 -9.40 -20.71
CA ARG H 455 -7.96 -9.82 -20.77
C ARG H 455 -8.86 -8.77 -20.16
N LYS H 456 -8.35 -8.01 -19.21
CA LYS H 456 -9.11 -6.89 -18.70
C LYS H 456 -9.42 -5.93 -19.80
N PHE H 457 -8.41 -5.61 -20.58
CA PHE H 457 -8.66 -4.77 -21.74
C PHE H 457 -9.83 -5.31 -22.51
N LEU H 458 -9.83 -6.61 -22.76
CA LEU H 458 -11.01 -7.22 -23.34
C LEU H 458 -12.20 -6.88 -22.48
N LEU H 459 -12.11 -7.25 -21.23
CA LEU H 459 -13.25 -7.09 -20.36
C LEU H 459 -13.76 -5.68 -20.42
N GLN H 460 -12.86 -4.71 -20.38
CA GLN H 460 -13.31 -3.35 -20.46
C GLN H 460 -14.13 -3.12 -21.72
N ALA H 461 -13.70 -3.70 -22.81
CA ALA H 461 -14.46 -3.63 -24.05
C ALA H 461 -15.30 -4.86 -24.29
N GLY H 462 -15.22 -5.87 -23.43
CA GLY H 462 -15.99 -7.07 -23.66
C GLY H 462 -15.43 -7.88 -24.83
N LEU H 463 -16.31 -8.19 -25.79
CA LEU H 463 -15.97 -8.80 -27.07
C LEU H 463 -15.28 -10.16 -26.96
N LYS H 464 -16.07 -11.22 -26.79
CA LYS H 464 -15.62 -12.45 -26.12
C LYS H 464 -15.25 -13.58 -27.08
N ALA H 465 -16.19 -13.99 -27.94
CA ALA H 465 -16.29 -15.36 -28.44
C ALA H 465 -15.02 -15.83 -29.14
N LYS H 466 -14.92 -17.15 -29.29
CA LYS H 466 -13.64 -17.85 -29.38
C LYS H 466 -13.90 -19.29 -29.79
N PRO H 467 -12.88 -19.98 -30.26
CA PRO H 467 -13.02 -21.38 -30.67
C PRO H 467 -13.15 -22.38 -29.54
N LYS H 468 -13.06 -23.66 -29.88
CA LYS H 468 -13.09 -24.74 -28.92
C LYS H 468 -11.69 -25.33 -28.78
#